data_8FXH
#
_entry.id   8FXH
#
_entity_poly.entity_id   1
_entity_poly.type   'polypeptide(L)'
_entity_poly.pdbx_seq_one_letter_code
;MLTKQAVEPVRINARTTDVFDIFNVKQYVGANPYLNQAALVFDFAFTESYQPLPIENYLAVVGDRYPRLKEIEYQSYAEL
FASTVAEVNKLEMDLHLKGWNVKPIEEINRIAIESLHHRTTKEVVYCVWDWFEFITQGEEFDLSKQIAILQQLFRNSVYG
GPTVYALLRTANEKHIPAFYLWDEGLMQYGYGKQQVRGIATTFDVDSHIDSDFTTQKDDCKKFLQELGFPVPQGDVVFSL
AEAKEVAAEIGYPVAVKPVAGHKGIGVTADVQDEIELEAAYDRAVAGIPLEEKICIIVENSIAGHDYRLLCVNGRFVAAT
ERKPAYVVGDGYSTIAELIEKENFSPNRSDTPTSPMGKIRTDEAMHLYLEEQGLDLDSVIDRDRTIYLRKVANLSSGGFS
IDATNRVHPDNIILAQDIAQHFRLTCLGIDIITNDIGRSWKETSFGIIEINAAPGVYMHLKPAIGEPVDVTARILETFFE
TEKNARIPIITFNRVSIRQLQKLSDRILMSHPDWTIGAVCREGILINRSEKILNRHYNTNVLNLLRNPKLDLLIAEYDED
ALEAEGMFYHGSNLVVLEDPSEIEMILTRDVFSDSTVIIKQGREITIKRKGLLEQYELEAEELIEQVYLKEIGTISENLY
FQ
;
_entity_poly.pdbx_strand_id   A,B,C,D,E,F
#
# COMPACT_ATOMS: atom_id res chain seq x y z
N ALA A 6 -73.03 -16.02 -4.27
CA ALA A 6 -74.02 -16.77 -3.51
C ALA A 6 -74.21 -18.17 -4.09
N VAL A 7 -73.70 -19.17 -3.38
CA VAL A 7 -73.81 -20.55 -3.83
C VAL A 7 -75.09 -21.18 -3.31
N GLU A 8 -76.21 -20.94 -4.00
CA GLU A 8 -77.47 -21.61 -3.65
C GLU A 8 -77.47 -23.12 -3.83
N PRO A 9 -76.71 -23.74 -4.77
CA PRO A 9 -76.70 -25.20 -4.87
C PRO A 9 -76.04 -25.73 -3.60
N VAL A 10 -74.81 -25.29 -3.31
CA VAL A 10 -74.06 -25.87 -2.14
C VAL A 10 -74.14 -27.36 -2.44
N ARG A 11 -74.76 -28.14 -1.55
CA ARG A 11 -74.97 -29.59 -1.84
C ARG A 11 -75.90 -29.38 -3.03
N ILE A 12 -75.45 -29.73 -4.23
CA ILE A 12 -76.27 -29.53 -5.47
C ILE A 12 -77.46 -30.49 -5.41
N ASN A 13 -77.25 -31.73 -4.97
CA ASN A 13 -78.36 -32.67 -4.81
C ASN A 13 -78.66 -32.25 -3.38
N ALA A 14 -79.80 -31.58 -3.17
CA ALA A 14 -80.12 -30.98 -1.87
C ALA A 14 -80.86 -32.06 -1.09
N ARG A 15 -80.11 -33.12 -0.79
CA ARG A 15 -80.65 -34.23 0.00
C ARG A 15 -80.72 -33.80 1.47
N THR A 16 -81.90 -33.94 2.08
CA THR A 16 -82.11 -33.41 3.41
C THR A 16 -81.31 -34.17 4.46
N THR A 17 -80.84 -35.37 4.11
CA THR A 17 -80.14 -36.19 5.09
C THR A 17 -78.68 -35.82 5.23
N ASP A 18 -78.32 -34.60 4.82
CA ASP A 18 -76.94 -34.13 4.95
C ASP A 18 -76.52 -34.16 6.41
N VAL A 19 -75.36 -34.75 6.69
CA VAL A 19 -74.96 -35.01 8.06
C VAL A 19 -73.84 -34.09 8.56
N PHE A 20 -73.16 -33.38 7.66
CA PHE A 20 -72.05 -32.52 8.06
C PHE A 20 -72.32 -31.10 7.60
N ASP A 21 -71.76 -30.14 8.34
CA ASP A 21 -71.94 -28.72 8.07
C ASP A 21 -70.61 -27.99 8.21
N ILE A 22 -70.38 -27.01 7.36
CA ILE A 22 -69.21 -26.14 7.42
C ILE A 22 -69.65 -24.71 7.20
N PHE A 23 -68.92 -23.76 7.77
CA PHE A 23 -69.28 -22.35 7.68
C PHE A 23 -68.10 -21.50 8.13
N ASN A 24 -68.26 -20.18 7.96
CA ASN A 24 -67.25 -19.19 8.33
C ASN A 24 -65.91 -19.44 7.65
N VAL A 25 -65.88 -19.32 6.32
CA VAL A 25 -64.64 -19.44 5.55
C VAL A 25 -64.01 -18.06 5.45
N LYS A 26 -62.70 -18.00 5.71
CA LYS A 26 -61.97 -16.74 5.64
C LYS A 26 -60.57 -17.00 5.07
N GLN A 27 -60.03 -15.99 4.39
CA GLN A 27 -58.69 -16.08 3.80
C GLN A 27 -57.70 -15.31 4.66
N TYR A 28 -56.57 -15.95 4.97
CA TYR A 28 -55.53 -15.35 5.82
C TYR A 28 -54.24 -15.29 5.00
N VAL A 29 -53.90 -14.10 4.50
CA VAL A 29 -52.63 -13.95 3.81
C VAL A 29 -51.49 -13.91 4.83
N GLY A 30 -50.31 -14.34 4.40
CA GLY A 30 -49.14 -14.35 5.26
C GLY A 30 -49.31 -15.23 6.48
N ALA A 31 -48.57 -14.94 7.54
CA ALA A 31 -48.68 -15.71 8.77
C ALA A 31 -50.04 -15.46 9.43
N ASN A 32 -50.42 -16.37 10.31
CA ASN A 32 -51.71 -16.33 10.98
C ASN A 32 -51.58 -17.03 12.32
N PRO A 33 -52.53 -16.82 13.24
CA PRO A 33 -52.43 -17.47 14.55
C PRO A 33 -52.41 -18.99 14.48
N TYR A 34 -53.04 -19.58 13.48
CA TYR A 34 -53.16 -21.04 13.42
C TYR A 34 -51.99 -21.71 12.71
N LEU A 35 -51.51 -21.14 11.61
CA LEU A 35 -50.48 -21.73 10.78
C LEU A 35 -49.30 -20.78 10.64
N ASN A 36 -48.38 -21.11 9.74
CA ASN A 36 -47.22 -20.28 9.48
C ASN A 36 -47.12 -19.80 8.03
N GLN A 37 -48.12 -20.07 7.20
CA GLN A 37 -48.23 -19.50 5.87
C GLN A 37 -49.67 -19.08 5.61
N ALA A 38 -49.91 -18.48 4.45
CA ALA A 38 -51.25 -18.08 4.07
C ALA A 38 -52.13 -19.32 3.93
N ALA A 39 -53.39 -19.17 4.30
CA ALA A 39 -54.27 -20.33 4.41
C ALA A 39 -55.72 -19.89 4.27
N LEU A 40 -56.61 -20.89 4.26
CA LEU A 40 -58.06 -20.70 4.30
C LEU A 40 -58.57 -21.42 5.54
N VAL A 41 -59.46 -20.76 6.27
CA VAL A 41 -59.91 -21.23 7.57
C VAL A 41 -61.42 -21.37 7.57
N PHE A 42 -61.90 -22.50 8.08
CA PHE A 42 -63.33 -22.72 8.20
C PHE A 42 -63.62 -23.56 9.44
N ASP A 43 -64.90 -23.83 9.67
CA ASP A 43 -65.39 -24.45 10.90
C ASP A 43 -66.15 -25.72 10.58
N PHE A 44 -65.97 -26.74 11.41
CA PHE A 44 -66.70 -27.99 11.27
C PHE A 44 -68.00 -27.95 12.06
N ALA A 45 -68.80 -29.01 11.93
CA ALA A 45 -70.05 -29.13 12.66
C ALA A 45 -70.54 -30.58 12.66
N PHE A 46 -71.61 -30.85 13.41
CA PHE A 46 -72.13 -32.21 13.56
C PHE A 46 -73.65 -32.25 13.41
N THR A 47 -74.18 -31.70 12.33
CA THR A 47 -75.61 -31.66 12.05
C THR A 47 -76.32 -32.94 12.46
N GLU A 48 -77.41 -32.80 13.21
CA GLU A 48 -78.01 -33.91 13.95
C GLU A 48 -79.08 -34.63 13.12
N SER A 49 -79.61 -35.71 13.70
CA SER A 49 -80.73 -36.55 13.25
C SER A 49 -80.34 -37.58 12.20
N TYR A 50 -79.15 -37.52 11.61
CA TYR A 50 -78.74 -38.49 10.60
C TYR A 50 -77.31 -38.91 10.89
N GLN A 51 -77.09 -39.53 12.06
CA GLN A 51 -75.80 -39.82 12.68
C GLN A 51 -74.90 -40.48 11.65
N PRO A 52 -73.68 -39.93 11.42
CA PRO A 52 -72.76 -40.47 10.42
C PRO A 52 -72.27 -41.86 10.80
N LEU A 53 -72.23 -42.78 9.85
CA LEU A 53 -71.70 -44.11 10.06
C LEU A 53 -70.25 -43.93 10.52
N PRO A 54 -69.64 -44.96 11.11
CA PRO A 54 -68.35 -44.79 11.78
C PRO A 54 -67.23 -44.55 10.78
N ILE A 55 -66.04 -44.31 11.33
CA ILE A 55 -64.87 -43.92 10.56
C ILE A 55 -64.40 -45.02 9.62
N GLU A 56 -64.65 -46.29 9.98
CA GLU A 56 -64.01 -47.42 9.29
C GLU A 56 -64.32 -47.43 7.80
N ASN A 57 -65.59 -47.30 7.43
CA ASN A 57 -65.94 -47.34 6.01
C ASN A 57 -65.49 -46.06 5.29
N TYR A 58 -65.45 -44.93 5.99
CA TYR A 58 -64.91 -43.71 5.39
C TYR A 58 -63.45 -43.90 5.01
N LEU A 59 -62.67 -44.53 5.89
CA LEU A 59 -61.27 -44.79 5.60
C LEU A 59 -61.11 -45.91 4.58
N ALA A 60 -62.08 -46.83 4.52
CA ALA A 60 -61.94 -47.99 3.66
C ALA A 60 -61.91 -47.60 2.19
N VAL A 61 -62.76 -46.67 1.78
CA VAL A 61 -62.81 -46.27 0.37
C VAL A 61 -61.68 -45.28 0.11
N VAL A 62 -60.51 -45.81 -0.24
CA VAL A 62 -59.32 -44.99 -0.45
C VAL A 62 -58.64 -45.39 -1.76
N GLY A 63 -59.40 -46.00 -2.67
CA GLY A 63 -58.82 -46.51 -3.91
C GLY A 63 -58.20 -45.43 -4.80
N ASP A 64 -58.55 -44.16 -4.57
CA ASP A 64 -58.04 -43.10 -5.44
C ASP A 64 -56.63 -42.67 -5.02
N ARG A 65 -56.47 -42.18 -3.81
CA ARG A 65 -55.19 -41.68 -3.32
C ARG A 65 -54.81 -42.46 -2.06
N TYR A 66 -53.61 -42.23 -1.54
CA TYR A 66 -53.06 -43.05 -0.46
C TYR A 66 -52.66 -42.06 0.62
N PRO A 67 -53.58 -41.69 1.53
CA PRO A 67 -53.18 -40.97 2.74
C PRO A 67 -53.00 -42.15 3.67
N ARG A 68 -51.84 -42.25 4.31
CA ARG A 68 -51.44 -43.47 5.02
C ARG A 68 -50.25 -43.17 5.94
N LEU A 69 -49.67 -44.24 6.50
CA LEU A 69 -48.58 -44.19 7.49
C LEU A 69 -48.82 -43.79 8.94
N LYS A 70 -49.39 -42.62 9.18
CA LYS A 70 -49.68 -42.18 10.53
C LYS A 70 -51.18 -42.03 10.50
N GLU A 71 -51.87 -42.74 9.60
CA GLU A 71 -53.31 -42.59 9.48
C GLU A 71 -54.04 -43.21 10.66
N ILE A 72 -53.31 -43.90 11.53
CA ILE A 72 -53.90 -44.38 12.78
C ILE A 72 -54.20 -43.28 13.77
N GLU A 73 -53.62 -42.09 13.55
CA GLU A 73 -53.78 -41.00 14.51
C GLU A 73 -55.16 -40.35 14.44
N TYR A 74 -55.97 -40.71 13.45
CA TYR A 74 -57.35 -40.21 13.32
C TYR A 74 -58.17 -40.39 14.60
N GLN A 75 -58.58 -39.27 15.18
CA GLN A 75 -59.37 -39.24 16.41
C GLN A 75 -60.81 -38.86 16.17
N SER A 76 -61.12 -38.17 15.08
CA SER A 76 -62.47 -37.76 14.76
C SER A 76 -62.56 -37.55 13.25
N TYR A 77 -63.75 -37.16 12.79
CA TYR A 77 -63.94 -36.87 11.38
C TYR A 77 -63.16 -35.65 10.91
N ALA A 78 -62.82 -34.74 11.82
CA ALA A 78 -62.11 -33.52 11.43
C ALA A 78 -60.73 -33.83 10.85
N GLU A 79 -59.98 -34.73 11.49
CA GLU A 79 -58.66 -35.06 10.97
C GLU A 79 -58.75 -35.75 9.63
N LEU A 80 -59.71 -36.66 9.46
CA LEU A 80 -59.90 -37.32 8.17
C LEU A 80 -60.16 -36.25 7.13
N PHE A 81 -61.09 -35.33 7.42
CA PHE A 81 -61.56 -34.37 6.43
C PHE A 81 -60.38 -33.48 6.03
N ALA A 82 -59.63 -33.00 7.03
CA ALA A 82 -58.49 -32.14 6.73
C ALA A 82 -57.45 -32.88 5.89
N SER A 83 -57.18 -34.14 6.23
CA SER A 83 -56.21 -34.90 5.46
C SER A 83 -56.64 -35.09 4.01
N THR A 84 -57.93 -35.41 3.78
CA THR A 84 -58.34 -35.66 2.40
C THR A 84 -58.36 -34.38 1.58
N VAL A 85 -58.79 -33.26 2.18
CA VAL A 85 -58.70 -32.00 1.44
C VAL A 85 -57.26 -31.62 1.17
N ALA A 86 -56.36 -31.88 2.12
CA ALA A 86 -54.95 -31.60 1.89
C ALA A 86 -54.40 -32.43 0.74
N GLU A 87 -54.78 -33.71 0.67
CA GLU A 87 -54.29 -34.54 -0.42
C GLU A 87 -54.86 -34.12 -1.76
N VAL A 88 -56.16 -33.80 -1.81
CA VAL A 88 -56.76 -33.35 -3.06
C VAL A 88 -56.22 -31.98 -3.48
N ASN A 89 -55.71 -31.19 -2.53
CA ASN A 89 -55.17 -29.87 -2.87
C ASN A 89 -54.00 -29.94 -3.84
N LYS A 90 -53.33 -31.08 -3.95
CA LYS A 90 -52.23 -31.21 -4.90
C LYS A 90 -52.68 -31.09 -6.34
N LEU A 91 -53.97 -31.32 -6.62
CA LEU A 91 -54.55 -31.16 -7.95
C LEU A 91 -53.89 -32.07 -8.97
N GLU A 92 -53.30 -33.18 -8.51
CA GLU A 92 -52.62 -34.14 -9.38
C GLU A 92 -51.54 -33.47 -10.22
N MET A 93 -50.78 -32.56 -9.59
CA MET A 93 -49.74 -31.82 -10.29
C MET A 93 -48.43 -31.79 -9.54
N ASP A 94 -48.33 -32.45 -8.37
CA ASP A 94 -47.16 -32.39 -7.51
C ASP A 94 -46.82 -30.94 -7.16
N LEU A 95 -47.81 -30.25 -6.60
CA LEU A 95 -47.58 -28.88 -6.16
C LEU A 95 -46.82 -28.87 -4.83
N HIS A 96 -46.16 -27.76 -4.56
CA HIS A 96 -45.40 -27.59 -3.32
C HIS A 96 -46.29 -27.19 -2.14
N LEU A 97 -47.61 -27.31 -2.29
CA LEU A 97 -48.55 -26.91 -1.25
C LEU A 97 -48.76 -28.07 -0.30
N LYS A 98 -48.13 -28.00 0.87
CA LYS A 98 -48.35 -28.98 1.93
C LYS A 98 -48.53 -28.24 3.25
N GLY A 99 -49.42 -28.77 4.09
CA GLY A 99 -49.72 -28.14 5.35
C GLY A 99 -51.19 -28.19 5.70
N TRP A 100 -51.49 -28.36 6.99
CA TRP A 100 -52.85 -28.51 7.48
C TRP A 100 -52.84 -28.37 8.98
N ASN A 101 -53.95 -27.87 9.54
CA ASN A 101 -54.03 -27.74 10.99
C ASN A 101 -55.48 -27.84 11.44
N VAL A 102 -55.65 -28.43 12.63
CA VAL A 102 -56.95 -28.61 13.27
C VAL A 102 -56.84 -28.12 14.71
N LYS A 103 -57.82 -27.34 15.16
CA LYS A 103 -57.84 -26.84 16.53
C LYS A 103 -59.25 -26.99 17.10
N PRO A 104 -59.44 -27.87 18.08
CA PRO A 104 -60.76 -27.98 18.72
C PRO A 104 -60.96 -26.89 19.76
N ILE A 105 -61.89 -25.98 19.48
CA ILE A 105 -62.27 -24.91 20.40
C ILE A 105 -63.76 -25.00 20.66
N GLU A 106 -64.16 -24.75 21.91
CA GLU A 106 -65.50 -25.04 22.47
C GLU A 106 -65.95 -26.40 21.91
N GLU A 107 -67.11 -26.48 21.26
CA GLU A 107 -67.63 -27.74 20.74
C GLU A 107 -67.41 -27.90 19.24
N ILE A 108 -66.52 -27.11 18.65
CA ILE A 108 -66.33 -27.08 17.20
C ILE A 108 -64.83 -27.24 16.93
N ASN A 109 -64.51 -27.67 15.72
CA ASN A 109 -63.12 -27.77 15.28
C ASN A 109 -62.87 -26.79 14.14
N ARG A 110 -61.83 -25.99 14.27
CA ARG A 110 -61.40 -25.05 13.25
C ARG A 110 -60.34 -25.71 12.38
N ILE A 111 -60.51 -25.59 11.07
CA ILE A 111 -59.62 -26.22 10.10
C ILE A 111 -58.92 -25.11 9.31
N ALA A 112 -57.59 -25.21 9.21
CA ALA A 112 -56.78 -24.30 8.41
C ALA A 112 -56.02 -25.10 7.36
N ILE A 113 -56.20 -24.72 6.09
CA ILE A 113 -55.59 -25.42 4.96
C ILE A 113 -54.76 -24.43 4.16
N GLU A 114 -53.50 -24.76 3.93
CA GLU A 114 -52.61 -23.89 3.17
C GLU A 114 -53.12 -23.74 1.73
N SER A 115 -53.01 -22.51 1.20
CA SER A 115 -53.50 -22.21 -0.13
C SER A 115 -52.61 -21.18 -0.80
N LEU A 116 -52.65 -21.17 -2.13
CA LEU A 116 -52.01 -20.14 -2.95
C LEU A 116 -53.02 -19.31 -3.72
N HIS A 117 -53.95 -19.96 -4.41
CA HIS A 117 -55.10 -19.31 -5.00
C HIS A 117 -56.33 -19.73 -4.21
N HIS A 118 -57.02 -18.76 -3.62
CA HIS A 118 -58.06 -19.08 -2.64
C HIS A 118 -59.29 -19.68 -3.29
N ARG A 119 -59.65 -19.23 -4.49
CA ARG A 119 -60.86 -19.69 -5.14
C ARG A 119 -60.80 -21.19 -5.42
N THR A 120 -59.66 -21.66 -5.93
CA THR A 120 -59.51 -23.08 -6.21
C THR A 120 -59.53 -23.91 -4.93
N THR A 121 -58.94 -23.40 -3.85
CA THR A 121 -58.99 -24.12 -2.58
C THR A 121 -60.41 -24.22 -2.06
N LYS A 122 -61.20 -23.15 -2.18
CA LYS A 122 -62.59 -23.21 -1.77
C LYS A 122 -63.37 -24.22 -2.62
N GLU A 123 -63.11 -24.25 -3.93
CA GLU A 123 -63.76 -25.24 -4.79
C GLU A 123 -63.36 -26.65 -4.39
N VAL A 124 -62.09 -26.86 -4.04
CA VAL A 124 -61.63 -28.17 -3.58
C VAL A 124 -62.39 -28.58 -2.33
N VAL A 125 -62.53 -27.65 -1.38
CA VAL A 125 -63.24 -27.94 -0.15
C VAL A 125 -64.69 -28.34 -0.44
N TYR A 126 -65.35 -27.58 -1.31
CA TYR A 126 -66.74 -27.89 -1.66
C TYR A 126 -66.86 -29.26 -2.31
N CYS A 127 -65.98 -29.56 -3.26
CA CYS A 127 -66.05 -30.84 -3.97
C CYS A 127 -65.80 -32.00 -3.03
N VAL A 128 -64.81 -31.88 -2.16
CA VAL A 128 -64.50 -32.97 -1.25
C VAL A 128 -65.62 -33.15 -0.23
N TRP A 129 -66.25 -32.05 0.21
CA TRP A 129 -67.42 -32.17 1.06
C TRP A 129 -68.55 -32.93 0.36
N ASP A 130 -68.77 -32.64 -0.92
CA ASP A 130 -69.80 -33.35 -1.67
C ASP A 130 -69.47 -34.84 -1.77
N TRP A 131 -68.20 -35.15 -2.06
CA TRP A 131 -67.78 -36.55 -2.16
C TRP A 131 -67.98 -37.27 -0.83
N PHE A 132 -67.75 -36.53 0.22
CA PHE A 132 -67.95 -37.13 1.53
C PHE A 132 -69.41 -37.36 1.83
N GLU A 133 -70.18 -36.49 1.48
CA GLU A 133 -71.61 -36.70 1.69
C GLU A 133 -72.12 -37.89 0.88
N PHE A 134 -71.63 -38.07 -0.34
CA PHE A 134 -72.09 -39.16 -1.20
C PHE A 134 -71.51 -40.52 -0.82
N ILE A 135 -70.89 -40.67 0.34
CA ILE A 135 -70.21 -41.91 0.69
C ILE A 135 -71.15 -42.82 1.47
N THR A 136 -72.13 -42.23 2.15
CA THR A 136 -72.99 -43.01 3.03
C THR A 136 -74.28 -43.43 2.34
N GLN A 137 -74.92 -42.52 1.59
CA GLN A 137 -76.29 -42.78 1.12
C GLN A 137 -76.29 -43.44 -0.27
N GLY A 138 -75.75 -42.74 -1.26
CA GLY A 138 -75.83 -43.23 -2.63
C GLY A 138 -74.80 -44.29 -2.95
N GLU A 139 -73.64 -44.22 -2.30
CA GLU A 139 -72.51 -45.14 -2.47
C GLU A 139 -71.77 -44.96 -3.79
N GLU A 140 -71.94 -43.83 -4.49
CA GLU A 140 -71.13 -43.58 -5.68
C GLU A 140 -71.01 -42.08 -5.92
N PHE A 141 -69.88 -41.68 -6.49
CA PHE A 141 -69.65 -40.29 -6.88
C PHE A 141 -68.51 -40.25 -7.88
N ASP A 142 -68.64 -39.40 -8.89
CA ASP A 142 -67.62 -39.24 -9.92
C ASP A 142 -66.87 -37.94 -9.66
N LEU A 143 -65.55 -38.01 -9.58
CA LEU A 143 -64.73 -36.87 -9.20
C LEU A 143 -63.68 -36.48 -10.23
N SER A 144 -63.40 -37.32 -11.22
CA SER A 144 -62.37 -36.99 -12.20
C SER A 144 -62.75 -35.77 -13.02
N LYS A 145 -64.03 -35.66 -13.40
CA LYS A 145 -64.48 -34.50 -14.18
C LYS A 145 -64.28 -33.21 -13.39
N GLN A 146 -64.68 -33.21 -12.13
CA GLN A 146 -64.48 -32.03 -11.28
C GLN A 146 -63.00 -31.74 -11.07
N ILE A 147 -62.18 -32.78 -10.97
CA ILE A 147 -60.74 -32.58 -10.84
C ILE A 147 -60.18 -31.89 -12.08
N ALA A 148 -60.62 -32.32 -13.26
CA ALA A 148 -60.16 -31.67 -14.49
C ALA A 148 -60.60 -30.21 -14.54
N ILE A 149 -61.85 -29.94 -14.15
CA ILE A 149 -62.33 -28.55 -14.13
C ILE A 149 -61.50 -27.72 -13.15
N LEU A 150 -61.17 -28.28 -12.00
CA LEU A 150 -60.37 -27.58 -11.01
C LEU A 150 -58.97 -27.30 -11.54
N GLN A 151 -58.38 -28.27 -12.24
CA GLN A 151 -57.07 -28.05 -12.84
C GLN A 151 -57.12 -26.91 -13.86
N GLN A 152 -58.16 -26.88 -14.69
CA GLN A 152 -58.30 -25.77 -15.63
C GLN A 152 -58.45 -24.44 -14.92
N LEU A 153 -59.19 -24.42 -13.81
CA LEU A 153 -59.37 -23.20 -13.02
C LEU A 153 -58.04 -22.65 -12.55
N PHE A 154 -57.17 -23.52 -12.02
CA PHE A 154 -55.84 -23.10 -11.62
C PHE A 154 -55.02 -22.66 -12.81
N ARG A 155 -55.18 -23.34 -13.94
CA ARG A 155 -54.44 -23.00 -15.15
C ARG A 155 -54.74 -21.59 -15.60
N ASN A 156 -55.99 -21.15 -15.46
CA ASN A 156 -56.41 -19.83 -15.93
C ASN A 156 -56.29 -18.75 -14.87
N SER A 157 -55.35 -18.87 -13.94
CA SER A 157 -55.16 -17.88 -12.90
C SER A 157 -53.91 -17.05 -13.16
N VAL A 158 -53.76 -15.97 -12.39
CA VAL A 158 -52.56 -15.15 -12.50
C VAL A 158 -51.35 -15.91 -11.99
N TYR A 159 -51.51 -16.70 -10.93
CA TYR A 159 -50.44 -17.60 -10.49
C TYR A 159 -50.30 -18.81 -11.37
N GLY A 160 -51.26 -19.06 -12.26
CA GLY A 160 -51.20 -20.23 -13.14
C GLY A 160 -50.43 -19.92 -14.40
N GLY A 161 -49.46 -20.77 -14.71
CA GLY A 161 -48.60 -20.60 -15.85
C GLY A 161 -47.33 -21.40 -15.71
N PRO A 162 -46.82 -21.93 -16.81
CA PRO A 162 -45.65 -22.80 -16.73
C PRO A 162 -44.41 -22.09 -16.20
N THR A 163 -44.02 -21.00 -16.87
CA THR A 163 -42.84 -20.26 -16.44
C THR A 163 -43.07 -19.63 -15.07
N VAL A 164 -44.26 -19.06 -14.85
CA VAL A 164 -44.54 -18.38 -13.59
C VAL A 164 -44.47 -19.38 -12.44
N TYR A 165 -45.14 -20.53 -12.59
CA TYR A 165 -45.12 -21.50 -11.51
C TYR A 165 -43.75 -22.12 -11.32
N ALA A 166 -42.99 -22.33 -12.41
CA ALA A 166 -41.64 -22.84 -12.26
C ALA A 166 -40.78 -21.88 -11.45
N LEU A 167 -40.88 -20.58 -11.75
CA LEU A 167 -40.12 -19.59 -10.99
C LEU A 167 -40.57 -19.54 -9.54
N LEU A 168 -41.88 -19.64 -9.28
CA LEU A 168 -42.37 -19.64 -7.91
C LEU A 168 -41.87 -20.86 -7.15
N ARG A 169 -41.87 -22.03 -7.79
CA ARG A 169 -41.38 -23.23 -7.13
C ARG A 169 -39.90 -23.13 -6.82
N THR A 170 -39.11 -22.60 -7.77
CA THR A 170 -37.68 -22.42 -7.50
C THR A 170 -37.45 -21.45 -6.35
N ALA A 171 -38.20 -20.35 -6.32
CA ALA A 171 -38.06 -19.38 -5.24
C ALA A 171 -38.43 -20.00 -3.90
N ASN A 172 -39.50 -20.80 -3.85
CA ASN A 172 -39.87 -21.47 -2.62
C ASN A 172 -38.80 -22.45 -2.18
N GLU A 173 -38.22 -23.18 -3.13
CA GLU A 173 -37.13 -24.11 -2.81
C GLU A 173 -35.90 -23.38 -2.28
N LYS A 174 -35.64 -22.16 -2.75
CA LYS A 174 -34.52 -21.37 -2.26
C LYS A 174 -34.91 -20.43 -1.12
N HIS A 175 -36.16 -20.47 -0.66
CA HIS A 175 -36.64 -19.64 0.45
C HIS A 175 -36.43 -18.15 0.15
N ILE A 176 -36.87 -17.72 -1.02
CA ILE A 176 -36.77 -16.34 -1.46
C ILE A 176 -38.17 -15.73 -1.45
N PRO A 177 -38.39 -14.61 -0.76
CA PRO A 177 -39.73 -14.02 -0.73
C PRO A 177 -40.13 -13.76 -2.17
N ALA A 178 -41.38 -13.85 -2.48
CA ALA A 178 -42.05 -13.25 -3.63
C ALA A 178 -43.54 -13.02 -3.42
N PHE A 179 -44.06 -11.94 -4.00
CA PHE A 179 -45.48 -11.66 -3.87
C PHE A 179 -45.97 -10.87 -5.09
N TYR A 180 -47.28 -10.94 -5.32
CA TYR A 180 -47.90 -10.32 -6.47
C TYR A 180 -48.28 -8.88 -6.18
N LEU A 181 -48.04 -7.99 -7.14
CA LEU A 181 -48.39 -6.59 -7.03
C LEU A 181 -49.49 -6.28 -8.04
N TRP A 182 -50.66 -5.90 -7.53
CA TRP A 182 -51.76 -5.47 -8.38
C TRP A 182 -51.48 -4.04 -8.86
N ASP A 183 -52.46 -3.44 -9.54
CA ASP A 183 -52.31 -2.12 -10.15
C ASP A 183 -51.22 -2.17 -11.22
N GLU A 184 -49.97 -2.36 -10.79
CA GLU A 184 -48.90 -2.63 -11.74
C GLU A 184 -49.12 -3.95 -12.44
N GLY A 185 -49.40 -5.00 -11.69
CA GLY A 185 -49.61 -6.32 -12.25
C GLY A 185 -48.31 -7.07 -12.50
N LEU A 186 -47.48 -7.21 -11.47
CA LEU A 186 -46.19 -7.87 -11.62
C LEU A 186 -45.94 -8.76 -10.42
N MET A 187 -44.75 -9.33 -10.37
CA MET A 187 -44.31 -10.14 -9.23
C MET A 187 -42.99 -9.59 -8.70
N GLN A 188 -42.87 -9.53 -7.39
CA GLN A 188 -41.69 -8.97 -6.74
C GLN A 188 -40.96 -9.85 -5.73
N TYR A 189 -39.66 -10.05 -5.99
CA TYR A 189 -38.82 -11.13 -5.48
C TYR A 189 -38.02 -10.81 -4.23
N GLY A 190 -38.20 -9.63 -3.65
CA GLY A 190 -37.30 -9.17 -2.61
C GLY A 190 -37.94 -8.10 -1.75
N TYR A 191 -37.11 -7.57 -0.84
CA TYR A 191 -37.52 -6.57 0.12
C TYR A 191 -36.62 -5.35 0.00
N GLY A 192 -37.22 -4.17 -0.08
CA GLY A 192 -36.46 -2.95 -0.01
C GLY A 192 -35.53 -2.78 -1.21
N LYS A 193 -34.27 -2.42 -0.92
CA LYS A 193 -33.32 -2.13 -1.99
C LYS A 193 -32.93 -3.39 -2.75
N GLN A 194 -33.04 -4.56 -2.12
CA GLN A 194 -32.75 -5.83 -2.79
C GLN A 194 -34.04 -6.39 -3.38
N GLN A 195 -34.50 -5.74 -4.45
CA GLN A 195 -35.77 -6.09 -5.04
C GLN A 195 -35.61 -6.26 -6.55
N VAL A 196 -36.41 -7.14 -7.12
CA VAL A 196 -36.47 -7.38 -8.55
C VAL A 196 -37.94 -7.54 -8.95
N ARG A 197 -38.34 -6.87 -10.03
CA ARG A 197 -39.69 -6.97 -10.54
C ARG A 197 -39.66 -7.46 -11.98
N GLY A 198 -40.70 -8.18 -12.37
CA GLY A 198 -40.79 -8.64 -13.75
C GLY A 198 -42.02 -9.49 -13.95
N ILE A 199 -42.34 -9.71 -15.23
CA ILE A 199 -43.45 -10.55 -15.63
C ILE A 199 -42.93 -11.61 -16.59
N ALA A 200 -43.19 -12.88 -16.28
CA ALA A 200 -42.73 -14.03 -17.06
C ALA A 200 -41.20 -13.97 -17.12
N THR A 201 -40.58 -13.91 -18.29
CA THR A 201 -39.13 -13.86 -18.42
C THR A 201 -38.59 -12.45 -18.57
N THR A 202 -39.46 -11.44 -18.65
CA THR A 202 -39.04 -10.06 -18.76
C THR A 202 -38.84 -9.46 -17.37
N PHE A 203 -37.79 -8.67 -17.21
CA PHE A 203 -37.45 -8.06 -15.94
C PHE A 203 -37.25 -6.56 -16.11
N ASP A 204 -37.11 -5.86 -14.98
CA ASP A 204 -37.00 -4.42 -15.00
C ASP A 204 -35.60 -3.92 -15.36
N VAL A 205 -34.61 -4.81 -15.46
CA VAL A 205 -33.26 -4.43 -15.85
C VAL A 205 -33.04 -4.58 -17.35
N ASP A 206 -34.10 -4.76 -18.13
CA ASP A 206 -34.00 -4.91 -19.56
C ASP A 206 -34.26 -3.59 -20.26
N SER A 207 -33.40 -3.23 -21.20
CA SER A 207 -33.44 -1.93 -21.85
C SER A 207 -34.67 -1.81 -22.76
N HIS A 208 -35.19 -0.58 -22.84
CA HIS A 208 -36.31 -0.28 -23.72
C HIS A 208 -35.89 -0.16 -25.17
N ILE A 209 -34.60 0.09 -25.43
CA ILE A 209 -34.13 0.29 -26.81
C ILE A 209 -33.82 -1.04 -27.48
N ASP A 210 -33.14 -1.94 -26.78
CA ASP A 210 -32.76 -3.23 -27.37
C ASP A 210 -33.99 -4.06 -27.72
N SER A 211 -34.99 -4.07 -26.84
CA SER A 211 -36.21 -4.83 -27.12
C SER A 211 -36.92 -4.31 -28.35
N ASP A 212 -36.99 -2.99 -28.51
CA ASP A 212 -37.60 -2.42 -29.70
C ASP A 212 -36.78 -2.74 -30.94
N PHE A 213 -35.45 -2.71 -30.83
CA PHE A 213 -34.60 -2.98 -31.99
C PHE A 213 -34.70 -4.43 -32.43
N THR A 214 -34.89 -5.35 -31.48
CA THR A 214 -34.93 -6.78 -31.80
C THR A 214 -36.03 -7.11 -32.79
N THR A 215 -37.13 -6.36 -32.76
CA THR A 215 -38.28 -6.65 -33.62
C THR A 215 -38.19 -5.97 -34.99
N GLN A 216 -37.08 -5.32 -35.30
CA GLN A 216 -36.94 -4.64 -36.60
C GLN A 216 -36.66 -5.60 -37.74
N LYS A 217 -36.15 -6.80 -37.46
CA LYS A 217 -35.94 -7.85 -38.45
C LYS A 217 -34.92 -7.47 -39.52
N ASP A 218 -35.27 -6.53 -40.40
CA ASP A 218 -34.40 -6.20 -41.52
C ASP A 218 -33.12 -5.51 -41.06
N ASP A 219 -33.27 -4.41 -40.31
CA ASP A 219 -32.11 -3.71 -39.79
C ASP A 219 -31.29 -4.59 -38.87
N CYS A 220 -31.95 -5.47 -38.10
CA CYS A 220 -31.22 -6.42 -37.28
C CYS A 220 -30.38 -7.36 -38.15
N LYS A 221 -30.94 -7.82 -39.27
CA LYS A 221 -30.19 -8.68 -40.17
C LYS A 221 -28.98 -7.96 -40.74
N LYS A 222 -29.15 -6.71 -41.16
CA LYS A 222 -28.02 -5.95 -41.69
C LYS A 222 -26.96 -5.73 -40.63
N PHE A 223 -27.37 -5.40 -39.40
CA PHE A 223 -26.42 -5.19 -38.32
C PHE A 223 -25.66 -6.47 -38.02
N LEU A 224 -26.34 -7.62 -38.04
CA LEU A 224 -25.67 -8.88 -37.79
C LEU A 224 -24.72 -9.24 -38.93
N GLN A 225 -25.08 -8.94 -40.17
CA GLN A 225 -24.22 -9.28 -41.30
C GLN A 225 -23.00 -8.39 -41.38
N GLU A 226 -23.09 -7.16 -40.88
CA GLU A 226 -21.93 -6.25 -40.92
C GLU A 226 -20.84 -6.65 -39.95
N LEU A 227 -21.09 -7.60 -39.05
CA LEU A 227 -20.07 -8.09 -38.12
C LEU A 227 -19.48 -9.42 -38.57
N GLY A 228 -19.78 -9.85 -39.79
CA GLY A 228 -19.24 -11.08 -40.33
C GLY A 228 -19.91 -12.35 -39.87
N PHE A 229 -21.13 -12.27 -39.32
CA PHE A 229 -21.81 -13.46 -38.87
C PHE A 229 -22.50 -14.18 -40.03
N PRO A 230 -22.64 -15.50 -39.95
CA PRO A 230 -23.34 -16.25 -41.01
C PRO A 230 -24.84 -16.05 -40.90
N VAL A 231 -25.39 -15.29 -41.84
CA VAL A 231 -26.82 -14.96 -41.86
C VAL A 231 -27.32 -15.26 -43.26
N PRO A 232 -28.62 -15.43 -43.50
CA PRO A 232 -29.08 -15.67 -44.85
C PRO A 232 -29.06 -14.39 -45.68
N GLN A 233 -28.02 -14.28 -46.50
CA GLN A 233 -27.63 -13.03 -47.15
C GLN A 233 -28.58 -12.63 -48.28
N GLY A 234 -28.98 -13.58 -49.12
CA GLY A 234 -29.97 -13.30 -50.14
C GLY A 234 -29.52 -12.51 -51.35
N ASP A 235 -29.08 -11.27 -51.12
CA ASP A 235 -28.80 -10.28 -52.16
C ASP A 235 -29.83 -10.40 -53.29
N VAL A 236 -31.12 -10.30 -52.93
CA VAL A 236 -32.24 -10.34 -53.87
C VAL A 236 -32.23 -11.61 -54.71
N VAL A 237 -32.69 -11.53 -55.96
CA VAL A 237 -32.80 -12.70 -56.83
C VAL A 237 -32.10 -12.27 -58.12
N PHE A 238 -31.90 -10.95 -58.27
CA PHE A 238 -31.42 -10.38 -59.55
C PHE A 238 -30.22 -10.88 -60.33
N SER A 239 -30.45 -11.26 -61.59
CA SER A 239 -29.41 -11.76 -62.47
C SER A 239 -28.95 -10.79 -63.53
N LEU A 240 -27.68 -10.88 -63.92
CA LEU A 240 -27.08 -10.01 -64.93
C LEU A 240 -26.32 -10.97 -65.86
N ALA A 241 -27.05 -11.92 -66.42
CA ALA A 241 -26.47 -13.02 -67.23
C ALA A 241 -25.34 -13.64 -66.40
N GLU A 242 -24.08 -13.58 -66.85
CA GLU A 242 -22.96 -14.04 -66.03
C GLU A 242 -22.61 -12.88 -65.11
N ALA A 243 -23.43 -12.72 -64.06
CA ALA A 243 -23.14 -11.73 -63.04
C ALA A 243 -21.96 -12.40 -62.35
N LYS A 244 -22.24 -13.51 -61.64
CA LYS A 244 -21.31 -14.33 -60.86
C LYS A 244 -20.32 -13.48 -60.08
N GLU A 245 -19.03 -13.82 -60.16
CA GLU A 245 -17.90 -13.03 -59.62
C GLU A 245 -18.30 -12.57 -58.22
N VAL A 246 -18.16 -11.27 -57.90
CA VAL A 246 -18.45 -10.79 -56.55
C VAL A 246 -19.88 -11.09 -56.13
N ALA A 247 -20.84 -10.96 -57.04
CA ALA A 247 -22.22 -11.31 -56.72
C ALA A 247 -22.30 -12.75 -56.24
N ALA A 248 -21.59 -13.66 -56.92
CA ALA A 248 -21.46 -15.01 -56.40
C ALA A 248 -20.47 -15.12 -55.25
N GLU A 249 -19.47 -14.23 -55.19
CA GLU A 249 -18.49 -14.25 -54.11
C GLU A 249 -19.05 -13.56 -52.87
N ILE A 250 -20.14 -14.11 -52.37
CA ILE A 250 -20.71 -13.69 -51.10
C ILE A 250 -20.04 -14.50 -49.98
N GLY A 251 -19.84 -15.79 -50.17
CA GLY A 251 -19.18 -16.60 -49.17
C GLY A 251 -18.70 -17.92 -49.73
N TYR A 252 -18.00 -18.64 -48.98
CA TYR A 252 -17.48 -19.99 -49.16
C TYR A 252 -18.52 -21.08 -49.40
N PRO A 253 -18.36 -21.95 -50.42
CA PRO A 253 -19.49 -22.72 -50.94
C PRO A 253 -20.74 -21.90 -51.26
N VAL A 254 -20.57 -20.90 -52.12
CA VAL A 254 -21.63 -19.98 -52.52
C VAL A 254 -22.94 -20.68 -52.80
N ALA A 255 -22.88 -21.79 -53.53
CA ALA A 255 -24.02 -22.68 -53.73
C ALA A 255 -25.37 -22.04 -54.04
N VAL A 256 -25.41 -21.18 -55.06
CA VAL A 256 -26.68 -20.58 -55.46
C VAL A 256 -27.72 -21.68 -55.64
N LYS A 257 -28.84 -21.54 -54.92
CA LYS A 257 -29.88 -22.55 -54.91
C LYS A 257 -30.88 -22.13 -55.98
N PRO A 258 -31.19 -23.01 -56.92
CA PRO A 258 -32.15 -22.62 -57.96
C PRO A 258 -33.66 -22.81 -57.99
N VAL A 259 -34.34 -21.91 -57.26
CA VAL A 259 -35.78 -21.77 -57.39
C VAL A 259 -36.52 -21.18 -58.59
N ALA A 260 -36.15 -19.97 -58.95
CA ALA A 260 -36.65 -19.28 -60.15
C ALA A 260 -38.15 -19.47 -60.22
N GLY A 261 -38.66 -19.98 -61.33
CA GLY A 261 -40.04 -20.39 -61.44
C GLY A 261 -39.81 -21.72 -60.76
N HIS A 262 -40.61 -22.00 -59.74
CA HIS A 262 -40.71 -23.33 -59.11
C HIS A 262 -39.58 -24.17 -58.49
N LYS A 263 -39.52 -25.46 -58.83
CA LYS A 263 -38.49 -26.37 -58.28
C LYS A 263 -36.97 -26.48 -58.36
N GLY A 264 -36.37 -26.22 -59.48
CA GLY A 264 -34.90 -26.52 -59.50
C GLY A 264 -33.39 -26.74 -59.54
N ILE A 265 -32.83 -27.88 -59.00
CA ILE A 265 -31.34 -28.14 -58.87
C ILE A 265 -30.12 -27.40 -58.29
N GLY A 266 -28.96 -27.09 -58.99
CA GLY A 266 -27.83 -26.35 -58.47
C GLY A 266 -27.43 -26.98 -57.16
N VAL A 267 -27.22 -26.14 -56.14
CA VAL A 267 -26.79 -26.52 -54.78
C VAL A 267 -25.47 -27.28 -54.83
N THR A 268 -24.72 -27.10 -55.92
CA THR A 268 -23.44 -27.79 -56.06
C THR A 268 -22.31 -26.84 -56.41
N ALA A 269 -22.38 -25.57 -56.01
CA ALA A 269 -21.29 -24.63 -56.24
C ALA A 269 -20.39 -24.66 -55.02
N ASP A 270 -20.53 -25.66 -54.16
CA ASP A 270 -19.60 -25.86 -53.06
C ASP A 270 -18.17 -25.90 -53.57
N VAL A 271 -17.97 -26.51 -54.74
CA VAL A 271 -16.75 -26.32 -55.50
C VAL A 271 -16.80 -24.91 -56.08
N GLN A 272 -15.82 -24.08 -55.72
CA GLN A 272 -15.86 -22.65 -56.04
C GLN A 272 -15.49 -22.42 -57.51
N ASP A 273 -15.23 -23.51 -58.23
CA ASP A 273 -14.90 -23.45 -59.65
C ASP A 273 -15.90 -22.60 -60.41
N GLU A 274 -15.42 -21.51 -61.02
CA GLU A 274 -16.28 -20.62 -61.78
C GLU A 274 -16.84 -21.34 -63.00
N ILE A 275 -16.05 -22.22 -63.60
CA ILE A 275 -16.52 -22.98 -64.76
C ILE A 275 -17.70 -23.86 -64.38
N GLU A 276 -17.68 -24.41 -63.16
CA GLU A 276 -18.82 -25.19 -62.67
C GLU A 276 -20.06 -24.32 -62.56
N LEU A 277 -19.89 -23.08 -62.08
CA LEU A 277 -21.02 -22.16 -62.00
C LEU A 277 -21.57 -21.82 -63.37
N GLU A 278 -20.68 -21.61 -64.35
CA GLU A 278 -21.13 -21.36 -65.72
C GLU A 278 -21.87 -22.56 -66.29
N ALA A 279 -21.36 -23.78 -66.02
CA ALA A 279 -22.03 -24.98 -66.50
C ALA A 279 -23.41 -25.14 -65.88
N ALA A 280 -23.53 -24.87 -64.58
CA ALA A 280 -24.84 -24.94 -63.93
C ALA A 280 -25.77 -23.86 -64.43
N TYR A 281 -25.22 -22.69 -64.77
CA TYR A 281 -26.05 -21.60 -65.28
C TYR A 281 -26.56 -21.91 -66.69
N ASP A 282 -25.72 -22.54 -67.52
CA ASP A 282 -26.10 -22.78 -68.91
C ASP A 282 -26.94 -24.04 -69.05
N ARG A 283 -26.49 -25.16 -68.46
CA ARG A 283 -27.21 -26.42 -68.63
C ARG A 283 -28.54 -26.44 -67.90
N ALA A 284 -28.59 -25.85 -66.70
CA ALA A 284 -29.76 -25.95 -65.85
C ALA A 284 -30.70 -24.76 -65.97
N VAL A 285 -30.42 -23.80 -66.87
CA VAL A 285 -31.39 -22.75 -67.12
C VAL A 285 -32.48 -23.19 -68.10
N ALA A 286 -32.36 -24.23 -68.81
CA ALA A 286 -33.41 -25.08 -69.37
C ALA A 286 -34.52 -25.57 -68.45
N GLY A 287 -34.18 -25.86 -67.20
CA GLY A 287 -35.16 -26.34 -66.24
C GLY A 287 -36.30 -25.38 -66.02
N ILE A 288 -35.97 -24.11 -65.78
CA ILE A 288 -36.94 -23.04 -65.68
C ILE A 288 -36.66 -22.24 -66.94
N PRO A 289 -37.66 -21.93 -67.77
CA PRO A 289 -37.41 -21.24 -69.04
C PRO A 289 -37.22 -19.76 -68.75
N LEU A 290 -36.89 -18.99 -69.79
CA LEU A 290 -36.59 -17.58 -69.64
C LEU A 290 -37.81 -16.74 -69.26
N GLU A 291 -38.96 -17.37 -69.00
CA GLU A 291 -40.14 -16.67 -68.53
C GLU A 291 -39.84 -15.95 -67.22
N GLU A 292 -38.97 -16.53 -66.41
CA GLU A 292 -38.45 -15.90 -65.20
C GLU A 292 -37.08 -15.35 -65.55
N LYS A 293 -36.79 -14.14 -65.07
CA LYS A 293 -35.50 -13.52 -65.35
C LYS A 293 -34.71 -14.07 -64.17
N ILE A 294 -34.44 -15.32 -64.11
CA ILE A 294 -33.37 -16.12 -63.52
C ILE A 294 -33.47 -15.50 -62.13
N CYS A 295 -34.59 -15.53 -61.51
CA CYS A 295 -34.78 -15.05 -60.14
C CYS A 295 -34.36 -16.18 -59.23
N ILE A 296 -33.16 -16.28 -58.82
CA ILE A 296 -32.36 -17.42 -58.40
C ILE A 296 -31.94 -16.84 -57.05
N ILE A 297 -32.11 -17.72 -55.98
CA ILE A 297 -31.77 -17.32 -54.62
C ILE A 297 -30.41 -17.95 -54.38
N VAL A 298 -29.57 -17.17 -53.72
CA VAL A 298 -28.22 -17.67 -53.38
C VAL A 298 -27.28 -18.57 -52.61
N GLU A 299 -27.64 -18.89 -51.38
CA GLU A 299 -26.90 -19.87 -50.53
C GLU A 299 -28.11 -20.61 -49.98
N ASN A 300 -28.97 -19.90 -49.28
CA ASN A 300 -30.21 -20.43 -48.72
C ASN A 300 -29.99 -21.45 -47.61
N SER A 301 -28.78 -21.90 -47.39
CA SER A 301 -28.32 -22.65 -46.22
C SER A 301 -29.38 -23.69 -45.89
N ILE A 302 -29.84 -24.42 -46.90
CA ILE A 302 -30.96 -25.33 -46.71
C ILE A 302 -30.40 -26.60 -46.12
N ALA A 303 -30.55 -26.77 -44.80
CA ALA A 303 -30.10 -27.95 -44.10
C ALA A 303 -31.29 -28.72 -43.54
N GLY A 304 -32.45 -28.09 -43.40
CA GLY A 304 -33.65 -28.77 -42.99
C GLY A 304 -33.77 -29.24 -41.55
N HIS A 305 -32.99 -28.63 -40.65
CA HIS A 305 -32.93 -29.11 -39.28
C HIS A 305 -32.99 -27.71 -38.69
N ASP A 306 -33.90 -27.49 -37.75
CA ASP A 306 -34.08 -26.21 -37.07
C ASP A 306 -33.77 -26.38 -35.59
N TYR A 307 -32.92 -25.51 -35.07
CA TYR A 307 -32.53 -25.56 -33.66
C TYR A 307 -32.76 -24.21 -33.01
N ARG A 308 -32.95 -24.24 -31.69
CA ARG A 308 -33.11 -23.04 -30.88
C ARG A 308 -32.10 -23.09 -29.73
N LEU A 309 -31.40 -21.99 -29.52
CA LEU A 309 -30.40 -21.88 -28.46
C LEU A 309 -30.78 -20.74 -27.53
N LEU A 310 -30.50 -20.93 -26.24
CA LEU A 310 -30.86 -19.99 -25.19
C LEU A 310 -29.61 -19.48 -24.51
N CYS A 311 -29.53 -18.16 -24.33
CA CYS A 311 -28.42 -17.51 -23.66
C CYS A 311 -28.96 -16.72 -22.47
N VAL A 312 -28.34 -16.93 -21.32
CA VAL A 312 -28.69 -16.25 -20.08
C VAL A 312 -27.46 -15.56 -19.52
N ASN A 313 -27.55 -14.25 -19.29
CA ASN A 313 -26.47 -13.46 -18.69
C ASN A 313 -25.18 -13.58 -19.50
N GLY A 314 -25.31 -13.79 -20.80
CA GLY A 314 -24.17 -13.91 -21.68
C GLY A 314 -23.65 -15.32 -21.86
N ARG A 315 -24.04 -16.26 -21.01
CA ARG A 315 -23.62 -17.64 -21.15
C ARG A 315 -24.66 -18.43 -21.94
N PHE A 316 -24.25 -19.59 -22.44
CA PHE A 316 -25.10 -20.44 -23.25
C PHE A 316 -25.61 -21.60 -22.41
N VAL A 317 -26.92 -21.78 -22.37
CA VAL A 317 -27.53 -22.88 -21.63
C VAL A 317 -28.63 -23.50 -22.49
N ALA A 318 -28.59 -24.83 -22.64
CA ALA A 318 -29.65 -25.62 -23.24
C ALA A 318 -29.79 -25.41 -24.75
N ALA A 319 -30.15 -26.47 -25.46
CA ALA A 319 -30.45 -26.42 -26.89
C ALA A 319 -31.53 -27.45 -27.19
N THR A 320 -32.29 -27.22 -28.25
CA THR A 320 -33.46 -28.04 -28.54
C THR A 320 -33.69 -28.09 -30.04
N GLU A 321 -33.99 -29.29 -30.54
CA GLU A 321 -34.33 -29.49 -31.95
C GLU A 321 -35.82 -29.75 -32.08
N ARG A 322 -36.47 -29.03 -33.01
CA ARG A 322 -37.92 -29.10 -33.18
C ARG A 322 -38.25 -29.96 -34.38
N LYS A 323 -39.11 -30.94 -34.20
CA LYS A 323 -39.53 -31.84 -35.26
C LYS A 323 -41.05 -31.82 -35.41
N PRO A 324 -41.57 -31.64 -36.62
CA PRO A 324 -43.03 -31.68 -36.83
C PRO A 324 -43.59 -33.09 -36.71
N ALA A 325 -44.92 -33.20 -36.71
CA ALA A 325 -45.57 -34.50 -36.62
C ALA A 325 -45.46 -35.25 -37.94
N TYR A 326 -45.32 -36.57 -37.86
CA TYR A 326 -45.24 -37.41 -39.05
C TYR A 326 -46.19 -38.59 -38.88
N VAL A 327 -46.35 -39.36 -39.97
CA VAL A 327 -47.20 -40.53 -39.95
C VAL A 327 -46.48 -41.71 -40.59
N VAL A 328 -46.91 -42.92 -40.27
CA VAL A 328 -46.33 -44.13 -40.83
C VAL A 328 -47.46 -45.11 -41.12
N GLY A 329 -47.15 -46.20 -41.81
CA GLY A 329 -48.16 -47.21 -42.10
C GLY A 329 -48.45 -47.34 -43.58
N ASP A 330 -49.36 -48.27 -43.88
CA ASP A 330 -49.69 -48.65 -45.25
C ASP A 330 -50.75 -47.74 -45.86
N GLY A 331 -51.17 -48.06 -47.09
CA GLY A 331 -52.00 -47.21 -47.90
C GLY A 331 -53.45 -47.45 -47.55
N TYR A 332 -53.87 -47.12 -46.33
CA TYR A 332 -55.28 -47.24 -45.96
C TYR A 332 -55.90 -46.01 -46.63
N SER A 333 -55.46 -44.82 -46.20
CA SER A 333 -55.92 -43.53 -46.70
C SER A 333 -54.97 -42.74 -45.82
N THR A 334 -54.83 -41.45 -46.09
CA THR A 334 -53.96 -40.58 -45.30
C THR A 334 -54.60 -39.65 -44.28
N ILE A 335 -55.65 -38.92 -44.66
CA ILE A 335 -56.33 -38.05 -43.72
C ILE A 335 -57.37 -38.80 -42.89
N ALA A 336 -57.46 -38.38 -41.77
CA ALA A 336 -58.25 -39.12 -40.77
C ALA A 336 -58.15 -40.43 -39.99
N GLU A 337 -58.03 -41.58 -40.56
CA GLU A 337 -57.76 -42.87 -39.93
C GLU A 337 -56.46 -43.04 -39.16
N LEU A 338 -55.36 -42.59 -39.77
CA LEU A 338 -54.04 -42.79 -39.18
C LEU A 338 -53.83 -41.78 -38.06
N ILE A 339 -54.20 -40.52 -38.29
CA ILE A 339 -54.03 -39.49 -37.27
C ILE A 339 -54.98 -39.85 -36.14
N GLU A 340 -56.24 -40.38 -36.55
CA GLU A 340 -57.17 -40.65 -35.45
C GLU A 340 -56.70 -41.76 -34.51
N LYS A 341 -56.14 -42.85 -35.05
CA LYS A 341 -55.70 -43.93 -34.18
C LYS A 341 -54.41 -43.59 -33.45
N GLU A 342 -53.52 -42.82 -34.08
CA GLU A 342 -52.33 -42.35 -33.38
C GLU A 342 -52.67 -41.29 -32.35
N ASN A 343 -53.79 -40.59 -32.52
CA ASN A 343 -54.29 -39.72 -31.46
C ASN A 343 -54.62 -40.54 -30.22
N PHE A 344 -55.17 -41.73 -30.42
CA PHE A 344 -55.44 -42.68 -29.33
C PHE A 344 -54.13 -43.39 -28.97
N SER A 345 -53.29 -42.66 -28.24
CA SER A 345 -52.01 -43.18 -27.79
C SER A 345 -51.82 -42.87 -26.31
N PRO A 346 -51.12 -43.74 -25.58
CA PRO A 346 -50.93 -43.49 -24.14
C PRO A 346 -50.17 -42.21 -23.84
N ASN A 347 -49.19 -41.84 -24.66
CA ASN A 347 -48.39 -40.66 -24.41
C ASN A 347 -49.05 -39.37 -24.87
N ARG A 348 -50.05 -39.45 -25.76
CA ARG A 348 -50.69 -38.26 -26.30
C ARG A 348 -52.00 -37.96 -25.55
N SER A 349 -51.84 -37.60 -24.28
CA SER A 349 -52.96 -37.29 -23.41
C SER A 349 -53.10 -35.78 -23.23
N ASP A 350 -54.23 -35.37 -22.65
CA ASP A 350 -54.49 -33.98 -22.33
C ASP A 350 -54.05 -33.60 -20.93
N THR A 351 -53.62 -34.56 -20.12
CA THR A 351 -53.14 -34.26 -18.79
C THR A 351 -51.83 -33.47 -18.89
N PRO A 352 -51.60 -32.51 -18.00
CA PRO A 352 -50.32 -31.77 -18.03
C PRO A 352 -49.09 -32.67 -17.90
N THR A 353 -49.24 -33.87 -17.36
CA THR A 353 -48.12 -34.82 -17.29
C THR A 353 -47.80 -35.43 -18.65
N SER A 354 -48.64 -35.25 -19.65
CA SER A 354 -48.38 -35.82 -20.96
C SER A 354 -47.27 -35.05 -21.67
N PRO A 355 -46.37 -35.73 -22.39
CA PRO A 355 -45.28 -35.02 -23.08
C PRO A 355 -45.77 -34.03 -24.12
N MET A 356 -46.85 -34.34 -24.84
CA MET A 356 -47.29 -33.49 -25.94
C MET A 356 -48.78 -33.68 -26.17
N GLY A 357 -49.37 -32.75 -26.93
CA GLY A 357 -50.78 -32.78 -27.22
C GLY A 357 -51.12 -33.50 -28.51
N LYS A 358 -52.33 -33.12 -28.97
CA LYS A 358 -52.85 -33.83 -30.14
C LYS A 358 -52.31 -33.21 -31.43
N ILE A 359 -52.58 -34.00 -32.59
CA ILE A 359 -52.10 -33.54 -33.89
C ILE A 359 -52.75 -32.21 -34.26
N ARG A 360 -54.08 -32.12 -34.09
CA ARG A 360 -54.81 -30.86 -34.24
C ARG A 360 -54.58 -30.22 -35.60
N THR A 361 -55.03 -30.92 -36.65
CA THR A 361 -54.88 -30.41 -38.01
C THR A 361 -55.72 -29.15 -38.22
N ASP A 362 -55.23 -28.28 -39.11
CA ASP A 362 -55.86 -27.00 -39.41
C ASP A 362 -55.90 -26.82 -40.92
N GLU A 363 -56.18 -25.59 -41.35
CA GLU A 363 -56.27 -25.27 -42.77
C GLU A 363 -54.93 -24.94 -43.40
N ALA A 364 -54.00 -24.32 -42.66
CA ALA A 364 -52.67 -24.07 -43.22
C ALA A 364 -51.94 -25.37 -43.49
N MET A 365 -52.21 -26.38 -42.66
CA MET A 365 -51.70 -27.73 -42.92
C MET A 365 -52.19 -28.19 -44.29
N HIS A 366 -53.50 -28.12 -44.52
CA HIS A 366 -54.03 -28.50 -45.83
C HIS A 366 -53.46 -27.66 -46.97
N LEU A 367 -53.17 -26.38 -46.70
CA LEU A 367 -52.53 -25.54 -47.71
C LEU A 367 -51.15 -26.07 -48.07
N TYR A 368 -50.37 -26.49 -47.06
CA TYR A 368 -49.08 -27.11 -47.34
C TYR A 368 -49.25 -28.43 -48.08
N LEU A 369 -50.24 -29.24 -47.70
CA LEU A 369 -50.48 -30.51 -48.39
C LEU A 369 -50.79 -30.29 -49.87
N GLU A 370 -51.65 -29.31 -50.17
CA GLU A 370 -51.96 -29.03 -51.57
C GLU A 370 -50.82 -28.31 -52.28
N GLU A 371 -49.91 -27.67 -51.53
CA GLU A 371 -48.76 -27.02 -52.15
C GLU A 371 -47.84 -28.04 -52.81
N GLN A 372 -47.60 -29.17 -52.15
CA GLN A 372 -46.77 -30.23 -52.70
C GLN A 372 -47.59 -31.24 -53.51
N GLY A 373 -48.88 -31.37 -53.24
CA GLY A 373 -49.68 -32.37 -53.90
C GLY A 373 -49.65 -33.72 -53.23
N LEU A 374 -49.61 -33.76 -51.89
CA LEU A 374 -49.58 -35.01 -51.16
C LEU A 374 -50.96 -35.67 -51.06
N ASP A 375 -51.99 -35.05 -51.63
CA ASP A 375 -53.34 -35.62 -51.68
C ASP A 375 -53.95 -35.68 -50.28
N LEU A 376 -55.20 -36.13 -50.19
CA LEU A 376 -55.91 -36.26 -48.91
C LEU A 376 -56.08 -37.73 -48.51
N ASP A 377 -56.67 -38.54 -49.38
CA ASP A 377 -56.81 -39.97 -49.14
C ASP A 377 -55.94 -40.71 -50.17
N SER A 378 -54.66 -40.89 -49.81
CA SER A 378 -53.68 -41.44 -50.74
C SER A 378 -53.46 -42.93 -50.50
N VAL A 379 -52.59 -43.53 -51.31
CA VAL A 379 -52.23 -44.94 -51.17
C VAL A 379 -50.71 -45.04 -51.07
N ILE A 380 -50.22 -45.26 -49.86
CA ILE A 380 -48.79 -45.19 -49.55
C ILE A 380 -48.37 -46.54 -48.96
N ASP A 381 -48.89 -47.63 -49.52
CA ASP A 381 -48.79 -48.93 -48.86
C ASP A 381 -47.34 -49.37 -48.79
N ARG A 382 -46.68 -49.01 -47.70
CA ARG A 382 -45.28 -49.29 -47.41
C ARG A 382 -45.02 -48.82 -45.98
N ASP A 383 -43.78 -48.89 -45.51
CA ASP A 383 -43.39 -48.26 -44.26
C ASP A 383 -42.96 -46.81 -44.46
N ARG A 384 -43.31 -46.23 -45.61
CA ARG A 384 -42.94 -44.86 -45.97
C ARG A 384 -43.49 -43.85 -44.97
N THR A 385 -42.61 -43.02 -44.42
CA THR A 385 -43.03 -41.97 -43.51
C THR A 385 -43.26 -40.66 -44.26
N ILE A 386 -44.28 -39.91 -43.83
CA ILE A 386 -44.67 -38.67 -44.48
C ILE A 386 -44.76 -37.58 -43.42
N TYR A 387 -44.13 -36.44 -43.70
CA TYR A 387 -44.19 -35.29 -42.80
C TYR A 387 -45.29 -34.35 -43.27
N LEU A 388 -46.18 -34.00 -42.34
CA LEU A 388 -47.40 -33.27 -42.67
C LEU A 388 -47.28 -31.76 -42.53
N ARG A 389 -46.17 -31.25 -41.99
CA ARG A 389 -46.04 -29.82 -41.77
C ARG A 389 -44.58 -29.44 -41.78
N LYS A 390 -44.30 -28.23 -42.28
CA LYS A 390 -42.92 -27.74 -42.38
C LYS A 390 -42.47 -27.06 -41.09
N VAL A 391 -43.23 -26.06 -40.64
CA VAL A 391 -42.89 -25.34 -39.41
C VAL A 391 -43.47 -26.10 -38.23
N ALA A 392 -42.60 -26.47 -37.28
CA ALA A 392 -43.00 -27.33 -36.16
C ALA A 392 -43.73 -26.48 -35.13
N ASN A 393 -45.04 -26.44 -35.23
CA ASN A 393 -45.87 -25.74 -34.25
C ASN A 393 -46.06 -26.65 -33.03
N LEU A 394 -45.55 -26.20 -31.89
CA LEU A 394 -45.58 -27.02 -30.68
C LEU A 394 -46.99 -27.25 -30.14
N SER A 395 -47.96 -26.45 -30.56
CA SER A 395 -49.34 -26.59 -30.11
C SER A 395 -50.17 -27.47 -31.03
N SER A 396 -49.59 -27.99 -32.12
CA SER A 396 -50.32 -28.80 -33.08
C SER A 396 -49.53 -30.08 -33.38
N GLY A 397 -49.06 -30.73 -32.32
CA GLY A 397 -48.40 -32.01 -32.44
C GLY A 397 -46.91 -31.97 -32.64
N GLY A 398 -46.34 -30.82 -33.00
CA GLY A 398 -44.90 -30.74 -33.15
C GLY A 398 -44.21 -30.94 -31.82
N PHE A 399 -43.12 -31.71 -31.82
CA PHE A 399 -42.42 -32.07 -30.59
C PHE A 399 -40.98 -31.59 -30.64
N SER A 400 -40.29 -31.79 -29.52
CA SER A 400 -38.94 -31.28 -29.32
C SER A 400 -38.06 -32.38 -28.74
N ILE A 401 -36.76 -32.29 -29.07
CA ILE A 401 -35.77 -33.26 -28.62
C ILE A 401 -34.56 -32.50 -28.07
N ASP A 402 -34.02 -32.98 -26.96
CA ASP A 402 -32.85 -32.35 -26.37
C ASP A 402 -31.64 -32.53 -27.27
N ALA A 403 -30.83 -31.47 -27.38
CA ALA A 403 -29.60 -31.50 -28.16
C ALA A 403 -28.48 -30.73 -27.45
N THR A 404 -28.49 -30.72 -26.13
CA THR A 404 -27.57 -29.88 -25.37
C THR A 404 -26.16 -30.44 -25.35
N ASN A 405 -26.01 -31.77 -25.32
CA ASN A 405 -24.73 -32.41 -25.07
C ASN A 405 -24.00 -32.82 -26.33
N ARG A 406 -24.31 -32.22 -27.48
CA ARG A 406 -23.68 -32.60 -28.74
C ARG A 406 -23.30 -31.38 -29.58
N VAL A 407 -23.07 -30.24 -28.93
CA VAL A 407 -22.81 -28.98 -29.63
C VAL A 407 -21.30 -28.76 -29.72
N HIS A 408 -20.84 -28.39 -30.92
CA HIS A 408 -19.44 -28.09 -31.12
C HIS A 408 -19.09 -26.78 -30.41
N PRO A 409 -17.89 -26.67 -29.84
CA PRO A 409 -17.53 -25.43 -29.12
C PRO A 409 -17.55 -24.18 -29.97
N ASP A 410 -17.29 -24.28 -31.27
CA ASP A 410 -17.30 -23.09 -32.12
C ASP A 410 -18.67 -22.44 -32.17
N ASN A 411 -19.72 -23.25 -32.26
CA ASN A 411 -21.08 -22.70 -32.25
C ASN A 411 -21.40 -22.05 -30.92
N ILE A 412 -20.91 -22.63 -29.81
CA ILE A 412 -21.10 -22.01 -28.50
C ILE A 412 -20.41 -20.65 -28.45
N ILE A 413 -19.19 -20.57 -28.96
CA ILE A 413 -18.47 -19.30 -28.99
C ILE A 413 -19.22 -18.27 -29.82
N LEU A 414 -19.73 -18.69 -30.99
CA LEU A 414 -20.49 -17.78 -31.84
C LEU A 414 -21.75 -17.28 -31.13
N ALA A 415 -22.47 -18.17 -30.45
CA ALA A 415 -23.67 -17.78 -29.75
C ALA A 415 -23.36 -16.80 -28.63
N GLN A 416 -22.29 -17.06 -27.86
CA GLN A 416 -21.92 -16.14 -26.79
C GLN A 416 -21.52 -14.78 -27.34
N ASP A 417 -20.78 -14.76 -28.45
CA ASP A 417 -20.39 -13.50 -29.05
C ASP A 417 -21.59 -12.71 -29.53
N ILE A 418 -22.58 -13.38 -30.12
CA ILE A 418 -23.80 -12.68 -30.53
C ILE A 418 -24.55 -12.17 -29.31
N ALA A 419 -24.62 -12.98 -28.25
CA ALA A 419 -25.38 -12.59 -27.07
C ALA A 419 -24.77 -11.37 -26.38
N GLN A 420 -23.44 -11.29 -26.32
CA GLN A 420 -22.81 -10.20 -25.60
C GLN A 420 -22.80 -8.92 -26.42
N HIS A 421 -23.95 -8.50 -26.92
CA HIS A 421 -24.09 -7.24 -27.62
C HIS A 421 -25.37 -6.49 -27.26
N PHE A 422 -26.22 -7.05 -26.41
CA PHE A 422 -27.46 -6.42 -26.01
C PHE A 422 -27.55 -6.42 -24.49
N ARG A 423 -28.38 -5.52 -23.96
CA ARG A 423 -28.55 -5.37 -22.52
C ARG A 423 -29.76 -6.14 -22.00
N LEU A 424 -30.09 -7.27 -22.61
CA LEU A 424 -31.15 -8.14 -22.16
C LEU A 424 -30.60 -9.26 -21.30
N THR A 425 -31.50 -9.95 -20.60
CA THR A 425 -31.11 -11.04 -19.73
C THR A 425 -31.24 -12.42 -20.37
N CYS A 426 -32.29 -12.65 -21.14
CA CYS A 426 -32.50 -13.92 -21.81
C CYS A 426 -32.66 -13.68 -23.30
N LEU A 427 -31.90 -14.42 -24.11
CA LEU A 427 -31.92 -14.28 -25.55
C LEU A 427 -32.11 -15.64 -26.21
N GLY A 428 -32.92 -15.68 -27.26
CA GLY A 428 -33.15 -16.92 -27.98
C GLY A 428 -32.85 -16.81 -29.45
N ILE A 429 -31.95 -17.65 -29.96
CA ILE A 429 -31.50 -17.58 -31.35
C ILE A 429 -31.89 -18.87 -32.06
N ASP A 430 -32.50 -18.73 -33.24
CA ASP A 430 -32.84 -19.91 -34.03
C ASP A 430 -31.89 -20.06 -35.21
N ILE A 431 -31.46 -21.30 -35.47
CA ILE A 431 -30.48 -21.59 -36.51
C ILE A 431 -30.96 -22.78 -37.33
N ILE A 432 -30.36 -22.90 -38.52
CA ILE A 432 -30.57 -24.03 -39.42
C ILE A 432 -29.21 -24.61 -39.76
N THR A 433 -28.97 -25.85 -39.37
CA THR A 433 -27.67 -26.48 -39.55
C THR A 433 -27.83 -27.92 -40.02
N ASN A 434 -26.81 -28.43 -40.70
CA ASN A 434 -26.82 -29.81 -41.15
C ASN A 434 -26.38 -30.76 -40.05
N ASP A 435 -25.32 -30.42 -39.33
CA ASP A 435 -24.83 -31.25 -38.24
C ASP A 435 -24.26 -30.33 -37.17
N ILE A 436 -24.93 -30.29 -36.01
CA ILE A 436 -24.47 -29.44 -34.91
C ILE A 436 -23.16 -29.91 -34.32
N GLY A 437 -22.69 -31.11 -34.66
CA GLY A 437 -21.43 -31.60 -34.14
C GLY A 437 -20.20 -31.09 -34.85
N ARG A 438 -20.36 -30.38 -35.96
CA ARG A 438 -19.24 -29.87 -36.74
C ARG A 438 -19.20 -28.35 -36.66
N SER A 439 -18.04 -27.79 -37.00
CA SER A 439 -17.88 -26.34 -36.99
C SER A 439 -18.75 -25.71 -38.08
N TRP A 440 -19.15 -24.46 -37.84
CA TRP A 440 -19.95 -23.72 -38.80
C TRP A 440 -19.13 -23.24 -39.99
N LYS A 441 -17.80 -23.30 -39.93
CA LYS A 441 -16.99 -22.83 -41.04
C LYS A 441 -17.03 -23.80 -42.22
N GLU A 442 -16.99 -25.10 -41.94
CA GLU A 442 -16.99 -26.13 -42.97
C GLU A 442 -18.37 -26.72 -43.23
N THR A 443 -19.40 -26.20 -42.59
CA THR A 443 -20.75 -26.72 -42.71
C THR A 443 -21.69 -25.58 -43.04
N SER A 444 -22.68 -25.84 -43.90
CA SER A 444 -23.68 -24.84 -44.22
C SER A 444 -24.42 -24.41 -42.96
N PHE A 445 -24.55 -23.10 -42.77
CA PHE A 445 -25.08 -22.55 -41.53
C PHE A 445 -25.91 -21.32 -41.85
N GLY A 446 -26.78 -20.95 -40.91
CA GLY A 446 -27.61 -19.79 -41.07
C GLY A 446 -28.20 -19.35 -39.76
N ILE A 447 -28.48 -18.06 -39.65
CA ILE A 447 -29.11 -17.46 -38.48
C ILE A 447 -30.34 -16.70 -38.96
N ILE A 448 -31.51 -17.10 -38.47
CA ILE A 448 -32.76 -16.53 -38.96
C ILE A 448 -33.23 -15.42 -38.02
N GLU A 449 -33.50 -15.76 -36.77
CA GLU A 449 -34.14 -14.81 -35.86
C GLU A 449 -33.50 -14.87 -34.48
N ILE A 450 -33.55 -13.73 -33.79
CA ILE A 450 -33.22 -13.60 -32.38
C ILE A 450 -34.40 -12.96 -31.67
N ASN A 451 -34.71 -13.43 -30.48
CA ASN A 451 -35.86 -12.98 -29.71
C ASN A 451 -35.45 -12.63 -28.30
N ALA A 452 -36.06 -11.57 -27.77
CA ALA A 452 -35.72 -11.04 -26.46
C ALA A 452 -36.59 -11.61 -25.34
N ALA A 453 -37.72 -12.24 -25.67
CA ALA A 453 -38.63 -12.82 -24.68
C ALA A 453 -38.85 -14.27 -25.05
N PRO A 454 -37.88 -15.14 -24.76
CA PRO A 454 -38.00 -16.54 -25.16
C PRO A 454 -38.81 -17.35 -24.17
N GLY A 455 -39.61 -18.27 -24.69
CA GLY A 455 -40.32 -19.21 -23.86
C GLY A 455 -39.45 -20.38 -23.48
N VAL A 456 -39.16 -20.53 -22.20
CA VAL A 456 -38.24 -21.56 -21.73
C VAL A 456 -38.97 -22.82 -21.30
N TYR A 457 -40.24 -22.96 -21.67
CA TYR A 457 -40.99 -24.16 -21.30
C TYR A 457 -40.45 -25.41 -21.99
N MET A 458 -40.09 -25.29 -23.27
CA MET A 458 -39.66 -26.46 -24.02
C MET A 458 -38.34 -27.02 -23.52
N HIS A 459 -37.55 -26.23 -22.78
CA HIS A 459 -36.30 -26.73 -22.24
C HIS A 459 -36.47 -27.42 -20.89
N LEU A 460 -37.65 -27.33 -20.28
CA LEU A 460 -37.86 -27.89 -18.95
C LEU A 460 -38.30 -29.35 -19.01
N LYS A 461 -39.29 -29.67 -19.85
CA LYS A 461 -39.80 -31.04 -20.01
C LYS A 461 -39.82 -31.38 -21.48
N PRO A 462 -38.71 -31.83 -22.03
CA PRO A 462 -38.68 -32.23 -23.44
C PRO A 462 -39.38 -33.56 -23.66
N ALA A 463 -39.86 -33.75 -24.88
CA ALA A 463 -40.54 -35.00 -25.22
C ALA A 463 -39.57 -36.18 -25.14
N ILE A 464 -38.37 -36.02 -25.70
CA ILE A 464 -37.33 -37.04 -25.65
C ILE A 464 -36.07 -36.41 -25.11
N GLY A 465 -35.48 -37.01 -24.08
CA GLY A 465 -34.25 -36.50 -23.53
C GLY A 465 -34.27 -36.37 -22.01
N GLU A 466 -33.56 -35.38 -21.48
CA GLU A 466 -33.47 -35.15 -20.05
C GLU A 466 -33.76 -33.69 -19.73
N PRO A 467 -34.32 -33.41 -18.56
CA PRO A 467 -34.59 -32.02 -18.19
C PRO A 467 -33.32 -31.27 -17.81
N VAL A 468 -33.39 -29.94 -17.93
CA VAL A 468 -32.32 -29.04 -17.53
C VAL A 468 -32.92 -27.88 -16.77
N ASP A 469 -32.25 -27.44 -15.70
CA ASP A 469 -32.75 -26.38 -14.83
C ASP A 469 -32.27 -25.04 -15.35
N VAL A 470 -33.18 -24.26 -15.93
CA VAL A 470 -32.85 -22.94 -16.45
C VAL A 470 -33.33 -21.88 -15.48
N THR A 471 -34.45 -22.15 -14.80
CA THR A 471 -34.97 -21.22 -13.82
C THR A 471 -34.00 -21.03 -12.66
N ALA A 472 -33.27 -22.09 -12.30
CA ALA A 472 -32.24 -21.93 -11.29
C ALA A 472 -31.19 -20.92 -11.75
N ARG A 473 -30.76 -21.00 -13.01
CA ARG A 473 -29.78 -20.04 -13.53
C ARG A 473 -30.35 -18.62 -13.51
N ILE A 474 -31.61 -18.47 -13.91
CA ILE A 474 -32.23 -17.15 -13.91
C ILE A 474 -32.27 -16.58 -12.50
N LEU A 475 -32.60 -17.38 -11.49
CA LEU A 475 -32.64 -16.74 -10.15
C LEU A 475 -31.21 -16.55 -9.64
N GLU A 476 -30.29 -17.46 -9.97
CA GLU A 476 -28.92 -17.22 -9.53
C GLU A 476 -28.39 -15.91 -10.09
N THR A 477 -28.85 -15.52 -11.28
CA THR A 477 -28.35 -14.30 -11.93
C THR A 477 -28.44 -13.09 -11.00
N PHE A 478 -29.51 -13.00 -10.21
CA PHE A 478 -29.69 -11.85 -9.32
C PHE A 478 -29.22 -12.15 -7.90
N PHE A 479 -29.79 -13.16 -7.26
CA PHE A 479 -29.47 -13.51 -5.89
C PHE A 479 -28.56 -14.73 -5.85
N GLU A 480 -27.65 -14.76 -4.89
CA GLU A 480 -26.69 -15.85 -4.77
C GLU A 480 -26.79 -16.62 -3.46
N THR A 481 -27.43 -16.07 -2.44
CA THR A 481 -27.59 -16.77 -1.17
C THR A 481 -28.89 -16.32 -0.52
N GLU A 482 -29.07 -16.70 0.74
CA GLU A 482 -30.25 -16.29 1.50
C GLU A 482 -30.17 -14.84 1.97
N LYS A 483 -28.97 -14.38 2.33
CA LYS A 483 -28.84 -13.06 2.94
C LYS A 483 -29.03 -11.93 1.94
N ASN A 484 -28.81 -12.16 0.65
CA ASN A 484 -28.98 -11.10 -0.33
C ASN A 484 -30.39 -11.08 -0.90
N ALA A 485 -31.38 -11.15 -0.01
CA ALA A 485 -32.76 -10.99 -0.41
C ALA A 485 -33.60 -10.20 0.59
N ARG A 486 -33.12 -9.96 1.80
CA ARG A 486 -33.95 -9.44 2.89
C ARG A 486 -33.27 -8.26 3.57
N ILE A 487 -34.02 -7.58 4.41
CA ILE A 487 -33.54 -6.43 5.16
C ILE A 487 -33.92 -6.61 6.63
N PRO A 488 -33.19 -5.96 7.54
CA PRO A 488 -33.53 -6.07 8.96
C PRO A 488 -34.95 -5.60 9.26
N ILE A 489 -35.62 -6.36 10.12
CA ILE A 489 -37.00 -6.11 10.51
C ILE A 489 -37.09 -6.18 12.03
N ILE A 490 -37.85 -5.26 12.62
CA ILE A 490 -38.07 -5.20 14.07
C ILE A 490 -39.57 -5.24 14.32
N THR A 491 -39.98 -6.06 15.29
CA THR A 491 -41.40 -6.26 15.59
C THR A 491 -41.72 -5.79 17.00
N PHE A 492 -42.78 -5.00 17.10
CA PHE A 492 -43.27 -4.48 18.37
C PHE A 492 -44.71 -4.94 18.59
N ASN A 493 -45.12 -4.94 19.86
CA ASN A 493 -46.49 -5.25 20.24
C ASN A 493 -47.32 -3.99 20.50
N ARG A 494 -46.73 -2.99 21.12
CA ARG A 494 -47.42 -1.73 21.39
C ARG A 494 -46.37 -0.63 21.50
N VAL A 495 -46.58 0.47 20.77
CA VAL A 495 -45.60 1.55 20.73
C VAL A 495 -46.32 2.80 20.22
N SER A 496 -45.75 3.96 20.55
CA SER A 496 -46.28 5.25 20.13
C SER A 496 -45.29 5.91 19.16
N ILE A 497 -45.68 7.10 18.69
CA ILE A 497 -44.86 7.80 17.70
C ILE A 497 -43.53 8.25 18.30
N ARG A 498 -43.56 8.82 19.51
CA ARG A 498 -42.36 9.40 20.09
C ARG A 498 -41.28 8.36 20.31
N GLN A 499 -41.66 7.16 20.78
CA GLN A 499 -40.68 6.10 20.95
C GLN A 499 -40.08 5.69 19.61
N LEU A 500 -40.90 5.66 18.55
CA LEU A 500 -40.40 5.35 17.23
C LEU A 500 -39.38 6.39 16.76
N GLN A 501 -39.68 7.68 17.00
CA GLN A 501 -38.75 8.73 16.61
C GLN A 501 -37.43 8.60 17.38
N LYS A 502 -37.57 8.26 18.77
CA LYS A 502 -36.29 8.19 19.48
C LYS A 502 -35.46 7.00 19.01
N LEU A 503 -36.12 5.87 18.73
CA LEU A 503 -35.40 4.69 18.24
C LEU A 503 -34.75 4.97 16.89
N SER A 504 -35.47 5.64 15.99
CA SER A 504 -34.92 5.96 14.68
C SER A 504 -33.71 6.88 14.81
N ASP A 505 -33.79 7.88 15.68
CA ASP A 505 -32.66 8.77 15.89
C ASP A 505 -31.46 8.00 16.42
N ARG A 506 -31.68 7.14 17.41
CA ARG A 506 -30.58 6.37 17.99
C ARG A 506 -29.94 5.47 16.95
N ILE A 507 -30.75 4.83 16.09
CA ILE A 507 -30.19 3.99 15.05
C ILE A 507 -29.41 4.83 14.04
N LEU A 508 -29.95 5.99 13.66
CA LEU A 508 -29.29 6.85 12.70
C LEU A 508 -27.99 7.44 13.24
N MET A 509 -27.82 7.48 14.57
CA MET A 509 -26.57 7.96 15.12
C MET A 509 -25.38 7.12 14.67
N SER A 510 -25.59 5.84 14.37
CA SER A 510 -24.49 4.98 13.94
C SER A 510 -24.29 5.07 12.43
N HIS A 511 -25.31 4.74 11.65
CA HIS A 511 -25.25 4.87 10.20
C HIS A 511 -26.03 6.11 9.78
N PRO A 512 -25.37 7.15 9.27
CA PRO A 512 -26.06 8.40 8.97
C PRO A 512 -26.60 8.52 7.55
N ASP A 513 -26.48 7.48 6.73
CA ASP A 513 -26.96 7.52 5.36
C ASP A 513 -28.04 6.47 5.08
N TRP A 514 -28.60 5.85 6.11
CA TRP A 514 -29.60 4.82 5.93
C TRP A 514 -30.99 5.44 5.79
N THR A 515 -31.91 4.64 5.27
CA THR A 515 -33.33 4.98 5.20
C THR A 515 -34.11 3.97 6.02
N ILE A 516 -34.86 4.45 7.01
CA ILE A 516 -35.55 3.60 7.97
C ILE A 516 -37.04 3.87 7.87
N GLY A 517 -37.84 2.82 7.77
CA GLY A 517 -39.29 2.94 7.73
C GLY A 517 -39.90 2.40 9.01
N ALA A 518 -40.92 3.08 9.51
CA ALA A 518 -41.59 2.69 10.74
C ALA A 518 -43.09 2.80 10.55
N VAL A 519 -43.82 1.77 10.98
CA VAL A 519 -45.27 1.73 10.84
C VAL A 519 -45.90 1.29 12.15
N CYS A 520 -46.95 2.00 12.54
CA CYS A 520 -47.67 1.75 13.79
C CYS A 520 -49.14 2.09 13.56
N ARG A 521 -49.89 2.23 14.64
CA ARG A 521 -51.34 2.35 14.53
C ARG A 521 -51.83 3.77 14.28
N GLU A 522 -51.00 4.78 14.53
CA GLU A 522 -51.44 6.16 14.35
C GLU A 522 -50.53 6.99 13.46
N GLY A 523 -49.50 6.41 12.86
CA GLY A 523 -48.64 7.17 11.97
C GLY A 523 -47.67 6.27 11.24
N ILE A 524 -47.14 6.80 10.14
CA ILE A 524 -46.13 6.14 9.34
C ILE A 524 -44.98 7.10 9.15
N LEU A 525 -43.76 6.64 9.42
CA LEU A 525 -42.59 7.50 9.46
C LEU A 525 -41.51 7.01 8.51
N ILE A 526 -40.92 7.95 7.77
CA ILE A 526 -39.71 7.72 7.00
C ILE A 526 -38.62 8.57 7.64
N ASN A 527 -37.60 7.90 8.18
CA ASN A 527 -36.56 8.57 8.96
C ASN A 527 -37.18 9.37 10.11
N ARG A 528 -37.40 10.66 9.90
CA ARG A 528 -38.00 11.51 10.92
C ARG A 528 -39.19 12.32 10.42
N SER A 529 -39.56 12.20 9.16
CA SER A 529 -40.67 12.95 8.59
C SER A 529 -41.96 12.13 8.69
N GLU A 530 -43.08 12.82 8.46
CA GLU A 530 -44.40 12.22 8.57
C GLU A 530 -45.07 12.14 7.20
N LYS A 531 -45.77 11.04 6.96
CA LYS A 531 -46.48 10.80 5.71
C LYS A 531 -47.96 10.55 5.99
N ILE A 532 -48.69 10.17 4.95
CA ILE A 532 -50.12 9.93 5.03
C ILE A 532 -50.37 8.46 5.32
N LEU A 533 -51.35 8.18 6.17
CA LEU A 533 -51.70 6.81 6.56
C LEU A 533 -52.94 6.34 5.81
N ASN A 534 -52.96 5.06 5.47
CA ASN A 534 -54.05 4.44 4.74
C ASN A 534 -55.00 3.72 5.70
N ARG A 535 -56.28 3.67 5.31
CA ARG A 535 -57.27 3.01 6.16
C ARG A 535 -57.01 1.51 6.27
N HIS A 536 -56.63 0.87 5.16
CA HIS A 536 -56.27 -0.54 5.19
C HIS A 536 -54.87 -0.68 5.77
N TYR A 537 -54.73 -1.47 6.84
CA TYR A 537 -53.47 -1.48 7.58
C TYR A 537 -52.36 -2.17 6.80
N ASN A 538 -52.67 -3.22 6.06
CA ASN A 538 -51.63 -3.99 5.37
C ASN A 538 -51.09 -3.27 4.14
N THR A 539 -51.87 -2.39 3.52
CA THR A 539 -51.36 -1.64 2.37
C THR A 539 -50.21 -0.74 2.75
N ASN A 540 -50.19 -0.24 3.99
CA ASN A 540 -49.05 0.56 4.43
C ASN A 540 -47.77 -0.27 4.46
N VAL A 541 -47.85 -1.50 4.96
CA VAL A 541 -46.68 -2.37 4.98
C VAL A 541 -46.26 -2.72 3.56
N LEU A 542 -47.24 -2.96 2.68
CA LEU A 542 -46.91 -3.25 1.28
C LEU A 542 -46.19 -2.07 0.63
N ASN A 543 -46.69 -0.85 0.86
CA ASN A 543 -46.05 0.33 0.30
C ASN A 543 -44.65 0.52 0.84
N LEU A 544 -44.46 0.27 2.14
CA LEU A 544 -43.12 0.39 2.71
C LEU A 544 -42.17 -0.64 2.13
N LEU A 545 -42.65 -1.86 1.88
CA LEU A 545 -41.79 -2.88 1.29
C LEU A 545 -41.54 -2.64 -0.19
N ARG A 546 -42.40 -1.89 -0.88
CA ARG A 546 -42.19 -1.59 -2.28
C ARG A 546 -41.13 -0.51 -2.50
N ASN A 547 -40.80 0.26 -1.47
CA ASN A 547 -39.86 1.37 -1.62
C ASN A 547 -38.49 0.86 -2.06
N PRO A 548 -37.89 1.43 -3.11
CA PRO A 548 -36.63 0.90 -3.63
C PRO A 548 -35.40 1.44 -2.91
N LYS A 549 -35.60 2.08 -1.76
CA LYS A 549 -34.49 2.65 -1.02
C LYS A 549 -34.49 2.28 0.46
N LEU A 550 -35.39 1.41 0.90
CA LEU A 550 -35.48 1.09 2.32
C LEU A 550 -34.27 0.27 2.77
N ASP A 551 -33.84 0.52 4.01
CA ASP A 551 -32.73 -0.21 4.62
C ASP A 551 -33.11 -0.96 5.89
N LEU A 552 -34.17 -0.55 6.58
CA LEU A 552 -34.59 -1.20 7.81
C LEU A 552 -36.07 -0.94 8.03
N LEU A 553 -36.77 -1.95 8.55
CA LEU A 553 -38.21 -1.86 8.75
C LEU A 553 -38.55 -2.08 10.22
N ILE A 554 -39.46 -1.26 10.74
CA ILE A 554 -39.99 -1.40 12.09
C ILE A 554 -41.50 -1.44 12.00
N ALA A 555 -42.11 -2.47 12.58
CA ALA A 555 -43.54 -2.66 12.43
C ALA A 555 -44.18 -2.97 13.77
N GLU A 556 -45.35 -2.37 14.00
CA GLU A 556 -46.18 -2.69 15.15
C GLU A 556 -47.36 -3.55 14.71
N TYR A 557 -47.49 -4.73 15.31
CA TYR A 557 -48.58 -5.66 15.00
C TYR A 557 -49.27 -6.04 16.30
N ASP A 558 -50.54 -5.67 16.43
CA ASP A 558 -51.31 -5.97 17.62
C ASP A 558 -52.26 -7.13 17.35
N GLU A 559 -53.14 -7.42 18.31
CA GLU A 559 -54.00 -8.60 18.20
C GLU A 559 -55.07 -8.43 17.13
N ASP A 560 -55.59 -7.21 16.97
CA ASP A 560 -56.66 -6.99 16.01
C ASP A 560 -56.19 -7.27 14.59
N ALA A 561 -55.06 -6.69 14.20
CA ALA A 561 -54.52 -6.94 12.87
C ALA A 561 -54.09 -8.39 12.72
N LEU A 562 -53.54 -8.98 13.78
CA LEU A 562 -53.11 -10.38 13.71
C LEU A 562 -54.28 -11.29 13.41
N GLU A 563 -55.42 -11.07 14.08
CA GLU A 563 -56.59 -11.91 13.86
C GLU A 563 -57.30 -11.58 12.55
N ALA A 564 -57.23 -10.32 12.11
CA ALA A 564 -58.01 -9.90 10.94
C ALA A 564 -57.46 -10.53 9.65
N GLU A 565 -56.21 -10.23 9.31
CA GLU A 565 -55.62 -10.75 8.09
C GLU A 565 -54.24 -11.37 8.26
N GLY A 566 -53.57 -11.17 9.40
CA GLY A 566 -52.27 -11.76 9.60
C GLY A 566 -51.14 -10.88 9.09
N MET A 567 -49.92 -11.37 9.29
CA MET A 567 -48.72 -10.63 8.94
C MET A 567 -48.50 -10.64 7.42
N PHE A 568 -47.53 -9.84 6.99
CA PHE A 568 -47.13 -9.76 5.59
C PHE A 568 -45.73 -10.29 5.35
N TYR A 569 -44.79 -9.99 6.24
CA TYR A 569 -43.44 -10.51 6.17
C TYR A 569 -43.34 -11.81 6.95
N HIS A 570 -42.10 -12.29 7.14
CA HIS A 570 -41.88 -13.60 7.73
C HIS A 570 -40.76 -13.65 8.78
N GLY A 571 -39.83 -12.70 8.78
CA GLY A 571 -38.60 -12.88 9.52
C GLY A 571 -38.59 -12.49 10.98
N SER A 572 -38.85 -11.21 11.28
CA SER A 572 -38.88 -10.69 12.65
C SER A 572 -37.58 -11.00 13.39
N ASN A 573 -36.49 -10.37 12.90
CA ASN A 573 -35.17 -10.55 13.49
C ASN A 573 -35.15 -10.24 14.98
N LEU A 574 -35.77 -9.13 15.37
CA LEU A 574 -35.84 -8.73 16.77
C LEU A 574 -37.30 -8.56 17.16
N VAL A 575 -37.68 -9.12 18.31
CA VAL A 575 -39.05 -9.10 18.79
C VAL A 575 -39.08 -8.49 20.18
N VAL A 576 -39.96 -7.51 20.38
CA VAL A 576 -40.16 -6.90 21.69
C VAL A 576 -41.62 -7.09 22.08
N LEU A 577 -41.86 -7.63 23.27
CA LEU A 577 -43.22 -7.93 23.73
C LEU A 577 -43.38 -7.48 25.18
N GLU A 578 -44.52 -6.84 25.47
CA GLU A 578 -44.85 -6.44 26.83
C GLU A 578 -46.31 -6.80 27.00
N ASP A 579 -46.66 -7.38 28.14
CA ASP A 579 -48.03 -7.80 28.45
C ASP A 579 -48.70 -8.46 27.24
N PRO A 580 -48.26 -9.66 26.86
CA PRO A 580 -48.80 -10.30 25.66
C PRO A 580 -49.97 -11.21 25.95
N SER A 581 -50.96 -11.16 25.06
CA SER A 581 -52.08 -12.07 25.13
C SER A 581 -51.66 -13.44 24.58
N GLU A 582 -52.55 -14.43 24.73
CA GLU A 582 -52.24 -15.76 24.23
C GLU A 582 -52.07 -15.77 22.72
N ILE A 583 -52.82 -14.95 21.99
CA ILE A 583 -52.63 -14.85 20.55
C ILE A 583 -51.31 -14.17 20.23
N GLU A 584 -50.99 -13.10 20.96
CA GLU A 584 -49.80 -12.30 20.68
C GLU A 584 -48.49 -13.05 20.92
N MET A 585 -48.53 -14.21 21.58
CA MET A 585 -47.34 -15.03 21.70
C MET A 585 -46.96 -15.72 20.40
N ILE A 586 -47.88 -15.78 19.43
CA ILE A 586 -47.61 -16.46 18.17
C ILE A 586 -46.46 -15.80 17.42
N LEU A 587 -46.12 -14.57 17.76
CA LEU A 587 -44.98 -13.89 17.14
C LEU A 587 -43.65 -14.49 17.56
N THR A 588 -43.62 -15.33 18.58
CA THR A 588 -42.35 -15.85 19.10
C THR A 588 -41.81 -17.03 18.32
N ARG A 589 -42.61 -17.65 17.44
CA ARG A 589 -42.17 -18.83 16.73
C ARG A 589 -41.59 -18.54 15.35
N ASP A 590 -41.79 -17.34 14.81
CA ASP A 590 -41.24 -16.98 13.51
C ASP A 590 -39.96 -16.17 13.74
N VAL A 591 -38.90 -16.90 14.09
CA VAL A 591 -37.59 -16.30 14.33
C VAL A 591 -36.54 -17.12 13.59
N PHE A 592 -35.37 -16.51 13.42
CA PHE A 592 -34.21 -17.21 12.87
C PHE A 592 -33.33 -17.72 14.00
N SER A 593 -32.19 -18.30 13.62
CA SER A 593 -31.26 -18.82 14.63
C SER A 593 -30.67 -17.69 15.46
N ASP A 594 -30.21 -16.62 14.81
CA ASP A 594 -29.62 -15.48 15.50
C ASP A 594 -30.66 -14.38 15.68
N SER A 595 -31.67 -14.67 16.49
CA SER A 595 -32.74 -13.72 16.77
C SER A 595 -32.57 -13.18 18.18
N THR A 596 -33.52 -12.34 18.61
CA THR A 596 -33.50 -11.77 19.95
C THR A 596 -34.92 -11.41 20.35
N VAL A 597 -35.42 -12.04 21.41
CA VAL A 597 -36.76 -11.83 21.91
C VAL A 597 -36.67 -11.27 23.32
N ILE A 598 -37.37 -10.16 23.57
CA ILE A 598 -37.43 -9.54 24.88
C ILE A 598 -38.87 -9.57 25.35
N ILE A 599 -39.11 -10.03 26.57
CA ILE A 599 -40.45 -10.21 27.11
C ILE A 599 -40.56 -9.46 28.44
N LYS A 600 -41.63 -8.71 28.61
CA LYS A 600 -41.95 -8.06 29.87
C LYS A 600 -43.28 -8.59 30.38
N GLN A 601 -43.29 -9.10 31.61
CA GLN A 601 -44.51 -9.59 32.25
C GLN A 601 -44.61 -8.94 33.62
N GLY A 602 -45.44 -7.90 33.72
CA GLY A 602 -45.56 -7.19 34.99
C GLY A 602 -44.24 -6.52 35.34
N ARG A 603 -43.65 -6.97 36.45
CA ARG A 603 -42.36 -6.47 36.90
C ARG A 603 -41.21 -7.41 36.55
N GLU A 604 -41.46 -8.44 35.74
CA GLU A 604 -40.44 -9.40 35.37
C GLU A 604 -39.97 -9.13 33.94
N ILE A 605 -38.64 -9.23 33.74
CA ILE A 605 -38.01 -8.99 32.47
C ILE A 605 -37.27 -10.26 32.07
N THR A 606 -37.52 -10.74 30.85
CA THR A 606 -36.94 -11.97 30.34
C THR A 606 -36.23 -11.69 29.02
N ILE A 607 -34.97 -12.10 28.92
CA ILE A 607 -34.18 -11.97 27.70
C ILE A 607 -33.95 -13.36 27.15
N LYS A 608 -34.29 -13.56 25.87
CA LYS A 608 -34.20 -14.84 25.20
C LYS A 608 -33.16 -14.76 24.08
N ARG A 609 -32.01 -14.17 24.39
CA ARG A 609 -30.91 -14.13 23.45
C ARG A 609 -30.48 -15.55 23.08
N LYS A 610 -29.97 -15.71 21.85
CA LYS A 610 -29.62 -17.04 21.36
C LYS A 610 -28.55 -17.71 22.20
N GLY A 611 -27.80 -16.96 23.00
CA GLY A 611 -26.77 -17.53 23.85
C GLY A 611 -27.31 -18.17 25.11
N LEU A 612 -28.02 -17.40 25.92
CA LEU A 612 -28.51 -17.88 27.21
C LEU A 612 -29.82 -17.19 27.53
N LEU A 613 -30.60 -17.81 28.42
CA LEU A 613 -31.89 -17.30 28.87
C LEU A 613 -31.67 -16.56 30.18
N GLU A 614 -32.08 -15.29 30.22
CA GLU A 614 -31.88 -14.47 31.40
C GLU A 614 -33.20 -13.95 31.96
N GLN A 615 -33.26 -13.84 33.28
CA GLN A 615 -34.44 -13.36 33.97
C GLN A 615 -34.01 -12.34 35.02
N TYR A 616 -34.84 -11.32 35.23
CA TYR A 616 -34.51 -10.25 36.17
C TYR A 616 -35.79 -9.55 36.59
N GLU A 617 -35.74 -8.88 37.74
CA GLU A 617 -36.90 -8.22 38.33
C GLU A 617 -36.79 -6.70 38.21
N LEU A 618 -37.79 -6.10 37.57
CA LEU A 618 -37.73 -4.69 37.18
C LEU A 618 -37.91 -3.78 38.39
N GLU A 619 -37.65 -2.48 38.21
CA GLU A 619 -37.67 -1.51 39.31
C GLU A 619 -38.87 -0.58 39.18
N ALA A 620 -38.98 0.41 40.05
CA ALA A 620 -40.06 1.38 40.04
C ALA A 620 -39.71 2.54 39.11
N GLU A 621 -40.69 2.98 38.33
CA GLU A 621 -40.57 4.06 37.35
C GLU A 621 -39.56 3.76 36.25
N GLU A 622 -39.18 2.49 36.09
CA GLU A 622 -38.31 2.08 35.00
C GLU A 622 -39.16 1.77 33.76
N LEU A 623 -38.53 1.84 32.59
CA LEU A 623 -39.29 1.71 31.35
C LEU A 623 -38.56 0.73 30.44
N ILE A 624 -39.31 0.10 29.53
CA ILE A 624 -38.71 -0.83 28.58
C ILE A 624 -37.85 -0.12 27.54
N GLU A 625 -38.03 1.20 27.40
CA GLU A 625 -37.11 1.98 26.58
C GLU A 625 -35.67 1.65 26.93
N GLN A 626 -35.26 1.96 28.17
CA GLN A 626 -33.95 1.52 28.64
C GLN A 626 -33.67 0.05 28.45
N VAL A 627 -34.70 -0.80 28.37
CA VAL A 627 -34.42 -2.21 28.15
C VAL A 627 -33.88 -2.45 26.74
N TYR A 628 -34.51 -1.86 25.71
CA TYR A 628 -34.03 -2.16 24.37
C TYR A 628 -32.95 -1.20 23.86
N LEU A 629 -32.99 0.07 24.28
CA LEU A 629 -32.05 1.08 23.81
C LEU A 629 -30.59 0.64 23.92
N LYS A 630 -30.28 -0.38 24.70
CA LYS A 630 -28.93 -0.94 24.74
C LYS A 630 -28.76 -2.15 23.84
N GLU A 631 -29.81 -2.96 23.64
CA GLU A 631 -29.68 -4.13 22.77
C GLU A 631 -29.79 -3.76 21.30
N ILE A 632 -30.25 -2.55 21.00
CA ILE A 632 -30.33 -2.09 19.61
C ILE A 632 -28.94 -1.98 19.01
N GLY A 633 -27.90 -2.07 19.84
CA GLY A 633 -26.53 -1.91 19.40
C GLY A 633 -26.02 -3.01 18.48
N THR A 634 -26.76 -4.13 18.36
CA THR A 634 -26.34 -5.24 17.51
C THR A 634 -27.51 -5.61 16.60
N ILE A 635 -27.60 -4.93 15.45
CA ILE A 635 -28.62 -5.25 14.45
C ILE A 635 -27.95 -5.67 13.15
N SER A 636 -26.84 -5.03 12.80
CA SER A 636 -26.11 -5.34 11.58
C SER A 636 -24.69 -4.80 11.65
N ALA B 6 -16.73 17.45 -61.87
CA ALA B 6 -17.83 16.49 -61.93
C ALA B 6 -19.13 17.11 -61.46
N VAL B 7 -19.17 18.45 -61.43
CA VAL B 7 -20.36 19.18 -61.02
C VAL B 7 -21.24 19.44 -62.24
N GLU B 8 -22.13 18.49 -62.54
CA GLU B 8 -23.03 18.62 -63.69
C GLU B 8 -23.93 19.84 -63.64
N PRO B 9 -24.57 20.20 -62.52
CA PRO B 9 -25.37 21.43 -62.49
C PRO B 9 -24.57 22.70 -62.69
N VAL B 10 -23.24 22.63 -62.56
CA VAL B 10 -22.32 23.77 -62.66
C VAL B 10 -22.92 24.99 -61.95
N ARG B 11 -23.49 24.75 -60.77
CA ARG B 11 -24.05 25.78 -59.89
C ARG B 11 -25.30 26.43 -60.48
N ILE B 12 -25.68 26.06 -61.70
CA ILE B 12 -26.81 26.65 -62.41
C ILE B 12 -26.26 28.03 -62.82
N ASN B 13 -25.80 28.81 -61.83
CA ASN B 13 -25.30 30.15 -62.09
C ASN B 13 -23.81 30.13 -62.41
N ALA B 14 -23.47 29.79 -63.65
CA ALA B 14 -22.09 29.84 -64.13
C ALA B 14 -22.43 30.74 -65.31
N ARG B 15 -21.42 31.42 -65.83
CA ARG B 15 -21.55 32.21 -67.05
C ARG B 15 -20.05 32.23 -67.38
N THR B 16 -19.69 32.92 -68.45
CA THR B 16 -18.27 33.08 -68.78
C THR B 16 -17.67 34.17 -67.92
N THR B 17 -16.40 34.49 -68.15
CA THR B 17 -15.66 35.51 -67.39
C THR B 17 -15.68 35.20 -65.89
N ASP B 18 -15.09 34.06 -65.56
CA ASP B 18 -14.96 33.63 -64.17
C ASP B 18 -13.49 33.63 -63.76
N VAL B 19 -13.30 33.99 -62.56
CA VAL B 19 -11.93 34.25 -62.10
C VAL B 19 -11.46 33.15 -61.14
N PHE B 20 -12.31 32.42 -60.58
CA PHE B 20 -11.94 31.41 -59.59
C PHE B 20 -12.43 30.02 -59.99
N ASP B 21 -11.66 28.96 -59.49
CA ASP B 21 -12.17 27.62 -59.71
C ASP B 21 -12.01 26.78 -58.45
N ILE B 22 -12.96 25.97 -58.14
CA ILE B 22 -12.97 25.07 -57.00
C ILE B 22 -13.07 23.65 -57.54
N PHE B 23 -12.23 22.74 -57.05
CA PHE B 23 -12.40 21.35 -57.48
C PHE B 23 -11.88 20.36 -56.44
N ASN B 24 -12.23 19.10 -56.67
CA ASN B 24 -11.75 17.93 -55.91
C ASN B 24 -12.09 18.07 -54.42
N VAL B 25 -13.40 18.05 -54.15
CA VAL B 25 -13.91 18.11 -52.80
C VAL B 25 -13.87 16.71 -52.18
N LYS B 26 -13.32 16.61 -50.98
CA LYS B 26 -13.25 15.37 -50.22
C LYS B 26 -13.66 15.63 -48.79
N GLN B 27 -14.13 14.58 -48.12
CA GLN B 27 -14.61 14.65 -46.74
C GLN B 27 -13.81 13.69 -45.88
N TYR B 28 -13.31 14.19 -44.74
CA TYR B 28 -12.57 13.39 -43.79
C TYR B 28 -13.36 13.30 -42.49
N VAL B 29 -13.50 12.08 -41.97
CA VAL B 29 -14.32 11.84 -40.78
C VAL B 29 -13.55 12.00 -39.48
N GLY B 30 -12.26 12.22 -39.53
CA GLY B 30 -11.48 12.38 -38.32
C GLY B 30 -10.22 13.17 -38.57
N ALA B 31 -9.20 12.87 -37.76
CA ALA B 31 -7.92 13.54 -37.91
C ALA B 31 -7.33 13.26 -39.28
N ASN B 32 -6.82 14.31 -39.93
CA ASN B 32 -6.32 14.24 -41.29
C ASN B 32 -5.02 15.02 -41.41
N PRO B 33 -4.25 14.83 -42.48
CA PRO B 33 -2.98 15.57 -42.61
C PRO B 33 -3.15 17.08 -42.74
N TYR B 34 -4.39 17.57 -42.66
CA TYR B 34 -4.65 19.01 -42.76
C TYR B 34 -5.33 19.60 -41.54
N LEU B 35 -5.99 18.80 -40.72
CA LEU B 35 -6.68 19.31 -39.53
C LEU B 35 -6.83 18.18 -38.53
N ASN B 36 -7.11 18.54 -37.29
CA ASN B 36 -7.27 17.58 -36.21
C ASN B 36 -8.72 17.22 -35.94
N GLN B 37 -9.65 17.64 -36.80
CA GLN B 37 -11.06 17.31 -36.68
C GLN B 37 -11.58 16.85 -38.03
N ALA B 38 -12.79 16.31 -38.02
CA ALA B 38 -13.46 15.98 -39.27
C ALA B 38 -13.69 17.24 -40.08
N ALA B 39 -13.45 17.16 -41.38
CA ALA B 39 -13.41 18.38 -42.19
C ALA B 39 -13.74 18.08 -43.63
N LEU B 40 -13.82 19.15 -44.41
CA LEU B 40 -14.02 19.10 -45.85
C LEU B 40 -12.89 19.86 -46.52
N VAL B 41 -12.26 19.24 -47.52
CA VAL B 41 -11.07 19.79 -48.16
C VAL B 41 -11.33 19.92 -49.66
N PHE B 42 -10.88 21.03 -50.23
CA PHE B 42 -10.99 21.25 -51.66
C PHE B 42 -9.76 22.02 -52.15
N ASP B 43 -9.63 22.17 -53.47
CA ASP B 43 -8.53 22.91 -54.07
C ASP B 43 -9.05 24.17 -54.74
N PHE B 44 -8.46 25.30 -54.37
CA PHE B 44 -8.62 26.60 -54.99
C PHE B 44 -7.73 26.69 -56.22
N ALA B 45 -8.11 27.48 -57.18
CA ALA B 45 -7.25 27.67 -58.39
C ALA B 45 -7.65 28.91 -59.16
N PHE B 46 -6.67 29.54 -59.79
CA PHE B 46 -6.86 30.77 -60.56
C PHE B 46 -6.94 30.65 -62.07
N THR B 47 -8.00 31.15 -62.70
CA THR B 47 -8.07 31.15 -64.16
C THR B 47 -7.10 32.19 -64.73
N GLU B 48 -6.68 31.95 -65.97
CA GLU B 48 -5.68 32.79 -66.63
C GLU B 48 -6.28 33.52 -67.83
N SER B 49 -7.50 34.03 -67.69
CA SER B 49 -8.17 34.74 -68.76
C SER B 49 -8.62 36.14 -68.39
N TYR B 50 -9.04 36.37 -67.14
CA TYR B 50 -9.46 37.68 -66.69
C TYR B 50 -8.87 37.97 -65.32
N GLN B 51 -8.42 39.21 -65.13
CA GLN B 51 -7.80 39.61 -63.88
C GLN B 51 -8.86 40.05 -62.88
N PRO B 52 -8.72 39.71 -61.60
CA PRO B 52 -9.71 40.10 -60.60
C PRO B 52 -9.48 41.52 -60.09
N LEU B 53 -10.51 42.00 -59.42
CA LEU B 53 -10.42 43.31 -58.82
C LEU B 53 -9.58 43.24 -57.55
N PRO B 54 -8.90 44.33 -57.19
CA PRO B 54 -8.01 44.30 -56.01
C PRO B 54 -8.72 43.88 -54.74
N ILE B 55 -7.90 43.51 -53.73
CA ILE B 55 -8.43 42.93 -52.50
C ILE B 55 -9.16 43.97 -51.66
N GLU B 56 -8.85 45.26 -51.85
CA GLU B 56 -9.37 46.29 -50.95
C GLU B 56 -10.89 46.37 -51.02
N ASN B 57 -11.45 46.43 -52.22
CA ASN B 57 -12.90 46.52 -52.34
C ASN B 57 -13.57 45.23 -51.92
N TYR B 58 -12.91 44.09 -52.17
CA TYR B 58 -13.42 42.81 -51.68
C TYR B 58 -13.61 42.86 -50.17
N LEU B 59 -12.55 43.27 -49.45
CA LEU B 59 -12.62 43.34 -48.00
C LEU B 59 -13.66 44.36 -47.55
N ALA B 60 -13.73 45.51 -48.24
CA ALA B 60 -14.68 46.54 -47.84
C ALA B 60 -16.11 46.07 -47.99
N VAL B 61 -16.42 45.38 -49.09
CA VAL B 61 -17.81 44.98 -49.34
C VAL B 61 -18.17 43.75 -48.52
N VAL B 62 -17.17 42.96 -48.11
CA VAL B 62 -17.47 41.79 -47.29
C VAL B 62 -17.43 42.07 -45.81
N GLY B 63 -16.87 43.21 -45.39
CA GLY B 63 -16.71 43.46 -43.97
C GLY B 63 -17.94 44.00 -43.27
N ASP B 64 -18.82 44.70 -44.00
CA ASP B 64 -19.98 45.30 -43.36
C ASP B 64 -20.95 44.24 -42.85
N ARG B 65 -21.17 43.18 -43.63
CA ARG B 65 -22.09 42.14 -43.22
C ARG B 65 -21.59 41.42 -41.97
N TYR B 66 -20.30 41.12 -41.92
CA TYR B 66 -19.69 40.46 -40.77
C TYR B 66 -18.44 41.24 -40.35
N PRO B 67 -18.49 41.97 -39.24
CA PRO B 67 -17.34 42.80 -38.85
C PRO B 67 -16.13 42.00 -38.39
N ARG B 68 -16.25 40.69 -38.20
CA ARG B 68 -15.19 39.94 -37.55
C ARG B 68 -13.98 39.69 -38.45
N LEU B 69 -14.08 39.97 -39.75
CA LEU B 69 -12.98 39.65 -40.65
C LEU B 69 -12.07 40.84 -40.94
N LYS B 70 -12.37 42.03 -40.44
CA LYS B 70 -11.50 43.18 -40.71
C LYS B 70 -10.40 43.36 -39.68
N GLU B 71 -10.41 42.59 -38.59
CA GLU B 71 -9.40 42.76 -37.55
C GLU B 71 -8.05 42.25 -38.00
N ILE B 72 -8.02 41.08 -38.62
CA ILE B 72 -6.77 40.44 -39.02
C ILE B 72 -6.50 40.74 -40.49
N GLU B 73 -5.34 41.30 -40.78
CA GLU B 73 -4.96 41.63 -42.15
C GLU B 73 -4.47 40.39 -42.88
N TYR B 74 -4.80 40.28 -44.16
CA TYR B 74 -4.50 39.12 -44.97
C TYR B 74 -3.41 39.44 -45.98
N GLN B 75 -2.98 38.40 -46.69
CA GLN B 75 -1.94 38.51 -47.70
C GLN B 75 -2.30 37.82 -49.00
N SER B 76 -3.34 36.99 -49.03
CA SER B 76 -3.69 36.25 -50.23
C SER B 76 -5.21 36.12 -50.32
N TYR B 77 -5.68 35.79 -51.53
CA TYR B 77 -7.11 35.62 -51.76
C TYR B 77 -7.65 34.40 -51.00
N ALA B 78 -6.84 33.36 -50.88
CA ALA B 78 -7.29 32.13 -50.23
C ALA B 78 -7.65 32.37 -48.77
N GLU B 79 -6.87 33.20 -48.08
CA GLU B 79 -7.18 33.51 -46.68
C GLU B 79 -8.53 34.20 -46.56
N LEU B 80 -8.81 35.17 -47.43
CA LEU B 80 -10.11 35.83 -47.40
C LEU B 80 -11.24 34.85 -47.69
N PHE B 81 -11.05 33.98 -48.69
CA PHE B 81 -12.08 33.02 -49.03
C PHE B 81 -12.36 32.08 -47.86
N ALA B 82 -11.30 31.57 -47.23
CA ALA B 82 -11.46 30.66 -46.10
C ALA B 82 -12.13 31.35 -44.93
N SER B 83 -11.74 32.58 -44.62
CA SER B 83 -12.36 33.29 -43.51
C SER B 83 -13.84 33.52 -43.78
N THR B 84 -14.18 33.92 -45.00
CA THR B 84 -15.59 34.14 -45.32
C THR B 84 -16.39 32.85 -45.21
N VAL B 85 -15.83 31.74 -45.72
CA VAL B 85 -16.55 30.47 -45.65
C VAL B 85 -16.74 30.05 -44.20
N ALA B 86 -15.70 30.20 -43.38
CA ALA B 86 -15.81 29.82 -41.97
C ALA B 86 -16.86 30.67 -41.25
N GLU B 87 -16.88 31.98 -41.53
CA GLU B 87 -17.86 32.84 -40.88
C GLU B 87 -19.28 32.49 -41.31
N VAL B 88 -19.47 32.20 -42.61
CA VAL B 88 -20.81 31.88 -43.10
C VAL B 88 -21.27 30.52 -42.58
N ASN B 89 -20.33 29.60 -42.33
CA ASN B 89 -20.69 28.23 -41.97
C ASN B 89 -21.47 28.14 -40.67
N LYS B 90 -21.45 29.19 -39.84
CA LYS B 90 -22.17 29.15 -38.58
C LYS B 90 -23.67 29.33 -38.73
N LEU B 91 -24.15 29.68 -39.93
CA LEU B 91 -25.58 29.77 -40.24
C LEU B 91 -26.31 30.77 -39.34
N GLU B 92 -25.59 31.75 -38.82
CA GLU B 92 -26.16 32.79 -37.96
C GLU B 92 -26.86 32.20 -36.75
N MET B 93 -26.30 31.12 -36.22
CA MET B 93 -26.82 30.49 -35.01
C MET B 93 -25.76 30.27 -33.95
N ASP B 94 -24.54 30.76 -34.17
CA ASP B 94 -23.43 30.64 -33.22
C ASP B 94 -23.14 29.17 -32.90
N LEU B 95 -22.82 28.40 -33.94
CA LEU B 95 -22.39 27.03 -33.75
C LEU B 95 -20.96 27.00 -33.24
N HIS B 96 -20.57 25.85 -32.68
CA HIS B 96 -19.23 25.68 -32.14
C HIS B 96 -18.21 25.27 -33.19
N LEU B 97 -18.50 25.51 -34.47
CA LEU B 97 -17.63 25.10 -35.56
C LEU B 97 -16.76 26.28 -35.96
N LYS B 98 -15.48 26.23 -35.58
CA LYS B 98 -14.53 27.27 -35.94
C LYS B 98 -13.17 26.64 -36.16
N GLY B 99 -12.50 27.05 -37.23
CA GLY B 99 -11.21 26.49 -37.56
C GLY B 99 -11.05 26.19 -39.04
N TRP B 100 -9.96 26.67 -39.63
CA TRP B 100 -9.72 26.49 -41.06
C TRP B 100 -8.22 26.40 -41.29
N ASN B 101 -7.85 25.83 -42.44
CA ASN B 101 -6.45 25.68 -42.79
C ASN B 101 -6.25 25.89 -44.28
N VAL B 102 -5.14 26.53 -44.63
CA VAL B 102 -4.77 26.80 -46.02
C VAL B 102 -3.35 26.30 -46.24
N LYS B 103 -3.14 25.55 -47.31
CA LYS B 103 -1.80 25.05 -47.60
C LYS B 103 -1.43 25.30 -49.06
N PRO B 104 -0.37 26.07 -49.32
CA PRO B 104 0.06 26.38 -50.70
C PRO B 104 0.95 25.30 -51.33
N ILE B 105 0.32 24.28 -51.89
CA ILE B 105 1.05 23.21 -52.58
C ILE B 105 1.19 23.56 -54.05
N GLU B 106 2.41 23.47 -54.56
CA GLU B 106 2.75 23.78 -55.95
C GLU B 106 2.27 25.20 -56.24
N GLU B 107 1.28 25.40 -57.10
CA GLU B 107 0.70 26.72 -57.31
C GLU B 107 -0.78 26.79 -56.96
N ILE B 108 -1.38 25.71 -56.46
CA ILE B 108 -2.80 25.66 -56.15
C ILE B 108 -2.97 25.36 -54.68
N ASN B 109 -3.75 26.18 -53.99
CA ASN B 109 -3.90 26.06 -52.56
C ASN B 109 -4.96 25.02 -52.21
N ARG B 110 -4.73 24.30 -51.11
CA ARG B 110 -5.72 23.39 -50.56
C ARG B 110 -6.34 23.99 -49.31
N ILE B 111 -7.66 24.02 -49.27
CA ILE B 111 -8.42 24.64 -48.19
C ILE B 111 -9.15 23.54 -47.44
N ALA B 112 -8.99 23.53 -46.11
CA ALA B 112 -9.68 22.60 -45.23
C ALA B 112 -10.56 23.38 -44.26
N ILE B 113 -11.83 23.00 -44.18
CA ILE B 113 -12.81 23.66 -43.32
C ILE B 113 -13.41 22.63 -42.38
N GLU B 114 -13.41 22.93 -41.08
CA GLU B 114 -14.02 22.04 -40.12
C GLU B 114 -15.52 21.99 -40.30
N SER B 115 -16.10 20.79 -40.23
CA SER B 115 -17.51 20.61 -40.50
C SER B 115 -18.08 19.52 -39.62
N LEU B 116 -19.40 19.59 -39.41
CA LEU B 116 -20.15 18.56 -38.71
C LEU B 116 -21.08 17.81 -39.66
N HIS B 117 -21.88 18.54 -40.43
CA HIS B 117 -22.67 17.96 -41.51
C HIS B 117 -22.04 18.40 -42.83
N HIS B 118 -21.64 17.44 -43.65
CA HIS B 118 -20.81 17.75 -44.81
C HIS B 118 -21.61 18.44 -45.90
N ARG B 119 -22.85 18.00 -46.12
CA ARG B 119 -23.65 18.58 -47.20
C ARG B 119 -23.90 20.07 -46.98
N THR B 120 -24.18 20.45 -45.75
CA THR B 120 -24.40 21.86 -45.45
C THR B 120 -23.15 22.68 -45.76
N THR B 121 -21.98 22.17 -45.40
CA THR B 121 -20.74 22.90 -45.69
C THR B 121 -20.51 23.00 -47.19
N LYS B 122 -20.81 21.94 -47.94
CA LYS B 122 -20.64 22.01 -49.38
C LYS B 122 -21.55 23.07 -50.00
N GLU B 123 -22.81 23.11 -49.60
CA GLU B 123 -23.71 24.12 -50.12
C GLU B 123 -23.29 25.52 -49.70
N VAL B 124 -22.75 25.65 -48.48
CA VAL B 124 -22.25 26.95 -48.03
C VAL B 124 -21.10 27.42 -48.91
N VAL B 125 -20.18 26.51 -49.24
CA VAL B 125 -19.03 26.90 -50.06
C VAL B 125 -19.49 27.27 -51.47
N TYR B 126 -20.50 26.56 -51.98
CA TYR B 126 -21.04 26.92 -53.29
C TYR B 126 -21.68 28.30 -53.26
N CYS B 127 -22.45 28.59 -52.20
CA CYS B 127 -23.08 29.90 -52.09
C CYS B 127 -22.05 31.01 -51.98
N VAL B 128 -20.97 30.76 -51.24
CA VAL B 128 -19.92 31.77 -51.10
C VAL B 128 -19.21 31.99 -52.43
N TRP B 129 -19.00 30.91 -53.18
CA TRP B 129 -18.42 31.05 -54.52
C TRP B 129 -19.31 31.91 -55.40
N ASP B 130 -20.63 31.67 -55.36
CA ASP B 130 -21.56 32.48 -56.14
C ASP B 130 -21.52 33.94 -55.71
N TRP B 131 -21.46 34.18 -54.39
CA TRP B 131 -21.41 35.55 -53.89
C TRP B 131 -20.15 36.28 -54.37
N PHE B 132 -19.01 35.59 -54.32
CA PHE B 132 -17.78 36.20 -54.81
C PHE B 132 -17.85 36.48 -56.31
N GLU B 133 -18.42 35.55 -57.08
CA GLU B 133 -18.53 35.79 -58.51
C GLU B 133 -19.49 36.94 -58.79
N PHE B 134 -20.47 37.16 -57.92
CA PHE B 134 -21.34 38.31 -58.13
C PHE B 134 -20.67 39.61 -57.74
N ILE B 135 -19.85 39.59 -56.68
CA ILE B 135 -19.22 40.84 -56.24
C ILE B 135 -18.11 41.26 -57.20
N THR B 136 -17.45 40.31 -57.85
CA THR B 136 -16.39 40.70 -58.79
C THR B 136 -16.96 41.52 -59.94
N GLN B 137 -18.25 41.38 -60.22
CA GLN B 137 -18.96 42.21 -61.18
C GLN B 137 -19.84 43.20 -60.43
N GLY B 138 -20.45 44.12 -61.18
CA GLY B 138 -21.27 45.14 -60.58
C GLY B 138 -22.74 44.79 -60.46
N GLU B 139 -23.08 43.84 -59.58
CA GLU B 139 -24.46 43.42 -59.39
C GLU B 139 -24.72 43.24 -57.90
N GLU B 140 -25.93 42.80 -57.58
CA GLU B 140 -26.35 42.52 -56.21
C GLU B 140 -26.78 41.07 -56.10
N PHE B 141 -26.46 40.46 -54.96
CA PHE B 141 -26.73 39.04 -54.72
C PHE B 141 -27.60 38.90 -53.49
N ASP B 142 -28.71 38.18 -53.64
CA ASP B 142 -29.60 37.92 -52.51
C ASP B 142 -29.04 36.77 -51.67
N LEU B 143 -28.86 37.02 -50.38
CA LEU B 143 -28.18 36.07 -49.50
C LEU B 143 -29.07 35.56 -48.37
N SER B 144 -30.07 36.34 -47.95
CA SER B 144 -30.88 35.93 -46.81
C SER B 144 -31.68 34.66 -47.08
N LYS B 145 -32.27 34.56 -48.28
CA LYS B 145 -33.06 33.37 -48.59
C LYS B 145 -32.18 32.13 -48.68
N GLN B 146 -30.97 32.28 -49.21
CA GLN B 146 -30.04 31.16 -49.21
C GLN B 146 -29.70 30.71 -47.80
N ILE B 147 -29.50 31.67 -46.89
CA ILE B 147 -29.22 31.33 -45.50
C ILE B 147 -30.40 30.59 -44.87
N ALA B 148 -31.62 31.05 -45.16
CA ALA B 148 -32.80 30.38 -44.63
C ALA B 148 -32.91 28.95 -45.15
N ILE B 149 -32.64 28.76 -46.45
CA ILE B 149 -32.69 27.42 -47.02
C ILE B 149 -31.64 26.53 -46.38
N LEU B 150 -30.44 27.07 -46.16
CA LEU B 150 -29.38 26.28 -45.51
C LEU B 150 -29.77 25.90 -44.09
N GLN B 151 -30.37 26.83 -43.34
CA GLN B 151 -30.80 26.51 -41.99
C GLN B 151 -31.85 25.41 -42.00
N GLN B 152 -32.81 25.49 -42.92
CA GLN B 152 -33.83 24.46 -43.02
C GLN B 152 -33.20 23.11 -43.38
N LEU B 153 -32.21 23.12 -44.28
CA LEU B 153 -31.53 21.88 -44.63
C LEU B 153 -30.80 21.28 -43.43
N PHE B 154 -30.14 22.13 -42.64
CA PHE B 154 -29.40 21.63 -41.49
C PHE B 154 -30.33 21.08 -40.41
N ARG B 155 -31.46 21.74 -40.19
CA ARG B 155 -32.33 21.37 -39.07
C ARG B 155 -33.07 20.05 -39.29
N ASN B 156 -33.04 19.49 -40.50
CA ASN B 156 -33.72 18.22 -40.77
C ASN B 156 -32.76 17.06 -40.89
N SER B 157 -31.54 17.20 -40.38
CA SER B 157 -30.56 16.13 -40.40
C SER B 157 -30.61 15.36 -39.08
N VAL B 158 -29.64 14.45 -38.91
CA VAL B 158 -29.54 13.69 -37.66
C VAL B 158 -28.71 14.41 -36.61
N TYR B 159 -28.14 15.56 -36.94
CA TYR B 159 -27.40 16.37 -35.99
C TYR B 159 -28.10 17.67 -35.62
N GLY B 160 -29.23 17.97 -36.24
CA GLY B 160 -29.86 19.26 -36.10
C GLY B 160 -31.05 19.35 -35.16
N GLY B 161 -31.33 18.30 -34.41
CA GLY B 161 -32.42 18.33 -33.46
C GLY B 161 -32.18 19.36 -32.37
N PRO B 162 -33.27 19.95 -31.85
CA PRO B 162 -33.11 20.98 -30.81
C PRO B 162 -32.42 20.47 -29.56
N THR B 163 -32.65 19.21 -29.18
CA THR B 163 -32.02 18.63 -28.01
C THR B 163 -30.72 17.93 -28.36
N VAL B 164 -30.66 17.28 -29.52
CA VAL B 164 -29.46 16.56 -29.92
C VAL B 164 -28.28 17.52 -30.04
N TYR B 165 -28.51 18.68 -30.66
CA TYR B 165 -27.41 19.62 -30.82
C TYR B 165 -26.97 20.21 -29.48
N ALA B 166 -27.90 20.45 -28.56
CA ALA B 166 -27.51 20.94 -27.25
C ALA B 166 -26.65 19.92 -26.51
N LEU B 167 -27.04 18.64 -26.59
CA LEU B 167 -26.23 17.59 -25.97
C LEU B 167 -24.86 17.51 -26.62
N LEU B 168 -24.80 17.64 -27.95
CA LEU B 168 -23.51 17.60 -28.64
C LEU B 168 -22.61 18.76 -28.22
N ARG B 169 -23.19 19.96 -28.10
CA ARG B 169 -22.40 21.10 -27.69
C ARG B 169 -21.87 20.94 -26.26
N THR B 170 -22.72 20.42 -25.35
CA THR B 170 -22.25 20.18 -23.99
C THR B 170 -21.13 19.15 -23.98
N ALA B 171 -21.28 18.07 -24.75
CA ALA B 171 -20.24 17.04 -24.80
C ALA B 171 -18.94 17.60 -25.35
N ASN B 172 -19.02 18.45 -26.38
CA ASN B 172 -17.82 19.10 -26.89
C ASN B 172 -17.18 20.00 -25.85
N GLU B 173 -18.00 20.70 -25.06
CA GLU B 173 -17.46 21.55 -23.99
C GLU B 173 -16.73 20.73 -22.94
N LYS B 174 -17.26 19.55 -22.60
CA LYS B 174 -16.67 18.74 -21.55
C LYS B 174 -15.63 17.74 -22.05
N HIS B 175 -15.29 17.76 -23.33
CA HIS B 175 -14.29 16.87 -23.92
C HIS B 175 -14.68 15.39 -23.74
N ILE B 176 -15.84 15.05 -24.30
CA ILE B 176 -16.37 13.70 -24.27
C ILE B 176 -16.56 13.23 -25.70
N PRO B 177 -16.01 12.08 -26.09
CA PRO B 177 -16.23 11.59 -27.45
C PRO B 177 -17.68 11.27 -27.71
N ALA B 178 -18.10 11.48 -28.96
CA ALA B 178 -19.49 11.22 -29.33
C ALA B 178 -19.55 10.99 -30.84
N PHE B 179 -20.23 9.93 -31.25
CA PHE B 179 -20.38 9.67 -32.68
C PHE B 179 -21.68 8.92 -32.96
N TYR B 180 -22.13 9.04 -34.20
CA TYR B 180 -23.41 8.48 -34.64
C TYR B 180 -23.22 7.06 -35.15
N LEU B 181 -24.18 6.19 -34.85
CA LEU B 181 -24.13 4.79 -35.26
C LEU B 181 -25.19 4.57 -36.33
N TRP B 182 -24.75 4.40 -37.57
CA TRP B 182 -25.68 3.98 -38.62
C TRP B 182 -26.04 2.51 -38.42
N ASP B 183 -27.08 2.08 -39.14
CA ASP B 183 -27.66 0.74 -39.03
C ASP B 183 -28.36 0.55 -37.69
N GLU B 184 -28.29 1.55 -36.81
CA GLU B 184 -28.96 1.50 -35.52
C GLU B 184 -29.71 2.76 -35.15
N GLY B 185 -29.39 3.91 -35.72
CA GLY B 185 -30.09 5.15 -35.42
C GLY B 185 -29.90 5.65 -34.01
N LEU B 186 -28.68 5.62 -33.49
CA LEU B 186 -28.39 6.06 -32.14
C LEU B 186 -27.12 6.91 -32.14
N MET B 187 -26.85 7.54 -31.01
CA MET B 187 -25.62 8.28 -30.78
C MET B 187 -24.94 7.71 -29.56
N GLN B 188 -23.62 7.54 -29.64
CA GLN B 188 -22.84 6.90 -28.60
C GLN B 188 -21.83 7.88 -28.03
N TYR B 189 -21.76 7.94 -26.69
CA TYR B 189 -20.76 8.70 -25.97
C TYR B 189 -19.90 7.71 -25.18
N GLY B 190 -18.59 7.77 -25.37
CA GLY B 190 -17.68 6.83 -24.74
C GLY B 190 -17.09 5.84 -25.72
N TYR B 191 -16.13 5.06 -25.24
CA TYR B 191 -15.33 4.21 -26.11
C TYR B 191 -15.53 2.72 -25.85
N GLY B 192 -15.28 2.25 -24.64
CA GLY B 192 -15.28 0.82 -24.42
C GLY B 192 -16.39 0.32 -23.53
N LYS B 193 -16.04 -0.11 -22.31
CA LYS B 193 -17.04 -0.46 -21.32
C LYS B 193 -17.65 0.77 -20.65
N GLN B 194 -17.24 1.96 -21.06
CA GLN B 194 -17.75 3.21 -20.52
C GLN B 194 -18.81 3.84 -21.42
N GLN B 195 -19.31 3.11 -22.41
CA GLN B 195 -20.18 3.67 -23.42
C GLN B 195 -21.58 3.91 -22.89
N VAL B 196 -22.26 4.87 -23.53
CA VAL B 196 -23.67 5.16 -23.29
C VAL B 196 -24.30 5.49 -24.63
N ARG B 197 -25.34 4.75 -25.01
CA ARG B 197 -26.02 4.94 -26.28
C ARG B 197 -27.39 5.56 -26.03
N GLY B 198 -27.82 6.44 -26.93
CA GLY B 198 -29.10 7.08 -26.72
C GLY B 198 -29.61 7.79 -27.95
N ILE B 199 -30.82 8.33 -27.81
CA ILE B 199 -31.45 9.17 -28.82
C ILE B 199 -32.34 10.17 -28.10
N ALA B 200 -32.10 11.47 -28.32
CA ALA B 200 -32.82 12.55 -27.67
C ALA B 200 -32.62 12.40 -26.17
N THR B 201 -33.67 12.20 -25.37
CA THR B 201 -33.56 12.07 -23.92
C THR B 201 -33.79 10.64 -23.45
N THR B 202 -33.71 9.66 -24.34
CA THR B 202 -33.87 8.26 -23.98
C THR B 202 -32.51 7.58 -24.05
N PHE B 203 -32.18 6.82 -23.01
CA PHE B 203 -30.88 6.16 -22.92
C PHE B 203 -31.06 4.67 -22.72
N ASP B 204 -29.96 3.93 -22.85
CA ASP B 204 -30.00 2.48 -22.81
C ASP B 204 -30.22 1.92 -21.41
N VAL B 205 -30.16 2.75 -20.37
CA VAL B 205 -30.36 2.27 -19.01
C VAL B 205 -31.81 2.38 -18.56
N ASP B 206 -32.68 2.99 -19.36
CA ASP B 206 -34.09 3.08 -19.00
C ASP B 206 -34.77 1.72 -19.11
N SER B 207 -35.76 1.50 -18.26
CA SER B 207 -36.46 0.23 -18.21
C SER B 207 -37.58 0.18 -19.25
N HIS B 208 -38.00 -1.04 -19.58
CA HIS B 208 -39.03 -1.28 -20.58
C HIS B 208 -40.42 -1.30 -19.96
N ILE B 209 -40.60 -2.07 -18.88
CA ILE B 209 -41.92 -2.18 -18.26
C ILE B 209 -42.34 -0.86 -17.65
N ASP B 210 -41.41 -0.11 -17.07
CA ASP B 210 -41.75 1.19 -16.50
C ASP B 210 -42.18 2.18 -17.58
N SER B 211 -41.46 2.20 -18.70
CA SER B 211 -41.84 3.09 -19.79
C SER B 211 -43.17 2.70 -20.42
N ASP B 212 -43.47 1.40 -20.43
CA ASP B 212 -44.79 0.98 -20.91
C ASP B 212 -45.89 1.30 -19.91
N PHE B 213 -45.60 1.22 -18.61
CA PHE B 213 -46.59 1.54 -17.60
C PHE B 213 -46.91 3.02 -17.57
N THR B 214 -45.91 3.86 -17.88
CA THR B 214 -46.13 5.30 -17.83
C THR B 214 -47.21 5.75 -18.82
N THR B 215 -47.35 5.05 -19.94
CA THR B 215 -48.31 5.45 -20.96
C THR B 215 -49.68 4.82 -20.78
N GLN B 216 -49.86 3.96 -19.78
CA GLN B 216 -51.15 3.34 -19.50
C GLN B 216 -51.91 4.24 -18.54
N LYS B 217 -52.68 5.18 -19.09
CA LYS B 217 -53.46 6.08 -18.27
C LYS B 217 -54.62 5.34 -17.61
N ASP B 218 -55.17 5.96 -16.57
CA ASP B 218 -56.22 5.44 -15.70
C ASP B 218 -55.74 4.28 -14.83
N ASP B 219 -54.51 3.81 -15.02
CA ASP B 219 -53.89 2.85 -14.11
C ASP B 219 -52.79 3.49 -13.28
N CYS B 220 -52.10 4.49 -13.81
CA CYS B 220 -51.17 5.27 -12.99
C CYS B 220 -51.91 6.08 -11.95
N LYS B 221 -53.16 6.47 -12.23
CA LYS B 221 -53.94 7.23 -11.25
C LYS B 221 -54.19 6.40 -10.00
N LYS B 222 -54.54 5.12 -10.16
CA LYS B 222 -54.76 4.28 -9.00
C LYS B 222 -53.48 4.07 -8.22
N PHE B 223 -52.36 3.87 -8.92
CA PHE B 223 -51.08 3.68 -8.25
C PHE B 223 -50.67 4.92 -7.46
N LEU B 224 -50.87 6.10 -8.03
CA LEU B 224 -50.56 7.34 -7.34
C LEU B 224 -51.60 7.71 -6.29
N GLN B 225 -52.77 7.09 -6.32
CA GLN B 225 -53.79 7.34 -5.31
C GLN B 225 -53.63 6.43 -4.09
N GLU B 226 -53.11 5.22 -4.29
CA GLU B 226 -52.87 4.33 -3.14
C GLU B 226 -51.93 4.98 -2.14
N LEU B 227 -50.72 5.33 -2.58
CA LEU B 227 -49.87 6.20 -1.80
C LEU B 227 -50.45 7.60 -1.82
N GLY B 228 -50.77 8.14 -0.65
CA GLY B 228 -51.57 9.35 -0.60
C GLY B 228 -50.97 10.53 -1.34
N PHE B 229 -51.54 10.85 -2.49
CA PHE B 229 -51.13 11.96 -3.34
C PHE B 229 -52.38 12.64 -3.88
N PRO B 230 -52.32 13.94 -4.17
CA PRO B 230 -53.49 14.65 -4.68
C PRO B 230 -53.72 14.38 -6.16
N VAL B 231 -54.75 13.60 -6.45
CA VAL B 231 -55.12 13.30 -7.84
C VAL B 231 -56.60 13.64 -8.03
N PRO B 232 -57.03 13.97 -9.25
CA PRO B 232 -58.44 14.32 -9.47
C PRO B 232 -59.30 13.06 -9.50
N GLN B 233 -60.28 13.00 -8.60
CA GLN B 233 -61.25 11.91 -8.56
C GLN B 233 -62.62 12.48 -8.28
N GLY B 234 -63.65 11.75 -8.71
CA GLY B 234 -65.03 12.20 -8.55
C GLY B 234 -65.98 11.02 -8.39
N ASP B 235 -67.26 11.35 -8.30
CA ASP B 235 -68.30 10.34 -8.13
C ASP B 235 -69.54 10.74 -8.92
N VAL B 236 -70.45 9.79 -9.08
CA VAL B 236 -71.73 10.03 -9.74
C VAL B 236 -72.85 9.60 -8.81
N VAL B 237 -73.85 10.46 -8.67
CA VAL B 237 -74.98 10.19 -7.79
C VAL B 237 -76.27 10.52 -8.52
N PHE B 238 -77.36 9.90 -8.09
CA PHE B 238 -78.71 10.24 -8.51
C PHE B 238 -79.60 10.64 -7.35
N SER B 239 -79.07 10.66 -6.12
CA SER B 239 -79.85 10.90 -4.93
C SER B 239 -79.24 12.04 -4.12
N LEU B 240 -79.70 12.21 -2.87
CA LEU B 240 -79.35 13.39 -2.10
C LEU B 240 -78.38 13.07 -0.96
N ALA B 241 -78.75 12.16 -0.07
CA ALA B 241 -77.96 11.91 1.13
C ALA B 241 -76.71 11.10 0.80
N GLU B 242 -76.82 10.16 -0.14
CA GLU B 242 -75.71 9.31 -0.52
C GLU B 242 -74.54 10.12 -1.06
N ALA B 243 -74.85 11.14 -1.87
CA ALA B 243 -73.83 12.06 -2.33
C ALA B 243 -73.06 12.64 -1.15
N LYS B 244 -73.76 13.34 -0.26
CA LYS B 244 -73.21 13.94 0.95
C LYS B 244 -72.36 12.95 1.74
N GLU B 245 -72.77 11.68 1.77
CA GLU B 245 -71.97 10.67 2.44
C GLU B 245 -70.65 10.44 1.73
N VAL B 246 -70.69 10.23 0.41
CA VAL B 246 -69.51 9.87 -0.37
C VAL B 246 -68.51 11.03 -0.40
N ALA B 247 -69.03 12.25 -0.54
CA ALA B 247 -68.20 13.45 -0.65
C ALA B 247 -67.23 13.58 0.51
N ALA B 248 -67.65 13.15 1.70
CA ALA B 248 -66.79 13.19 2.88
C ALA B 248 -65.58 12.30 2.70
N GLU B 249 -65.78 11.10 2.15
CA GLU B 249 -64.67 10.17 1.97
C GLU B 249 -63.87 10.46 0.72
N ILE B 250 -64.39 11.28 -0.19
CA ILE B 250 -63.68 11.63 -1.42
C ILE B 250 -62.75 12.81 -1.12
N GLY B 251 -62.79 13.28 0.13
CA GLY B 251 -62.11 14.51 0.49
C GLY B 251 -63.08 15.67 0.54
N TYR B 252 -62.90 16.51 1.55
CA TYR B 252 -63.95 17.46 1.86
C TYR B 252 -63.98 18.70 0.95
N PRO B 253 -62.85 19.33 0.61
CA PRO B 253 -62.93 20.50 -0.28
C PRO B 253 -63.35 20.12 -1.69
N VAL B 254 -64.64 19.86 -1.89
CA VAL B 254 -65.15 19.39 -3.17
C VAL B 254 -66.00 20.48 -3.82
N ALA B 255 -66.33 20.25 -5.09
CA ALA B 255 -67.25 21.07 -5.85
C ALA B 255 -68.35 20.18 -6.43
N VAL B 256 -69.58 20.67 -6.41
CA VAL B 256 -70.73 19.86 -6.78
C VAL B 256 -71.02 19.83 -8.28
N LYS B 257 -71.06 21.01 -8.90
CA LYS B 257 -71.31 21.22 -10.33
C LYS B 257 -72.61 20.59 -10.84
N PRO B 258 -73.12 21.11 -11.91
CA PRO B 258 -74.33 20.53 -12.48
C PRO B 258 -74.10 19.63 -13.69
N VAL B 259 -75.08 18.80 -14.04
CA VAL B 259 -74.85 17.79 -15.07
C VAL B 259 -74.73 18.16 -16.54
N ALA B 260 -75.95 18.70 -17.07
CA ALA B 260 -75.94 19.18 -18.47
C ALA B 260 -76.78 20.45 -18.54
N GLY B 261 -77.62 20.69 -17.52
CA GLY B 261 -78.44 21.91 -17.50
C GLY B 261 -77.43 23.03 -17.52
N HIS B 262 -76.52 23.06 -16.54
CA HIS B 262 -75.37 24.05 -16.44
C HIS B 262 -75.96 25.40 -16.05
N LYS B 263 -76.92 25.96 -16.79
CA LYS B 263 -77.42 27.31 -16.49
C LYS B 263 -76.02 27.86 -16.62
N GLY B 264 -75.59 28.69 -15.65
CA GLY B 264 -74.24 29.20 -15.73
C GLY B 264 -73.97 28.34 -14.52
N ILE B 265 -72.85 27.58 -14.57
CA ILE B 265 -72.59 26.43 -13.71
C ILE B 265 -72.36 26.99 -12.31
N GLY B 266 -73.11 26.46 -11.33
CA GLY B 266 -72.97 26.93 -9.97
C GLY B 266 -71.60 26.63 -9.40
N VAL B 267 -71.12 25.41 -9.62
CA VAL B 267 -69.83 24.91 -9.17
C VAL B 267 -69.90 24.70 -7.66
N THR B 268 -70.39 25.71 -6.92
CA THR B 268 -70.66 25.61 -5.50
C THR B 268 -69.41 25.19 -4.72
N ALA B 269 -68.41 26.06 -4.65
CA ALA B 269 -67.18 25.72 -3.95
C ALA B 269 -67.84 25.56 -2.59
N ASP B 270 -67.42 24.54 -1.84
CA ASP B 270 -67.91 24.29 -0.50
C ASP B 270 -66.73 23.89 0.40
N VAL B 271 -66.30 24.79 1.30
CA VAL B 271 -65.20 24.43 2.17
C VAL B 271 -65.06 23.36 3.26
N GLN B 272 -65.85 23.42 4.34
CA GLN B 272 -65.73 22.46 5.44
C GLN B 272 -67.07 21.93 5.92
N ASP B 273 -68.19 22.56 5.56
CA ASP B 273 -69.47 22.13 6.11
C ASP B 273 -70.47 21.27 5.37
N GLU B 274 -71.11 20.33 6.10
CA GLU B 274 -72.27 19.63 5.57
C GLU B 274 -73.44 20.58 5.28
N ILE B 275 -73.62 21.60 6.12
CA ILE B 275 -74.67 22.58 5.88
C ILE B 275 -74.38 23.36 4.59
N GLU B 276 -73.11 23.66 4.34
CA GLU B 276 -72.73 24.24 3.06
C GLU B 276 -73.06 23.29 1.92
N LEU B 277 -72.90 21.99 2.14
CA LEU B 277 -73.36 21.00 1.16
C LEU B 277 -74.86 21.08 0.94
N GLU B 278 -75.62 21.27 2.01
CA GLU B 278 -77.07 21.38 1.89
C GLU B 278 -77.43 22.55 0.99
N ALA B 279 -76.85 23.71 1.29
CA ALA B 279 -77.11 24.91 0.48
C ALA B 279 -76.68 24.71 -0.96
N ALA B 280 -75.51 24.10 -1.15
CA ALA B 280 -74.95 23.88 -2.48
C ALA B 280 -75.85 22.98 -3.31
N TYR B 281 -76.26 21.84 -2.78
CA TYR B 281 -77.10 20.94 -3.58
C TYR B 281 -78.51 21.50 -3.74
N ASP B 282 -78.98 22.30 -2.79
CA ASP B 282 -80.27 22.95 -2.94
C ASP B 282 -80.23 23.87 -4.16
N ARG B 283 -79.21 24.73 -4.22
CA ARG B 283 -79.11 25.62 -5.38
C ARG B 283 -78.85 24.84 -6.66
N ALA B 284 -78.08 23.76 -6.59
CA ALA B 284 -77.79 22.94 -7.76
C ALA B 284 -79.06 22.32 -8.34
N VAL B 285 -79.89 21.73 -7.50
CA VAL B 285 -81.12 21.10 -7.98
C VAL B 285 -82.15 22.14 -8.38
N ALA B 286 -82.18 23.31 -7.73
CA ALA B 286 -83.21 24.29 -8.02
C ALA B 286 -82.86 25.13 -9.23
N GLY B 287 -81.77 25.88 -9.18
CA GLY B 287 -81.40 26.79 -10.25
C GLY B 287 -81.13 26.10 -11.57
N ILE B 288 -80.31 25.06 -11.54
CA ILE B 288 -80.03 24.31 -12.77
C ILE B 288 -81.27 23.52 -13.17
N PRO B 289 -81.65 23.50 -14.45
CA PRO B 289 -82.83 22.71 -14.85
C PRO B 289 -82.64 21.24 -14.52
N LEU B 290 -83.72 20.60 -14.07
CA LEU B 290 -83.70 19.19 -13.69
C LEU B 290 -84.20 18.27 -14.80
N GLU B 291 -84.43 18.82 -16.00
CA GLU B 291 -84.87 17.98 -17.12
C GLU B 291 -83.80 16.95 -17.49
N GLU B 292 -82.53 17.32 -17.39
CA GLU B 292 -81.44 16.41 -17.70
C GLU B 292 -81.31 15.34 -16.62
N LYS B 293 -80.29 14.50 -16.77
CA LYS B 293 -80.05 13.46 -15.78
C LYS B 293 -79.65 14.09 -14.44
N ILE B 294 -79.71 13.26 -13.39
CA ILE B 294 -79.51 13.74 -12.04
C ILE B 294 -78.08 13.42 -11.62
N CYS B 295 -77.20 13.26 -12.61
CA CYS B 295 -75.82 12.86 -12.34
C CYS B 295 -75.05 13.99 -11.67
N ILE B 296 -75.38 14.27 -10.42
CA ILE B 296 -74.67 15.30 -9.66
C ILE B 296 -73.28 14.78 -9.36
N ILE B 297 -72.28 15.27 -10.09
CA ILE B 297 -70.92 14.76 -10.00
C ILE B 297 -70.06 15.55 -9.02
N VAL B 298 -70.13 15.16 -7.74
CA VAL B 298 -69.31 15.80 -6.71
C VAL B 298 -67.84 15.51 -7.02
N GLU B 299 -67.10 16.55 -7.39
CA GLU B 299 -65.72 16.39 -7.82
C GLU B 299 -64.78 17.30 -7.02
N ASN B 300 -63.50 17.28 -7.36
CA ASN B 300 -62.49 18.09 -6.68
C ASN B 300 -62.45 19.48 -7.29
N SER B 301 -61.67 20.36 -6.66
CA SER B 301 -61.55 21.76 -7.07
C SER B 301 -60.22 21.97 -7.77
N ILE B 302 -60.28 22.36 -9.04
CA ILE B 302 -59.10 22.51 -9.88
C ILE B 302 -59.01 23.96 -10.38
N ALA B 303 -57.84 24.56 -10.26
CA ALA B 303 -57.57 25.92 -10.70
C ALA B 303 -56.95 25.92 -12.09
N GLY B 304 -56.42 27.06 -12.51
CA GLY B 304 -55.68 27.19 -13.75
C GLY B 304 -54.18 27.12 -13.54
N HIS B 305 -53.45 27.91 -14.34
CA HIS B 305 -52.02 28.10 -14.17
C HIS B 305 -51.25 26.77 -14.29
N ASP B 306 -51.23 26.25 -15.50
CA ASP B 306 -50.53 24.99 -15.77
C ASP B 306 -49.02 25.15 -15.62
N TYR B 307 -48.42 24.21 -14.89
CA TYR B 307 -46.98 24.16 -14.68
C TYR B 307 -46.44 22.80 -15.10
N ARG B 308 -45.14 22.79 -15.44
CA ARG B 308 -44.44 21.54 -15.82
C ARG B 308 -43.13 21.46 -15.03
N LEU B 309 -42.91 20.35 -14.33
CA LEU B 309 -41.72 20.11 -13.53
C LEU B 309 -40.89 19.01 -14.16
N LEU B 310 -39.57 19.14 -14.06
CA LEU B 310 -38.63 18.18 -14.63
C LEU B 310 -37.76 17.61 -13.53
N CYS B 311 -37.56 16.29 -13.54
CA CYS B 311 -36.73 15.62 -12.57
C CYS B 311 -35.67 14.79 -13.29
N VAL B 312 -34.42 14.94 -12.88
CA VAL B 312 -33.31 14.21 -13.47
C VAL B 312 -32.59 13.46 -12.36
N ASN B 313 -32.48 12.14 -12.50
CA ASN B 313 -31.82 11.28 -11.52
C ASN B 313 -32.48 11.38 -10.14
N GLY B 314 -33.78 11.63 -10.11
CA GLY B 314 -34.49 11.72 -8.86
C GLY B 314 -34.38 13.03 -8.12
N ARG B 315 -33.83 14.06 -8.75
CA ARG B 315 -33.65 15.37 -8.12
C ARG B 315 -34.42 16.42 -8.90
N PHE B 316 -34.92 17.42 -8.19
CA PHE B 316 -35.71 18.47 -8.81
C PHE B 316 -34.81 19.45 -9.55
N VAL B 317 -35.12 19.70 -10.83
CA VAL B 317 -34.35 20.60 -11.67
C VAL B 317 -35.34 21.34 -12.56
N ALA B 318 -35.45 22.66 -12.37
CA ALA B 318 -36.21 23.56 -13.25
C ALA B 318 -37.72 23.34 -13.21
N ALA B 319 -38.47 24.41 -13.45
CA ALA B 319 -39.92 24.37 -13.54
C ALA B 319 -40.36 25.48 -14.49
N THR B 320 -41.54 25.31 -15.10
CA THR B 320 -41.95 26.27 -16.13
C THR B 320 -43.47 26.39 -16.17
N GLU B 321 -43.96 27.63 -16.22
CA GLU B 321 -45.38 27.91 -16.34
C GLU B 321 -45.74 28.12 -17.80
N ARG B 322 -46.87 27.55 -18.23
CA ARG B 322 -47.31 27.65 -19.62
C ARG B 322 -48.45 28.64 -19.73
N LYS B 323 -48.37 29.55 -20.70
CA LYS B 323 -49.39 30.58 -20.87
C LYS B 323 -49.82 30.63 -22.33
N PRO B 324 -51.13 30.63 -22.62
CA PRO B 324 -51.58 30.68 -24.00
C PRO B 324 -51.51 32.10 -24.56
N ALA B 325 -51.74 32.20 -25.87
CA ALA B 325 -51.70 33.50 -26.55
C ALA B 325 -52.94 34.32 -26.19
N TYR B 326 -52.77 35.64 -26.21
CA TYR B 326 -53.85 36.55 -25.89
C TYR B 326 -53.76 37.79 -26.76
N VAL B 327 -54.89 38.48 -26.90
CA VAL B 327 -54.98 39.72 -27.69
C VAL B 327 -55.76 40.75 -26.90
N VAL B 328 -55.59 42.01 -27.29
CA VAL B 328 -56.29 43.12 -26.67
C VAL B 328 -56.93 43.98 -27.76
N GLY B 329 -57.99 44.68 -27.39
CA GLY B 329 -58.74 45.51 -28.32
C GLY B 329 -58.38 46.98 -28.18
N ASP B 330 -58.72 47.77 -29.20
CA ASP B 330 -58.45 49.20 -29.21
C ASP B 330 -59.73 50.04 -29.14
N GLY B 331 -60.73 49.71 -29.96
CA GLY B 331 -61.95 50.48 -30.00
C GLY B 331 -62.53 50.61 -31.39
N TYR B 332 -61.73 50.27 -32.41
CA TYR B 332 -62.19 50.37 -33.79
C TYR B 332 -61.70 49.23 -34.68
N SER B 333 -61.32 48.08 -34.12
CA SER B 333 -60.72 47.02 -34.90
C SER B 333 -61.31 45.67 -34.53
N THR B 334 -61.39 44.77 -35.50
CA THR B 334 -61.83 43.41 -35.28
C THR B 334 -60.65 42.55 -34.84
N ILE B 335 -60.96 41.30 -34.46
CA ILE B 335 -59.95 40.41 -33.90
C ILE B 335 -58.88 40.06 -34.93
N ALA B 336 -59.26 39.88 -36.19
CA ALA B 336 -58.30 39.46 -37.22
C ALA B 336 -57.22 40.52 -37.42
N GLU B 337 -57.62 41.79 -37.48
CA GLU B 337 -56.63 42.86 -37.66
C GLU B 337 -55.73 42.97 -36.44
N LEU B 338 -56.26 42.73 -35.25
CA LEU B 338 -55.42 42.69 -34.05
C LEU B 338 -54.41 41.56 -34.14
N ILE B 339 -54.83 40.39 -34.65
CA ILE B 339 -53.90 39.27 -34.82
C ILE B 339 -52.80 39.65 -35.81
N GLU B 340 -53.17 40.30 -36.91
CA GLU B 340 -52.17 40.72 -37.89
C GLU B 340 -51.19 41.72 -37.28
N LYS B 341 -51.71 42.67 -36.50
CA LYS B 341 -50.86 43.66 -35.84
C LYS B 341 -49.88 42.99 -34.89
N GLU B 342 -50.37 42.01 -34.12
CA GLU B 342 -49.50 41.26 -33.23
C GLU B 342 -48.43 40.49 -34.00
N ASN B 343 -48.83 39.89 -35.12
CA ASN B 343 -47.87 39.14 -35.94
C ASN B 343 -46.82 40.05 -36.55
N PHE B 344 -47.15 41.32 -36.75
CA PHE B 344 -46.19 42.25 -37.32
C PHE B 344 -45.04 42.55 -36.36
N SER B 345 -45.23 42.27 -35.06
CA SER B 345 -44.25 42.60 -34.03
C SER B 345 -42.92 41.91 -34.28
N PRO B 346 -41.80 42.58 -34.02
CA PRO B 346 -40.47 41.98 -34.28
C PRO B 346 -40.21 40.72 -33.48
N ASN B 347 -40.72 40.64 -32.26
CA ASN B 347 -40.46 39.51 -31.38
C ASN B 347 -40.97 38.21 -31.97
N ARG B 348 -42.17 38.24 -32.56
CA ARG B 348 -42.76 37.04 -33.17
C ARG B 348 -42.30 36.95 -34.62
N SER B 349 -40.98 36.81 -34.82
CA SER B 349 -40.43 36.66 -36.18
C SER B 349 -40.28 35.14 -36.36
N ASP B 350 -39.76 34.71 -37.51
CA ASP B 350 -39.52 33.25 -37.76
C ASP B 350 -38.06 32.78 -37.84
N THR B 351 -37.12 33.62 -37.39
CA THR B 351 -35.70 33.24 -37.38
C THR B 351 -35.73 31.98 -36.51
N PRO B 352 -34.81 31.00 -36.67
CA PRO B 352 -34.79 29.83 -35.81
C PRO B 352 -34.55 30.43 -34.42
N THR B 353 -33.72 31.46 -34.34
CA THR B 353 -33.38 32.07 -33.02
C THR B 353 -34.34 33.18 -32.60
N SER B 354 -35.61 32.85 -32.38
CA SER B 354 -36.60 33.85 -31.91
C SER B 354 -37.35 33.29 -30.70
N PRO B 355 -37.61 34.10 -29.65
CA PRO B 355 -38.29 33.61 -28.44
C PRO B 355 -39.67 33.06 -28.70
N MET B 356 -40.49 33.75 -29.51
CA MET B 356 -41.88 33.40 -29.67
C MET B 356 -42.19 33.14 -31.14
N GLY B 357 -43.19 32.30 -31.40
CA GLY B 357 -43.58 31.93 -32.74
C GLY B 357 -44.75 32.74 -33.27
N LYS B 358 -45.38 32.19 -34.31
CA LYS B 358 -46.50 32.84 -34.96
C LYS B 358 -47.82 32.42 -34.30
N ILE B 359 -48.90 33.03 -34.77
CA ILE B 359 -50.26 32.70 -34.34
C ILE B 359 -51.02 32.20 -35.56
N ARG B 360 -51.68 31.06 -35.42
CA ARG B 360 -52.34 30.38 -36.53
C ARG B 360 -53.85 30.32 -36.29
N THR B 361 -54.55 29.61 -37.19
CA THR B 361 -55.99 29.46 -37.13
C THR B 361 -56.36 27.99 -37.29
N ASP B 362 -57.41 27.56 -36.59
CA ASP B 362 -57.84 26.17 -36.57
C ASP B 362 -59.26 26.12 -36.02
N GLU B 363 -59.75 24.90 -35.77
CA GLU B 363 -61.07 24.78 -35.20
C GLU B 363 -61.08 25.00 -33.69
N ALA B 364 -59.94 24.80 -33.02
CA ALA B 364 -59.91 24.90 -31.56
C ALA B 364 -60.34 26.28 -31.09
N MET B 365 -59.79 27.36 -31.66
CA MET B 365 -60.28 28.68 -31.28
C MET B 365 -61.68 28.96 -31.80
N HIS B 366 -62.14 28.23 -32.82
CA HIS B 366 -63.55 28.35 -33.20
C HIS B 366 -64.45 27.88 -32.06
N LEU B 367 -64.17 26.70 -31.51
CA LEU B 367 -64.92 26.25 -30.33
C LEU B 367 -64.72 27.19 -29.15
N TYR B 368 -63.50 27.73 -28.97
CA TYR B 368 -63.26 28.64 -27.86
C TYR B 368 -64.12 29.90 -27.98
N LEU B 369 -64.21 30.47 -29.19
CA LEU B 369 -65.10 31.61 -29.40
C LEU B 369 -66.55 31.23 -29.21
N GLU B 370 -66.92 30.02 -29.63
CA GLU B 370 -68.29 29.54 -29.42
C GLU B 370 -68.63 29.47 -27.93
N GLU B 371 -67.66 29.10 -27.10
CA GLU B 371 -67.89 29.02 -25.66
C GLU B 371 -68.28 30.38 -25.09
N GLN B 372 -67.57 31.43 -25.47
CA GLN B 372 -67.85 32.78 -25.00
C GLN B 372 -67.08 33.77 -25.86
N GLY B 373 -67.75 34.86 -26.24
CA GLY B 373 -67.09 35.91 -26.99
C GLY B 373 -67.64 36.10 -28.38
N LEU B 374 -67.39 37.28 -28.95
CA LEU B 374 -67.85 37.58 -30.30
C LEU B 374 -67.02 36.81 -31.32
N ASP B 375 -67.68 36.15 -32.26
CA ASP B 375 -67.02 35.27 -33.22
C ASP B 375 -66.63 36.10 -34.44
N LEU B 376 -65.38 36.57 -34.44
CA LEU B 376 -64.79 37.28 -35.58
C LEU B 376 -65.65 38.46 -36.02
N ASP B 377 -66.13 39.23 -35.04
CA ASP B 377 -66.93 40.41 -35.33
C ASP B 377 -66.87 41.34 -34.12
N SER B 378 -67.27 42.59 -34.36
CA SER B 378 -67.34 43.63 -33.34
C SER B 378 -65.98 43.92 -32.72
N VAL B 379 -65.95 44.77 -31.69
CA VAL B 379 -64.71 45.31 -31.14
C VAL B 379 -64.75 45.11 -29.62
N ILE B 380 -63.56 45.00 -29.03
CA ILE B 380 -63.39 44.77 -27.60
C ILE B 380 -63.43 46.07 -26.81
N ASP B 381 -62.93 47.16 -27.40
CA ASP B 381 -62.91 48.48 -26.77
C ASP B 381 -62.02 48.53 -25.52
N ARG B 382 -60.83 47.91 -25.60
CA ARG B 382 -59.77 48.01 -24.59
C ARG B 382 -60.29 47.87 -23.16
N ASP B 383 -61.25 46.97 -22.97
CA ASP B 383 -61.74 46.70 -21.62
C ASP B 383 -60.94 45.61 -20.92
N ARG B 384 -60.53 44.58 -21.67
CA ARG B 384 -59.78 43.45 -21.12
C ARG B 384 -59.10 42.75 -22.28
N THR B 385 -58.49 41.60 -21.98
CA THR B 385 -57.81 40.80 -22.97
C THR B 385 -58.69 39.61 -23.38
N ILE B 386 -58.41 39.05 -24.55
CA ILE B 386 -59.16 37.93 -25.11
C ILE B 386 -58.20 36.76 -25.30
N TYR B 387 -58.62 35.59 -24.83
CA TYR B 387 -57.84 34.37 -24.98
C TYR B 387 -58.30 33.59 -26.21
N LEU B 388 -57.42 32.73 -26.71
CA LEU B 388 -57.69 31.98 -27.93
C LEU B 388 -57.85 30.47 -27.71
N ARG B 389 -57.12 29.89 -26.78
CA ARG B 389 -57.17 28.45 -26.56
C ARG B 389 -57.05 28.15 -25.07
N LYS B 390 -57.55 26.98 -24.70
CA LYS B 390 -57.42 26.49 -23.33
C LYS B 390 -56.07 25.82 -23.07
N VAL B 391 -55.35 25.46 -24.14
CA VAL B 391 -54.04 24.83 -24.03
C VAL B 391 -53.03 25.74 -24.72
N ALA B 392 -51.86 25.88 -24.11
CA ALA B 392 -50.87 26.85 -24.59
C ALA B 392 -50.48 26.58 -26.05
N ASN B 393 -50.18 25.33 -26.37
CA ASN B 393 -49.75 24.93 -27.72
C ASN B 393 -48.54 25.77 -28.15
N LEU B 394 -47.42 25.50 -27.48
CA LEU B 394 -46.20 26.29 -27.66
C LEU B 394 -45.74 26.33 -29.11
N SER B 395 -46.19 25.39 -29.95
CA SER B 395 -45.82 25.43 -31.36
C SER B 395 -46.38 26.64 -32.08
N SER B 396 -47.40 27.29 -31.53
CA SER B 396 -48.00 28.46 -32.18
C SER B 396 -48.72 29.28 -31.13
N GLY B 397 -48.24 30.50 -30.88
CA GLY B 397 -48.93 31.42 -30.00
C GLY B 397 -48.50 31.40 -28.55
N GLY B 398 -48.63 30.25 -27.90
CA GLY B 398 -48.33 30.15 -26.48
C GLY B 398 -46.86 30.35 -26.17
N PHE B 399 -46.58 30.61 -24.90
CA PHE B 399 -45.22 30.84 -24.45
C PHE B 399 -45.06 30.31 -23.03
N SER B 400 -43.86 30.47 -22.48
CA SER B 400 -43.48 29.89 -21.22
C SER B 400 -42.81 30.94 -20.33
N ILE B 401 -42.95 30.75 -19.02
CA ILE B 401 -42.40 31.65 -18.02
C ILE B 401 -41.58 30.83 -17.04
N ASP B 402 -40.40 31.35 -16.68
CA ASP B 402 -39.56 30.67 -15.71
C ASP B 402 -40.16 30.82 -14.32
N ALA B 403 -40.22 29.71 -13.59
CA ALA B 403 -40.77 29.72 -12.23
C ALA B 403 -39.95 28.83 -11.30
N THR B 404 -38.64 28.74 -11.51
CA THR B 404 -37.83 27.80 -10.75
C THR B 404 -37.61 28.27 -9.31
N ASN B 405 -37.51 29.57 -9.08
CA ASN B 405 -37.13 30.09 -7.78
C ASN B 405 -38.31 30.39 -6.86
N ARG B 406 -39.53 30.06 -7.28
CA ARG B 406 -40.73 30.36 -6.50
C ARG B 406 -41.51 29.09 -6.18
N VAL B 407 -40.81 28.03 -5.74
CA VAL B 407 -41.43 26.75 -5.46
C VAL B 407 -41.27 26.44 -3.98
N HIS B 408 -42.37 26.06 -3.34
CA HIS B 408 -42.33 25.69 -1.93
C HIS B 408 -41.57 24.37 -1.76
N PRO B 409 -40.86 24.21 -0.64
CA PRO B 409 -40.14 22.95 -0.42
C PRO B 409 -41.05 21.72 -0.36
N ASP B 410 -42.30 21.88 0.07
CA ASP B 410 -43.21 20.75 0.14
C ASP B 410 -43.45 20.16 -1.25
N ASN B 411 -43.64 21.01 -2.25
CA ASN B 411 -43.83 20.51 -3.61
C ASN B 411 -42.57 19.84 -4.14
N ILE B 412 -41.39 20.35 -3.79
CA ILE B 412 -40.15 19.70 -4.20
C ILE B 412 -40.04 18.31 -3.61
N ILE B 413 -40.37 18.17 -2.31
CA ILE B 413 -40.34 16.87 -1.68
C ILE B 413 -41.36 15.92 -2.31
N LEU B 414 -42.54 16.44 -2.64
CA LEU B 414 -43.55 15.62 -3.31
C LEU B 414 -43.06 15.13 -4.66
N ALA B 415 -42.42 16.01 -5.43
CA ALA B 415 -41.89 15.61 -6.74
C ALA B 415 -40.81 14.55 -6.59
N GLN B 416 -39.92 14.71 -5.62
CA GLN B 416 -38.88 13.70 -5.40
C GLN B 416 -39.51 12.36 -5.02
N ASP B 417 -40.52 12.37 -4.16
CA ASP B 417 -41.18 11.14 -3.76
C ASP B 417 -41.85 10.46 -4.94
N ILE B 418 -42.49 11.24 -5.81
CA ILE B 418 -43.11 10.66 -7.01
C ILE B 418 -42.05 10.06 -7.91
N ALA B 419 -40.95 10.79 -8.14
CA ALA B 419 -39.96 10.39 -9.13
C ALA B 419 -39.08 9.23 -8.67
N GLN B 420 -38.96 8.98 -7.36
CA GLN B 420 -38.07 7.94 -6.90
C GLN B 420 -38.56 6.53 -7.21
N HIS B 421 -39.79 6.37 -7.67
CA HIS B 421 -40.39 5.05 -7.83
C HIS B 421 -40.17 4.41 -9.20
N PHE B 422 -39.56 5.12 -10.15
CA PHE B 422 -39.39 4.62 -11.50
C PHE B 422 -37.92 4.53 -11.87
N ARG B 423 -37.62 3.60 -12.77
CA ARG B 423 -36.25 3.42 -13.28
C ARG B 423 -36.10 4.16 -14.61
N LEU B 424 -36.13 5.49 -14.51
CA LEU B 424 -35.96 6.35 -15.67
C LEU B 424 -34.98 7.47 -15.30
N THR B 425 -34.30 7.99 -16.31
CA THR B 425 -33.32 9.04 -16.09
C THR B 425 -33.97 10.42 -15.99
N CYS B 426 -34.92 10.72 -16.87
CA CYS B 426 -35.60 12.00 -16.89
C CYS B 426 -37.11 11.77 -16.82
N LEU B 427 -37.78 12.57 -16.00
CA LEU B 427 -39.23 12.46 -15.84
C LEU B 427 -39.84 13.84 -15.88
N GLY B 428 -41.03 13.95 -16.45
CA GLY B 428 -41.77 15.21 -16.49
C GLY B 428 -43.13 15.05 -15.83
N ILE B 429 -43.53 16.07 -15.07
CA ILE B 429 -44.79 16.04 -14.33
C ILE B 429 -45.58 17.28 -14.69
N ASP B 430 -46.87 17.09 -15.00
CA ASP B 430 -47.77 18.19 -15.31
C ASP B 430 -48.66 18.47 -14.11
N ILE B 431 -48.76 19.75 -13.72
CA ILE B 431 -49.42 20.12 -12.48
C ILE B 431 -50.32 21.33 -12.72
N ILE B 432 -51.46 21.33 -12.05
CA ILE B 432 -52.39 22.45 -12.07
C ILE B 432 -52.62 22.92 -10.64
N THR B 433 -52.44 24.23 -10.41
CA THR B 433 -52.63 24.81 -9.08
C THR B 433 -52.82 26.31 -9.25
N ASN B 434 -53.40 26.94 -8.22
CA ASN B 434 -53.62 28.37 -8.25
C ASN B 434 -52.39 29.16 -7.79
N ASP B 435 -51.64 28.62 -6.82
CA ASP B 435 -50.44 29.27 -6.32
C ASP B 435 -49.35 28.23 -6.13
N ILE B 436 -48.19 28.46 -6.75
CA ILE B 436 -47.08 27.53 -6.63
C ILE B 436 -46.20 27.83 -5.41
N GLY B 437 -46.37 28.97 -4.77
CA GLY B 437 -45.60 29.34 -3.61
C GLY B 437 -46.14 28.89 -2.28
N ARG B 438 -47.22 28.12 -2.27
CA ARG B 438 -47.83 27.64 -1.04
C ARG B 438 -47.88 26.12 -1.03
N SER B 439 -47.93 25.56 0.18
CA SER B 439 -47.92 24.10 0.32
C SER B 439 -49.17 23.50 -0.28
N TRP B 440 -49.02 22.29 -0.82
CA TRP B 440 -50.15 21.60 -1.46
C TRP B 440 -51.19 21.12 -0.47
N LYS B 441 -50.89 21.15 0.83
CA LYS B 441 -51.84 20.70 1.84
C LYS B 441 -52.85 21.76 2.22
N GLU B 442 -52.75 22.97 1.66
CA GLU B 442 -53.66 24.05 2.03
C GLU B 442 -54.24 24.78 0.81
N THR B 443 -54.06 24.25 -0.40
CA THR B 443 -54.63 24.87 -1.58
C THR B 443 -55.22 23.82 -2.52
N SER B 444 -55.57 24.23 -3.73
CA SER B 444 -56.11 23.32 -4.74
C SER B 444 -54.96 22.80 -5.59
N PHE B 445 -54.57 21.55 -5.36
CA PHE B 445 -53.45 20.92 -6.05
C PHE B 445 -53.92 19.66 -6.76
N GLY B 446 -53.34 19.40 -7.92
CA GLY B 446 -53.71 18.22 -8.67
C GLY B 446 -52.64 17.76 -9.64
N ILE B 447 -52.39 16.45 -9.67
CA ILE B 447 -51.44 15.83 -10.58
C ILE B 447 -52.20 15.24 -11.75
N ILE B 448 -51.78 15.57 -12.96
CA ILE B 448 -52.49 15.20 -14.17
C ILE B 448 -51.77 14.08 -14.92
N GLU B 449 -50.53 14.32 -15.34
CA GLU B 449 -49.84 13.38 -16.20
C GLU B 449 -48.35 13.33 -15.86
N ILE B 450 -47.74 12.19 -16.18
CA ILE B 450 -46.30 11.99 -16.08
C ILE B 450 -45.79 11.47 -17.41
N ASN B 451 -44.66 12.01 -17.87
CA ASN B 451 -44.06 11.68 -19.15
C ASN B 451 -42.65 11.16 -18.95
N ALA B 452 -42.30 10.12 -19.72
CA ALA B 452 -41.02 9.44 -19.56
C ALA B 452 -39.93 10.02 -20.45
N ALA B 453 -40.28 10.62 -21.58
CA ALA B 453 -39.31 11.20 -22.51
C ALA B 453 -39.70 12.63 -22.79
N PRO B 454 -39.47 13.54 -21.84
CA PRO B 454 -39.91 14.92 -22.01
C PRO B 454 -38.96 15.70 -22.92
N GLY B 455 -39.48 16.81 -23.44
CA GLY B 455 -38.66 17.75 -24.18
C GLY B 455 -38.14 18.83 -23.25
N VAL B 456 -36.84 19.11 -23.36
CA VAL B 456 -36.18 20.02 -22.44
C VAL B 456 -35.79 21.33 -23.11
N TYR B 457 -36.36 21.61 -24.28
CA TYR B 457 -36.00 22.85 -24.97
C TYR B 457 -36.65 24.07 -24.32
N MET B 458 -37.86 23.93 -23.79
CA MET B 458 -38.54 25.07 -23.18
C MET B 458 -37.84 25.56 -21.92
N HIS B 459 -37.03 24.71 -21.28
CA HIS B 459 -36.29 25.14 -20.11
C HIS B 459 -34.97 25.82 -20.46
N LEU B 460 -34.53 25.72 -21.72
CA LEU B 460 -33.28 26.32 -22.13
C LEU B 460 -33.46 27.69 -22.78
N LYS B 461 -34.58 27.91 -23.47
CA LYS B 461 -34.86 29.16 -24.16
C LYS B 461 -36.24 29.67 -23.76
N PRO B 462 -36.37 30.22 -22.56
CA PRO B 462 -37.67 30.75 -22.12
C PRO B 462 -37.96 32.09 -22.78
N ALA B 463 -39.26 32.40 -22.85
CA ALA B 463 -39.68 33.68 -23.40
C ALA B 463 -39.18 34.84 -22.54
N ILE B 464 -39.46 34.79 -21.24
CA ILE B 464 -38.93 35.76 -20.29
C ILE B 464 -38.48 35.01 -19.03
N GLY B 465 -37.27 35.31 -18.58
CA GLY B 465 -36.68 34.67 -17.43
C GLY B 465 -35.23 34.35 -17.71
N GLU B 466 -34.67 33.46 -16.89
CA GLU B 466 -33.27 33.05 -17.02
C GLU B 466 -33.16 31.59 -17.41
N PRO B 467 -32.22 31.25 -18.29
CA PRO B 467 -32.07 29.86 -18.71
C PRO B 467 -31.48 28.99 -17.62
N VAL B 468 -31.74 27.69 -17.75
CA VAL B 468 -31.22 26.67 -16.84
C VAL B 468 -30.52 25.62 -17.67
N ASP B 469 -29.31 25.25 -17.25
CA ASP B 469 -28.50 24.27 -17.99
C ASP B 469 -28.83 22.88 -17.47
N VAL B 470 -29.74 22.20 -18.17
CA VAL B 470 -30.14 20.85 -17.77
C VAL B 470 -29.28 19.79 -18.45
N THR B 471 -28.74 20.08 -19.63
CA THR B 471 -27.89 19.12 -20.32
C THR B 471 -26.62 18.84 -19.53
N ALA B 472 -26.11 19.83 -18.81
CA ALA B 472 -24.96 19.60 -17.95
C ALA B 472 -25.26 18.57 -16.87
N ARG B 473 -26.44 18.67 -16.25
CA ARG B 473 -26.85 17.68 -15.25
C ARG B 473 -27.02 16.30 -15.89
N ILE B 474 -27.64 16.26 -17.07
CA ILE B 474 -27.85 14.98 -17.74
C ILE B 474 -26.52 14.31 -18.04
N LEU B 475 -25.54 15.06 -18.52
CA LEU B 475 -24.25 14.47 -18.84
C LEU B 475 -23.48 14.10 -17.59
N GLU B 476 -23.50 14.95 -16.56
CA GLU B 476 -22.79 14.66 -15.32
C GLU B 476 -23.41 13.50 -14.55
N THR B 477 -24.64 13.11 -14.86
CA THR B 477 -25.19 11.90 -14.26
C THR B 477 -24.34 10.67 -14.56
N PHE B 478 -23.78 10.59 -15.76
CA PHE B 478 -23.01 9.42 -16.18
C PHE B 478 -21.51 9.58 -16.02
N PHE B 479 -20.93 10.64 -16.58
CA PHE B 479 -19.49 10.84 -16.59
C PHE B 479 -19.12 11.93 -15.59
N GLU B 480 -18.29 11.58 -14.60
CA GLU B 480 -17.84 12.56 -13.63
C GLU B 480 -16.78 13.49 -14.22
N THR B 481 -15.85 12.95 -15.00
CA THR B 481 -14.80 13.73 -15.62
C THR B 481 -14.48 13.13 -16.99
N GLU B 482 -13.53 13.74 -17.69
CA GLU B 482 -13.17 13.26 -19.03
C GLU B 482 -12.52 11.88 -18.99
N LYS B 483 -11.68 11.60 -18.00
CA LYS B 483 -11.01 10.32 -17.93
C LYS B 483 -11.94 9.16 -17.64
N ASN B 484 -13.18 9.43 -17.25
CA ASN B 484 -14.16 8.38 -16.99
C ASN B 484 -14.86 7.91 -18.26
N ALA B 485 -14.34 8.24 -19.44
CA ALA B 485 -14.98 7.84 -20.68
C ALA B 485 -13.97 7.41 -21.75
N ARG B 486 -12.80 6.92 -21.36
CA ARG B 486 -11.76 6.58 -22.32
C ARG B 486 -11.10 5.27 -21.91
N ILE B 487 -10.46 4.63 -22.87
CA ILE B 487 -9.73 3.38 -22.65
C ILE B 487 -8.36 3.49 -23.29
N PRO B 488 -7.38 2.73 -22.82
CA PRO B 488 -6.04 2.78 -23.43
C PRO B 488 -6.03 2.38 -24.90
N ILE B 489 -5.27 3.13 -25.68
CA ILE B 489 -5.15 2.96 -27.12
C ILE B 489 -3.68 2.96 -27.51
N ILE B 490 -3.29 2.01 -28.37
CA ILE B 490 -1.94 1.90 -28.88
C ILE B 490 -1.99 1.95 -30.41
N THR B 491 -1.10 2.73 -31.00
CA THR B 491 -1.10 2.98 -32.44
C THR B 491 0.23 2.57 -33.04
N PHE B 492 0.17 1.85 -34.16
CA PHE B 492 1.33 1.48 -34.95
C PHE B 492 1.21 2.09 -36.34
N ASN B 493 2.23 1.87 -37.16
CA ASN B 493 2.16 2.19 -38.57
C ASN B 493 2.54 1.03 -39.48
N ARG B 494 3.16 -0.02 -38.95
CA ARG B 494 3.46 -1.23 -39.70
C ARG B 494 3.73 -2.34 -38.71
N VAL B 495 2.88 -3.36 -38.70
CA VAL B 495 2.96 -4.46 -37.74
C VAL B 495 2.42 -5.72 -38.39
N SER B 496 2.69 -6.87 -37.77
CA SER B 496 2.24 -8.17 -38.26
C SER B 496 1.45 -8.88 -37.18
N ILE B 497 0.81 -9.98 -37.57
CA ILE B 497 -0.09 -10.70 -36.68
C ILE B 497 0.69 -11.33 -35.52
N ARG B 498 1.84 -11.94 -35.81
CA ARG B 498 2.58 -12.65 -34.77
C ARG B 498 3.04 -11.71 -33.67
N GLN B 499 3.49 -10.51 -34.04
CA GLN B 499 3.88 -9.52 -33.03
C GLN B 499 2.68 -9.11 -32.19
N LEU B 500 1.51 -8.96 -32.82
CA LEU B 500 0.31 -8.63 -32.07
C LEU B 500 -0.04 -9.72 -31.06
N GLN B 501 0.06 -10.98 -31.48
CA GLN B 501 -0.21 -12.08 -30.56
C GLN B 501 0.78 -12.08 -29.40
N LYS B 502 2.06 -11.87 -29.69
CA LYS B 502 3.06 -11.85 -28.62
C LYS B 502 2.79 -10.71 -27.65
N LEU B 503 2.43 -9.53 -28.17
CA LEU B 503 2.10 -8.40 -27.30
C LEU B 503 0.88 -8.69 -26.44
N SER B 504 -0.15 -9.31 -27.02
CA SER B 504 -1.35 -9.63 -26.26
C SER B 504 -1.05 -10.60 -25.14
N ASP B 505 -0.29 -11.66 -25.43
CA ASP B 505 0.06 -12.62 -24.39
C ASP B 505 0.94 -11.99 -23.32
N ARG B 506 1.85 -11.10 -23.71
CA ARG B 506 2.67 -10.42 -22.71
C ARG B 506 1.83 -9.54 -21.80
N ILE B 507 0.85 -8.83 -22.37
CA ILE B 507 0.01 -7.94 -21.56
C ILE B 507 -0.90 -8.76 -20.65
N LEU B 508 -1.40 -9.89 -21.13
CA LEU B 508 -2.37 -10.67 -20.37
C LEU B 508 -1.80 -11.29 -19.11
N MET B 509 -0.48 -11.28 -18.93
CA MET B 509 0.10 -11.89 -17.74
C MET B 509 -0.21 -11.10 -16.48
N SER B 510 -0.30 -9.77 -16.59
CA SER B 510 -0.57 -8.94 -15.42
C SER B 510 -2.05 -8.72 -15.18
N HIS B 511 -2.87 -8.78 -16.22
CA HIS B 511 -4.32 -8.59 -16.11
C HIS B 511 -5.00 -9.77 -16.81
N PRO B 512 -5.11 -10.91 -16.13
CA PRO B 512 -5.66 -12.10 -16.79
C PRO B 512 -7.14 -12.01 -17.13
N ASP B 513 -7.88 -11.04 -16.60
CA ASP B 513 -9.31 -10.95 -16.81
C ASP B 513 -9.69 -9.78 -17.71
N TRP B 514 -8.75 -9.33 -18.55
CA TRP B 514 -9.01 -8.23 -19.46
C TRP B 514 -9.47 -8.73 -20.83
N THR B 515 -9.97 -7.81 -21.63
CA THR B 515 -10.34 -8.06 -23.02
C THR B 515 -9.61 -7.07 -23.90
N ILE B 516 -8.83 -7.56 -24.86
CA ILE B 516 -7.96 -6.73 -25.68
C ILE B 516 -8.34 -6.93 -27.14
N GLY B 517 -8.44 -5.82 -27.88
CA GLY B 517 -8.78 -5.91 -29.28
C GLY B 517 -7.70 -5.35 -30.18
N ALA B 518 -7.19 -6.16 -31.11
CA ALA B 518 -6.11 -5.76 -32.01
C ALA B 518 -6.58 -5.86 -33.45
N VAL B 519 -6.21 -4.87 -34.25
CA VAL B 519 -6.60 -4.83 -35.65
C VAL B 519 -5.41 -4.36 -36.50
N CYS B 520 -5.24 -4.98 -37.66
CA CYS B 520 -4.21 -4.60 -38.60
C CYS B 520 -4.73 -4.87 -40.01
N ARG B 521 -3.81 -4.87 -40.98
CA ARG B 521 -4.18 -5.13 -42.36
C ARG B 521 -4.27 -6.61 -42.70
N GLU B 522 -3.96 -7.50 -41.76
CA GLU B 522 -3.97 -8.93 -42.00
C GLU B 522 -5.11 -9.66 -41.29
N GLY B 523 -5.62 -9.12 -40.20
CA GLY B 523 -6.74 -9.76 -39.52
C GLY B 523 -7.03 -9.09 -38.20
N ILE B 524 -8.16 -9.49 -37.62
CA ILE B 524 -8.60 -8.99 -36.33
C ILE B 524 -8.30 -10.04 -35.28
N LEU B 525 -8.11 -9.59 -34.03
CA LEU B 525 -7.80 -10.50 -32.95
C LEU B 525 -8.49 -10.01 -31.68
N ILE B 526 -9.22 -10.91 -31.02
CA ILE B 526 -9.92 -10.60 -29.77
C ILE B 526 -9.53 -11.69 -28.77
N ASN B 527 -8.51 -11.42 -27.97
CA ASN B 527 -8.09 -12.29 -26.87
C ASN B 527 -7.76 -13.69 -27.36
N ARG B 528 -6.70 -13.76 -28.18
CA ARG B 528 -6.15 -15.02 -28.68
C ARG B 528 -7.16 -15.77 -29.55
N SER B 529 -7.81 -15.04 -30.46
CA SER B 529 -8.73 -15.65 -31.40
C SER B 529 -8.75 -14.81 -32.66
N GLU B 530 -9.21 -15.40 -33.76
CA GLU B 530 -9.27 -14.73 -35.05
C GLU B 530 -10.70 -14.69 -35.56
N LYS B 531 -11.11 -13.55 -36.08
CA LYS B 531 -12.45 -13.33 -36.61
C LYS B 531 -12.36 -12.89 -38.07
N ILE B 532 -13.51 -12.56 -38.64
CA ILE B 532 -13.58 -12.17 -40.04
C ILE B 532 -13.25 -10.69 -40.19
N LEU B 533 -12.42 -10.38 -41.18
CA LEU B 533 -11.99 -9.01 -41.45
C LEU B 533 -12.90 -8.39 -42.49
N ASN B 534 -13.53 -7.26 -42.13
CA ASN B 534 -14.36 -6.54 -43.08
C ASN B 534 -13.51 -5.93 -44.18
N ARG B 535 -14.13 -5.73 -45.34
CA ARG B 535 -13.37 -5.23 -46.48
C ARG B 535 -13.12 -3.73 -46.33
N HIS B 536 -14.01 -3.02 -45.66
CA HIS B 536 -13.90 -1.58 -45.48
C HIS B 536 -13.09 -1.30 -44.22
N TYR B 537 -11.88 -0.76 -44.40
CA TYR B 537 -11.13 -0.28 -43.26
C TYR B 537 -11.83 0.93 -42.67
N ASN B 538 -11.55 1.20 -41.39
CA ASN B 538 -12.18 2.19 -40.53
C ASN B 538 -13.55 1.70 -40.07
N THR B 539 -14.00 0.53 -40.49
CA THR B 539 -15.21 -0.08 -39.96
C THR B 539 -14.93 -1.11 -38.89
N ASN B 540 -13.81 -1.84 -39.00
CA ASN B 540 -13.39 -2.73 -37.94
C ASN B 540 -13.09 -1.97 -36.66
N VAL B 541 -12.54 -0.76 -36.79
CA VAL B 541 -12.32 0.06 -35.61
C VAL B 541 -13.64 0.42 -34.93
N LEU B 542 -14.65 0.76 -35.73
CA LEU B 542 -15.97 1.03 -35.17
C LEU B 542 -16.54 -0.20 -34.48
N ASN B 543 -16.41 -1.37 -35.11
CA ASN B 543 -16.92 -2.59 -34.51
C ASN B 543 -16.20 -2.92 -33.20
N LEU B 544 -14.90 -2.62 -33.12
CA LEU B 544 -14.18 -2.86 -31.89
C LEU B 544 -14.52 -1.84 -30.81
N LEU B 545 -14.81 -0.60 -31.19
CA LEU B 545 -15.22 0.42 -30.24
C LEU B 545 -16.68 0.32 -29.84
N ARG B 546 -17.46 -0.54 -30.50
CA ARG B 546 -18.83 -0.78 -30.09
C ARG B 546 -18.95 -1.90 -29.05
N ASN B 547 -17.97 -2.77 -28.96
CA ASN B 547 -18.00 -3.88 -28.01
C ASN B 547 -18.10 -3.38 -26.59
N PRO B 548 -19.05 -3.88 -25.78
CA PRO B 548 -19.24 -3.33 -24.44
C PRO B 548 -18.34 -3.94 -23.38
N LYS B 549 -17.31 -4.69 -23.79
CA LYS B 549 -16.41 -5.30 -22.83
C LYS B 549 -14.94 -4.98 -23.09
N LEU B 550 -14.62 -4.12 -24.05
CA LEU B 550 -13.23 -3.86 -24.39
C LEU B 550 -12.51 -3.15 -23.27
N ASP B 551 -11.22 -3.46 -23.11
CA ASP B 551 -10.37 -2.83 -22.12
C ASP B 551 -9.13 -2.17 -22.70
N LEU B 552 -8.73 -2.53 -23.93
CA LEU B 552 -7.53 -1.98 -24.54
C LEU B 552 -7.66 -2.15 -26.05
N LEU B 553 -7.24 -1.14 -26.79
CA LEU B 553 -7.30 -1.16 -28.25
C LEU B 553 -5.90 -1.05 -28.84
N ILE B 554 -5.63 -1.84 -29.87
CA ILE B 554 -4.38 -1.77 -30.63
C ILE B 554 -4.73 -1.66 -32.11
N ALA B 555 -4.24 -0.62 -32.75
CA ALA B 555 -4.62 -0.33 -34.13
C ALA B 555 -3.40 0.08 -34.94
N GLU B 556 -3.54 -0.04 -36.26
CA GLU B 556 -2.48 0.32 -37.20
C GLU B 556 -3.04 1.26 -38.26
N TYR B 557 -2.28 2.30 -38.58
CA TYR B 557 -2.71 3.30 -39.56
C TYR B 557 -1.51 3.63 -40.45
N ASP B 558 -1.53 3.15 -41.68
CA ASP B 558 -0.46 3.44 -42.63
C ASP B 558 -0.82 4.68 -43.44
N GLU B 559 -0.06 4.96 -44.50
CA GLU B 559 -0.26 6.18 -45.27
C GLU B 559 -1.55 6.12 -46.08
N ASP B 560 -1.85 4.95 -46.66
CA ASP B 560 -3.06 4.84 -47.48
C ASP B 560 -4.31 5.05 -46.64
N ALA B 561 -4.37 4.46 -45.46
CA ALA B 561 -5.52 4.64 -44.60
C ALA B 561 -5.68 6.10 -44.18
N LEU B 562 -4.57 6.76 -43.85
CA LEU B 562 -4.63 8.16 -43.47
C LEU B 562 -5.08 9.05 -44.63
N GLU B 563 -4.66 8.74 -45.84
CA GLU B 563 -5.05 9.55 -46.99
C GLU B 563 -6.42 9.20 -47.53
N ALA B 564 -7.00 8.07 -47.12
CA ALA B 564 -8.31 7.68 -47.62
C ALA B 564 -9.43 8.40 -46.89
N GLU B 565 -9.56 8.17 -45.59
CA GLU B 565 -10.63 8.78 -44.81
C GLU B 565 -10.10 9.51 -43.58
N GLY B 566 -9.05 8.98 -42.97
CA GLY B 566 -8.48 9.56 -41.77
C GLY B 566 -8.73 8.67 -40.56
N MET B 567 -8.23 9.14 -39.43
CA MET B 567 -8.37 8.41 -38.19
C MET B 567 -9.82 8.47 -37.69
N PHE B 568 -10.15 7.55 -36.79
CA PHE B 568 -11.49 7.49 -36.22
C PHE B 568 -11.56 8.00 -34.79
N TYR B 569 -10.63 7.62 -33.93
CA TYR B 569 -10.62 8.07 -32.56
C TYR B 569 -9.80 9.35 -32.45
N HIS B 570 -9.53 9.80 -31.23
CA HIS B 570 -8.81 11.04 -30.99
C HIS B 570 -7.87 10.86 -29.81
N GLY B 571 -6.58 11.03 -30.03
CA GLY B 571 -5.61 10.89 -28.97
C GLY B 571 -5.08 9.47 -28.85
N SER B 572 -3.87 9.37 -28.33
CA SER B 572 -3.20 8.08 -28.17
C SER B 572 -2.35 8.10 -26.92
N ASN B 573 -2.09 6.92 -26.36
CA ASN B 573 -1.28 6.78 -25.17
C ASN B 573 0.12 6.26 -25.44
N LEU B 574 0.34 5.63 -26.59
CA LEU B 574 1.66 5.12 -26.96
C LEU B 574 1.72 5.02 -28.47
N VAL B 575 2.72 5.66 -29.06
CA VAL B 575 2.89 5.72 -30.52
C VAL B 575 4.22 5.08 -30.87
N VAL B 576 4.19 4.14 -31.81
CA VAL B 576 5.39 3.44 -32.28
C VAL B 576 5.50 3.67 -33.78
N LEU B 577 6.64 4.22 -34.22
CA LEU B 577 6.88 4.48 -35.63
C LEU B 577 8.17 3.79 -36.06
N GLU B 578 8.16 3.22 -37.27
CA GLU B 578 9.31 2.51 -37.79
C GLU B 578 9.53 2.96 -39.23
N ASP B 579 10.61 3.71 -39.46
CA ASP B 579 10.92 4.28 -40.76
C ASP B 579 9.73 5.05 -41.37
N PRO B 580 9.24 6.07 -40.69
CA PRO B 580 8.05 6.77 -41.17
C PRO B 580 8.35 7.66 -42.36
N SER B 581 7.31 7.94 -43.13
CA SER B 581 7.38 8.86 -44.25
C SER B 581 6.96 10.25 -43.78
N GLU B 582 6.82 11.17 -44.73
CA GLU B 582 6.42 12.54 -44.37
C GLU B 582 5.00 12.59 -43.85
N ILE B 583 4.09 11.80 -44.44
CA ILE B 583 2.70 11.86 -44.06
C ILE B 583 2.49 11.25 -42.67
N GLU B 584 3.14 10.11 -42.40
CA GLU B 584 2.86 9.38 -41.17
C GLU B 584 3.31 10.11 -39.93
N MET B 585 4.26 11.05 -40.05
CA MET B 585 4.71 11.80 -38.88
C MET B 585 3.58 12.55 -38.19
N ILE B 586 2.53 12.90 -38.93
CA ILE B 586 1.37 13.56 -38.32
C ILE B 586 0.74 12.74 -37.22
N LEU B 587 1.09 11.45 -37.10
CA LEU B 587 0.60 10.64 -36.01
C LEU B 587 1.12 11.09 -34.65
N THR B 588 2.17 11.91 -34.62
CA THR B 588 2.73 12.38 -33.35
C THR B 588 2.11 13.68 -32.87
N ARG B 589 1.22 14.29 -33.66
CA ARG B 589 0.66 15.58 -33.28
C ARG B 589 -0.40 15.44 -32.18
N ASP B 590 -1.24 14.41 -32.26
CA ASP B 590 -2.36 14.23 -31.33
C ASP B 590 -1.93 13.28 -30.23
N VAL B 591 -1.35 13.83 -29.16
CA VAL B 591 -0.94 13.06 -28.00
C VAL B 591 -1.20 13.89 -26.75
N PHE B 592 -1.31 13.20 -25.62
CA PHE B 592 -1.47 13.86 -24.34
C PHE B 592 -0.10 14.25 -23.78
N SER B 593 -0.08 14.78 -22.56
CA SER B 593 1.16 15.23 -21.96
C SER B 593 1.95 14.10 -21.30
N ASP B 594 1.33 12.95 -21.06
CA ASP B 594 2.00 11.82 -20.43
C ASP B 594 2.22 10.66 -21.39
N SER B 595 2.14 10.91 -22.69
CA SER B 595 2.29 9.85 -23.68
C SER B 595 3.75 9.55 -23.94
N THR B 596 4.01 8.40 -24.54
CA THR B 596 5.34 7.94 -24.90
C THR B 596 5.43 7.79 -26.41
N VAL B 597 6.51 8.29 -26.98
CA VAL B 597 6.72 8.26 -28.43
C VAL B 597 8.05 7.57 -28.72
N ILE B 598 8.04 6.65 -29.68
CA ILE B 598 9.23 5.89 -30.07
C ILE B 598 9.39 6.02 -31.58
N ILE B 599 10.58 6.41 -32.02
CA ILE B 599 10.90 6.56 -33.45
C ILE B 599 12.19 5.81 -33.74
N LYS B 600 12.19 5.05 -34.83
CA LYS B 600 13.38 4.31 -35.26
C LYS B 600 13.70 4.69 -36.70
N GLN B 601 14.93 5.12 -36.95
CA GLN B 601 15.39 5.44 -38.29
C GLN B 601 16.76 4.84 -38.50
N GLY B 602 16.88 3.93 -39.45
CA GLY B 602 18.13 3.20 -39.61
C GLY B 602 18.35 2.34 -38.39
N ARG B 603 19.46 2.60 -37.69
CA ARG B 603 19.74 1.96 -36.40
C ARG B 603 19.66 2.95 -35.24
N GLU B 604 19.06 4.12 -35.46
CA GLU B 604 18.97 5.15 -34.45
C GLU B 604 17.59 5.12 -33.80
N ILE B 605 17.55 5.21 -32.49
CA ILE B 605 16.31 5.14 -31.71
C ILE B 605 16.17 6.43 -30.91
N THR B 606 15.00 7.06 -31.03
CA THR B 606 14.65 8.27 -30.29
C THR B 606 13.40 8.00 -29.47
N ILE B 607 13.45 8.31 -28.18
CA ILE B 607 12.35 8.05 -27.27
C ILE B 607 11.99 9.34 -26.54
N LYS B 608 10.70 9.67 -26.52
CA LYS B 608 10.19 10.79 -25.72
C LYS B 608 9.26 10.23 -24.67
N ARG B 609 9.53 10.54 -23.41
CA ARG B 609 8.81 9.97 -22.28
C ARG B 609 8.61 11.05 -21.23
N LYS B 610 7.35 11.37 -20.93
CA LYS B 610 7.01 12.37 -19.92
C LYS B 610 7.68 13.71 -20.18
N GLY B 611 7.83 14.06 -21.45
CA GLY B 611 8.44 15.32 -21.82
C GLY B 611 9.95 15.30 -21.90
N LEU B 612 10.59 14.18 -21.59
CA LEU B 612 12.04 14.07 -21.62
C LEU B 612 12.48 13.27 -22.83
N LEU B 613 13.57 13.70 -23.47
CA LEU B 613 14.05 13.11 -24.71
C LEU B 613 15.29 12.26 -24.46
N GLU B 614 15.41 11.20 -25.24
CA GLU B 614 16.56 10.30 -25.17
C GLU B 614 16.85 9.77 -26.56
N GLN B 615 18.13 9.55 -26.85
CA GLN B 615 18.56 9.12 -28.18
C GLN B 615 19.73 8.16 -28.05
N TYR B 616 19.68 7.04 -28.76
CA TYR B 616 20.82 6.12 -28.77
C TYR B 616 20.79 5.32 -30.07
N GLU B 617 21.68 4.33 -30.16
CA GLU B 617 21.91 3.59 -31.39
C GLU B 617 21.88 2.10 -31.12
N LEU B 618 21.10 1.37 -31.92
CA LEU B 618 21.06 -0.08 -31.83
C LEU B 618 22.18 -0.67 -32.69
N GLU B 619 22.70 -1.81 -32.26
CA GLU B 619 23.63 -2.56 -33.10
C GLU B 619 22.84 -3.53 -33.96
N ALA B 620 23.52 -4.45 -34.63
CA ALA B 620 22.87 -5.38 -35.54
C ALA B 620 22.07 -6.40 -34.72
N GLU B 621 21.54 -7.40 -35.40
CA GLU B 621 20.85 -8.57 -34.83
C GLU B 621 19.83 -8.22 -33.75
N GLU B 622 19.36 -6.98 -33.72
CA GLU B 622 18.34 -6.56 -32.77
C GLU B 622 17.08 -6.13 -33.51
N LEU B 623 15.94 -6.28 -32.83
CA LEU B 623 14.64 -5.94 -33.38
C LEU B 623 13.95 -4.93 -32.49
N ILE B 624 13.01 -4.19 -33.07
CA ILE B 624 12.29 -3.16 -32.32
C ILE B 624 11.44 -3.75 -31.21
N GLU B 625 11.13 -5.05 -31.28
CA GLU B 625 10.29 -5.67 -30.25
C GLU B 625 10.94 -5.60 -28.87
N GLN B 626 12.27 -5.51 -28.83
CA GLN B 626 12.97 -5.41 -27.55
C GLN B 626 12.92 -4.02 -26.95
N VAL B 627 12.41 -3.03 -27.69
CA VAL B 627 12.39 -1.66 -27.20
C VAL B 627 11.07 -1.33 -26.51
N TYR B 628 9.95 -1.62 -27.16
CA TYR B 628 8.66 -1.24 -26.61
C TYR B 628 8.08 -2.25 -25.64
N LEU B 629 8.75 -3.39 -25.43
CA LEU B 629 8.28 -4.35 -24.45
C LEU B 629 8.60 -3.94 -23.03
N LYS B 630 9.49 -2.98 -22.83
CA LYS B 630 9.77 -2.44 -21.51
C LYS B 630 8.91 -1.23 -21.17
N GLU B 631 8.28 -0.62 -22.18
CA GLU B 631 7.40 0.54 -21.97
C GLU B 631 5.96 0.13 -21.77
N ILE B 632 5.67 -1.16 -21.73
CA ILE B 632 4.29 -1.62 -21.62
C ILE B 632 3.73 -1.40 -20.22
N GLY B 633 4.60 -1.15 -19.24
CA GLY B 633 4.13 -0.96 -17.88
C GLY B 633 3.47 0.37 -17.62
N THR B 634 3.58 1.33 -18.55
CA THR B 634 2.99 2.64 -18.33
C THR B 634 1.47 2.63 -18.49
N ILE B 635 0.96 1.88 -19.47
CA ILE B 635 -0.48 1.87 -19.70
C ILE B 635 -1.23 1.10 -18.61
N SER B 636 -0.53 0.30 -17.83
CA SER B 636 -1.16 -0.46 -16.75
C SER B 636 -1.60 0.45 -15.61
N ALA C 6 -18.13 64.20 2.48
CA ALA C 6 -17.10 63.22 2.19
C ALA C 6 -16.84 63.15 0.68
N VAL C 7 -17.86 63.48 -0.11
CA VAL C 7 -17.75 63.48 -1.56
C VAL C 7 -16.98 64.74 -1.95
N GLU C 8 -15.72 64.58 -2.35
CA GLU C 8 -14.85 65.69 -2.73
C GLU C 8 -14.22 65.46 -4.09
N PRO C 9 -15.00 65.14 -5.13
CA PRO C 9 -14.41 64.87 -6.43
C PRO C 9 -13.86 66.10 -7.12
N VAL C 10 -14.30 67.30 -6.71
CA VAL C 10 -13.90 68.61 -7.26
C VAL C 10 -13.63 68.51 -8.76
N ARG C 11 -14.57 67.90 -9.49
CA ARG C 11 -14.38 67.64 -10.91
C ARG C 11 -14.13 68.94 -11.66
N ILE C 12 -13.11 68.91 -12.52
CA ILE C 12 -12.81 70.07 -13.36
C ILE C 12 -13.94 70.33 -14.34
N ASN C 13 -14.57 69.26 -14.83
CA ASN C 13 -15.67 69.36 -15.78
C ASN C 13 -17.03 69.42 -15.10
N ALA C 14 -17.08 69.88 -13.84
CA ALA C 14 -18.33 69.95 -13.08
C ALA C 14 -18.99 71.29 -13.35
N ARG C 15 -20.06 71.27 -14.15
CA ARG C 15 -20.80 72.48 -14.46
C ARG C 15 -22.05 72.57 -13.59
N THR C 16 -22.77 73.69 -13.74
CA THR C 16 -24.00 73.93 -12.99
C THR C 16 -25.21 73.24 -13.61
N THR C 17 -25.18 72.96 -14.91
CA THR C 17 -26.31 72.39 -15.63
C THR C 17 -26.28 70.86 -15.60
N ASP C 18 -25.74 70.29 -14.54
CA ASP C 18 -25.56 68.84 -14.46
C ASP C 18 -26.91 68.14 -14.40
N VAL C 19 -26.93 66.85 -14.76
CA VAL C 19 -28.14 66.07 -14.85
C VAL C 19 -28.10 64.86 -13.93
N PHE C 20 -27.05 64.05 -14.02
CA PHE C 20 -26.93 62.82 -13.25
C PHE C 20 -26.17 63.06 -11.95
N ASP C 21 -26.26 62.09 -11.05
CA ASP C 21 -25.63 62.18 -9.74
C ASP C 21 -25.12 60.82 -9.29
N ILE C 22 -23.81 60.75 -9.03
CA ILE C 22 -23.13 59.55 -8.57
C ILE C 22 -22.61 59.83 -7.17
N PHE C 23 -22.83 58.91 -6.23
CA PHE C 23 -22.25 59.09 -4.90
C PHE C 23 -22.10 57.73 -4.21
N ASN C 24 -21.62 57.77 -2.96
CA ASN C 24 -21.55 56.63 -2.07
C ASN C 24 -20.75 55.47 -2.69
N VAL C 25 -19.46 55.74 -2.87
CA VAL C 25 -18.53 54.78 -3.46
C VAL C 25 -18.00 53.87 -2.36
N LYS C 26 -18.00 52.56 -2.62
CA LYS C 26 -17.50 51.57 -1.68
C LYS C 26 -16.78 50.46 -2.42
N GLN C 27 -15.85 49.80 -1.73
CA GLN C 27 -15.03 48.74 -2.30
C GLN C 27 -15.22 47.46 -1.51
N TYR C 28 -15.34 46.34 -2.22
CA TYR C 28 -15.48 45.03 -1.61
C TYR C 28 -14.40 44.10 -2.14
N VAL C 29 -13.70 43.41 -1.22
CA VAL C 29 -12.57 42.57 -1.60
C VAL C 29 -12.95 41.13 -1.88
N GLY C 30 -14.21 40.76 -1.71
CA GLY C 30 -14.63 39.41 -1.96
C GLY C 30 -16.11 39.33 -2.25
N ALA C 31 -16.68 38.15 -2.03
CA ALA C 31 -18.09 37.95 -2.24
C ALA C 31 -18.91 38.88 -1.37
N ASN C 32 -19.89 39.55 -1.96
CA ASN C 32 -20.67 40.56 -1.28
C ASN C 32 -22.15 40.34 -1.59
N PRO C 33 -23.07 41.04 -0.93
CA PRO C 33 -24.50 40.87 -1.22
C PRO C 33 -24.89 41.20 -2.65
N TYR C 34 -24.06 41.94 -3.40
CA TYR C 34 -24.42 42.37 -4.74
C TYR C 34 -23.71 41.61 -5.85
N LEU C 35 -22.56 40.99 -5.57
CA LEU C 35 -21.83 40.23 -6.58
C LEU C 35 -21.01 39.17 -5.90
N ASN C 36 -20.58 38.17 -6.68
CA ASN C 36 -19.82 37.05 -6.14
C ASN C 36 -18.32 37.20 -6.33
N GLN C 37 -17.86 38.41 -6.64
CA GLN C 37 -16.44 38.70 -6.76
C GLN C 37 -16.15 40.04 -6.11
N ALA C 38 -14.88 40.42 -6.08
CA ALA C 38 -14.51 41.75 -5.61
C ALA C 38 -15.09 42.80 -6.54
N ALA C 39 -15.55 43.92 -5.97
CA ALA C 39 -16.33 44.84 -6.76
C ALA C 39 -16.24 46.26 -6.22
N LEU C 40 -16.70 47.20 -7.03
CA LEU C 40 -16.89 48.59 -6.65
C LEU C 40 -18.37 48.92 -6.78
N VAL C 41 -18.94 49.52 -5.73
CA VAL C 41 -20.37 49.76 -5.65
C VAL C 41 -20.62 51.24 -5.46
N PHE C 42 -21.60 51.78 -6.17
CA PHE C 42 -21.96 53.19 -6.03
C PHE C 42 -23.45 53.37 -6.25
N ASP C 43 -23.91 54.61 -6.03
CA ASP C 43 -25.32 54.96 -6.08
C ASP C 43 -25.58 55.98 -7.17
N PHE C 44 -26.63 55.71 -7.95
CA PHE C 44 -27.02 56.47 -9.13
C PHE C 44 -28.36 57.13 -8.87
N ALA C 45 -28.46 58.42 -9.17
CA ALA C 45 -29.69 59.18 -8.94
C ALA C 45 -29.76 60.33 -9.93
N PHE C 46 -30.96 60.90 -10.04
CA PHE C 46 -31.21 62.06 -10.89
C PHE C 46 -31.00 63.35 -10.08
N THR C 47 -31.42 64.48 -10.65
CA THR C 47 -31.34 65.76 -9.96
C THR C 47 -32.63 66.57 -10.05
N GLU C 48 -33.71 66.01 -10.61
CA GLU C 48 -35.06 66.58 -10.56
C GLU C 48 -35.20 67.81 -11.45
N SER C 49 -34.10 68.26 -12.07
CA SER C 49 -34.08 69.47 -12.86
C SER C 49 -33.23 69.28 -14.10
N TYR C 50 -33.55 70.04 -15.15
CA TYR C 50 -32.92 69.89 -16.47
C TYR C 50 -33.07 68.44 -16.97
N GLN C 51 -34.32 68.10 -17.27
CA GLN C 51 -34.66 66.73 -17.64
C GLN C 51 -33.81 66.26 -18.82
N PRO C 52 -33.26 65.04 -18.75
CA PRO C 52 -32.43 64.55 -19.86
C PRO C 52 -33.25 64.24 -21.11
N LEU C 53 -32.57 63.72 -22.15
CA LEU C 53 -33.16 63.35 -23.42
C LEU C 53 -33.30 61.83 -23.53
N PRO C 54 -34.23 61.35 -24.37
CA PRO C 54 -34.49 59.90 -24.42
C PRO C 54 -33.28 59.11 -24.90
N ILE C 55 -33.31 57.80 -24.60
CA ILE C 55 -32.12 56.97 -24.71
C ILE C 55 -31.69 56.65 -26.13
N GLU C 56 -32.50 56.98 -27.14
CA GLU C 56 -32.12 56.66 -28.51
C GLU C 56 -30.82 57.36 -28.90
N ASN C 57 -30.72 58.65 -28.59
CA ASN C 57 -29.51 59.39 -28.94
C ASN C 57 -28.30 58.90 -28.15
N TYR C 58 -28.50 58.61 -26.86
CA TYR C 58 -27.41 58.09 -26.05
C TYR C 58 -26.88 56.79 -26.62
N LEU C 59 -27.79 55.87 -26.97
CA LEU C 59 -27.38 54.58 -27.53
C LEU C 59 -26.70 54.78 -28.87
N ALA C 60 -27.21 55.69 -29.71
CA ALA C 60 -26.61 55.92 -31.00
C ALA C 60 -25.19 56.45 -30.87
N VAL C 61 -24.96 57.38 -29.95
CA VAL C 61 -23.61 57.94 -29.79
C VAL C 61 -22.67 56.91 -29.18
N VAL C 62 -23.13 56.20 -28.15
CA VAL C 62 -22.24 55.28 -27.43
C VAL C 62 -21.89 54.07 -28.30
N GLY C 63 -22.88 53.51 -29.00
CA GLY C 63 -22.67 52.31 -29.77
C GLY C 63 -21.84 52.46 -31.02
N ASP C 64 -21.55 53.71 -31.43
CA ASP C 64 -20.71 53.92 -32.60
C ASP C 64 -19.29 53.41 -32.37
N ARG C 65 -18.88 53.29 -31.11
CA ARG C 65 -17.55 52.82 -30.76
C ARG C 65 -17.49 51.35 -30.41
N TYR C 66 -18.54 50.80 -29.79
CA TYR C 66 -18.56 49.40 -29.40
C TYR C 66 -19.92 48.81 -29.75
N PRO C 67 -20.01 48.04 -30.84
CA PRO C 67 -21.31 47.47 -31.24
C PRO C 67 -21.88 46.46 -30.24
N ARG C 68 -21.05 45.94 -29.33
CA ARG C 68 -21.55 44.95 -28.39
C ARG C 68 -22.70 45.50 -27.55
N LEU C 69 -22.60 46.76 -27.10
CA LEU C 69 -23.71 47.35 -26.38
C LEU C 69 -24.91 47.56 -27.30
N LYS C 70 -24.67 47.80 -28.59
CA LYS C 70 -25.79 47.86 -29.53
C LYS C 70 -26.51 46.52 -29.61
N GLU C 71 -25.80 45.42 -29.38
CA GLU C 71 -26.45 44.11 -29.52
C GLU C 71 -27.40 43.84 -28.35
N ILE C 72 -27.07 44.34 -27.15
CA ILE C 72 -27.92 44.17 -25.97
C ILE C 72 -28.97 45.28 -25.96
N GLU C 73 -30.19 44.95 -25.52
CA GLU C 73 -31.28 45.90 -25.40
C GLU C 73 -31.54 46.19 -23.93
N TYR C 74 -31.77 47.46 -23.61
CA TYR C 74 -31.97 47.93 -22.24
C TYR C 74 -33.34 48.56 -22.09
N GLN C 75 -33.65 48.95 -20.85
CA GLN C 75 -34.93 49.57 -20.55
C GLN C 75 -34.81 50.75 -19.59
N SER C 76 -33.60 51.07 -19.13
CA SER C 76 -33.42 52.16 -18.18
C SER C 76 -32.04 52.78 -18.38
N TYR C 77 -31.84 53.94 -17.77
CA TYR C 77 -30.55 54.63 -17.85
C TYR C 77 -29.46 53.86 -17.13
N ALA C 78 -29.79 53.26 -15.98
CA ALA C 78 -28.77 52.60 -15.17
C ALA C 78 -28.13 51.43 -15.91
N GLU C 79 -28.94 50.64 -16.63
CA GLU C 79 -28.39 49.51 -17.37
C GLU C 79 -27.43 49.98 -18.45
N LEU C 80 -27.80 51.03 -19.18
CA LEU C 80 -26.91 51.58 -20.20
C LEU C 80 -25.61 52.09 -19.58
N PHE C 81 -25.71 52.82 -18.48
CA PHE C 81 -24.51 53.34 -17.83
C PHE C 81 -23.60 52.22 -17.36
N ALA C 82 -24.19 51.18 -16.74
CA ALA C 82 -23.38 50.07 -16.25
C ALA C 82 -22.72 49.32 -17.39
N SER C 83 -23.45 49.08 -18.48
CA SER C 83 -22.86 48.38 -19.62
C SER C 83 -21.72 49.19 -20.23
N THR C 84 -21.90 50.50 -20.35
CA THR C 84 -20.84 51.34 -20.89
C THR C 84 -19.61 51.33 -19.99
N VAL C 85 -19.82 51.42 -18.67
CA VAL C 85 -18.69 51.40 -17.74
C VAL C 85 -17.95 50.07 -17.83
N ALA C 86 -18.70 48.97 -17.90
CA ALA C 86 -18.07 47.65 -18.00
C ALA C 86 -17.29 47.51 -19.29
N GLU C 87 -17.82 48.02 -20.40
CA GLU C 87 -17.10 47.92 -21.66
C GLU C 87 -15.83 48.76 -21.65
N VAL C 88 -15.90 49.97 -21.10
CA VAL C 88 -14.70 50.81 -21.02
C VAL C 88 -13.67 50.23 -20.05
N ASN C 89 -14.11 49.48 -19.04
CA ASN C 89 -13.20 48.93 -18.05
C ASN C 89 -12.21 47.93 -18.63
N LYS C 90 -12.45 47.42 -19.84
CA LYS C 90 -11.52 46.49 -20.46
C LYS C 90 -10.19 47.15 -20.81
N LEU C 91 -10.16 48.48 -20.88
CA LEU C 91 -8.94 49.27 -21.11
C LEU C 91 -8.30 49.00 -22.46
N GLU C 92 -9.05 48.44 -23.41
CA GLU C 92 -8.57 48.08 -24.75
C GLU C 92 -7.45 47.04 -24.74
N MET C 93 -7.13 46.50 -23.56
CA MET C 93 -6.14 45.44 -23.43
C MET C 93 -6.78 44.07 -23.43
N ASP C 94 -8.11 44.00 -23.54
CA ASP C 94 -8.87 42.75 -23.46
C ASP C 94 -8.60 42.02 -22.14
N LEU C 95 -8.94 42.69 -21.05
CA LEU C 95 -8.84 42.07 -19.73
C LEU C 95 -9.96 41.06 -19.55
N HIS C 96 -9.83 40.24 -18.51
CA HIS C 96 -10.77 39.16 -18.24
C HIS C 96 -11.86 39.57 -17.25
N LEU C 97 -12.10 40.87 -17.06
CA LEU C 97 -13.07 41.36 -16.10
C LEU C 97 -14.38 41.66 -16.83
N LYS C 98 -15.40 40.83 -16.59
CA LYS C 98 -16.73 41.07 -17.12
C LYS C 98 -17.74 40.71 -16.03
N GLY C 99 -18.80 41.50 -15.94
CA GLY C 99 -19.81 41.27 -14.92
C GLY C 99 -20.24 42.54 -14.23
N TRP C 100 -21.55 42.72 -14.08
CA TRP C 100 -22.09 43.93 -13.46
C TRP C 100 -23.47 43.62 -12.92
N ASN C 101 -23.93 44.48 -12.00
CA ASN C 101 -25.26 44.29 -11.43
C ASN C 101 -25.84 45.65 -11.03
N VAL C 102 -27.16 45.74 -11.11
CA VAL C 102 -27.89 46.95 -10.75
C VAL C 102 -29.13 46.55 -9.96
N LYS C 103 -29.39 47.24 -8.85
CA LYS C 103 -30.53 46.93 -8.00
C LYS C 103 -31.22 48.22 -7.56
N PRO C 104 -32.55 48.31 -7.72
CA PRO C 104 -33.26 49.54 -7.31
C PRO C 104 -33.55 49.53 -5.82
N ILE C 105 -33.26 50.65 -5.16
CA ILE C 105 -33.54 50.82 -3.74
C ILE C 105 -34.20 52.17 -3.56
N GLU C 106 -35.35 52.20 -2.87
CA GLU C 106 -36.09 53.42 -2.62
C GLU C 106 -36.41 54.01 -4.00
N GLU C 107 -35.77 55.11 -4.41
CA GLU C 107 -35.82 55.53 -5.81
C GLU C 107 -34.46 55.50 -6.51
N ILE C 108 -33.36 55.49 -5.76
CA ILE C 108 -32.02 55.49 -6.33
C ILE C 108 -31.69 54.07 -6.78
N ASN C 109 -30.59 53.93 -7.52
CA ASN C 109 -30.12 52.61 -7.93
C ASN C 109 -28.74 52.36 -7.37
N ARG C 110 -28.44 51.10 -7.09
CA ARG C 110 -27.11 50.68 -6.64
C ARG C 110 -26.48 49.84 -7.73
N ILE C 111 -25.28 50.23 -8.17
CA ILE C 111 -24.58 49.57 -9.26
C ILE C 111 -23.28 49.00 -8.71
N ALA C 112 -23.02 47.73 -9.03
CA ALA C 112 -21.79 47.04 -8.65
C ALA C 112 -21.07 46.58 -9.91
N ILE C 113 -19.78 46.89 -10.00
CA ILE C 113 -18.94 46.56 -11.14
C ILE C 113 -17.76 45.72 -10.66
N GLU C 114 -17.52 44.60 -11.32
CA GLU C 114 -16.38 43.76 -10.99
C GLU C 114 -15.08 44.47 -11.31
N SER C 115 -14.10 44.34 -10.41
CA SER C 115 -12.85 45.07 -10.55
C SER C 115 -11.70 44.25 -9.97
N LEU C 116 -10.49 44.61 -10.39
CA LEU C 116 -9.26 44.06 -9.86
C LEU C 116 -8.42 45.11 -9.16
N HIS C 117 -8.22 46.26 -9.80
CA HIS C 117 -7.59 47.43 -9.17
C HIS C 117 -8.67 48.50 -9.02
N HIS C 118 -8.94 48.89 -7.78
CA HIS C 118 -10.11 49.73 -7.51
C HIS C 118 -9.93 51.16 -8.02
N ARG C 119 -8.72 51.71 -7.92
CA ARG C 119 -8.49 53.08 -8.35
C ARG C 119 -8.77 53.25 -9.84
N THR C 120 -8.35 52.29 -10.65
CA THR C 120 -8.59 52.37 -12.08
C THR C 120 -10.08 52.36 -12.39
N THR C 121 -10.85 51.52 -11.68
CA THR C 121 -12.29 51.51 -11.89
C THR C 121 -12.93 52.83 -11.47
N LYS C 122 -12.44 53.43 -10.38
CA LYS C 122 -12.96 54.73 -9.97
C LYS C 122 -12.74 55.78 -11.05
N GLU C 123 -11.52 55.83 -11.60
CA GLU C 123 -11.25 56.80 -12.65
C GLU C 123 -12.06 56.50 -13.91
N VAL C 124 -12.28 55.22 -14.23
CA VAL C 124 -13.10 54.87 -15.37
C VAL C 124 -14.53 55.38 -15.18
N VAL C 125 -15.08 55.21 -13.97
CA VAL C 125 -16.43 55.68 -13.70
C VAL C 125 -16.50 57.20 -13.86
N TYR C 126 -15.51 57.92 -13.35
CA TYR C 126 -15.52 59.37 -13.48
C TYR C 126 -15.43 59.79 -14.95
N CYS C 127 -14.59 59.11 -15.73
CA CYS C 127 -14.45 59.44 -17.15
C CYS C 127 -15.74 59.18 -17.91
N VAL C 128 -16.42 58.07 -17.61
CA VAL C 128 -17.69 57.78 -18.29
C VAL C 128 -18.75 58.80 -17.89
N TRP C 129 -18.74 59.24 -16.62
CA TRP C 129 -19.66 60.30 -16.21
C TRP C 129 -19.42 61.56 -17.02
N ASP C 130 -18.15 61.94 -17.19
CA ASP C 130 -17.85 63.13 -17.98
C ASP C 130 -18.28 62.96 -19.43
N TRP C 131 -18.06 61.77 -20.00
CA TRP C 131 -18.46 61.53 -21.38
C TRP C 131 -19.97 61.67 -21.55
N PHE C 132 -20.75 61.06 -20.64
CA PHE C 132 -22.20 61.16 -20.73
C PHE C 132 -22.66 62.60 -20.59
N GLU C 133 -22.05 63.35 -19.66
CA GLU C 133 -22.51 64.70 -19.43
C GLU C 133 -22.15 65.62 -20.59
N PHE C 134 -21.01 65.36 -21.25
CA PHE C 134 -20.70 66.09 -22.47
C PHE C 134 -21.60 65.68 -23.63
N ILE C 135 -22.10 64.44 -23.63
CA ILE C 135 -23.03 64.02 -24.67
C ILE C 135 -24.37 64.72 -24.49
N THR C 136 -24.82 64.87 -23.25
CA THR C 136 -26.17 65.40 -23.00
C THR C 136 -26.36 66.77 -23.64
N GLN C 137 -25.44 67.70 -23.38
CA GLN C 137 -25.42 68.98 -24.07
C GLN C 137 -24.64 68.82 -25.36
N GLY C 138 -25.29 69.03 -26.50
CA GLY C 138 -24.69 68.73 -27.79
C GLY C 138 -23.28 69.24 -27.97
N GLU C 139 -22.33 68.30 -28.05
CA GLU C 139 -20.91 68.61 -28.08
C GLU C 139 -20.15 67.31 -28.29
N GLU C 140 -18.88 67.44 -28.64
CA GLU C 140 -18.00 66.30 -28.86
C GLU C 140 -16.66 66.57 -28.19
N PHE C 141 -16.11 65.55 -27.52
CA PHE C 141 -14.83 65.69 -26.84
C PHE C 141 -14.01 64.42 -27.04
N ASP C 142 -12.71 64.55 -26.78
CA ASP C 142 -11.75 63.47 -27.00
C ASP C 142 -11.58 62.66 -25.73
N LEU C 143 -11.59 61.34 -25.87
CA LEU C 143 -11.42 60.44 -24.73
C LEU C 143 -10.25 59.49 -24.89
N SER C 144 -9.56 59.49 -26.03
CA SER C 144 -8.41 58.62 -26.21
C SER C 144 -7.27 58.98 -25.27
N LYS C 145 -7.08 60.27 -24.98
CA LYS C 145 -6.08 60.67 -24.01
C LYS C 145 -6.38 60.07 -22.64
N GLN C 146 -7.65 60.08 -22.25
CA GLN C 146 -8.03 59.46 -20.98
C GLN C 146 -7.73 57.97 -20.99
N ILE C 147 -7.98 57.30 -22.12
CA ILE C 147 -7.70 55.87 -22.21
C ILE C 147 -6.21 55.61 -22.05
N ALA C 148 -5.37 56.43 -22.68
CA ALA C 148 -3.93 56.26 -22.55
C ALA C 148 -3.48 56.50 -21.11
N ILE C 149 -4.03 57.52 -20.45
CA ILE C 149 -3.66 57.80 -19.07
C ILE C 149 -4.08 56.64 -18.17
N LEU C 150 -5.27 56.09 -18.40
CA LEU C 150 -5.74 54.96 -17.61
C LEU C 150 -4.87 53.73 -17.82
N GLN C 151 -4.46 53.47 -19.06
CA GLN C 151 -3.57 52.35 -19.32
C GLN C 151 -2.24 52.52 -18.60
N GLN C 152 -1.67 53.72 -18.65
CA GLN C 152 -0.42 53.96 -17.93
C GLN C 152 -0.59 53.80 -16.43
N LEU C 153 -1.73 54.26 -15.89
CA LEU C 153 -1.98 54.12 -14.46
C LEU C 153 -2.10 52.64 -14.07
N PHE C 154 -2.78 51.84 -14.89
CA PHE C 154 -2.94 50.43 -14.57
C PHE C 154 -1.61 49.68 -14.67
N ARG C 155 -0.78 50.03 -15.65
CA ARG C 155 0.47 49.30 -15.84
C ARG C 155 1.43 49.47 -14.68
N ASN C 156 1.36 50.58 -13.96
CA ASN C 156 2.24 50.82 -12.81
C ASN C 156 1.50 50.49 -11.52
N SER C 157 1.40 49.19 -11.26
CA SER C 157 0.74 48.69 -10.05
C SER C 157 1.24 47.29 -9.78
N VAL C 158 0.74 46.68 -8.69
CA VAL C 158 1.16 45.33 -8.33
C VAL C 158 0.43 44.25 -9.11
N TYR C 159 -0.57 44.62 -9.91
CA TYR C 159 -1.27 43.68 -10.76
C TYR C 159 -0.98 43.87 -12.24
N GLY C 160 -0.22 44.89 -12.62
CA GLY C 160 -0.06 45.27 -14.00
C GLY C 160 1.20 44.82 -14.70
N GLY C 161 2.04 44.01 -14.06
CA GLY C 161 3.25 43.54 -14.69
C GLY C 161 2.96 42.67 -15.90
N PRO C 162 3.85 42.72 -16.89
CA PRO C 162 3.63 41.90 -18.09
C PRO C 162 3.53 40.41 -17.82
N THR C 163 4.31 39.91 -16.87
CA THR C 163 4.27 38.50 -16.51
C THR C 163 3.27 38.22 -15.38
N VAL C 164 3.14 39.17 -14.46
CA VAL C 164 2.22 39.00 -13.34
C VAL C 164 0.79 38.83 -13.84
N TYR C 165 0.38 39.68 -14.78
CA TYR C 165 -0.99 39.59 -15.28
C TYR C 165 -1.22 38.32 -16.09
N ALA C 166 -0.22 37.87 -16.84
CA ALA C 166 -0.36 36.62 -17.57
C ALA C 166 -0.55 35.45 -16.62
N LEU C 167 0.24 35.42 -15.54
CA LEU C 167 0.08 34.37 -14.54
C LEU C 167 -1.29 34.45 -13.88
N LEU C 168 -1.76 35.65 -13.57
CA LEU C 168 -3.07 35.80 -12.96
C LEU C 168 -4.18 35.32 -13.87
N ARG C 169 -4.10 35.66 -15.16
CA ARG C 169 -5.11 35.21 -16.11
C ARG C 169 -5.10 33.68 -16.24
N THR C 170 -3.92 33.09 -16.34
CA THR C 170 -3.84 31.64 -16.44
C THR C 170 -4.41 30.97 -15.19
N ALA C 171 -4.12 31.52 -14.01
CA ALA C 171 -4.67 30.97 -12.78
C ALA C 171 -6.19 31.09 -12.76
N ASN C 172 -6.71 32.22 -13.22
CA ASN C 172 -8.16 32.40 -13.25
C ASN C 172 -8.83 31.43 -14.20
N GLU C 173 -8.14 31.07 -15.29
CA GLU C 173 -8.72 30.12 -16.24
C GLU C 173 -8.92 28.74 -15.63
N LYS C 174 -8.06 28.35 -14.69
CA LYS C 174 -8.09 27.00 -14.12
C LYS C 174 -8.73 26.93 -12.74
N HIS C 175 -9.34 28.02 -12.27
CA HIS C 175 -9.99 28.08 -10.96
C HIS C 175 -9.00 27.75 -9.83
N ILE C 176 -7.96 28.58 -9.73
CA ILE C 176 -6.97 28.49 -8.67
C ILE C 176 -7.00 29.78 -7.88
N PRO C 177 -7.18 29.74 -6.57
CA PRO C 177 -7.20 30.98 -5.79
C PRO C 177 -5.86 31.69 -5.83
N ALA C 178 -5.91 33.02 -5.75
CA ALA C 178 -4.69 33.82 -5.78
C ALA C 178 -4.98 35.17 -5.12
N PHE C 179 -4.07 35.62 -4.26
CA PHE C 179 -4.24 36.93 -3.64
C PHE C 179 -2.90 37.51 -3.23
N TYR C 180 -2.87 38.83 -3.07
CA TYR C 180 -1.66 39.58 -2.79
C TYR C 180 -1.50 39.78 -1.29
N LEU C 181 -0.25 39.72 -0.81
CA LEU C 181 0.04 39.91 0.60
C LEU C 181 0.67 41.29 0.79
N TRP C 182 -0.06 42.21 1.41
CA TRP C 182 0.45 43.57 1.61
C TRP C 182 1.35 43.68 2.83
N ASP C 183 2.28 42.74 3.01
CA ASP C 183 3.32 42.86 4.02
C ASP C 183 4.69 42.43 3.55
N GLU C 184 4.79 41.59 2.53
CA GLU C 184 6.05 41.12 2.01
C GLU C 184 6.20 41.35 0.51
N GLY C 185 5.18 41.85 -0.17
CA GLY C 185 5.25 42.07 -1.59
C GLY C 185 5.26 40.79 -2.40
N LEU C 186 4.39 39.85 -2.05
CA LEU C 186 4.31 38.56 -2.73
C LEU C 186 2.88 38.25 -3.12
N MET C 187 2.72 37.29 -4.02
CA MET C 187 1.43 36.78 -4.42
C MET C 187 1.36 35.30 -4.06
N GLN C 188 0.24 34.89 -3.47
CA GLN C 188 0.05 33.53 -2.99
C GLN C 188 -1.04 32.84 -3.79
N TYR C 189 -0.76 31.60 -4.20
CA TYR C 189 -1.72 30.72 -4.86
C TYR C 189 -1.97 29.52 -3.96
N GLY C 190 -3.24 29.24 -3.67
CA GLY C 190 -3.62 28.10 -2.86
C GLY C 190 -3.94 28.49 -1.43
N TYR C 191 -4.45 27.51 -0.69
CA TYR C 191 -4.88 27.70 0.69
C TYR C 191 -4.11 26.77 1.61
N GLY C 192 -3.74 27.28 2.78
CA GLY C 192 -3.19 26.44 3.83
C GLY C 192 -1.88 25.76 3.51
N LYS C 193 -1.86 24.44 3.60
CA LYS C 193 -0.65 23.66 3.41
C LYS C 193 -0.36 23.36 1.95
N GLN C 194 -1.15 23.89 1.03
CA GLN C 194 -0.96 23.67 -0.39
C GLN C 194 -0.59 24.97 -1.09
N GLN C 195 0.06 25.88 -0.38
CA GLN C 195 0.31 27.23 -0.86
C GLN C 195 1.61 27.32 -1.62
N VAL C 196 1.66 28.27 -2.56
CA VAL C 196 2.88 28.65 -3.26
C VAL C 196 2.94 30.16 -3.30
N ARG C 197 4.04 30.73 -2.84
CA ARG C 197 4.23 32.18 -2.81
C ARG C 197 5.30 32.57 -3.81
N GLY C 198 5.11 33.71 -4.47
CA GLY C 198 6.08 34.11 -5.47
C GLY C 198 5.98 35.57 -5.87
N ILE C 199 6.97 36.00 -6.64
CA ILE C 199 7.01 37.32 -7.24
C ILE C 199 7.51 37.14 -8.67
N ALA C 200 6.66 37.47 -9.64
CA ALA C 200 6.95 37.28 -11.06
C ALA C 200 7.31 35.83 -11.35
N THR C 201 8.56 35.58 -11.74
CA THR C 201 9.00 34.24 -12.07
C THR C 201 9.63 33.51 -10.89
N THR C 202 10.27 34.23 -9.98
CA THR C 202 10.88 33.61 -8.81
C THR C 202 9.80 33.05 -7.88
N PHE C 203 10.04 31.85 -7.35
CA PHE C 203 9.14 31.21 -6.41
C PHE C 203 9.88 30.87 -5.12
N ASP C 204 9.13 30.44 -4.13
CA ASP C 204 9.68 30.19 -2.80
C ASP C 204 10.44 28.88 -2.69
N VAL C 205 10.39 28.01 -3.69
CA VAL C 205 11.10 26.74 -3.66
C VAL C 205 12.49 26.83 -4.27
N ASP C 206 12.86 27.97 -4.84
CA ASP C 206 14.19 28.12 -5.43
C ASP C 206 15.24 28.26 -4.34
N SER C 207 16.46 27.86 -4.69
CA SER C 207 17.55 27.79 -3.72
C SER C 207 18.28 29.13 -3.62
N HIS C 208 18.76 29.43 -2.41
CA HIS C 208 19.51 30.66 -2.19
C HIS C 208 20.93 30.57 -2.72
N ILE C 209 21.49 29.36 -2.80
CA ILE C 209 22.87 29.19 -3.23
C ILE C 209 22.99 29.23 -4.74
N ASP C 210 22.05 28.60 -5.45
CA ASP C 210 22.16 28.49 -6.90
C ASP C 210 22.02 29.84 -7.58
N SER C 211 21.13 30.71 -7.08
CA SER C 211 20.98 32.03 -7.67
C SER C 211 22.27 32.84 -7.53
N ASP C 212 22.88 32.80 -6.36
CA ASP C 212 24.15 33.50 -6.17
C ASP C 212 25.23 32.92 -7.06
N PHE C 213 25.25 31.60 -7.22
CA PHE C 213 26.24 30.99 -8.11
C PHE C 213 26.05 31.45 -9.55
N THR C 214 24.81 31.50 -10.02
CA THR C 214 24.57 31.98 -11.38
C THR C 214 24.94 33.45 -11.53
N THR C 215 24.79 34.24 -10.45
CA THR C 215 25.19 35.63 -10.51
C THR C 215 26.71 35.77 -10.71
N GLN C 216 27.48 34.93 -10.03
CA GLN C 216 28.94 34.99 -10.11
C GLN C 216 29.40 34.46 -11.46
N LYS C 217 29.75 35.37 -12.36
CA LYS C 217 30.23 34.98 -13.68
C LYS C 217 31.72 34.66 -13.61
N ASP C 218 32.20 33.96 -14.65
CA ASP C 218 33.57 33.49 -14.87
C ASP C 218 33.88 32.27 -14.00
N ASP C 219 32.97 31.92 -13.10
CA ASP C 219 33.05 30.67 -12.36
C ASP C 219 32.11 29.61 -12.90
N CYS C 220 30.90 30.00 -13.31
CA CYS C 220 30.06 29.10 -14.07
C CYS C 220 30.74 28.66 -15.35
N LYS C 221 31.62 29.50 -15.91
CA LYS C 221 32.37 29.12 -17.09
C LYS C 221 33.23 27.89 -16.80
N LYS C 222 34.02 27.93 -15.73
CA LYS C 222 34.84 26.78 -15.36
C LYS C 222 33.97 25.58 -15.01
N PHE C 223 32.89 25.80 -14.26
CA PHE C 223 32.02 24.69 -13.88
C PHE C 223 31.48 23.98 -15.10
N LEU C 224 30.95 24.73 -16.07
CA LEU C 224 30.42 24.11 -17.28
C LEU C 224 31.52 23.52 -18.14
N GLN C 225 32.70 24.12 -18.16
CA GLN C 225 33.79 23.60 -18.95
C GLN C 225 34.26 22.25 -18.45
N GLU C 226 34.19 22.00 -17.15
CA GLU C 226 34.69 20.76 -16.59
C GLU C 226 33.79 19.54 -16.85
N LEU C 227 32.74 19.67 -17.69
CA LEU C 227 31.97 18.51 -18.12
C LEU C 227 31.76 18.47 -19.63
N GLY C 228 32.56 19.19 -20.40
CA GLY C 228 32.30 19.32 -21.82
C GLY C 228 31.69 20.67 -22.11
N PHE C 229 30.47 20.68 -22.66
CA PHE C 229 29.66 21.90 -22.75
C PHE C 229 30.43 23.04 -23.39
N PRO C 230 30.58 23.04 -24.71
CA PRO C 230 31.46 24.03 -25.36
C PRO C 230 31.21 25.47 -24.98
N VAL C 231 32.22 26.11 -24.38
CA VAL C 231 32.14 27.50 -23.95
C VAL C 231 33.28 28.26 -24.62
N PRO C 232 33.20 29.58 -24.72
CA PRO C 232 34.32 30.35 -25.28
C PRO C 232 35.60 30.14 -24.49
N GLN C 233 36.71 30.06 -25.22
CA GLN C 233 38.02 29.85 -24.63
C GLN C 233 39.02 30.70 -25.40
N GLY C 234 40.18 30.93 -24.78
CA GLY C 234 41.19 31.73 -25.45
C GLY C 234 42.50 31.70 -24.69
N ASP C 235 43.44 32.34 -25.40
CA ASP C 235 44.69 32.58 -24.69
C ASP C 235 45.58 33.50 -25.52
N VAL C 236 46.65 33.90 -24.77
CA VAL C 236 47.61 34.84 -25.32
C VAL C 236 49.00 34.25 -25.11
N VAL C 237 49.48 33.52 -26.11
CA VAL C 237 50.77 32.84 -26.06
C VAL C 237 51.61 33.27 -27.25
N PHE C 238 52.85 32.79 -27.29
CA PHE C 238 53.87 33.38 -28.15
C PHE C 238 54.63 32.29 -28.90
N SER C 239 55.41 32.73 -29.89
CA SER C 239 56.57 32.00 -30.42
C SER C 239 56.20 30.85 -31.35
N LEU C 240 54.91 30.72 -31.71
CA LEU C 240 54.46 29.77 -32.72
C LEU C 240 54.64 28.33 -32.26
N ALA C 241 55.28 28.13 -31.11
CA ALA C 241 55.42 26.81 -30.51
C ALA C 241 54.80 26.73 -29.13
N GLU C 242 55.01 27.75 -28.30
CA GLU C 242 54.27 27.87 -27.05
C GLU C 242 52.78 28.06 -27.32
N ALA C 243 52.46 28.84 -28.37
CA ALA C 243 51.07 29.09 -28.72
C ALA C 243 50.46 27.88 -29.43
N LYS C 244 51.26 27.17 -30.21
CA LYS C 244 50.75 26.04 -30.98
C LYS C 244 50.23 24.93 -30.09
N GLU C 245 50.97 24.61 -29.01
CA GLU C 245 50.53 23.55 -28.11
C GLU C 245 49.24 23.92 -27.41
N VAL C 246 49.10 25.19 -27.01
CA VAL C 246 47.85 25.63 -26.39
C VAL C 246 46.71 25.60 -27.40
N ALA C 247 47.01 25.91 -28.67
CA ALA C 247 46.00 25.78 -29.71
C ALA C 247 45.58 24.33 -29.88
N ALA C 248 46.53 23.40 -29.72
CA ALA C 248 46.21 21.98 -29.84
C ALA C 248 45.17 21.69 -28.76
N GLU C 249 45.45 22.11 -27.52
CA GLU C 249 44.54 21.80 -26.38
C GLU C 249 43.18 22.52 -26.48
N ILE C 250 43.15 23.77 -26.97
CA ILE C 250 41.85 24.51 -26.99
C ILE C 250 41.21 24.05 -28.30
N GLY C 251 40.74 22.81 -28.33
CA GLY C 251 40.13 22.25 -29.56
C GLY C 251 40.96 22.25 -30.82
N TYR C 252 40.33 22.37 -31.99
CA TYR C 252 41.16 22.45 -33.24
C TYR C 252 40.52 23.46 -34.21
N PRO C 253 39.25 23.32 -34.67
CA PRO C 253 38.63 24.34 -35.51
C PRO C 253 38.90 25.46 -34.52
N VAL C 254 39.64 26.52 -34.93
CA VAL C 254 39.99 27.64 -34.00
C VAL C 254 40.26 28.83 -34.93
N ALA C 255 40.49 30.00 -34.33
CA ALA C 255 40.76 31.22 -35.12
C ALA C 255 41.73 32.12 -34.38
N VAL C 256 42.39 33.04 -35.09
CA VAL C 256 43.40 33.89 -34.46
C VAL C 256 43.15 35.38 -34.66
N LYS C 257 43.09 36.10 -33.54
CA LYS C 257 42.89 37.55 -33.55
C LYS C 257 43.95 38.28 -32.75
N PRO C 258 45.10 38.59 -33.35
CA PRO C 258 46.10 39.40 -32.66
C PRO C 258 45.55 40.76 -32.28
N VAL C 259 45.92 41.22 -31.08
CA VAL C 259 45.38 42.46 -30.52
C VAL C 259 46.26 43.60 -31.00
N ALA C 260 45.76 44.35 -31.98
CA ALA C 260 46.45 45.52 -32.49
C ALA C 260 45.52 46.72 -32.70
N GLY C 261 44.21 46.52 -32.66
CA GLY C 261 43.28 47.62 -32.89
C GLY C 261 43.35 48.21 -34.28
N HIS C 262 43.50 47.36 -35.30
CA HIS C 262 43.59 47.80 -36.68
C HIS C 262 42.29 47.52 -37.42
N LYS C 263 42.21 48.04 -38.64
CA LYS C 263 41.02 47.89 -39.48
C LYS C 263 41.18 46.64 -40.33
N GLY C 264 40.72 45.50 -39.80
CA GLY C 264 40.76 44.25 -40.54
C GLY C 264 42.16 43.79 -40.89
N ILE C 265 43.10 43.94 -39.97
CA ILE C 265 44.48 43.53 -40.17
C ILE C 265 44.82 42.45 -39.14
N GLY C 266 45.35 41.33 -39.61
CA GLY C 266 45.64 40.21 -38.73
C GLY C 266 44.39 39.47 -38.31
N VAL C 267 43.63 38.96 -39.27
CA VAL C 267 42.41 38.23 -39.00
C VAL C 267 42.38 36.96 -39.86
N THR C 268 42.14 35.82 -39.22
CA THR C 268 41.96 34.55 -39.91
C THR C 268 40.77 33.80 -39.34
N ALA C 269 40.21 32.90 -40.14
CA ALA C 269 39.10 32.07 -39.68
C ALA C 269 39.28 30.62 -40.10
N ASP C 270 38.88 29.70 -39.23
CA ASP C 270 38.88 28.26 -39.52
C ASP C 270 40.20 27.76 -40.07
N VAL C 271 41.22 27.83 -39.21
CA VAL C 271 42.52 27.27 -39.57
C VAL C 271 42.45 25.74 -39.67
N GLN C 272 41.63 25.15 -38.94
CA GLN C 272 41.34 23.71 -39.00
C GLN C 272 42.59 22.86 -38.86
N ASP C 273 42.87 22.06 -39.83
CA ASP C 273 43.90 21.04 -39.75
C ASP C 273 45.30 21.65 -39.88
N GLU C 274 46.31 20.79 -39.93
CA GLU C 274 47.70 21.23 -40.02
C GLU C 274 48.01 21.79 -41.40
N ILE C 275 49.26 22.22 -41.60
CA ILE C 275 49.74 22.82 -42.84
C ILE C 275 49.20 24.25 -42.91
N GLU C 276 47.89 24.40 -42.79
CA GLU C 276 47.29 25.72 -42.76
C GLU C 276 47.69 26.51 -41.52
N LEU C 277 48.14 25.82 -40.47
CA LEU C 277 48.53 26.51 -39.24
C LEU C 277 49.69 27.47 -39.49
N GLU C 278 50.76 26.97 -40.12
CA GLU C 278 51.91 27.82 -40.38
C GLU C 278 51.57 28.95 -41.35
N ALA C 279 50.75 28.65 -42.36
CA ALA C 279 50.34 29.69 -43.30
C ALA C 279 49.57 30.80 -42.60
N ALA C 280 48.62 30.42 -41.74
CA ALA C 280 47.87 31.42 -40.99
C ALA C 280 48.78 32.22 -40.06
N TYR C 281 49.72 31.53 -39.39
CA TYR C 281 50.63 32.23 -38.49
C TYR C 281 51.47 33.26 -39.23
N ASP C 282 52.05 32.87 -40.37
CA ASP C 282 52.90 33.81 -41.10
C ASP C 282 52.08 34.93 -41.74
N ARG C 283 50.86 34.63 -42.18
CA ARG C 283 49.99 35.68 -42.70
C ARG C 283 49.65 36.70 -41.62
N ALA C 284 49.34 36.22 -40.40
CA ALA C 284 49.06 37.13 -39.30
C ALA C 284 50.30 37.93 -38.92
N VAL C 285 51.47 37.29 -38.93
CA VAL C 285 52.70 37.99 -38.57
C VAL C 285 53.01 39.08 -39.59
N ALA C 286 52.84 38.77 -40.88
CA ALA C 286 53.14 39.74 -41.93
C ALA C 286 52.12 40.87 -41.96
N GLY C 287 50.83 40.56 -41.74
CA GLY C 287 49.81 41.59 -41.78
C GLY C 287 50.04 42.66 -40.72
N ILE C 288 50.27 42.23 -39.49
CA ILE C 288 50.70 43.17 -38.45
C ILE C 288 52.11 43.66 -38.78
N PRO C 289 52.45 44.92 -38.52
CA PRO C 289 53.81 45.37 -38.77
C PRO C 289 54.83 44.54 -38.02
N LEU C 290 56.03 44.41 -38.60
CA LEU C 290 57.08 43.58 -38.02
C LEU C 290 57.53 44.07 -36.66
N GLU C 291 57.20 45.31 -36.29
CA GLU C 291 57.43 45.82 -34.95
C GLU C 291 56.39 45.32 -33.95
N GLU C 292 55.63 44.28 -34.30
CA GLU C 292 54.53 43.82 -33.47
C GLU C 292 55.02 43.34 -32.11
N LYS C 293 54.32 43.76 -31.06
CA LYS C 293 54.54 43.18 -29.75
C LYS C 293 54.03 41.74 -29.75
N ILE C 294 54.79 40.86 -29.09
CA ILE C 294 54.52 39.42 -29.17
C ILE C 294 53.42 39.14 -28.14
N CYS C 295 52.18 39.31 -28.58
CA CYS C 295 50.99 39.08 -27.76
C CYS C 295 49.91 38.40 -28.59
N ILE C 296 50.29 37.39 -29.38
CA ILE C 296 49.34 36.74 -30.28
C ILE C 296 48.26 36.04 -29.46
N ILE C 297 47.02 36.12 -29.95
CA ILE C 297 45.84 35.58 -29.28
C ILE C 297 45.25 34.47 -30.14
N VAL C 298 45.01 33.32 -29.52
CA VAL C 298 44.35 32.19 -30.18
C VAL C 298 43.09 31.87 -29.41
N GLU C 299 41.96 31.82 -30.13
CA GLU C 299 40.66 31.61 -29.50
C GLU C 299 39.81 30.71 -30.39
N ASN C 300 38.73 30.19 -29.81
CA ASN C 300 37.79 29.38 -30.58
C ASN C 300 37.01 30.23 -31.56
N SER C 301 36.42 29.58 -32.56
CA SER C 301 35.63 30.26 -33.58
C SER C 301 34.16 30.18 -33.20
N ILE C 302 33.60 31.30 -32.75
CA ILE C 302 32.18 31.41 -32.43
C ILE C 302 31.63 32.62 -33.17
N ALA C 303 30.69 32.38 -34.09
CA ALA C 303 30.11 33.47 -34.87
C ALA C 303 28.75 33.03 -35.37
N GLY C 304 27.87 34.01 -35.56
CA GLY C 304 26.53 33.73 -36.06
C GLY C 304 25.44 34.51 -35.35
N HIS C 305 24.24 33.94 -35.30
CA HIS C 305 23.11 34.58 -34.67
C HIS C 305 23.00 34.19 -33.21
N ASP C 306 22.18 34.94 -32.47
CA ASP C 306 22.00 34.79 -31.04
C ASP C 306 20.62 34.19 -30.74
N TYR C 307 20.60 33.22 -29.84
CA TYR C 307 19.38 32.52 -29.47
C TYR C 307 19.25 32.44 -27.96
N ARG C 308 18.01 32.36 -27.50
CA ARG C 308 17.68 32.20 -26.09
C ARG C 308 16.77 31.00 -25.92
N LEU C 309 17.14 30.08 -25.03
CA LEU C 309 16.37 28.88 -24.77
C LEU C 309 15.82 28.92 -23.34
N LEU C 310 14.62 28.38 -23.17
CA LEU C 310 13.92 28.38 -21.89
C LEU C 310 13.67 26.96 -21.43
N CYS C 311 14.01 26.68 -20.18
CA CYS C 311 13.80 25.37 -19.57
C CYS C 311 12.93 25.53 -18.33
N VAL C 312 11.87 24.74 -18.24
CA VAL C 312 10.98 24.74 -17.10
C VAL C 312 10.92 23.33 -16.53
N ASN C 313 11.18 23.20 -15.23
CA ASN C 313 11.18 21.91 -14.55
C ASN C 313 12.13 20.91 -15.20
N GLY C 314 13.23 21.40 -15.74
CA GLY C 314 14.19 20.54 -16.41
C GLY C 314 13.81 20.10 -17.79
N ARG C 315 12.79 20.70 -18.40
CA ARG C 315 12.35 20.34 -19.74
C ARG C 315 12.42 21.56 -20.66
N PHE C 316 12.93 21.36 -21.87
CA PHE C 316 13.01 22.44 -22.85
C PHE C 316 11.60 22.82 -23.31
N VAL C 317 11.31 24.11 -23.33
CA VAL C 317 9.96 24.61 -23.60
C VAL C 317 9.91 25.42 -24.89
N ALA C 318 10.73 26.46 -24.99
CA ALA C 318 10.62 27.37 -26.12
C ALA C 318 12.00 27.91 -26.49
N ALA C 319 12.09 28.42 -27.72
CA ALA C 319 13.30 29.06 -28.22
C ALA C 319 12.90 30.28 -29.05
N THR C 320 13.82 31.22 -29.17
CA THR C 320 13.52 32.49 -29.82
C THR C 320 14.80 33.15 -30.29
N GLU C 321 14.79 33.69 -31.51
CA GLU C 321 15.94 34.36 -32.08
C GLU C 321 15.73 35.87 -32.01
N ARG C 322 16.77 36.59 -31.61
CA ARG C 322 16.71 38.03 -31.42
C ARG C 322 17.40 38.72 -32.60
N LYS C 323 16.70 39.65 -33.24
CA LYS C 323 17.22 40.35 -34.40
C LYS C 323 17.19 41.86 -34.17
N PRO C 324 18.26 42.56 -34.50
CA PRO C 324 18.31 44.01 -34.27
C PRO C 324 17.60 44.79 -35.37
N ALA C 325 17.49 46.10 -35.15
CA ALA C 325 16.82 46.97 -36.10
C ALA C 325 17.68 47.18 -37.34
N TYR C 326 17.03 47.35 -38.49
CA TYR C 326 17.72 47.55 -39.75
C TYR C 326 16.87 48.42 -40.66
N VAL C 327 17.54 49.04 -41.64
CA VAL C 327 16.89 49.92 -42.60
C VAL C 327 17.26 49.44 -44.00
N VAL C 328 16.24 49.30 -44.86
CA VAL C 328 16.44 48.84 -46.23
C VAL C 328 17.12 49.95 -47.04
N GLY C 329 17.57 49.61 -48.24
CA GLY C 329 18.31 50.54 -49.07
C GLY C 329 17.50 51.76 -49.47
N ASP C 330 18.20 52.71 -50.08
CA ASP C 330 17.61 53.99 -50.46
C ASP C 330 18.44 54.60 -51.58
N GLY C 331 17.83 55.53 -52.31
CA GLY C 331 18.52 56.23 -53.38
C GLY C 331 18.99 57.62 -53.06
N TYR C 332 18.19 58.39 -52.31
CA TYR C 332 18.54 59.79 -52.07
C TYR C 332 18.38 60.23 -50.62
N SER C 333 17.53 59.54 -49.85
CA SER C 333 17.23 59.99 -48.50
C SER C 333 18.38 59.71 -47.55
N THR C 334 18.49 60.52 -46.50
CA THR C 334 19.52 60.35 -45.50
C THR C 334 19.06 59.39 -44.41
N ILE C 335 19.97 59.12 -43.47
CA ILE C 335 19.75 58.14 -42.42
C ILE C 335 18.53 58.52 -41.58
N ALA C 336 18.50 59.78 -41.13
CA ALA C 336 17.42 60.26 -40.29
C ALA C 336 16.07 60.17 -40.99
N GLU C 337 16.05 60.52 -42.29
CA GLU C 337 14.81 60.48 -43.05
C GLU C 337 14.26 59.06 -43.14
N LEU C 338 15.13 58.09 -43.41
CA LEU C 338 14.69 56.70 -43.44
C LEU C 338 14.21 56.24 -42.07
N ILE C 339 14.92 56.64 -41.01
CA ILE C 339 14.52 56.24 -39.67
C ILE C 339 13.13 56.77 -39.36
N GLU C 340 12.87 58.04 -39.65
CA GLU C 340 11.56 58.62 -39.38
C GLU C 340 10.49 57.98 -40.24
N LYS C 341 10.80 57.71 -41.52
CA LYS C 341 9.82 57.12 -42.42
C LYS C 341 9.38 55.74 -41.93
N GLU C 342 10.34 54.93 -41.48
CA GLU C 342 9.97 53.61 -40.98
C GLU C 342 9.37 53.68 -39.58
N ASN C 343 9.74 54.70 -38.80
CA ASN C 343 9.27 54.83 -37.43
C ASN C 343 7.82 55.31 -37.41
N PHE C 344 7.41 56.00 -38.47
CA PHE C 344 6.04 56.48 -38.58
C PHE C 344 5.08 55.43 -39.12
N SER C 345 5.57 54.39 -39.79
CA SER C 345 4.75 53.35 -40.40
C SER C 345 4.05 52.52 -39.33
N PRO C 346 2.98 51.79 -39.67
CA PRO C 346 2.29 50.98 -38.66
C PRO C 346 3.12 49.80 -38.19
N ASN C 347 2.54 48.97 -37.31
CA ASN C 347 3.22 47.84 -36.67
C ASN C 347 4.38 48.33 -35.82
N ARG C 348 4.44 49.63 -35.55
CA ARG C 348 5.48 50.20 -34.70
C ARG C 348 4.95 51.28 -33.76
N SER C 349 3.64 51.44 -33.62
CA SER C 349 3.10 52.43 -32.71
C SER C 349 3.39 52.05 -31.26
N ASP C 350 3.27 53.02 -30.37
CA ASP C 350 3.59 52.84 -28.96
C ASP C 350 2.38 52.41 -28.13
N THR C 351 1.42 51.73 -28.75
CA THR C 351 0.33 51.15 -27.99
C THR C 351 0.85 50.04 -27.09
N PRO C 352 0.26 49.86 -25.91
CA PRO C 352 0.74 48.80 -25.00
C PRO C 352 0.70 47.41 -25.63
N THR C 353 -0.25 47.13 -26.50
CA THR C 353 -0.36 45.85 -27.19
C THR C 353 0.04 46.08 -28.64
N SER C 354 1.35 46.00 -28.90
CA SER C 354 1.90 46.20 -30.22
C SER C 354 2.97 45.16 -30.49
N PRO C 355 3.17 44.77 -31.75
CA PRO C 355 4.23 43.80 -32.08
C PRO C 355 5.62 44.30 -31.66
N MET C 356 6.01 45.47 -32.17
CA MET C 356 7.30 46.04 -31.85
C MET C 356 7.14 47.53 -31.58
N GLY C 357 8.11 48.10 -30.87
CA GLY C 357 8.09 49.49 -30.48
C GLY C 357 8.68 50.42 -31.51
N LYS C 358 9.23 51.52 -31.03
CA LYS C 358 9.82 52.55 -31.88
C LYS C 358 11.34 52.57 -31.72
N ILE C 359 12.02 52.96 -32.80
CA ILE C 359 13.47 53.07 -32.76
C ILE C 359 13.86 54.29 -31.93
N ARG C 360 14.71 54.08 -30.93
CA ARG C 360 15.15 55.13 -30.02
C ARG C 360 16.62 55.42 -30.27
N THR C 361 16.94 56.69 -30.50
CA THR C 361 18.33 57.08 -30.70
C THR C 361 19.09 57.03 -29.38
N ASP C 362 20.34 56.59 -29.46
CA ASP C 362 21.20 56.49 -28.29
C ASP C 362 22.64 56.56 -28.74
N GLU C 363 23.54 56.79 -27.79
CA GLU C 363 24.96 56.94 -28.13
C GLU C 363 25.53 55.65 -28.71
N ALA C 364 25.19 54.49 -28.16
CA ALA C 364 25.79 53.24 -28.60
C ALA C 364 25.60 53.04 -30.10
N MET C 365 24.51 53.55 -30.65
CA MET C 365 24.34 53.54 -32.09
C MET C 365 25.45 54.32 -32.79
N HIS C 366 25.81 55.49 -32.23
CA HIS C 366 26.90 56.26 -32.81
C HIS C 366 28.24 55.55 -32.67
N LEU C 367 28.50 54.96 -31.49
CA LEU C 367 29.75 54.21 -31.35
C LEU C 367 29.84 53.03 -32.31
N TYR C 368 28.72 52.37 -32.61
CA TYR C 368 28.76 51.30 -33.59
C TYR C 368 28.89 51.82 -35.02
N LEU C 369 28.20 52.91 -35.34
CA LEU C 369 28.21 53.43 -36.70
C LEU C 369 29.57 54.02 -37.06
N GLU C 370 30.29 54.58 -36.08
CA GLU C 370 31.62 55.09 -36.38
C GLU C 370 32.59 53.95 -36.72
N GLU C 371 32.45 52.80 -36.07
CA GLU C 371 33.20 51.62 -36.50
C GLU C 371 32.73 51.16 -37.88
N GLN C 372 31.42 51.23 -38.13
CA GLN C 372 30.94 50.99 -39.48
C GLN C 372 31.54 51.99 -40.46
N GLY C 373 31.84 53.20 -40.00
CA GLY C 373 32.45 54.23 -40.82
C GLY C 373 31.48 55.27 -41.33
N LEU C 374 30.21 55.20 -40.97
CA LEU C 374 29.20 56.12 -41.48
C LEU C 374 28.48 56.79 -40.31
N ASP C 375 27.83 57.91 -40.63
CA ASP C 375 27.05 58.67 -39.67
C ASP C 375 25.77 59.16 -40.32
N LEU C 376 25.11 60.15 -39.74
CA LEU C 376 23.99 60.80 -40.39
C LEU C 376 24.37 61.34 -41.77
N ASP C 377 23.37 61.39 -42.66
CA ASP C 377 23.56 61.83 -44.03
C ASP C 377 24.59 60.97 -44.76
N SER C 378 24.27 59.68 -44.93
CA SER C 378 25.17 58.68 -45.53
C SER C 378 24.38 57.88 -46.57
N VAL C 379 23.73 58.61 -47.49
CA VAL C 379 22.91 57.99 -48.53
C VAL C 379 23.68 56.85 -49.20
N ILE C 380 22.96 55.77 -49.49
CA ILE C 380 23.55 54.58 -50.08
C ILE C 380 23.01 54.41 -51.50
N ASP C 381 23.49 53.38 -52.19
CA ASP C 381 23.14 53.19 -53.60
C ASP C 381 21.74 52.63 -53.78
N ARG C 382 21.52 51.38 -53.36
CA ARG C 382 20.23 50.73 -53.53
C ARG C 382 20.22 49.41 -52.76
N ASP C 383 19.10 49.16 -52.07
CA ASP C 383 18.78 47.87 -51.45
C ASP C 383 19.89 47.34 -50.54
N ARG C 384 20.83 48.19 -50.15
CA ARG C 384 21.91 47.79 -49.25
C ARG C 384 21.43 47.90 -47.81
N THR C 385 21.69 46.86 -47.02
CA THR C 385 21.19 46.77 -45.66
C THR C 385 22.20 47.34 -44.68
N ILE C 386 21.71 48.13 -43.72
CA ILE C 386 22.52 48.70 -42.66
C ILE C 386 21.95 48.24 -41.32
N TYR C 387 22.78 47.61 -40.50
CA TYR C 387 22.37 47.16 -39.18
C TYR C 387 22.73 48.23 -38.17
N LEU C 388 21.72 48.71 -37.44
CA LEU C 388 21.86 49.89 -36.61
C LEU C 388 22.51 49.61 -35.26
N ARG C 389 22.72 48.33 -34.91
CA ARG C 389 23.33 47.97 -33.64
C ARG C 389 23.96 46.61 -33.76
N LYS C 390 24.79 46.27 -32.77
CA LYS C 390 25.46 44.97 -32.71
C LYS C 390 24.69 43.96 -31.88
N VAL C 391 24.29 44.32 -30.66
CA VAL C 391 23.51 43.47 -29.78
C VAL C 391 22.10 44.05 -29.70
N ALA C 392 21.10 43.27 -30.08
CA ALA C 392 19.74 43.78 -30.18
C ALA C 392 19.18 44.14 -28.81
N ASN C 393 18.47 45.26 -28.75
CA ASN C 393 17.73 45.68 -27.57
C ASN C 393 16.26 45.66 -27.97
N LEU C 394 15.49 44.75 -27.36
CA LEU C 394 14.10 44.55 -27.74
C LEU C 394 13.20 45.72 -27.35
N SER C 395 13.67 46.61 -26.47
CA SER C 395 12.89 47.78 -26.07
C SER C 395 13.21 49.02 -26.88
N SER C 396 14.16 48.94 -27.82
CA SER C 396 14.58 50.11 -28.59
C SER C 396 14.75 49.76 -30.06
N GLY C 397 13.85 48.95 -30.60
CA GLY C 397 13.87 48.69 -32.04
C GLY C 397 13.95 47.24 -32.44
N GLY C 398 14.73 46.44 -31.72
CA GLY C 398 14.91 45.05 -32.07
C GLY C 398 13.64 44.24 -31.85
N PHE C 399 13.59 43.07 -32.49
CA PHE C 399 12.43 42.20 -32.38
C PHE C 399 12.89 40.75 -32.28
N SER C 400 11.91 39.84 -32.25
CA SER C 400 12.17 38.43 -32.00
C SER C 400 11.38 37.57 -32.96
N ILE C 401 11.92 36.38 -33.24
CA ILE C 401 11.32 35.43 -34.17
C ILE C 401 11.23 34.08 -33.49
N ASP C 402 10.09 33.42 -33.62
CA ASP C 402 9.90 32.10 -33.04
C ASP C 402 10.72 31.05 -33.79
N ALA C 403 11.41 30.19 -33.03
CA ALA C 403 12.24 29.15 -33.63
C ALA C 403 12.12 27.84 -32.87
N THR C 404 10.95 27.55 -32.30
CA THR C 404 10.81 26.38 -31.45
C THR C 404 10.85 25.07 -32.24
N ASN C 405 10.37 25.08 -33.48
CA ASN C 405 10.21 23.85 -34.25
C ASN C 405 11.41 23.53 -35.13
N ARG C 406 12.51 24.28 -35.03
CA ARG C 406 13.68 24.07 -35.86
C ARG C 406 14.92 23.72 -35.06
N VAL C 407 14.77 23.00 -33.96
CA VAL C 407 15.87 22.70 -33.06
C VAL C 407 16.23 21.23 -33.18
N HIS C 408 17.51 20.94 -33.34
CA HIS C 408 17.99 19.57 -33.41
C HIS C 408 17.84 18.89 -32.05
N PRO C 409 17.58 17.58 -32.05
CA PRO C 409 17.48 16.87 -30.76
C PRO C 409 18.73 16.93 -29.91
N ASP C 410 19.91 17.00 -30.53
CA ASP C 410 21.15 17.07 -29.75
C ASP C 410 21.18 18.31 -28.87
N ASN C 411 20.77 19.45 -29.41
CA ASN C 411 20.75 20.67 -28.62
C ASN C 411 19.73 20.60 -27.50
N ILE C 412 18.59 19.93 -27.74
CA ILE C 412 17.61 19.75 -26.68
C ILE C 412 18.19 18.92 -25.54
N ILE C 413 18.89 17.84 -25.89
CA ILE C 413 19.50 17.01 -24.86
C ILE C 413 20.58 17.77 -24.11
N LEU C 414 21.37 18.58 -24.82
CA LEU C 414 22.37 19.40 -24.15
C LEU C 414 21.74 20.38 -23.18
N ALA C 415 20.64 21.02 -23.57
CA ALA C 415 19.94 21.94 -22.69
C ALA C 415 19.41 21.23 -21.45
N GLN C 416 18.85 20.03 -21.64
CA GLN C 416 18.36 19.28 -20.49
C GLN C 416 19.49 18.93 -19.52
N ASP C 417 20.63 18.50 -20.06
CA ASP C 417 21.77 18.18 -19.21
C ASP C 417 22.26 19.40 -18.44
N ILE C 418 22.30 20.56 -19.10
CA ILE C 418 22.71 21.78 -18.40
C ILE C 418 21.72 22.12 -17.30
N ALA C 419 20.42 22.03 -17.60
CA ALA C 419 19.42 22.50 -16.66
C ALA C 419 19.20 21.56 -15.49
N GLN C 420 19.56 20.28 -15.61
CA GLN C 420 19.28 19.35 -14.53
C GLN C 420 20.17 19.55 -13.31
N HIS C 421 21.18 20.41 -13.39
CA HIS C 421 22.17 20.53 -12.33
C HIS C 421 21.85 21.64 -11.32
N PHE C 422 20.73 22.35 -11.47
CA PHE C 422 20.40 23.46 -10.60
C PHE C 422 19.02 23.25 -9.97
N ARG C 423 18.85 23.80 -8.78
CA ARG C 423 17.57 23.73 -8.06
C ARG C 423 16.76 25.01 -8.30
N LEU C 424 16.39 25.22 -9.55
CA LEU C 424 15.57 26.36 -9.94
C LEU C 424 14.43 25.88 -10.82
N THR C 425 13.34 26.65 -10.82
CA THR C 425 12.16 26.24 -11.58
C THR C 425 12.30 26.61 -13.06
N CYS C 426 12.70 27.84 -13.36
CA CYS C 426 12.87 28.31 -14.73
C CYS C 426 14.31 28.75 -14.96
N LEU C 427 14.85 28.39 -16.11
CA LEU C 427 16.23 28.73 -16.46
C LEU C 427 16.29 29.23 -17.89
N GLY C 428 17.12 30.24 -18.12
CA GLY C 428 17.33 30.74 -19.46
C GLY C 428 18.77 30.63 -19.91
N ILE C 429 19.00 30.20 -21.15
CA ILE C 429 20.34 29.97 -21.66
C ILE C 429 20.53 30.80 -22.93
N ASP C 430 21.64 31.52 -23.01
CA ASP C 430 21.97 32.31 -24.18
C ASP C 430 23.07 31.63 -24.99
N ILE C 431 22.83 31.41 -26.28
CA ILE C 431 23.78 30.72 -27.14
C ILE C 431 23.98 31.51 -28.42
N ILE C 432 25.09 31.21 -29.10
CA ILE C 432 25.43 31.82 -30.38
C ILE C 432 25.77 30.71 -31.36
N THR C 433 25.12 30.71 -32.52
CA THR C 433 25.36 29.66 -33.50
C THR C 433 24.94 30.15 -34.88
N ASN C 434 25.49 29.50 -35.91
CA ASN C 434 25.17 29.87 -37.28
C ASN C 434 24.00 29.09 -37.85
N ASP C 435 23.67 27.93 -37.27
CA ASP C 435 22.54 27.14 -37.75
C ASP C 435 22.06 26.26 -36.60
N ILE C 436 20.88 26.58 -36.05
CA ILE C 436 20.30 25.80 -34.96
C ILE C 436 19.73 24.47 -35.43
N GLY C 437 19.63 24.26 -36.73
CA GLY C 437 19.11 23.01 -37.25
C GLY C 437 20.11 21.89 -37.38
N ARG C 438 21.34 22.08 -36.92
CA ARG C 438 22.39 21.07 -37.01
C ARG C 438 23.02 20.86 -35.66
N SER C 439 23.63 19.69 -35.47
CA SER C 439 24.20 19.32 -34.19
C SER C 439 25.36 20.23 -33.81
N TRP C 440 25.53 20.42 -32.50
CA TRP C 440 26.60 21.27 -32.00
C TRP C 440 27.98 20.65 -32.13
N LYS C 441 28.06 19.37 -32.49
CA LYS C 441 29.34 18.69 -32.62
C LYS C 441 30.00 18.94 -33.97
N GLU C 442 29.36 19.70 -34.87
CA GLU C 442 29.94 19.94 -36.18
C GLU C 442 29.82 21.39 -36.64
N THR C 443 29.31 22.30 -35.83
CA THR C 443 29.17 23.71 -36.19
C THR C 443 29.90 24.57 -35.17
N SER C 444 29.74 25.88 -35.30
CA SER C 444 30.33 26.84 -34.36
C SER C 444 29.32 27.14 -33.28
N PHE C 445 29.45 26.46 -32.14
CA PHE C 445 28.49 26.55 -31.04
C PHE C 445 29.19 27.09 -29.81
N GLY C 446 28.45 27.83 -28.99
CA GLY C 446 29.01 28.39 -27.78
C GLY C 446 27.92 28.76 -26.80
N ILE C 447 28.25 28.68 -25.51
CA ILE C 447 27.34 29.04 -24.44
C ILE C 447 27.84 30.32 -23.78
N ILE C 448 27.00 31.34 -23.72
CA ILE C 448 27.42 32.66 -23.29
C ILE C 448 26.98 32.96 -21.86
N GLU C 449 25.71 32.71 -21.53
CA GLU C 449 25.18 33.20 -20.27
C GLU C 449 24.05 32.31 -19.79
N ILE C 450 23.88 32.25 -18.48
CA ILE C 450 22.81 31.52 -17.82
C ILE C 450 22.09 32.47 -16.88
N ASN C 451 20.76 32.52 -16.96
CA ASN C 451 19.95 33.43 -16.17
C ASN C 451 18.93 32.65 -15.35
N ALA C 452 18.74 33.08 -14.10
CA ALA C 452 17.92 32.35 -13.15
C ALA C 452 16.48 32.84 -13.09
N ALA C 453 16.24 34.11 -13.39
CA ALA C 453 14.89 34.69 -13.35
C ALA C 453 14.62 35.34 -14.70
N PRO C 454 14.36 34.55 -15.73
CA PRO C 454 14.18 35.10 -17.08
C PRO C 454 12.82 35.74 -17.26
N GLY C 455 12.74 36.61 -18.27
CA GLY C 455 11.47 37.16 -18.69
C GLY C 455 10.86 36.29 -19.77
N VAL C 456 9.56 36.04 -19.67
CA VAL C 456 8.87 35.11 -20.56
C VAL C 456 7.89 35.81 -21.47
N TYR C 457 7.96 37.14 -21.58
CA TYR C 457 7.02 37.85 -22.44
C TYR C 457 7.38 37.70 -23.92
N MET C 458 8.66 37.61 -24.24
CA MET C 458 9.06 37.48 -25.64
C MET C 458 8.62 36.16 -26.25
N HIS C 459 8.31 35.16 -25.43
CA HIS C 459 7.80 33.90 -25.93
C HIS C 459 6.29 33.87 -26.06
N LEU C 460 5.60 34.85 -25.47
CA LEU C 460 4.14 34.89 -25.52
C LEU C 460 3.61 35.72 -26.68
N LYS C 461 4.27 36.82 -27.01
CA LYS C 461 3.85 37.71 -28.09
C LYS C 461 5.03 37.97 -29.00
N PRO C 462 5.39 37.02 -29.86
CA PRO C 462 6.49 37.23 -30.79
C PRO C 462 6.07 38.12 -31.96
N ALA C 463 7.05 38.82 -32.51
CA ALA C 463 6.78 39.67 -33.67
C ALA C 463 6.43 38.84 -34.89
N ILE C 464 7.15 37.76 -35.14
CA ILE C 464 6.88 36.85 -36.24
C ILE C 464 6.87 35.43 -35.70
N GLY C 465 5.81 34.69 -36.00
CA GLY C 465 5.66 33.31 -35.59
C GLY C 465 4.38 33.08 -34.82
N GLU C 466 4.31 31.93 -34.16
CA GLU C 466 3.15 31.56 -33.37
C GLU C 466 3.47 31.53 -31.88
N PRO C 467 2.53 31.92 -31.03
CA PRO C 467 2.80 31.96 -29.60
C PRO C 467 2.88 30.58 -28.97
N VAL C 468 3.53 30.54 -27.81
CA VAL C 468 3.66 29.33 -27.00
C VAL C 468 3.15 29.63 -25.60
N ASP C 469 2.31 28.74 -25.06
CA ASP C 469 1.72 28.92 -23.74
C ASP C 469 2.70 28.38 -22.70
N VAL C 470 3.48 29.28 -22.10
CA VAL C 470 4.46 28.88 -21.11
C VAL C 470 3.94 29.00 -19.68
N THR C 471 3.00 29.91 -19.43
CA THR C 471 2.46 30.05 -18.08
C THR C 471 1.67 28.82 -17.65
N ALA C 472 1.01 28.16 -18.60
CA ALA C 472 0.34 26.90 -18.27
C ALA C 472 1.34 25.84 -17.84
N ARG C 473 2.48 25.77 -18.53
CA ARG C 473 3.53 24.84 -18.14
C ARG C 473 4.07 25.18 -16.76
N ILE C 474 4.24 26.47 -16.48
CA ILE C 474 4.74 26.87 -15.16
C ILE C 474 3.75 26.47 -14.07
N LEU C 475 2.46 26.69 -14.29
CA LEU C 475 1.47 26.43 -13.26
C LEU C 475 1.20 24.94 -13.08
N GLU C 476 1.33 24.13 -14.14
CA GLU C 476 1.08 22.70 -14.02
C GLU C 476 2.17 21.97 -13.25
N THR C 477 3.30 22.62 -12.98
CA THR C 477 4.34 22.00 -12.17
C THR C 477 3.87 21.76 -10.74
N PHE C 478 3.13 22.69 -10.16
CA PHE C 478 2.71 22.62 -8.77
C PHE C 478 1.34 21.99 -8.60
N PHE C 479 0.32 22.51 -9.28
CA PHE C 479 -1.04 22.02 -9.17
C PHE C 479 -1.41 21.29 -10.46
N GLU C 480 -1.88 20.05 -10.32
CA GLU C 480 -2.33 19.26 -11.46
C GLU C 480 -3.81 19.38 -11.71
N THR C 481 -4.62 19.60 -10.66
CA THR C 481 -6.04 19.83 -10.81
C THR C 481 -6.46 20.88 -9.79
N GLU C 482 -7.72 21.33 -9.90
CA GLU C 482 -8.22 22.36 -8.99
C GLU C 482 -8.25 21.87 -7.55
N LYS C 483 -8.69 20.63 -7.34
CA LYS C 483 -8.82 20.11 -5.98
C LYS C 483 -7.49 19.96 -5.28
N ASN C 484 -6.37 20.09 -6.00
CA ASN C 484 -5.05 20.07 -5.40
C ASN C 484 -4.64 21.41 -4.83
N ALA C 485 -5.53 22.40 -4.81
CA ALA C 485 -5.19 23.72 -4.29
C ALA C 485 -6.19 24.24 -3.26
N ARG C 486 -6.96 23.37 -2.62
CA ARG C 486 -8.00 23.80 -1.70
C ARG C 486 -8.00 22.93 -0.45
N ILE C 487 -8.60 23.47 0.62
CA ILE C 487 -8.76 22.75 1.88
C ILE C 487 -10.21 22.89 2.33
N PRO C 488 -10.73 21.99 3.16
CA PRO C 488 -12.13 22.10 3.59
C PRO C 488 -12.41 23.32 4.47
N ILE C 489 -13.59 23.90 4.26
CA ILE C 489 -14.03 25.11 4.94
C ILE C 489 -15.45 24.90 5.44
N ILE C 490 -15.73 25.36 6.66
CA ILE C 490 -17.05 25.29 7.27
C ILE C 490 -17.50 26.69 7.64
N THR C 491 -18.76 27.02 7.33
CA THR C 491 -19.28 28.36 7.50
C THR C 491 -20.48 28.37 8.45
N PHE C 492 -20.39 29.23 9.46
CA PHE C 492 -21.47 29.52 10.38
C PHE C 492 -21.92 30.96 10.18
N ASN C 493 -23.03 31.33 10.85
CA ASN C 493 -23.45 32.73 10.92
C ASN C 493 -23.50 33.27 12.33
N ARG C 494 -23.52 32.40 13.34
CA ARG C 494 -23.45 32.82 14.74
C ARG C 494 -23.06 31.60 15.57
N VAL C 495 -21.97 31.71 16.32
CA VAL C 495 -21.46 30.60 17.10
C VAL C 495 -20.64 31.17 18.25
N SER C 496 -20.50 30.39 19.31
CA SER C 496 -19.74 30.78 20.50
C SER C 496 -18.44 29.99 20.58
N ILE C 497 -17.57 30.42 21.49
CA ILE C 497 -16.26 29.80 21.60
C ILE C 497 -16.30 28.44 22.28
N ARG C 498 -17.37 28.14 23.03
CA ARG C 498 -17.46 26.85 23.69
C ARG C 498 -17.84 25.74 22.72
N GLN C 499 -18.62 26.05 21.69
CA GLN C 499 -19.02 25.04 20.72
C GLN C 499 -17.90 24.70 19.76
N LEU C 500 -17.03 25.66 19.45
CA LEU C 500 -15.93 25.39 18.54
C LEU C 500 -14.96 24.36 19.10
N GLN C 501 -14.70 24.43 20.41
CA GLN C 501 -13.82 23.44 21.04
C GLN C 501 -14.42 22.05 20.96
N LYS C 502 -15.73 21.92 21.19
CA LYS C 502 -16.38 20.63 21.08
C LYS C 502 -16.32 20.09 19.66
N LEU C 503 -16.56 20.96 18.68
CA LEU C 503 -16.50 20.53 17.28
C LEU C 503 -15.10 20.07 16.91
N SER C 504 -14.07 20.82 17.30
CA SER C 504 -12.70 20.43 16.99
C SER C 504 -12.34 19.13 17.70
N ASP C 505 -12.79 18.95 18.94
CA ASP C 505 -12.53 17.71 19.66
C ASP C 505 -13.14 16.54 18.93
N ARG C 506 -14.40 16.69 18.48
CA ARG C 506 -15.06 15.60 17.78
C ARG C 506 -14.35 15.28 16.47
N ILE C 507 -13.89 16.31 15.75
CA ILE C 507 -13.21 16.08 14.48
C ILE C 507 -11.87 15.39 14.70
N LEU C 508 -11.15 15.78 15.76
CA LEU C 508 -9.80 15.26 15.98
C LEU C 508 -9.80 13.79 16.38
N MET C 509 -10.95 13.21 16.71
CA MET C 509 -10.98 11.80 17.08
C MET C 509 -10.65 10.90 15.89
N SER C 510 -10.99 11.33 14.68
CA SER C 510 -10.76 10.54 13.49
C SER C 510 -9.44 10.86 12.80
N HIS C 511 -8.94 12.08 12.94
CA HIS C 511 -7.69 12.53 12.32
C HIS C 511 -6.80 13.10 13.41
N PRO C 512 -6.10 12.25 14.16
CA PRO C 512 -5.35 12.74 15.33
C PRO C 512 -4.21 13.68 14.98
N ASP C 513 -3.73 13.70 13.74
CA ASP C 513 -2.56 14.48 13.37
C ASP C 513 -2.89 15.71 12.53
N TRP C 514 -4.14 16.15 12.54
CA TRP C 514 -4.55 17.30 11.75
C TRP C 514 -4.35 18.60 12.52
N THR C 515 -4.39 19.71 11.80
CA THR C 515 -4.35 21.05 12.37
C THR C 515 -5.58 21.80 11.90
N ILE C 516 -6.37 22.30 12.84
CA ILE C 516 -7.67 22.90 12.56
C ILE C 516 -7.65 24.34 13.05
N GLY C 517 -8.11 25.27 12.21
CA GLY C 517 -8.17 26.65 12.63
C GLY C 517 -9.58 27.21 12.66
N ALA C 518 -9.99 27.78 13.79
CA ALA C 518 -11.33 28.29 13.96
C ALA C 518 -11.29 29.75 14.37
N VAL C 519 -12.21 30.55 13.83
CA VAL C 519 -12.25 31.97 14.13
C VAL C 519 -13.70 32.41 14.31
N CYS C 520 -13.95 33.25 15.31
CA CYS C 520 -15.26 33.83 15.55
C CYS C 520 -15.06 35.22 16.15
N ARG C 521 -16.15 35.83 16.62
CA ARG C 521 -16.07 37.18 17.16
C ARG C 521 -15.56 37.23 18.59
N GLU C 522 -15.48 36.09 19.28
CA GLU C 522 -15.01 36.06 20.66
C GLU C 522 -13.55 35.68 20.79
N GLY C 523 -12.99 34.95 19.83
CA GLY C 523 -11.60 34.55 19.92
C GLY C 523 -11.20 33.75 18.71
N ILE C 524 -9.95 33.30 18.72
CA ILE C 524 -9.36 32.52 17.63
C ILE C 524 -8.68 31.30 18.23
N LEU C 525 -8.90 30.13 17.63
CA LEU C 525 -8.41 28.88 18.17
C LEU C 525 -7.61 28.13 17.12
N ILE C 526 -6.50 27.55 17.55
CA ILE C 526 -5.77 26.53 16.79
C ILE C 526 -5.82 25.26 17.61
N ASN C 527 -6.48 24.23 17.08
CA ASN C 527 -6.79 23.02 17.82
C ASN C 527 -7.59 23.35 19.06
N ARG C 528 -6.95 23.34 20.23
CA ARG C 528 -7.61 23.66 21.49
C ARG C 528 -6.94 24.79 22.25
N SER C 529 -6.02 25.51 21.64
CA SER C 529 -5.29 26.58 22.29
C SER C 529 -5.79 27.94 21.80
N GLU C 530 -5.69 28.93 22.67
CA GLU C 530 -6.20 30.27 22.39
C GLU C 530 -5.06 31.21 21.99
N LYS C 531 -5.35 32.13 21.06
CA LYS C 531 -4.37 33.10 20.60
C LYS C 531 -4.92 34.51 20.73
N ILE C 532 -4.22 35.48 20.16
CA ILE C 532 -4.60 36.89 20.24
C ILE C 532 -5.48 37.25 19.06
N LEU C 533 -6.47 38.11 19.29
CA LEU C 533 -7.43 38.51 18.27
C LEU C 533 -7.11 39.92 17.80
N ASN C 534 -7.13 40.11 16.48
CA ASN C 534 -6.84 41.41 15.89
C ASN C 534 -8.08 42.29 15.89
N ARG C 535 -7.85 43.60 15.79
CA ARG C 535 -8.95 44.57 15.79
C ARG C 535 -9.68 44.61 14.45
N HIS C 536 -9.00 44.35 13.34
CA HIS C 536 -9.62 44.29 12.03
C HIS C 536 -10.00 42.84 11.74
N TYR C 537 -11.30 42.59 11.59
CA TYR C 537 -11.78 41.21 11.58
C TYR C 537 -11.24 40.42 10.40
N ASN C 538 -11.20 41.03 9.22
CA ASN C 538 -10.79 40.29 8.02
C ASN C 538 -9.33 39.92 8.01
N THR C 539 -8.52 40.48 8.91
CA THR C 539 -7.10 40.13 8.96
C THR C 539 -6.87 38.76 9.57
N ASN C 540 -7.75 38.33 10.48
CA ASN C 540 -7.58 37.02 11.10
C ASN C 540 -7.73 35.89 10.10
N VAL C 541 -8.67 36.01 9.16
CA VAL C 541 -8.84 34.99 8.13
C VAL C 541 -7.60 34.92 7.25
N LEU C 542 -7.05 36.08 6.88
CA LEU C 542 -5.81 36.09 6.09
C LEU C 542 -4.67 35.45 6.86
N ASN C 543 -4.57 35.72 8.15
CA ASN C 543 -3.52 35.11 8.97
C ASN C 543 -3.68 33.60 9.03
N LEU C 544 -4.92 33.12 9.11
CA LEU C 544 -5.15 31.68 9.18
C LEU C 544 -4.84 31.00 7.85
N LEU C 545 -5.24 31.62 6.73
CA LEU C 545 -4.99 31.02 5.43
C LEU C 545 -3.52 31.05 5.02
N ARG C 546 -2.70 31.87 5.69
CA ARG C 546 -1.28 31.95 5.42
C ARG C 546 -0.48 30.87 6.14
N ASN C 547 -1.06 30.24 7.16
CA ASN C 547 -0.38 29.20 7.92
C ASN C 547 -0.04 28.02 7.03
N PRO C 548 1.22 27.59 6.97
CA PRO C 548 1.60 26.49 6.08
C PRO C 548 1.33 25.10 6.62
N LYS C 549 0.55 24.96 7.69
CA LYS C 549 0.23 23.65 8.23
C LYS C 549 -1.27 23.43 8.41
N LEU C 550 -2.11 24.35 7.98
CA LEU C 550 -3.55 24.22 8.22
C LEU C 550 -4.14 23.09 7.39
N ASP C 551 -5.14 22.42 7.96
CA ASP C 551 -5.83 21.33 7.30
C ASP C 551 -7.32 21.55 7.14
N LEU C 552 -7.93 22.43 7.94
CA LEU C 552 -9.36 22.67 7.88
C LEU C 552 -9.64 24.03 8.52
N LEU C 553 -10.60 24.76 7.96
CA LEU C 553 -10.93 26.10 8.43
C LEU C 553 -12.39 26.17 8.86
N ILE C 554 -12.65 26.86 9.97
CA ILE C 554 -14.00 27.10 10.47
C ILE C 554 -14.15 28.59 10.70
N ALA C 555 -15.15 29.19 10.06
CA ALA C 555 -15.32 30.63 10.16
C ALA C 555 -16.80 30.99 10.26
N GLU C 556 -17.07 32.16 10.83
CA GLU C 556 -18.43 32.69 10.89
C GLU C 556 -18.45 34.10 10.32
N TYR C 557 -19.55 34.45 9.68
CA TYR C 557 -19.73 35.75 9.04
C TYR C 557 -21.14 36.23 9.35
N ASP C 558 -21.26 37.24 10.21
CA ASP C 558 -22.56 37.79 10.56
C ASP C 558 -22.91 38.91 9.57
N GLU C 559 -23.99 39.64 9.86
CA GLU C 559 -24.48 40.65 8.92
C GLU C 559 -23.51 41.83 8.82
N ASP C 560 -22.97 42.29 9.95
CA ASP C 560 -22.09 43.44 9.94
C ASP C 560 -20.81 43.15 9.16
N ALA C 561 -20.24 41.97 9.35
CA ALA C 561 -19.02 41.61 8.62
C ALA C 561 -19.28 41.55 7.12
N LEU C 562 -20.40 40.96 6.72
CA LEU C 562 -20.71 40.87 5.30
C LEU C 562 -20.95 42.24 4.70
N GLU C 563 -21.64 43.12 5.42
CA GLU C 563 -21.93 44.45 4.90
C GLU C 563 -20.73 45.38 4.96
N ALA C 564 -19.72 45.05 5.76
CA ALA C 564 -18.57 45.95 5.91
C ALA C 564 -17.59 45.80 4.76
N GLU C 565 -17.04 44.59 4.58
CA GLU C 565 -16.02 44.37 3.58
C GLU C 565 -16.23 43.11 2.74
N GLY C 566 -17.13 42.22 3.11
CA GLY C 566 -17.36 41.01 2.34
C GLY C 566 -16.47 39.87 2.77
N MET C 567 -16.74 38.71 2.18
CA MET C 567 -15.99 37.50 2.48
C MET C 567 -14.59 37.58 1.89
N PHE C 568 -13.75 36.63 2.30
CA PHE C 568 -12.36 36.59 1.83
C PHE C 568 -12.05 35.40 0.94
N TYR C 569 -12.62 34.23 1.22
CA TYR C 569 -12.43 33.05 0.40
C TYR C 569 -13.61 32.89 -0.55
N HIS C 570 -13.56 31.82 -1.35
CA HIS C 570 -14.59 31.55 -2.34
C HIS C 570 -15.00 30.09 -2.26
N GLY C 571 -16.26 29.84 -1.95
CA GLY C 571 -16.77 28.48 -1.88
C GLY C 571 -16.77 27.95 -0.47
N SER C 572 -17.67 27.00 -0.22
CA SER C 572 -17.82 26.39 1.09
C SER C 572 -18.25 24.94 0.94
N ASN C 573 -17.90 24.12 1.93
CA ASN C 573 -18.24 22.70 1.91
C ASN C 573 -19.38 22.35 2.87
N LEU C 574 -19.70 23.21 3.81
CA LEU C 574 -20.78 22.97 4.77
C LEU C 574 -21.23 24.32 5.30
N VAL C 575 -22.54 24.58 5.22
CA VAL C 575 -23.11 25.85 5.63
C VAL C 575 -24.17 25.58 6.70
N VAL C 576 -24.08 26.30 7.82
CA VAL C 576 -25.04 26.17 8.91
C VAL C 576 -25.65 27.55 9.17
N LEU C 577 -26.98 27.62 9.17
CA LEU C 577 -27.69 28.87 9.42
C LEU C 577 -28.74 28.65 10.49
N GLU C 578 -28.74 29.50 11.52
CA GLU C 578 -29.70 29.45 12.61
C GLU C 578 -30.39 30.80 12.69
N ASP C 579 -31.69 30.82 12.40
CA ASP C 579 -32.49 32.03 12.39
C ASP C 579 -31.86 33.13 11.52
N PRO C 580 -31.69 32.89 10.23
CA PRO C 580 -30.99 33.85 9.38
C PRO C 580 -31.84 35.08 9.08
N SER C 581 -31.18 36.11 8.59
CA SER C 581 -31.82 37.34 8.16
C SER C 581 -31.82 37.40 6.64
N GLU C 582 -32.33 38.51 6.10
CA GLU C 582 -32.41 38.65 4.65
C GLU C 582 -31.02 38.72 4.02
N ILE C 583 -30.09 39.43 4.67
CA ILE C 583 -28.76 39.60 4.10
C ILE C 583 -27.98 38.30 4.15
N GLU C 584 -28.08 37.56 5.26
CA GLU C 584 -27.23 36.40 5.46
C GLU C 584 -27.54 35.26 4.50
N MET C 585 -28.72 35.25 3.88
CA MET C 585 -29.09 34.13 3.02
C MET C 585 -28.14 33.97 1.84
N ILE C 586 -27.48 35.06 1.43
CA ILE C 586 -26.53 34.97 0.33
C ILE C 586 -25.38 34.02 0.64
N LEU C 587 -25.24 33.57 1.88
CA LEU C 587 -24.24 32.58 2.20
C LEU C 587 -24.50 31.24 1.52
N THR C 588 -25.72 31.01 1.04
CA THR C 588 -26.07 29.77 0.38
C THR C 588 -25.84 29.82 -1.13
N ARG C 589 -25.43 30.96 -1.67
CA ARG C 589 -25.27 31.08 -3.12
C ARG C 589 -24.00 30.41 -3.61
N ASP C 590 -22.92 30.49 -2.85
CA ASP C 590 -21.60 30.00 -3.28
C ASP C 590 -21.36 28.63 -2.63
N VAL C 591 -21.82 27.59 -3.30
CA VAL C 591 -21.62 26.21 -2.86
C VAL C 591 -21.29 25.35 -4.08
N PHE C 592 -20.82 24.14 -3.81
CA PHE C 592 -20.50 23.18 -4.85
C PHE C 592 -21.68 22.23 -5.07
N SER C 593 -21.46 21.22 -5.88
CA SER C 593 -22.52 20.28 -6.23
C SER C 593 -22.77 19.22 -5.17
N ASP C 594 -21.85 19.04 -4.22
CA ASP C 594 -22.00 18.04 -3.18
C ASP C 594 -21.86 18.66 -1.79
N SER C 595 -22.22 19.93 -1.65
CA SER C 595 -22.17 20.60 -0.37
C SER C 595 -23.42 20.28 0.45
N THR C 596 -23.34 20.58 1.74
CA THR C 596 -24.43 20.36 2.67
C THR C 596 -24.88 21.68 3.27
N VAL C 597 -26.20 21.91 3.27
CA VAL C 597 -26.78 23.15 3.78
C VAL C 597 -27.78 22.79 4.87
N ILE C 598 -27.68 23.46 6.02
CA ILE C 598 -28.59 23.26 7.14
C ILE C 598 -29.19 24.61 7.51
N ILE C 599 -30.52 24.67 7.61
CA ILE C 599 -31.22 25.89 7.98
C ILE C 599 -32.18 25.57 9.12
N LYS C 600 -32.18 26.39 10.16
CA LYS C 600 -33.09 26.25 11.28
C LYS C 600 -33.93 27.51 11.42
N GLN C 601 -35.25 27.35 11.49
CA GLN C 601 -36.16 28.48 11.67
C GLN C 601 -37.20 28.08 12.70
N GLY C 602 -37.19 28.76 13.84
CA GLY C 602 -38.08 28.39 14.93
C GLY C 602 -37.78 27.01 15.46
N ARG C 603 -38.67 26.06 15.20
CA ARG C 603 -38.45 24.67 15.53
C ARG C 603 -38.44 23.78 14.29
N GLU C 604 -38.25 24.37 13.11
CA GLU C 604 -38.24 23.65 11.85
C GLU C 604 -36.83 23.56 11.30
N ILE C 605 -36.46 22.36 10.83
CA ILE C 605 -35.13 22.07 10.33
C ILE C 605 -35.24 21.66 8.87
N THR C 606 -34.47 22.32 8.01
CA THR C 606 -34.40 22.00 6.58
C THR C 606 -32.96 21.65 6.22
N ILE C 607 -32.79 20.50 5.58
CA ILE C 607 -31.46 20.00 5.23
C ILE C 607 -31.42 19.73 3.73
N LYS C 608 -30.37 20.19 3.08
CA LYS C 608 -30.09 19.85 1.69
C LYS C 608 -28.76 19.11 1.63
N ARG C 609 -28.80 17.89 1.11
CA ARG C 609 -27.66 16.98 1.08
C ARG C 609 -27.55 16.37 -0.31
N LYS C 610 -26.47 16.68 -1.02
CA LYS C 610 -26.21 16.12 -2.34
C LYS C 610 -27.38 16.34 -3.30
N GLY C 611 -28.01 17.51 -3.20
CA GLY C 611 -29.12 17.85 -4.06
C GLY C 611 -30.47 17.31 -3.63
N LEU C 612 -30.54 16.62 -2.50
CA LEU C 612 -31.79 16.07 -2.00
C LEU C 612 -32.26 16.85 -0.78
N LEU C 613 -33.55 17.14 -0.71
CA LEU C 613 -34.13 17.97 0.32
C LEU C 613 -34.79 17.13 1.41
N GLU C 614 -34.81 17.67 2.62
CA GLU C 614 -35.47 17.01 3.74
C GLU C 614 -35.91 18.07 4.73
N GLN C 615 -37.04 17.84 5.38
CA GLN C 615 -37.62 18.81 6.30
C GLN C 615 -38.27 18.09 7.47
N TYR C 616 -38.04 18.57 8.68
CA TYR C 616 -38.74 18.02 9.84
C TYR C 616 -38.75 19.05 10.96
N GLU C 617 -39.16 18.62 12.16
CA GLU C 617 -39.41 19.51 13.28
C GLU C 617 -38.73 18.98 14.54
N LEU C 618 -38.14 19.89 15.31
CA LEU C 618 -37.49 19.55 16.56
C LEU C 618 -38.53 19.48 17.68
N GLU C 619 -38.10 18.98 18.85
CA GLU C 619 -38.99 18.86 20.01
C GLU C 619 -38.42 19.51 21.25
N ALA C 620 -39.02 20.60 21.67
CA ALA C 620 -38.94 21.26 22.98
C ALA C 620 -37.44 21.43 23.17
N GLU C 621 -36.89 20.83 24.23
CA GLU C 621 -35.52 21.11 24.65
C GLU C 621 -34.67 20.36 23.63
N GLU C 622 -34.05 21.13 22.73
CA GLU C 622 -33.20 20.56 21.70
C GLU C 622 -32.36 21.72 21.20
N LEU C 623 -31.12 21.41 20.87
CA LEU C 623 -30.16 22.39 20.34
C LEU C 623 -29.69 21.92 18.97
N ILE C 624 -29.22 22.87 18.17
CA ILE C 624 -28.75 22.55 16.83
C ILE C 624 -27.45 21.76 16.86
N GLU C 625 -26.77 21.73 18.01
CA GLU C 625 -25.48 21.05 18.10
C GLU C 625 -25.59 19.57 17.75
N GLN C 626 -26.72 18.94 18.07
CA GLN C 626 -26.90 17.53 17.78
C GLN C 626 -27.36 17.27 16.36
N VAL C 627 -27.58 18.31 15.57
CA VAL C 627 -27.98 18.14 14.17
C VAL C 627 -26.77 18.10 13.25
N TYR C 628 -25.83 19.02 13.44
CA TYR C 628 -24.65 19.07 12.58
C TYR C 628 -23.49 18.22 13.08
N LEU C 629 -23.60 17.65 14.27
CA LEU C 629 -22.55 16.75 14.74
C LEU C 629 -22.58 15.40 14.07
N LYS C 630 -23.69 15.04 13.42
CA LYS C 630 -23.76 13.83 12.63
C LYS C 630 -23.40 14.05 11.16
N GLU C 631 -23.32 15.29 10.72
CA GLU C 631 -23.10 15.60 9.31
C GLU C 631 -21.63 15.69 8.95
N ILE C 632 -20.71 15.55 9.90
CA ILE C 632 -19.30 15.62 9.55
C ILE C 632 -18.74 14.25 9.17
N GLY C 633 -19.08 13.83 7.95
CA GLY C 633 -18.47 12.67 7.34
C GLY C 633 -18.04 13.01 5.93
N THR C 634 -18.64 14.07 5.39
CA THR C 634 -18.28 14.54 4.06
C THR C 634 -16.94 15.27 4.08
N ILE C 635 -16.60 15.84 5.23
CA ILE C 635 -15.35 16.59 5.39
C ILE C 635 -14.18 15.65 5.17
N SER C 636 -14.25 14.44 5.72
CA SER C 636 -13.20 13.46 5.58
C SER C 636 -12.97 13.08 4.12
N ALA D 6 63.96 17.63 -7.37
CA ALA D 6 62.60 18.03 -7.02
C ALA D 6 62.49 18.36 -5.54
N VAL D 7 63.34 17.72 -4.73
CA VAL D 7 63.35 17.95 -3.30
C VAL D 7 64.04 19.29 -3.07
N GLU D 8 63.26 20.32 -2.72
CA GLU D 8 63.78 21.66 -2.49
C GLU D 8 63.31 22.22 -1.14
N PRO D 9 63.52 21.47 -0.04
CA PRO D 9 63.03 21.96 1.25
C PRO D 9 63.84 23.13 1.79
N VAL D 10 65.06 23.33 1.30
CA VAL D 10 65.98 24.39 1.71
C VAL D 10 65.83 24.71 3.19
N ARG D 11 65.85 23.67 4.03
CA ARG D 11 65.61 23.83 5.45
C ARG D 11 66.61 24.78 6.08
N ILE D 12 66.09 25.71 6.89
CA ILE D 12 66.96 26.64 7.59
C ILE D 12 67.83 25.89 8.60
N ASN D 13 67.27 24.86 9.23
CA ASN D 13 67.99 24.05 10.21
C ASN D 13 68.71 22.87 9.59
N ALA D 14 69.07 22.95 8.30
CA ALA D 14 69.74 21.86 7.60
C ALA D 14 71.24 22.01 7.79
N ARG D 15 71.83 21.17 8.63
CA ARG D 15 73.26 21.20 8.87
C ARG D 15 73.96 20.10 8.06
N THR D 16 75.29 20.08 8.15
CA THR D 16 76.10 19.10 7.45
C THR D 16 76.18 17.76 8.18
N THR D 17 76.00 17.76 9.50
CA THR D 17 76.13 16.57 10.32
C THR D 17 74.82 15.80 10.43
N ASP D 18 73.98 15.86 9.40
CA ASP D 18 72.66 15.26 9.45
C ASP D 18 72.77 13.74 9.51
N VAL D 19 71.70 13.10 9.98
CA VAL D 19 71.67 11.65 10.21
C VAL D 19 70.57 10.98 9.40
N PHE D 20 69.34 11.47 9.51
CA PHE D 20 68.20 10.87 8.86
C PHE D 20 67.94 11.52 7.50
N ASP D 21 67.10 10.85 6.70
CA ASP D 21 66.80 11.31 5.35
C ASP D 21 65.35 11.01 5.01
N ILE D 22 64.59 12.06 4.68
CA ILE D 22 63.19 11.97 4.30
C ILE D 22 63.08 12.45 2.86
N PHE D 23 62.37 11.69 2.02
CA PHE D 23 62.14 12.16 0.65
C PHE D 23 60.89 11.51 0.08
N ASN D 24 60.61 11.84 -1.19
CA ASN D 24 59.54 11.21 -1.98
C ASN D 24 58.17 11.36 -1.30
N VAL D 25 57.74 12.61 -1.20
CA VAL D 25 56.46 12.94 -0.59
C VAL D 25 55.36 12.83 -1.62
N LYS D 26 54.25 12.18 -1.24
CA LYS D 26 53.11 12.01 -2.12
C LYS D 26 51.82 12.11 -1.31
N GLN D 27 50.74 12.50 -1.98
CA GLN D 27 49.43 12.70 -1.37
C GLN D 27 48.40 11.80 -2.02
N TYR D 28 47.54 11.18 -1.21
CA TYR D 28 46.48 10.32 -1.70
C TYR D 28 45.15 10.82 -1.14
N VAL D 29 44.15 10.97 -2.02
CA VAL D 29 42.86 11.53 -1.63
C VAL D 29 41.85 10.48 -1.20
N GLY D 30 42.19 9.20 -1.27
CA GLY D 30 41.27 8.16 -0.88
C GLY D 30 41.99 6.89 -0.51
N ALA D 31 41.28 5.77 -0.60
CA ALA D 31 41.86 4.49 -0.29
C ALA D 31 43.04 4.20 -1.21
N ASN D 32 44.14 3.77 -0.62
CA ASN D 32 45.38 3.56 -1.35
C ASN D 32 45.99 2.22 -0.95
N PRO D 33 47.04 1.74 -1.63
CA PRO D 33 47.64 0.46 -1.23
C PRO D 33 48.21 0.43 0.17
N TYR D 34 48.44 1.58 0.80
CA TYR D 34 49.06 1.62 2.12
C TYR D 34 48.10 1.93 3.26
N LEU D 35 46.96 2.56 2.98
CA LEU D 35 45.99 2.89 4.01
C LEU D 35 44.60 2.96 3.38
N ASN D 36 43.57 2.89 4.22
CA ASN D 36 42.20 2.90 3.76
C ASN D 36 41.55 4.27 3.85
N GLN D 37 42.35 5.33 4.03
CA GLN D 37 41.86 6.69 4.06
C GLN D 37 42.82 7.58 3.27
N ALA D 38 42.48 8.86 3.14
CA ALA D 38 43.39 9.81 2.54
C ALA D 38 44.63 9.95 3.39
N ALA D 39 45.79 10.09 2.75
CA ALA D 39 47.04 9.97 3.49
C ALA D 39 48.16 10.72 2.82
N LEU D 40 49.24 10.91 3.57
CA LEU D 40 50.50 11.43 3.07
C LEU D 40 51.57 10.36 3.25
N VAL D 41 52.32 10.08 2.18
CA VAL D 41 53.26 8.98 2.15
C VAL D 41 54.65 9.53 1.83
N PHE D 42 55.66 9.03 2.54
CA PHE D 42 57.03 9.45 2.29
C PHE D 42 57.98 8.29 2.57
N ASP D 43 59.26 8.52 2.28
CA ASP D 43 60.30 7.51 2.35
C ASP D 43 61.36 7.92 3.36
N PHE D 44 61.73 6.95 4.21
CA PHE D 44 62.63 7.12 5.34
C PHE D 44 63.89 6.30 5.08
N ALA D 45 65.05 6.92 5.28
CA ALA D 45 66.32 6.25 5.03
C ALA D 45 67.40 6.87 5.91
N PHE D 46 68.51 6.16 6.04
CA PHE D 46 69.67 6.62 6.79
C PHE D 46 70.61 7.39 5.86
N THR D 47 71.83 7.67 6.35
CA THR D 47 72.84 8.33 5.54
C THR D 47 74.21 7.67 5.61
N GLU D 48 74.32 6.52 6.28
CA GLU D 48 75.51 5.66 6.26
C GLU D 48 76.68 6.26 7.04
N SER D 49 76.50 7.48 7.55
CA SER D 49 77.58 8.19 8.22
C SER D 49 77.03 8.94 9.43
N TYR D 50 77.89 9.15 10.42
CA TYR D 50 77.50 9.73 11.71
C TYR D 50 76.39 8.90 12.36
N GLN D 51 76.76 7.68 12.75
CA GLN D 51 75.80 6.71 13.26
C GLN D 51 75.01 7.31 14.43
N PRO D 52 73.68 7.14 14.45
CA PRO D 52 72.88 7.68 15.56
C PRO D 52 73.11 6.94 16.87
N LEU D 53 72.37 7.33 17.90
CA LEU D 53 72.43 6.76 19.23
C LEU D 53 71.22 5.87 19.50
N PRO D 54 71.33 4.90 20.42
CA PRO D 54 70.24 3.94 20.61
C PRO D 54 68.95 4.60 21.10
N ILE D 55 67.85 3.87 20.92
CA ILE D 55 66.52 4.45 21.04
C ILE D 55 66.10 4.78 22.47
N GLU D 56 66.86 4.36 23.48
CA GLU D 56 66.45 4.64 24.86
C GLU D 56 66.38 6.14 25.11
N ASN D 57 67.40 6.87 24.69
CA ASN D 57 67.43 8.31 24.91
C ASN D 57 66.34 9.02 24.10
N TYR D 58 66.13 8.58 22.85
CA TYR D 58 65.08 9.17 22.03
C TYR D 58 63.72 8.98 22.69
N LEU D 59 63.43 7.77 23.17
CA LEU D 59 62.15 7.51 23.82
C LEU D 59 62.03 8.31 25.10
N ALA D 60 63.12 8.42 25.87
CA ALA D 60 63.07 9.17 27.12
C ALA D 60 62.76 10.65 26.87
N VAL D 61 63.39 11.24 25.86
CA VAL D 61 63.14 12.65 25.58
C VAL D 61 61.75 12.87 25.01
N VAL D 62 61.33 12.01 24.08
CA VAL D 62 60.04 12.23 23.41
C VAL D 62 58.88 11.98 24.36
N GLY D 63 58.96 10.91 25.16
CA GLY D 63 57.86 10.53 26.02
C GLY D 63 57.62 11.43 27.21
N ASP D 64 58.55 12.36 27.49
CA ASP D 64 58.35 13.29 28.59
C ASP D 64 57.16 14.21 28.33
N ARG D 65 56.78 14.38 27.06
CA ARG D 65 55.67 15.25 26.69
C ARG D 65 54.37 14.49 26.49
N TYR D 66 54.42 13.28 25.97
CA TYR D 66 53.21 12.49 25.71
C TYR D 66 53.45 11.06 26.19
N PRO D 67 52.89 10.68 27.34
CA PRO D 67 53.11 9.31 27.84
C PRO D 67 52.50 8.22 26.98
N ARG D 68 51.58 8.57 26.07
CA ARG D 68 50.95 7.54 25.25
C ARG D 68 51.98 6.78 24.43
N LEU D 69 52.97 7.48 23.87
CA LEU D 69 54.02 6.77 23.16
C LEU D 69 54.88 5.95 24.11
N LYS D 70 55.01 6.39 25.36
CA LYS D 70 55.69 5.56 26.35
C LYS D 70 54.95 4.25 26.58
N GLU D 71 53.63 4.26 26.41
CA GLU D 71 52.86 3.06 26.70
C GLU D 71 53.07 2.00 25.62
N ILE D 72 53.25 2.42 24.35
CA ILE D 72 53.51 1.51 23.23
C ILE D 72 54.99 1.18 23.20
N GLU D 73 55.32 -0.05 22.85
CA GLU D 73 56.70 -0.49 22.69
C GLU D 73 57.01 -0.71 21.22
N TYR D 74 58.20 -0.27 20.79
CA TYR D 74 58.63 -0.33 19.40
C TYR D 74 59.88 -1.18 19.27
N GLN D 75 60.31 -1.35 18.01
CA GLN D 75 61.49 -2.16 17.71
C GLN D 75 62.38 -1.52 16.65
N SER D 76 62.01 -0.36 16.11
CA SER D 76 62.78 0.27 15.05
C SER D 76 62.59 1.78 15.13
N TYR D 77 63.45 2.50 14.41
CA TYR D 77 63.37 3.95 14.36
C TYR D 77 62.10 4.43 13.66
N ALA D 78 61.70 3.72 12.58
CA ALA D 78 60.57 4.17 11.78
C ALA D 78 59.28 4.17 12.59
N GLU D 79 59.07 3.15 13.42
CA GLU D 79 57.86 3.10 14.23
C GLU D 79 57.81 4.26 15.21
N LEU D 80 58.93 4.55 15.87
CA LEU D 80 58.99 5.69 16.79
C LEU D 80 58.70 6.99 16.07
N PHE D 81 59.31 7.19 14.89
CA PHE D 81 59.10 8.42 14.14
C PHE D 81 57.64 8.57 13.73
N ALA D 82 57.04 7.48 13.24
CA ALA D 82 55.65 7.54 12.81
C ALA D 82 54.72 7.82 13.98
N SER D 83 54.95 7.18 15.12
CA SER D 83 54.11 7.42 16.29
C SER D 83 54.23 8.86 16.76
N THR D 84 55.45 9.40 16.77
CA THR D 84 55.64 10.79 17.18
C THR D 84 54.93 11.74 16.22
N VAL D 85 55.05 11.49 14.91
CA VAL D 85 54.40 12.36 13.94
C VAL D 85 52.88 12.30 14.11
N ALA D 86 52.34 11.10 14.31
CA ALA D 86 50.90 10.97 14.50
C ALA D 86 50.43 11.68 15.76
N GLU D 87 51.20 11.58 16.84
CA GLU D 87 50.81 12.27 18.07
C GLU D 87 50.85 13.78 17.91
N VAL D 88 51.89 14.30 17.27
CA VAL D 88 51.97 15.75 17.04
C VAL D 88 50.89 16.23 16.09
N ASN D 89 50.44 15.37 15.17
CA ASN D 89 49.43 15.78 14.19
C ASN D 89 48.10 16.15 14.81
N LYS D 90 47.85 15.79 16.06
CA LYS D 90 46.60 16.16 16.72
C LYS D 90 46.48 17.66 16.95
N LEU D 91 47.60 18.39 16.88
CA LEU D 91 47.65 19.85 16.99
C LEU D 91 47.15 20.37 18.32
N GLU D 92 47.11 19.53 19.36
CA GLU D 92 46.63 19.89 20.70
C GLU D 92 45.16 20.28 20.71
N MET D 93 44.47 20.19 19.58
CA MET D 93 43.04 20.45 19.49
C MET D 93 42.21 19.19 19.66
N ASP D 94 42.86 18.04 19.83
CA ASP D 94 42.19 16.75 19.91
C ASP D 94 41.36 16.48 18.65
N LEU D 95 42.06 16.44 17.52
CA LEU D 95 41.41 16.08 16.27
C LEU D 95 41.13 14.59 16.23
N HIS D 96 40.30 14.18 15.27
CA HIS D 96 39.87 12.80 15.14
C HIS D 96 40.73 11.99 14.17
N LEU D 97 41.95 12.44 13.88
CA LEU D 97 42.83 11.77 12.94
C LEU D 97 43.80 10.89 13.70
N LYS D 98 43.62 9.57 13.58
CA LYS D 98 44.56 8.61 14.16
C LYS D 98 44.72 7.48 13.16
N GLY D 99 45.95 6.96 13.05
CA GLY D 99 46.22 5.90 12.11
C GLY D 99 47.50 6.12 11.32
N TRP D 100 48.33 5.09 11.23
CA TRP D 100 49.61 5.21 10.53
C TRP D 100 50.04 3.82 10.08
N ASN D 101 50.96 3.79 9.12
CA ASN D 101 51.47 2.52 8.63
C ASN D 101 52.91 2.69 8.15
N VAL D 102 53.69 1.62 8.29
CA VAL D 102 55.07 1.59 7.85
C VAL D 102 55.34 0.26 7.17
N LYS D 103 56.02 0.30 6.02
CA LYS D 103 56.30 -0.91 5.25
C LYS D 103 57.74 -0.88 4.74
N PRO D 104 58.52 -1.94 4.95
CA PRO D 104 59.92 -1.95 4.48
C PRO D 104 60.00 -2.33 3.01
N ILE D 105 60.75 -1.56 2.23
CA ILE D 105 60.97 -1.84 0.82
C ILE D 105 62.46 -1.71 0.54
N GLU D 106 63.04 -2.74 -0.08
CA GLU D 106 64.47 -2.76 -0.40
C GLU D 106 65.19 -2.61 0.94
N GLU D 107 65.82 -1.46 1.22
CA GLU D 107 66.28 -1.14 2.57
C GLU D 107 65.57 0.05 3.19
N ILE D 108 64.96 0.91 2.38
CA ILE D 108 64.28 2.10 2.89
C ILE D 108 62.92 1.70 3.45
N ASN D 109 62.26 2.62 4.15
CA ASN D 109 60.93 2.37 4.66
C ASN D 109 59.96 3.38 4.04
N ARG D 110 58.71 2.95 3.86
CA ARG D 110 57.64 3.81 3.39
C ARG D 110 56.64 4.02 4.51
N ILE D 111 56.37 5.28 4.85
CA ILE D 111 55.49 5.63 5.96
C ILE D 111 54.30 6.40 5.42
N ALA D 112 53.10 5.99 5.83
CA ALA D 112 51.86 6.63 5.45
C ALA D 112 51.15 7.12 6.71
N ILE D 113 50.74 8.39 6.70
CA ILE D 113 50.08 9.04 7.82
C ILE D 113 48.73 9.56 7.36
N GLU D 114 47.68 9.24 8.11
CA GLU D 114 46.35 9.74 7.79
C GLU D 114 46.28 11.25 7.98
N SER D 115 45.62 11.94 7.05
CA SER D 115 45.58 13.39 7.06
C SER D 115 44.26 13.89 6.50
N LEU D 116 43.95 15.14 6.82
CA LEU D 116 42.81 15.85 6.28
C LEU D 116 43.23 17.06 5.45
N HIS D 117 44.15 17.88 5.96
CA HIS D 117 44.77 18.96 5.21
C HIS D 117 46.23 18.58 5.02
N HIS D 118 46.65 18.45 3.76
CA HIS D 118 47.96 17.86 3.49
C HIS D 118 49.11 18.80 3.85
N ARG D 119 48.94 20.11 3.64
CA ARG D 119 50.01 21.05 3.92
C ARG D 119 50.38 21.04 5.40
N THR D 120 49.37 20.98 6.28
CA THR D 120 49.65 20.93 7.71
C THR D 120 50.43 19.69 8.09
N THR D 121 50.09 18.54 7.50
CA THR D 121 50.84 17.33 7.78
C THR D 121 52.27 17.43 7.28
N LYS D 122 52.47 18.06 6.12
CA LYS D 122 53.83 18.25 5.62
C LYS D 122 54.66 19.08 6.59
N GLU D 123 54.10 20.19 7.06
CA GLU D 123 54.83 21.03 8.02
C GLU D 123 55.06 20.30 9.33
N VAL D 124 54.11 19.48 9.76
CA VAL D 124 54.30 18.70 10.98
C VAL D 124 55.47 17.73 10.82
N VAL D 125 55.55 17.07 9.66
CA VAL D 125 56.65 16.14 9.41
C VAL D 125 57.98 16.86 9.44
N TYR D 126 58.05 18.04 8.81
CA TYR D 126 59.30 18.80 8.83
C TYR D 126 59.68 19.22 10.24
N CYS D 127 58.69 19.65 11.04
CA CYS D 127 58.98 20.08 12.40
C CYS D 127 59.48 18.91 13.25
N VAL D 128 58.87 17.73 13.09
CA VAL D 128 59.33 16.58 13.85
C VAL D 128 60.73 16.16 13.42
N TRP D 129 61.03 16.27 12.12
CA TRP D 129 62.39 16.01 11.66
C TRP D 129 63.39 16.93 12.34
N ASP D 130 63.06 18.23 12.40
CA ASP D 130 63.94 19.18 13.07
C ASP D 130 64.10 18.85 14.55
N TRP D 131 63.01 18.47 15.21
CA TRP D 131 63.08 18.13 16.63
C TRP D 131 63.99 16.93 16.85
N PHE D 132 63.84 15.88 16.05
CA PHE D 132 64.68 14.71 16.20
C PHE D 132 66.15 15.05 15.95
N GLU D 133 66.42 15.86 14.94
CA GLU D 133 67.80 16.16 14.60
C GLU D 133 68.44 17.04 15.66
N PHE D 134 67.66 17.93 16.28
CA PHE D 134 68.18 18.69 17.42
C PHE D 134 68.36 17.81 18.64
N ILE D 135 67.56 16.75 18.78
CA ILE D 135 67.75 15.84 19.90
C ILE D 135 69.04 15.05 19.74
N THR D 136 69.34 14.62 18.51
CA THR D 136 70.48 13.73 18.28
C THR D 136 71.78 14.34 18.80
N GLN D 137 72.08 15.58 18.42
CA GLN D 137 73.20 16.32 18.98
C GLN D 137 72.71 17.03 20.24
N GLY D 138 73.29 16.68 21.39
CA GLY D 138 72.78 17.14 22.67
C GLY D 138 72.48 18.63 22.73
N GLU D 139 71.20 18.95 22.86
CA GLU D 139 70.72 20.33 22.77
C GLU D 139 69.23 20.32 23.06
N GLU D 140 68.68 21.50 23.34
CA GLU D 140 67.27 21.67 23.61
C GLU D 140 66.77 22.89 22.84
N PHE D 141 65.58 22.78 22.25
CA PHE D 141 64.99 23.87 21.49
C PHE D 141 63.49 23.94 21.77
N ASP D 142 62.90 25.08 21.43
CA ASP D 142 61.50 25.36 21.70
C ASP D 142 60.65 24.96 20.50
N LEU D 143 59.54 24.29 20.75
CA LEU D 143 58.63 23.86 19.70
C LEU D 143 57.21 24.39 19.88
N SER D 144 56.92 25.07 20.99
CA SER D 144 55.58 25.61 21.19
C SER D 144 55.24 26.68 20.16
N LYS D 145 56.23 27.48 19.75
CA LYS D 145 56.00 28.45 18.69
C LYS D 145 55.57 27.77 17.41
N GLN D 146 56.22 26.65 17.07
CA GLN D 146 55.83 25.89 15.89
C GLN D 146 54.41 25.37 16.01
N ILE D 147 54.03 24.91 17.21
CA ILE D 147 52.66 24.43 17.42
C ILE D 147 51.66 25.55 17.20
N ALA D 148 51.95 26.74 17.73
CA ALA D 148 51.04 27.86 17.53
C ALA D 148 50.93 28.24 16.06
N ILE D 149 52.06 28.24 15.34
CA ILE D 149 52.03 28.57 13.92
C ILE D 149 51.22 27.54 13.15
N LEU D 150 51.39 26.25 13.49
CA LEU D 150 50.63 25.20 12.83
C LEU D 150 49.14 25.33 13.10
N GLN D 151 48.76 25.66 14.34
CA GLN D 151 47.36 25.85 14.66
C GLN D 151 46.77 27.00 13.85
N GLN D 152 47.50 28.12 13.76
CA GLN D 152 47.02 29.24 12.97
C GLN D 152 46.90 28.87 11.50
N LEU D 153 47.85 28.10 10.98
CA LEU D 153 47.78 27.67 9.58
C LEU D 153 46.58 26.78 9.33
N PHE D 154 46.30 25.86 10.25
CA PHE D 154 45.16 24.96 10.08
C PHE D 154 43.84 25.71 10.17
N ARG D 155 43.75 26.69 11.08
CA ARG D 155 42.49 27.39 11.27
C ARG D 155 42.07 28.20 10.05
N ASN D 156 43.01 28.64 9.23
CA ASN D 156 42.69 29.41 8.03
C ASN D 156 42.72 28.49 6.80
N SER D 157 41.67 27.70 6.67
CA SER D 157 41.53 26.77 5.55
C SER D 157 40.06 26.45 5.38
N VAL D 158 39.75 25.62 4.38
CA VAL D 158 38.36 25.24 4.11
C VAL D 158 37.87 24.13 5.03
N TYR D 159 38.75 23.54 5.84
CA TYR D 159 38.35 22.54 6.81
C TYR D 159 38.45 23.01 8.25
N GLY D 160 38.92 24.23 8.49
CA GLY D 160 39.23 24.68 9.83
C GLY D 160 38.23 25.58 10.50
N GLY D 161 37.07 25.82 9.90
CA GLY D 161 36.07 26.65 10.50
C GLY D 161 35.55 26.07 11.79
N PRO D 162 35.16 26.95 12.74
CA PRO D 162 34.65 26.46 14.03
C PRO D 162 33.42 25.57 13.89
N THR D 163 32.53 25.89 12.95
CA THR D 163 31.34 25.08 12.72
C THR D 163 31.57 23.99 11.68
N VAL D 164 32.40 24.28 10.68
CA VAL D 164 32.68 23.31 9.62
C VAL D 164 33.31 22.06 10.21
N TYR D 165 34.29 22.23 11.09
CA TYR D 165 34.96 21.07 11.65
C TYR D 165 34.04 20.29 12.58
N ALA D 166 33.17 20.98 13.33
CA ALA D 166 32.22 20.26 14.18
C ALA D 166 31.27 19.42 13.35
N LEU D 167 30.78 19.98 12.23
CA LEU D 167 29.92 19.20 11.35
C LEU D 167 30.67 18.02 10.75
N LEU D 168 31.93 18.22 10.36
CA LEU D 168 32.72 17.13 9.79
C LEU D 168 32.93 16.01 10.81
N ARG D 169 33.24 16.37 12.05
CA ARG D 169 33.44 15.36 13.09
C ARG D 169 32.15 14.59 13.37
N THR D 170 31.02 15.30 13.45
CA THR D 170 29.75 14.62 13.68
C THR D 170 29.41 13.68 12.53
N ALA D 171 29.67 14.10 11.29
CA ALA D 171 29.42 13.24 10.15
C ALA D 171 30.33 12.01 10.19
N ASN D 172 31.59 12.19 10.57
CA ASN D 172 32.51 11.06 10.65
C ASN D 172 32.06 10.08 11.73
N GLU D 173 31.45 10.57 12.81
CA GLU D 173 31.00 9.67 13.86
C GLU D 173 29.90 8.73 13.39
N LYS D 174 29.08 9.17 12.45
CA LYS D 174 27.92 8.40 12.01
C LYS D 174 28.13 7.69 10.67
N HIS D 175 29.34 7.71 10.13
CA HIS D 175 29.66 7.05 8.86
C HIS D 175 28.82 7.62 7.72
N ILE D 176 28.97 8.92 7.48
CA ILE D 176 28.31 9.62 6.40
C ILE D 176 29.39 10.20 5.50
N PRO D 177 29.39 9.90 4.20
CA PRO D 177 30.41 10.46 3.31
C PRO D 177 30.31 11.97 3.22
N ALA D 178 31.46 12.61 3.03
CA ALA D 178 31.51 14.07 2.92
C ALA D 178 32.77 14.47 2.16
N PHE D 179 32.64 15.39 1.22
CA PHE D 179 33.80 15.87 0.49
C PHE D 179 33.58 17.28 -0.03
N TYR D 180 34.68 17.96 -0.31
CA TYR D 180 34.68 19.36 -0.72
C TYR D 180 34.68 19.46 -2.24
N LEU D 181 33.95 20.44 -2.77
CA LEU D 181 33.89 20.67 -4.22
C LEU D 181 34.71 21.91 -4.56
N TRP D 182 35.85 21.70 -5.22
CA TRP D 182 36.73 22.82 -5.57
C TRP D 182 36.28 23.53 -6.85
N ASP D 183 34.99 23.83 -6.97
CA ASP D 183 34.51 24.68 -8.05
C ASP D 183 33.45 25.66 -7.61
N GLU D 184 32.73 25.40 -6.52
CA GLU D 184 31.70 26.28 -6.02
C GLU D 184 31.88 26.66 -4.57
N GLY D 185 32.89 26.11 -3.89
CA GLY D 185 33.10 26.41 -2.49
C GLY D 185 32.06 25.83 -1.57
N LEU D 186 31.70 24.56 -1.79
CA LEU D 186 30.67 23.90 -0.99
C LEU D 186 31.18 22.55 -0.51
N MET D 187 30.49 22.01 0.48
CA MET D 187 30.75 20.67 0.99
C MET D 187 29.52 19.82 0.77
N GLN D 188 29.72 18.60 0.28
CA GLN D 188 28.63 17.69 -0.06
C GLN D 188 28.66 16.48 0.85
N TYR D 189 27.48 16.11 1.35
CA TYR D 189 27.27 14.91 2.14
C TYR D 189 26.33 13.98 1.36
N GLY D 190 26.75 12.74 1.17
CA GLY D 190 25.93 11.75 0.49
C GLY D 190 26.36 11.54 -0.96
N TYR D 191 25.76 10.54 -1.58
CA TYR D 191 26.07 10.14 -2.95
C TYR D 191 24.83 10.24 -3.82
N GLY D 192 25.02 10.70 -5.05
CA GLY D 192 23.97 10.65 -6.05
C GLY D 192 22.71 11.43 -5.72
N LYS D 193 21.57 10.76 -5.70
CA LYS D 193 20.28 11.40 -5.50
C LYS D 193 19.95 11.63 -4.04
N GLN D 194 20.87 11.31 -3.13
CA GLN D 194 20.65 11.49 -1.71
C GLN D 194 21.60 12.53 -1.14
N GLN D 195 21.99 13.50 -1.97
CA GLN D 195 23.03 14.45 -1.63
C GLN D 195 22.47 15.68 -0.93
N VAL D 196 23.30 16.30 -0.09
CA VAL D 196 23.01 17.60 0.50
C VAL D 196 24.27 18.44 0.41
N ARG D 197 24.16 19.63 -0.17
CA ARG D 197 25.28 20.53 -0.34
C ARG D 197 25.12 21.74 0.57
N GLY D 198 26.22 22.23 1.14
CA GLY D 198 26.10 23.34 2.05
C GLY D 198 27.41 24.05 2.31
N ILE D 199 27.29 25.19 2.99
CA ILE D 199 28.42 25.97 3.46
C ILE D 199 28.09 26.43 4.88
N ALA D 200 28.87 25.96 5.85
CA ALA D 200 28.62 26.23 7.27
C ALA D 200 27.22 25.82 7.67
N THR D 201 26.37 26.78 8.02
CA THR D 201 25.01 26.50 8.45
C THR D 201 24.00 26.54 7.30
N THR D 202 24.23 27.39 6.29
CA THR D 202 23.32 27.47 5.16
C THR D 202 23.37 26.18 4.34
N PHE D 203 22.20 25.71 3.91
CA PHE D 203 22.08 24.52 3.08
C PHE D 203 21.34 24.87 1.81
N ASP D 204 21.31 23.92 0.88
CA ASP D 204 20.75 24.14 -0.45
C ASP D 204 19.23 24.09 -0.48
N VAL D 205 18.57 23.69 0.62
CA VAL D 205 17.12 23.64 0.65
C VAL D 205 16.49 24.91 1.18
N ASP D 206 17.29 25.87 1.64
CA ASP D 206 16.76 27.13 2.14
C ASP D 206 16.27 28.00 0.99
N SER D 207 15.30 28.87 1.29
CA SER D 207 14.63 29.67 0.29
C SER D 207 15.38 30.96 0.04
N HIS D 208 15.32 31.43 -1.22
CA HIS D 208 15.96 32.69 -1.59
C HIS D 208 15.17 33.89 -1.12
N ILE D 209 13.86 33.75 -0.97
CA ILE D 209 13.01 34.87 -0.59
C ILE D 209 13.06 35.14 0.90
N ASP D 210 13.04 34.08 1.71
CA ASP D 210 12.97 34.24 3.16
C ASP D 210 14.23 34.88 3.72
N SER D 211 15.40 34.53 3.18
CA SER D 211 16.63 35.14 3.66
C SER D 211 16.64 36.63 3.39
N ASP D 212 16.23 37.04 2.18
CA ASP D 212 16.15 38.46 1.88
C ASP D 212 15.14 39.16 2.76
N PHE D 213 14.01 38.51 3.05
CA PHE D 213 13.02 39.11 3.93
C PHE D 213 13.58 39.33 5.32
N THR D 214 14.30 38.34 5.86
CA THR D 214 14.90 38.50 7.17
C THR D 214 15.97 39.59 7.16
N THR D 215 16.66 39.77 6.03
CA THR D 215 17.64 40.85 5.94
C THR D 215 16.97 42.22 6.06
N GLN D 216 15.81 42.39 5.41
CA GLN D 216 15.10 43.66 5.42
C GLN D 216 14.49 43.89 6.79
N LYS D 217 15.12 44.75 7.59
CA LYS D 217 14.60 45.07 8.90
C LYS D 217 13.54 46.18 8.79
N ASP D 218 12.76 46.32 9.87
CA ASP D 218 11.64 47.24 10.05
C ASP D 218 10.40 46.81 9.29
N ASP D 219 10.54 45.77 8.47
CA ASP D 219 9.40 45.12 7.84
C ASP D 219 9.01 43.83 8.52
N CYS D 220 10.00 43.04 8.95
CA CYS D 220 9.72 41.92 9.83
C CYS D 220 9.06 42.39 11.12
N LYS D 221 9.34 43.62 11.54
CA LYS D 221 8.67 44.18 12.71
C LYS D 221 7.16 44.23 12.50
N LYS D 222 6.74 44.83 11.39
CA LYS D 222 5.30 44.90 11.09
C LYS D 222 4.71 43.51 10.89
N PHE D 223 5.44 42.63 10.18
CA PHE D 223 4.93 41.29 9.94
C PHE D 223 4.67 40.56 11.25
N LEU D 224 5.63 40.59 12.17
CA LEU D 224 5.46 39.94 13.46
C LEU D 224 4.41 40.63 14.32
N GLN D 225 4.31 41.95 14.22
CA GLN D 225 3.32 42.69 15.00
C GLN D 225 1.90 42.34 14.60
N GLU D 226 1.67 42.03 13.32
CA GLU D 226 0.32 41.76 12.86
C GLU D 226 -0.22 40.39 13.28
N LEU D 227 0.47 39.64 14.15
CA LEU D 227 -0.09 38.43 14.73
C LEU D 227 0.07 38.36 16.24
N GLY D 228 0.30 39.49 16.90
CA GLY D 228 0.62 39.46 18.32
C GLY D 228 2.11 39.66 18.51
N PHE D 229 2.78 38.69 19.12
CA PHE D 229 4.24 38.63 19.13
C PHE D 229 4.84 39.94 19.63
N PRO D 230 4.83 40.19 20.94
CA PRO D 230 5.23 41.51 21.46
C PRO D 230 6.58 42.00 20.95
N VAL D 231 6.56 43.14 20.26
CA VAL D 231 7.76 43.75 19.70
C VAL D 231 7.85 45.18 20.24
N PRO D 232 9.02 45.81 20.22
CA PRO D 232 9.11 47.21 20.65
C PRO D 232 8.22 48.11 19.81
N GLN D 233 7.61 49.07 20.50
CA GLN D 233 6.72 50.03 19.86
C GLN D 233 6.95 51.39 20.50
N GLY D 234 6.52 52.44 19.80
CA GLY D 234 6.69 53.77 20.34
C GLY D 234 5.94 54.81 19.53
N ASP D 235 6.04 56.01 20.13
CA ASP D 235 5.54 57.13 19.33
C ASP D 235 5.91 58.43 20.04
N VAL D 236 5.65 59.48 19.19
CA VAL D 236 5.98 60.84 19.61
C VAL D 236 4.74 61.69 19.39
N VAL D 237 3.91 61.81 20.43
CA VAL D 237 2.65 62.56 20.36
C VAL D 237 2.64 63.60 21.48
N PHE D 238 1.58 64.41 21.49
CA PHE D 238 1.60 65.66 22.23
C PHE D 238 0.31 65.81 23.05
N SER D 239 0.33 66.79 23.95
CA SER D 239 -0.87 67.45 24.49
C SER D 239 -1.61 66.62 25.54
N LEU D 240 -1.03 65.49 25.97
CA LEU D 240 -1.55 64.71 27.08
C LEU D 240 -2.90 64.07 26.75
N ALA D 241 -3.46 64.40 25.58
CA ALA D 241 -4.69 63.78 25.11
C ALA D 241 -4.49 63.09 23.76
N GLU D 242 -3.77 63.73 22.83
CA GLU D 242 -3.36 63.04 21.62
C GLU D 242 -2.39 61.90 21.96
N ALA D 243 -1.52 62.13 22.94
CA ALA D 243 -0.56 61.10 23.34
C ALA D 243 -1.22 60.03 24.18
N LYS D 244 -2.22 60.40 24.99
CA LYS D 244 -2.87 59.46 25.89
C LYS D 244 -3.59 58.35 25.12
N GLU D 245 -4.29 58.72 24.04
CA GLU D 245 -5.01 57.73 23.25
C GLU D 245 -4.06 56.75 22.60
N VAL D 246 -2.92 57.25 22.09
CA VAL D 246 -1.92 56.37 21.50
C VAL D 246 -1.31 55.48 22.57
N ALA D 247 -1.13 56.01 23.77
CA ALA D 247 -0.67 55.17 24.88
C ALA D 247 -1.67 54.07 25.20
N ALA D 248 -2.96 54.38 25.08
CA ALA D 248 -3.99 53.39 25.34
C ALA D 248 -3.76 52.26 24.34
N GLU D 249 -3.60 52.60 23.06
CA GLU D 249 -3.45 51.57 22.00
C GLU D 249 -2.13 50.80 22.10
N ILE D 250 -1.02 51.45 22.48
CA ILE D 250 0.29 50.74 22.49
C ILE D 250 0.30 50.08 23.87
N GLY D 251 -0.51 49.02 24.05
CA GLY D 251 -0.61 48.34 25.36
C GLY D 251 -0.97 49.16 26.56
N TYR D 252 -0.49 48.80 27.75
CA TYR D 252 -0.78 49.65 28.94
C TYR D 252 0.46 49.71 29.85
N PRO D 253 1.03 48.61 30.38
CA PRO D 253 2.27 48.69 31.16
C PRO D 253 3.02 49.41 30.06
N VAL D 254 3.56 50.63 30.33
CA VAL D 254 4.28 51.42 29.29
C VAL D 254 5.20 52.35 30.08
N ALA D 255 6.04 53.09 29.37
CA ALA D 255 6.99 54.02 30.03
C ALA D 255 7.20 55.25 29.16
N VAL D 256 7.67 56.35 29.75
CA VAL D 256 7.83 57.58 29.00
C VAL D 256 9.24 58.17 29.08
N LYS D 257 9.83 58.39 27.90
CA LYS D 257 11.16 58.98 27.80
C LYS D 257 11.21 60.19 26.87
N PRO D 258 10.89 61.37 27.40
CA PRO D 258 11.02 62.59 26.58
C PRO D 258 12.45 62.78 26.10
N VAL D 259 12.58 63.24 24.85
CA VAL D 259 13.89 63.36 24.21
C VAL D 259 14.42 64.75 24.54
N ALA D 260 15.38 64.79 25.47
CA ALA D 260 16.03 66.04 25.83
C ALA D 260 17.54 65.89 25.99
N GLY D 261 18.06 64.66 26.04
CA GLY D 261 19.49 64.46 26.20
C GLY D 261 20.03 64.95 27.53
N HIS D 262 19.29 64.73 28.61
CA HIS D 262 19.68 65.17 29.94
C HIS D 262 20.16 63.98 30.77
N LYS D 263 20.70 64.30 31.94
CA LYS D 263 21.24 63.28 32.85
C LYS D 263 20.14 62.84 33.80
N GLY D 264 19.39 61.81 33.39
CA GLY D 264 18.34 61.27 34.24
C GLY D 264 17.23 62.25 34.57
N ILE D 265 16.82 63.05 33.59
CA ILE D 265 15.75 64.03 33.75
C ILE D 265 14.62 63.66 32.81
N GLY D 266 13.41 63.57 33.35
CA GLY D 266 12.25 63.16 32.57
C GLY D 266 12.26 61.68 32.28
N VAL D 267 12.28 60.86 33.33
CA VAL D 267 12.28 59.41 33.17
C VAL D 267 11.26 58.80 34.14
N THR D 268 10.38 57.95 33.62
CA THR D 268 9.43 57.21 34.44
C THR D 268 9.37 55.75 33.99
N ALA D 269 8.95 54.88 34.90
CA ALA D 269 8.80 53.46 34.58
C ALA D 269 7.50 52.90 35.13
N ASP D 270 6.87 52.01 34.35
CA ASP D 270 5.68 51.29 34.77
C ASP D 270 4.58 52.21 35.29
N VAL D 271 4.06 53.03 34.39
CA VAL D 271 2.92 53.88 34.73
C VAL D 271 1.68 53.04 34.98
N GLN D 272 1.56 51.95 34.33
CA GLN D 272 0.49 50.98 34.54
C GLN D 272 -0.90 51.59 34.42
N ASP D 273 -1.67 51.49 35.44
CA ASP D 273 -3.08 51.84 35.40
C ASP D 273 -3.30 53.35 35.40
N GLU D 274 -4.55 53.77 35.48
CA GLU D 274 -4.91 55.19 35.45
C GLU D 274 -4.52 55.87 36.77
N ILE D 275 -4.80 57.18 36.86
CA ILE D 275 -4.48 58.01 38.02
C ILE D 275 -2.98 58.30 37.99
N GLU D 276 -2.16 57.25 37.92
CA GLU D 276 -0.72 57.42 37.80
C GLU D 276 -0.33 58.05 36.48
N LEU D 277 -1.21 57.99 35.47
CA LEU D 277 -0.88 58.57 34.17
C LEU D 277 -0.67 60.07 34.26
N GLU D 278 -1.61 60.78 34.88
CA GLU D 278 -1.48 62.23 35.01
C GLU D 278 -0.29 62.60 35.88
N ALA D 279 -0.06 61.84 36.96
CA ALA D 279 1.08 62.12 37.83
C ALA D 279 2.39 61.97 37.06
N ALA D 280 2.52 60.89 36.29
CA ALA D 280 3.72 60.70 35.49
C ALA D 280 3.88 61.81 34.45
N TYR D 281 2.77 62.20 33.80
CA TYR D 281 2.84 63.25 32.79
C TYR D 281 3.32 64.56 33.40
N ASP D 282 2.74 64.95 34.54
CA ASP D 282 3.13 66.23 35.13
C ASP D 282 4.53 66.17 35.70
N ARG D 283 4.95 65.02 36.23
CA ARG D 283 6.32 64.87 36.70
C ARG D 283 7.31 65.02 35.55
N ALA D 284 7.00 64.39 34.41
CA ALA D 284 7.87 64.52 33.23
C ALA D 284 7.88 65.96 32.73
N VAL D 285 6.73 66.62 32.73
CA VAL D 285 6.66 68.00 32.25
C VAL D 285 7.47 68.92 33.15
N ALA D 286 7.37 68.73 34.46
CA ALA D 286 8.09 69.59 35.40
C ALA D 286 9.59 69.31 35.38
N GLY D 287 9.97 68.03 35.26
CA GLY D 287 11.39 67.70 35.26
C GLY D 287 12.13 68.35 34.10
N ILE D 288 11.58 68.22 32.89
CA ILE D 288 12.11 68.98 31.75
C ILE D 288 11.80 70.46 31.97
N PRO D 289 12.68 71.38 31.58
CA PRO D 289 12.37 72.80 31.72
C PRO D 289 11.08 73.16 30.99
N LEU D 290 10.38 74.16 31.52
CA LEU D 290 9.09 74.57 30.97
C LEU D 290 9.21 75.08 29.54
N GLU D 291 10.41 75.42 29.08
CA GLU D 291 10.66 75.75 27.69
C GLU D 291 10.72 74.52 26.80
N GLU D 292 10.25 73.37 27.28
CA GLU D 292 10.40 72.12 26.55
C GLU D 292 9.66 72.16 25.22
N LYS D 293 10.33 71.69 24.18
CA LYS D 293 9.66 71.45 22.91
C LYS D 293 8.70 70.28 23.06
N ILE D 294 7.53 70.41 22.46
CA ILE D 294 6.45 69.43 22.67
C ILE D 294 6.73 68.26 21.73
N CYS D 295 7.54 67.34 22.22
CA CYS D 295 7.93 66.13 21.49
C CYS D 295 7.97 64.94 22.43
N ILE D 296 6.94 64.81 23.28
CA ILE D 296 6.93 63.74 24.28
C ILE D 296 6.86 62.38 23.59
N ILE D 297 7.60 61.41 24.14
CA ILE D 297 7.73 60.08 23.57
C ILE D 297 7.14 59.08 24.55
N VAL D 298 6.26 58.22 24.07
CA VAL D 298 5.67 57.14 24.86
C VAL D 298 6.02 55.82 24.19
N GLU D 299 6.61 54.91 24.96
CA GLU D 299 7.08 53.64 24.42
C GLU D 299 6.80 52.53 25.42
N ASN D 300 6.90 51.29 24.96
CA ASN D 300 6.73 50.13 25.83
C ASN D 300 7.92 50.00 26.77
N SER D 301 7.73 49.25 27.85
CA SER D 301 8.77 49.03 28.85
C SER D 301 9.45 47.70 28.56
N ILE D 302 10.68 47.76 28.04
CA ILE D 302 11.50 46.58 27.79
C ILE D 302 12.85 46.81 28.43
N ALA D 303 13.19 45.98 29.41
CA ALA D 303 14.46 46.11 30.12
C ALA D 303 14.83 44.77 30.73
N GLY D 304 16.13 44.55 30.88
CA GLY D 304 16.61 43.32 31.46
C GLY D 304 17.81 42.73 30.75
N HIS D 305 17.95 41.41 30.81
CA HIS D 305 19.06 40.72 30.18
C HIS D 305 18.71 40.28 28.76
N ASP D 306 19.75 39.91 28.01
CA ASP D 306 19.64 39.55 26.60
C ASP D 306 19.83 38.05 26.43
N TYR D 307 18.97 37.44 25.63
CA TYR D 307 19.00 35.99 25.39
C TYR D 307 18.92 35.71 23.90
N ARG D 308 19.48 34.57 23.50
CA ARG D 308 19.44 34.09 22.14
C ARG D 308 18.89 32.67 22.12
N LEU D 309 17.87 32.44 21.31
CA LEU D 309 17.24 31.13 21.18
C LEU D 309 17.49 30.55 19.80
N LEU D 310 17.66 29.24 19.73
CA LEU D 310 17.96 28.53 18.50
C LEU D 310 16.85 27.54 18.18
N CYS D 311 16.37 27.57 16.94
CA CYS D 311 15.34 26.65 16.47
C CYS D 311 15.86 25.90 15.26
N VAL D 312 15.75 24.57 15.30
CA VAL D 312 16.15 23.71 14.20
C VAL D 312 14.95 22.88 13.78
N ASN D 313 14.64 22.91 12.48
CA ASN D 313 13.51 22.18 11.92
C ASN D 313 12.20 22.53 12.60
N GLY D 314 12.07 23.78 13.04
CA GLY D 314 10.87 24.20 13.73
C GLY D 314 10.76 23.77 15.18
N ARG D 315 11.84 23.28 15.78
CA ARG D 315 11.83 22.84 17.17
C ARG D 315 12.88 23.62 17.95
N PHE D 316 12.50 24.05 19.16
CA PHE D 316 13.42 24.76 20.04
C PHE D 316 14.51 23.81 20.52
N VAL D 317 15.76 24.23 20.44
CA VAL D 317 16.91 23.36 20.74
C VAL D 317 17.69 23.85 21.95
N ALA D 318 18.15 25.10 21.92
CA ALA D 318 19.03 25.59 22.96
C ALA D 318 18.80 27.07 23.21
N ALA D 319 19.24 27.53 24.38
CA ALA D 319 19.18 28.93 24.77
C ALA D 319 20.46 29.29 25.49
N THR D 320 20.79 30.59 25.48
CA THR D 320 22.06 31.04 26.03
C THR D 320 21.97 32.51 26.38
N GLU D 321 22.50 32.89 27.53
CA GLU D 321 22.50 34.27 28.00
C GLU D 321 23.88 34.88 27.80
N ARG D 322 23.93 36.09 27.27
CA ARG D 322 25.18 36.77 26.97
C ARG D 322 25.47 37.82 28.03
N LYS D 323 26.66 37.76 28.62
CA LYS D 323 27.04 38.68 29.68
C LYS D 323 28.33 39.41 29.32
N PRO D 324 28.38 40.72 29.54
CA PRO D 324 29.58 41.49 29.16
C PRO D 324 30.66 41.39 30.23
N ALA D 325 31.82 41.95 29.90
CA ALA D 325 32.96 41.91 30.79
C ALA D 325 32.75 42.87 31.96
N TYR D 326 33.30 42.51 33.12
CA TYR D 326 33.16 43.32 34.32
C TYR D 326 34.39 43.14 35.20
N VAL D 327 34.62 44.10 36.08
CA VAL D 327 35.76 44.10 36.99
C VAL D 327 35.23 44.29 38.41
N VAL D 328 35.69 43.44 39.33
CA VAL D 328 35.27 43.48 40.72
C VAL D 328 35.89 44.70 41.39
N GLY D 329 35.43 45.03 42.60
CA GLY D 329 35.88 46.21 43.29
C GLY D 329 37.36 46.20 43.62
N ASP D 330 37.83 47.33 44.12
CA ASP D 330 39.25 47.53 44.41
C ASP D 330 39.38 48.65 45.42
N GLY D 331 40.53 48.69 46.09
CA GLY D 331 40.82 49.73 47.07
C GLY D 331 41.74 50.82 46.58
N TYR D 332 42.78 50.47 45.82
CA TYR D 332 43.78 51.47 45.44
C TYR D 332 44.16 51.43 43.96
N SER D 333 43.97 50.29 43.30
CA SER D 333 44.45 50.14 41.93
C SER D 333 43.55 50.89 40.95
N THR D 334 44.14 51.31 39.84
CA THR D 334 43.40 52.02 38.80
C THR D 334 42.77 51.02 37.82
N ILE D 335 42.01 51.56 36.87
CA ILE D 335 41.24 50.77 35.92
C ILE D 335 42.17 49.86 35.12
N ALA D 336 43.24 50.44 34.56
CA ALA D 336 44.16 49.69 33.73
C ALA D 336 44.83 48.57 34.51
N GLU D 337 45.20 48.85 35.76
CA GLU D 337 45.86 47.84 36.58
C GLU D 337 44.94 46.64 36.83
N LEU D 338 43.68 46.91 37.15
CA LEU D 338 42.73 45.82 37.32
C LEU D 338 42.52 45.04 36.03
N ILE D 339 42.42 45.75 34.91
CA ILE D 339 42.23 45.09 33.63
C ILE D 339 43.40 44.15 33.34
N GLU D 340 44.62 44.62 33.52
CA GLU D 340 45.79 43.79 33.27
C GLU D 340 45.85 42.62 34.24
N LYS D 341 45.52 42.86 35.51
CA LYS D 341 45.58 41.80 36.52
C LYS D 341 44.61 40.68 36.17
N GLU D 342 43.40 41.03 35.76
CA GLU D 342 42.43 39.98 35.39
C GLU D 342 42.75 39.38 34.03
N ASN D 343 43.38 40.14 33.14
CA ASN D 343 43.67 39.69 31.79
C ASN D 343 44.83 38.71 31.80
N PHE D 344 45.70 38.81 32.81
CA PHE D 344 46.82 37.90 32.95
C PHE D 344 46.46 36.59 33.63
N SER D 345 45.35 36.54 34.37
CA SER D 345 44.92 35.36 35.11
C SER D 345 44.53 34.24 34.16
N PRO D 346 44.50 32.98 34.61
CA PRO D 346 44.11 31.88 33.71
C PRO D 346 42.64 31.93 33.31
N ASN D 347 42.21 30.93 32.55
CA ASN D 347 40.86 30.86 31.98
C ASN D 347 40.62 32.02 31.02
N ARG D 348 41.69 32.72 30.64
CA ARG D 348 41.58 33.82 29.69
C ARG D 348 42.72 33.85 28.68
N SER D 349 43.54 32.81 28.59
CA SER D 349 44.62 32.78 27.63
C SER D 349 44.06 32.69 26.20
N ASP D 350 44.92 33.01 25.24
CA ASP D 350 44.53 33.07 23.83
C ASP D 350 44.74 31.75 23.11
N THR D 351 44.70 30.63 23.83
CA THR D 351 44.74 29.33 23.18
C THR D 351 43.47 29.12 22.36
N PRO D 352 43.58 28.41 21.24
CA PRO D 352 42.38 28.18 20.42
C PRO D 352 41.24 27.50 21.16
N THR D 353 41.55 26.61 22.10
CA THR D 353 40.56 25.92 22.91
C THR D 353 40.61 26.51 24.31
N SER D 354 39.87 27.61 24.50
CA SER D 354 39.82 28.30 25.78
C SER D 354 38.38 28.69 26.09
N PRO D 355 38.02 28.78 27.37
CA PRO D 355 36.66 29.21 27.72
C PRO D 355 36.33 30.60 27.20
N MET D 356 37.15 31.59 27.57
CA MET D 356 36.94 32.96 27.13
C MET D 356 38.28 33.56 26.74
N GLY D 357 38.21 34.63 25.93
CA GLY D 357 39.39 35.29 25.42
C GLY D 357 39.92 36.37 26.33
N LYS D 358 40.55 37.37 25.74
CA LYS D 358 41.16 38.48 26.46
C LYS D 358 40.37 39.76 26.22
N ILE D 359 40.40 40.65 27.21
CA ILE D 359 39.73 41.94 27.09
C ILE D 359 40.52 42.82 26.13
N ARG D 360 39.85 43.35 25.12
CA ARG D 360 40.46 44.17 24.10
C ARG D 360 39.96 45.60 24.25
N THR D 361 40.88 46.55 24.34
CA THR D 361 40.49 47.95 24.44
C THR D 361 39.98 48.45 23.09
N ASP D 362 38.97 49.31 23.15
CA ASP D 362 38.37 49.87 21.94
C ASP D 362 37.69 51.18 22.32
N GLU D 363 37.37 51.98 21.31
CA GLU D 363 36.78 53.28 21.56
C GLU D 363 35.41 53.17 22.22
N ALA D 364 34.58 52.22 21.78
CA ALA D 364 33.22 52.11 22.32
C ALA D 364 33.21 52.00 23.84
N MET D 365 34.26 51.37 24.39
CA MET D 365 34.41 51.36 25.84
C MET D 365 34.52 52.78 26.40
N HIS D 366 35.29 53.63 25.72
CA HIS D 366 35.42 55.01 26.17
C HIS D 366 34.10 55.77 26.02
N LEU D 367 33.40 55.58 24.90
CA LEU D 367 32.11 56.24 24.76
C LEU D 367 31.11 55.79 25.82
N TYR D 368 31.15 54.52 26.23
CA TYR D 368 30.26 54.10 27.30
C TYR D 368 30.71 54.59 28.66
N LEU D 369 32.02 54.61 28.92
CA LEU D 369 32.52 55.01 30.23
C LEU D 369 32.33 56.51 30.47
N GLU D 370 32.38 57.32 29.41
CA GLU D 370 32.13 58.74 29.60
C GLU D 370 30.68 59.01 29.99
N GLU D 371 29.73 58.24 29.44
CA GLU D 371 28.36 58.30 29.95
C GLU D 371 28.28 57.79 31.38
N GLN D 372 29.03 56.73 31.70
CA GLN D 372 29.16 56.31 33.08
C GLN D 372 29.74 57.43 33.93
N GLY D 373 30.60 58.27 33.34
CA GLY D 373 31.19 59.40 34.03
C GLY D 373 32.61 59.17 34.51
N LEU D 374 33.19 58.01 34.22
CA LEU D 374 34.52 57.67 34.69
C LEU D 374 35.42 57.30 33.51
N ASP D 375 36.73 57.36 33.75
CA ASP D 375 37.74 57.01 32.76
C ASP D 375 38.85 56.23 33.44
N LEU D 376 40.01 56.13 32.80
CA LEU D 376 41.18 55.57 33.44
C LEU D 376 41.52 56.30 34.75
N ASP D 377 42.12 55.56 35.69
CA ASP D 377 42.47 56.07 37.00
C ASP D 377 41.23 56.57 37.75
N SER D 378 40.31 55.65 38.06
CA SER D 378 39.03 55.95 38.69
C SER D 378 38.81 54.95 39.84
N VAL D 379 39.82 54.86 40.71
CA VAL D 379 39.76 53.95 41.85
C VAL D 379 38.44 54.07 42.59
N ILE D 380 37.91 52.92 43.00
CA ILE D 380 36.62 52.85 43.67
C ILE D 380 36.83 52.43 45.13
N ASP D 381 35.73 52.36 45.88
CA ASP D 381 35.83 52.10 47.31
C ASP D 381 36.09 50.64 47.62
N ARG D 382 35.12 49.77 47.32
CA ARG D 382 35.26 48.35 47.62
C ARG D 382 34.11 47.58 46.98
N ASP D 383 34.44 46.44 46.37
CA ASP D 383 33.48 45.44 45.88
C ASP D 383 32.40 46.04 44.97
N ARG D 384 32.61 47.24 44.46
CA ARG D 384 31.66 47.87 43.55
C ARG D 384 31.93 47.38 42.13
N THR D 385 30.88 46.99 41.42
CA THR D 385 30.99 46.40 40.10
C THR D 385 30.89 47.47 39.02
N ILE D 386 31.78 47.37 38.03
CA ILE D 386 31.78 48.26 36.88
C ILE D 386 31.62 47.41 35.62
N TYR D 387 30.61 47.72 34.82
CA TYR D 387 30.37 47.02 33.56
C TYR D 387 31.04 47.78 32.44
N LEU D 388 31.95 47.11 31.72
CA LEU D 388 32.83 47.77 30.77
C LEU D 388 32.17 48.05 29.43
N ARG D 389 30.97 47.53 29.19
CA ARG D 389 30.29 47.76 27.92
C ARG D 389 28.79 47.59 28.14
N LYS D 390 28.02 48.03 27.14
CA LYS D 390 26.56 47.92 27.17
C LYS D 390 26.06 46.66 26.48
N VAL D 391 26.52 46.41 25.26
CA VAL D 391 26.17 45.22 24.49
C VAL D 391 27.39 44.33 24.43
N ALA D 392 27.26 43.10 24.93
CA ALA D 392 28.42 42.22 25.05
C ALA D 392 28.95 41.80 23.68
N ASN D 393 30.27 41.77 23.57
CA ASN D 393 30.97 41.26 22.39
C ASN D 393 31.73 40.03 22.85
N LEU D 394 31.34 38.85 22.37
CA LEU D 394 31.91 37.60 22.84
C LEU D 394 33.35 37.41 22.39
N SER D 395 33.82 38.18 21.41
CA SER D 395 35.20 38.09 20.95
C SER D 395 36.13 39.09 21.63
N SER D 396 35.62 39.92 22.52
CA SER D 396 36.42 40.96 23.16
C SER D 396 36.10 41.06 24.64
N GLY D 397 35.93 39.92 25.30
CA GLY D 397 35.77 39.93 26.75
C GLY D 397 34.51 39.29 27.28
N GLY D 398 33.39 39.48 26.59
CA GLY D 398 32.13 38.94 27.07
C GLY D 398 32.08 37.42 26.98
N PHE D 399 31.15 36.83 27.72
CA PHE D 399 31.02 35.38 27.75
C PHE D 399 29.55 35.01 27.76
N SER D 400 29.28 33.71 27.86
CA SER D 400 27.94 33.17 27.73
C SER D 400 27.66 32.14 28.80
N ILE D 401 26.39 32.00 29.16
CA ILE D 401 25.94 31.09 30.20
C ILE D 401 24.80 30.25 29.65
N ASP D 402 24.83 28.94 29.90
CA ASP D 402 23.78 28.05 29.45
C ASP D 402 22.51 28.27 30.25
N ALA D 403 21.38 28.34 29.54
CA ALA D 403 20.08 28.56 30.18
C ALA D 403 18.99 27.72 29.56
N THR D 404 19.33 26.52 29.09
CA THR D 404 18.36 25.71 28.35
C THR D 404 17.28 25.14 29.24
N ASN D 405 17.59 24.85 30.50
CA ASN D 405 16.67 24.15 31.38
C ASN D 405 15.81 25.08 32.23
N ARG D 406 15.88 26.39 32.00
CA ARG D 406 15.12 27.35 32.79
C ARG D 406 14.13 28.15 31.96
N VAL D 407 13.55 27.55 30.94
CA VAL D 407 12.66 28.26 30.01
C VAL D 407 11.23 27.81 30.25
N HIS D 408 10.32 28.78 30.37
CA HIS D 408 8.91 28.47 30.55
C HIS D 408 8.34 27.87 29.26
N PRO D 409 7.36 26.97 29.39
CA PRO D 409 6.75 26.39 28.17
C PRO D 409 6.10 27.41 27.26
N ASP D 410 5.57 28.51 27.81
CA ASP D 410 4.94 29.52 26.97
C ASP D 410 5.94 30.12 25.98
N ASN D 411 7.15 30.40 26.44
CA ASN D 411 8.17 30.95 25.54
C ASN D 411 8.58 29.94 24.48
N ILE D 412 8.63 28.66 24.84
CA ILE D 412 8.93 27.62 23.85
C ILE D 412 7.85 27.59 22.78
N ILE D 413 6.59 27.65 23.18
CA ILE D 413 5.51 27.65 22.20
C ILE D 413 5.57 28.89 21.32
N LEU D 414 5.88 30.05 21.91
CA LEU D 414 6.00 31.27 21.13
C LEU D 414 7.12 31.16 20.10
N ALA D 415 8.26 30.58 20.49
CA ALA D 415 9.36 30.39 19.56
C ALA D 415 8.98 29.45 18.43
N GLN D 416 8.26 28.37 18.75
CA GLN D 416 7.81 27.45 17.70
C GLN D 416 6.88 28.15 16.72
N ASP D 417 5.94 28.95 17.23
CA ASP D 417 5.03 29.68 16.35
C ASP D 417 5.77 30.65 15.46
N ILE D 418 6.77 31.34 16.00
CA ILE D 418 7.55 32.27 15.18
C ILE D 418 8.31 31.51 14.10
N ALA D 419 8.93 30.39 14.47
CA ALA D 419 9.81 29.68 13.55
C ALA D 419 9.06 28.91 12.48
N GLN D 420 7.80 28.55 12.71
CA GLN D 420 7.10 27.74 11.72
C GLN D 420 6.74 28.50 10.44
N HIS D 421 6.94 29.81 10.39
CA HIS D 421 6.48 30.62 9.27
C HIS D 421 7.53 30.83 8.19
N PHE D 422 8.72 30.25 8.33
CA PHE D 422 9.80 30.46 7.38
C PHE D 422 10.31 29.14 6.85
N ARG D 423 10.82 29.15 5.61
CA ARG D 423 11.39 27.97 4.98
C ARG D 423 12.90 27.97 5.14
N LEU D 424 13.35 27.87 6.39
CA LEU D 424 14.76 27.81 6.72
C LEU D 424 15.00 26.67 7.69
N THR D 425 16.22 26.13 7.67
CA THR D 425 16.53 24.99 8.53
C THR D 425 16.85 25.44 9.95
N CYS D 426 17.70 26.44 10.12
CA CYS D 426 18.08 26.95 11.43
C CYS D 426 17.71 28.42 11.55
N LEU D 427 17.19 28.81 12.70
CA LEU D 427 16.77 30.18 12.94
C LEU D 427 17.23 30.63 14.31
N GLY D 428 17.67 31.88 14.41
CA GLY D 428 18.06 32.44 15.69
C GLY D 428 17.23 33.64 16.07
N ILE D 429 16.80 33.72 17.33
CA ILE D 429 15.93 34.79 17.81
C ILE D 429 16.61 35.50 18.97
N ASP D 430 16.63 36.82 18.94
CA ASP D 430 17.20 37.62 20.01
C ASP D 430 16.08 38.28 20.82
N ILE D 431 16.08 38.08 22.13
CA ILE D 431 15.05 38.61 23.00
C ILE D 431 15.67 39.30 24.20
N ILE D 432 14.88 40.15 24.84
CA ILE D 432 15.29 40.86 26.05
C ILE D 432 14.20 40.67 27.10
N THR D 433 14.60 40.22 28.28
CA THR D 433 13.64 39.98 29.35
C THR D 433 14.34 40.01 30.69
N ASN D 434 13.56 40.22 31.75
CA ASN D 434 14.11 40.26 33.10
C ASN D 434 14.08 38.91 33.79
N ASP D 435 13.24 37.98 33.34
CA ASP D 435 13.19 36.65 33.95
C ASP D 435 12.63 35.68 32.91
N ILE D 436 13.50 34.80 32.40
CA ILE D 436 13.08 33.81 31.40
C ILE D 436 12.28 32.67 32.02
N GLY D 437 12.20 32.59 33.34
CA GLY D 437 11.45 31.55 34.00
C GLY D 437 9.97 31.83 34.18
N ARG D 438 9.46 32.94 33.64
CA ARG D 438 8.07 33.31 33.78
C ARG D 438 7.49 33.62 32.40
N SER D 439 6.16 33.51 32.30
CA SER D 439 5.49 33.69 31.03
C SER D 439 5.63 35.11 30.50
N TRP D 440 5.64 35.24 29.19
CA TRP D 440 5.78 36.55 28.55
C TRP D 440 4.53 37.40 28.67
N LYS D 441 3.42 36.84 29.14
CA LYS D 441 2.18 37.60 29.27
C LYS D 441 2.12 38.40 30.55
N GLU D 442 3.14 38.34 31.40
CA GLU D 442 3.12 39.08 32.66
C GLU D 442 4.42 39.77 32.99
N THR D 443 5.43 39.73 32.13
CA THR D 443 6.72 40.37 32.37
C THR D 443 7.01 41.35 31.23
N SER D 444 8.22 41.90 31.25
CA SER D 444 8.67 42.82 30.21
C SER D 444 9.41 42.01 29.15
N PHE D 445 8.71 41.67 28.08
CA PHE D 445 9.23 40.80 27.03
C PHE D 445 9.27 41.57 25.71
N GLY D 446 10.24 41.24 24.87
CA GLY D 446 10.35 41.89 23.58
C GLY D 446 11.20 41.08 22.64
N ILE D 447 10.89 41.20 21.34
CA ILE D 447 11.62 40.51 20.29
C ILE D 447 12.41 41.55 19.51
N ILE D 448 13.71 41.35 19.38
CA ILE D 448 14.60 42.35 18.81
C ILE D 448 15.01 42.00 17.39
N GLU D 449 15.45 40.77 17.15
CA GLU D 449 16.07 40.46 15.88
C GLU D 449 15.88 38.98 15.54
N ILE D 450 15.85 38.70 14.24
CA ILE D 450 15.76 37.34 13.71
C ILE D 450 16.91 37.14 12.72
N ASN D 451 17.64 36.05 12.87
CA ASN D 451 18.80 35.75 12.04
C ASN D 451 18.63 34.42 11.35
N ALA D 452 19.02 34.37 10.08
CA ALA D 452 18.78 33.19 9.23
C ALA D 452 19.96 32.23 9.20
N ALA D 453 21.18 32.70 9.40
CA ALA D 453 22.37 31.85 9.39
C ALA D 453 23.14 32.08 10.69
N PRO D 454 22.66 31.54 11.79
CA PRO D 454 23.28 31.81 13.08
C PRO D 454 24.56 30.99 13.28
N GLY D 455 25.38 31.46 14.21
CA GLY D 455 26.54 30.70 14.64
C GLY D 455 26.17 29.84 15.83
N VAL D 456 26.64 28.59 15.81
CA VAL D 456 26.25 27.61 16.82
C VAL D 456 27.42 27.22 17.71
N TYR D 457 28.51 27.97 17.69
CA TYR D 457 29.64 27.63 18.54
C TYR D 457 29.41 27.98 20.00
N MET D 458 28.67 29.06 20.26
CA MET D 458 28.43 29.45 21.65
C MET D 458 27.56 28.45 22.40
N HIS D 459 26.84 27.59 21.69
CA HIS D 459 26.05 26.56 22.33
C HIS D 459 26.84 25.26 22.53
N LEU D 460 28.00 25.13 21.90
CA LEU D 460 28.79 23.92 22.01
C LEU D 460 29.84 23.99 23.11
N LYS D 461 30.44 25.16 23.31
CA LYS D 461 31.48 25.36 24.33
C LYS D 461 31.13 26.59 25.15
N PRO D 462 30.17 26.47 26.06
CA PRO D 462 29.83 27.60 26.92
C PRO D 462 30.85 27.82 28.03
N ALA D 463 30.97 29.06 28.46
CA ALA D 463 31.89 29.38 29.55
C ALA D 463 31.43 28.76 30.85
N ILE D 464 30.14 28.83 31.16
CA ILE D 464 29.56 28.23 32.36
C ILE D 464 28.34 27.43 31.96
N GLY D 465 28.29 26.18 32.37
CA GLY D 465 27.16 25.31 32.09
C GLY D 465 27.61 24.03 31.41
N GLU D 466 26.62 23.32 30.87
CA GLU D 466 26.88 22.06 30.18
C GLU D 466 26.62 22.19 28.68
N PRO D 467 27.39 21.51 27.85
CA PRO D 467 27.22 21.64 26.40
C PRO D 467 25.96 20.93 25.90
N VAL D 468 25.53 21.35 24.71
CA VAL D 468 24.40 20.76 24.01
C VAL D 468 24.85 20.36 22.61
N ASP D 469 24.50 19.14 22.21
CA ASP D 469 24.89 18.61 20.91
C ASP D 469 23.87 19.06 19.87
N VAL D 470 24.19 20.14 19.15
CA VAL D 470 23.29 20.68 18.15
C VAL D 470 23.59 20.17 16.74
N THR D 471 24.85 19.81 16.46
CA THR D 471 25.19 19.31 15.14
C THR D 471 24.53 17.96 14.87
N ALA D 472 24.36 17.13 15.89
CA ALA D 472 23.63 15.89 15.72
C ALA D 472 22.18 16.15 15.34
N ARG D 473 21.55 17.15 15.98
CA ARG D 473 20.18 17.52 15.61
C ARG D 473 20.13 18.04 14.18
N ILE D 474 21.12 18.82 13.77
CA ILE D 474 21.14 19.33 12.40
C ILE D 474 21.26 18.19 11.40
N LEU D 475 22.14 17.23 11.68
CA LEU D 475 22.38 16.15 10.71
C LEU D 475 21.25 15.13 10.69
N GLU D 476 20.55 14.92 11.81
CA GLU D 476 19.45 13.96 11.83
C GLU D 476 18.22 14.44 11.08
N THR D 477 18.17 15.72 10.69
CA THR D 477 17.05 16.20 9.89
C THR D 477 17.01 15.54 8.51
N PHE D 478 18.17 15.35 7.90
CA PHE D 478 18.27 14.83 6.53
C PHE D 478 18.44 13.31 6.49
N PHE D 479 19.45 12.78 7.18
CA PHE D 479 19.73 11.35 7.18
C PHE D 479 19.37 10.78 8.54
N GLU D 480 18.56 9.74 8.54
CA GLU D 480 18.18 9.05 9.78
C GLU D 480 19.07 7.85 10.09
N THR D 481 19.62 7.20 9.07
CA THR D 481 20.58 6.12 9.26
C THR D 481 21.64 6.22 8.17
N GLU D 482 22.68 5.39 8.31
CA GLU D 482 23.77 5.41 7.35
C GLU D 482 23.30 5.01 5.95
N LYS D 483 22.47 3.96 5.87
CA LYS D 483 22.03 3.46 4.57
C LYS D 483 21.16 4.46 3.82
N ASN D 484 20.72 5.53 4.47
CA ASN D 484 19.99 6.59 3.81
C ASN D 484 20.88 7.59 3.09
N ALA D 485 22.19 7.34 3.03
CA ALA D 485 23.11 8.26 2.39
C ALA D 485 24.02 7.60 1.36
N ARG D 486 23.65 6.44 0.84
CA ARG D 486 24.52 5.69 -0.06
C ARG D 486 23.72 5.12 -1.23
N ILE D 487 24.43 4.80 -2.30
CA ILE D 487 23.84 4.17 -3.49
C ILE D 487 24.69 2.96 -3.86
N PRO D 488 24.16 1.99 -4.59
CA PRO D 488 24.97 0.82 -4.96
C PRO D 488 26.10 1.13 -5.93
N ILE D 489 27.22 0.44 -5.72
CA ILE D 489 28.45 0.64 -6.48
C ILE D 489 28.99 -0.73 -6.89
N ILE D 490 29.47 -0.84 -8.13
CA ILE D 490 30.06 -2.05 -8.66
C ILE D 490 31.48 -1.74 -9.13
N THR D 491 32.43 -2.61 -8.78
CA THR D 491 33.84 -2.37 -9.05
C THR D 491 34.42 -3.47 -9.93
N PHE D 492 35.06 -3.05 -11.01
CA PHE D 492 35.83 -3.89 -11.91
C PHE D 492 37.30 -3.51 -11.82
N ASN D 493 38.15 -4.32 -12.47
CA ASN D 493 39.55 -3.96 -12.63
C ASN D 493 39.98 -3.86 -14.09
N ARG D 494 39.20 -4.41 -15.01
CA ARG D 494 39.45 -4.27 -16.44
C ARG D 494 38.17 -4.65 -17.18
N VAL D 495 37.65 -3.73 -17.99
CA VAL D 495 36.39 -3.93 -18.70
C VAL D 495 36.40 -3.05 -19.93
N SER D 496 35.60 -3.43 -20.93
CA SER D 496 35.48 -2.68 -22.17
C SER D 496 34.12 -2.00 -22.25
N ILE D 497 33.98 -1.12 -23.23
CA ILE D 497 32.75 -0.33 -23.35
C ILE D 497 31.60 -1.15 -23.91
N ARG D 498 31.86 -2.27 -24.57
CA ARG D 498 30.77 -3.08 -25.11
C ARG D 498 30.08 -3.90 -24.02
N GLN D 499 30.80 -4.30 -22.99
CA GLN D 499 30.20 -5.07 -21.91
C GLN D 499 29.37 -4.22 -20.97
N LEU D 500 29.74 -2.95 -20.81
CA LEU D 500 28.99 -2.06 -19.93
C LEU D 500 27.58 -1.83 -20.45
N GLN D 501 27.44 -1.69 -21.77
CA GLN D 501 26.11 -1.50 -22.35
C GLN D 501 25.24 -2.73 -22.11
N LYS D 502 25.80 -3.93 -22.27
CA LYS D 502 25.04 -5.15 -22.01
C LYS D 502 24.64 -5.24 -20.54
N LEU D 503 25.55 -4.91 -19.63
CA LEU D 503 25.22 -4.96 -18.21
C LEU D 503 24.12 -3.97 -17.86
N SER D 504 24.20 -2.74 -18.38
CA SER D 504 23.17 -1.76 -18.11
C SER D 504 21.83 -2.18 -18.71
N ASP D 505 21.85 -2.77 -19.90
CA ASP D 505 20.63 -3.25 -20.52
C ASP D 505 19.98 -4.32 -19.65
N ARG D 506 20.79 -5.27 -19.17
CA ARG D 506 20.25 -6.33 -18.33
C ARG D 506 19.67 -5.78 -17.04
N ILE D 507 20.35 -4.79 -16.44
CA ILE D 507 19.86 -4.21 -15.19
C ILE D 507 18.55 -3.44 -15.42
N LEU D 508 18.45 -2.73 -16.54
CA LEU D 508 17.30 -1.87 -16.78
C LEU D 508 16.02 -2.66 -17.03
N MET D 509 16.11 -3.98 -17.26
CA MET D 509 14.91 -4.77 -17.50
C MET D 509 14.05 -4.85 -16.26
N SER D 510 14.65 -4.80 -15.07
CA SER D 510 13.90 -4.90 -13.81
C SER D 510 13.53 -3.55 -13.24
N HIS D 511 14.30 -2.51 -13.52
CA HIS D 511 14.05 -1.16 -13.00
C HIS D 511 14.02 -0.20 -14.18
N PRO D 512 12.89 -0.12 -14.88
CA PRO D 512 12.85 0.67 -16.12
C PRO D 512 13.08 2.16 -15.94
N ASP D 513 12.92 2.68 -14.72
CA ASP D 513 12.97 4.12 -14.49
C ASP D 513 14.24 4.55 -13.74
N TRP D 514 15.27 3.71 -13.73
CA TRP D 514 16.50 4.04 -13.02
C TRP D 514 17.45 4.81 -13.92
N THR D 515 18.46 5.42 -13.29
CA THR D 515 19.54 6.09 -13.99
C THR D 515 20.86 5.48 -13.53
N ILE D 516 21.65 4.98 -14.46
CA ILE D 516 22.85 4.22 -14.18
C ILE D 516 24.04 4.93 -14.80
N GLY D 517 25.11 5.09 -14.03
CA GLY D 517 26.31 5.72 -14.56
C GLY D 517 27.51 4.81 -14.57
N ALA D 518 28.16 4.66 -15.73
CA ALA D 518 29.29 3.75 -15.87
C ALA D 518 30.48 4.51 -16.41
N VAL D 519 31.67 4.21 -15.90
CA VAL D 519 32.89 4.87 -16.33
C VAL D 519 34.01 3.86 -16.47
N CYS D 520 34.80 4.00 -17.53
CA CYS D 520 35.97 3.16 -17.75
C CYS D 520 37.02 3.99 -18.49
N ARG D 521 38.08 3.34 -18.96
CA ARG D 521 39.17 4.05 -19.62
C ARG D 521 38.87 4.39 -21.07
N GLU D 522 37.82 3.80 -21.66
CA GLU D 522 37.47 4.06 -23.05
C GLU D 522 36.38 5.10 -23.23
N GLY D 523 35.52 5.28 -22.23
CA GLY D 523 34.44 6.24 -22.36
C GLY D 523 33.61 6.27 -21.09
N ILE D 524 32.57 7.11 -21.13
CA ILE D 524 31.67 7.30 -20.01
C ILE D 524 30.24 7.19 -20.53
N LEU D 525 29.40 6.45 -19.81
CA LEU D 525 28.04 6.17 -20.25
C LEU D 525 27.04 6.56 -19.18
N ILE D 526 25.93 7.16 -19.62
CA ILE D 526 24.73 7.33 -18.80
C ILE D 526 23.64 6.55 -19.51
N ASN D 527 23.14 5.51 -18.84
CA ASN D 527 22.22 4.54 -19.46
C ASN D 527 22.87 3.92 -20.69
N ARG D 528 22.46 4.35 -21.89
CA ARG D 528 23.02 3.84 -23.13
C ARG D 528 23.59 4.93 -24.03
N SER D 529 23.75 6.15 -23.52
CA SER D 529 24.25 7.26 -24.31
C SER D 529 25.68 7.58 -23.91
N GLU D 530 26.44 8.10 -24.88
CA GLU D 530 27.85 8.40 -24.69
C GLU D 530 28.08 9.88 -24.43
N LYS D 531 29.05 10.19 -23.58
CA LYS D 531 29.39 11.56 -23.25
C LYS D 531 30.87 11.83 -23.50
N ILE D 532 31.36 12.98 -23.04
CA ILE D 532 32.76 13.38 -23.24
C ILE D 532 33.57 12.92 -22.05
N LEU D 533 34.81 12.50 -22.31
CA LEU D 533 35.71 11.99 -21.28
C LEU D 533 36.77 13.03 -20.95
N ASN D 534 37.00 13.23 -19.66
CA ASN D 534 37.98 14.21 -19.21
C ASN D 534 39.39 13.61 -19.23
N ARG D 535 40.39 14.50 -19.26
CA ARG D 535 41.78 14.06 -19.28
C ARG D 535 42.27 13.58 -17.93
N HIS D 536 41.75 14.13 -16.84
CA HIS D 536 42.10 13.69 -15.49
C HIS D 536 41.08 12.65 -15.05
N TYR D 537 41.55 11.42 -14.80
CA TYR D 537 40.63 10.29 -14.65
C TYR D 537 39.73 10.46 -13.43
N ASN D 538 40.29 10.92 -12.31
CA ASN D 538 39.51 10.97 -11.07
C ASN D 538 38.43 12.04 -11.11
N THR D 539 38.43 12.93 -12.09
CA THR D 539 37.39 13.96 -12.18
C THR D 539 36.07 13.38 -12.68
N ASN D 540 36.12 12.33 -13.50
CA ASN D 540 34.90 11.74 -14.02
C ASN D 540 34.05 11.12 -12.90
N VAL D 541 34.71 10.47 -11.94
CA VAL D 541 33.97 9.90 -10.82
C VAL D 541 33.31 10.98 -9.99
N LEU D 542 34.02 12.09 -9.75
CA LEU D 542 33.43 13.21 -9.03
C LEU D 542 32.24 13.78 -9.79
N ASN D 543 32.35 13.89 -11.12
CA ASN D 543 31.25 14.39 -11.92
C ASN D 543 30.04 13.46 -11.83
N LEU D 544 30.28 12.15 -11.81
CA LEU D 544 29.17 11.22 -11.74
C LEU D 544 28.50 11.24 -10.37
N LEU D 545 29.29 11.33 -9.30
CA LEU D 545 28.71 11.35 -7.96
C LEU D 545 28.00 12.66 -7.64
N ARG D 546 28.23 13.71 -8.41
CA ARG D 546 27.56 14.98 -8.22
C ARG D 546 26.19 15.03 -8.88
N ASN D 547 25.90 14.13 -9.80
CA ASN D 547 24.63 14.10 -10.51
C ASN D 547 23.49 13.85 -9.53
N PRO D 548 22.47 14.71 -9.49
CA PRO D 548 21.38 14.55 -8.53
C PRO D 548 20.31 13.54 -8.92
N LYS D 549 20.55 12.71 -9.94
CA LYS D 549 19.58 11.71 -10.34
C LYS D 549 20.16 10.30 -10.41
N LEU D 550 21.41 10.10 -10.03
CA LEU D 550 22.04 8.80 -10.19
C LEU D 550 21.43 7.78 -9.23
N ASP D 551 21.35 6.53 -9.69
CA ASP D 551 20.82 5.44 -8.90
C ASP D 551 21.79 4.29 -8.68
N LEU D 552 22.82 4.17 -9.52
CA LEU D 552 23.78 3.08 -9.42
C LEU D 552 25.05 3.49 -10.16
N LEU D 553 26.21 3.10 -9.62
CA LEU D 553 27.50 3.47 -10.19
C LEU D 553 28.29 2.22 -10.55
N ILE D 554 28.95 2.27 -11.70
CA ILE D 554 29.84 1.19 -12.15
C ILE D 554 31.18 1.81 -12.51
N ALA D 555 32.25 1.34 -11.89
CA ALA D 555 33.57 1.92 -12.10
C ALA D 555 34.63 0.85 -12.16
N GLU D 556 35.75 1.17 -12.81
CA GLU D 556 36.89 0.29 -12.86
C GLU D 556 38.14 1.05 -12.42
N TYR D 557 39.05 0.35 -11.75
CA TYR D 557 40.28 0.94 -11.23
C TYR D 557 41.41 -0.03 -11.50
N ASP D 558 42.29 0.30 -12.45
CA ASP D 558 43.42 -0.55 -12.77
C ASP D 558 44.60 -0.19 -11.88
N GLU D 559 45.77 -0.75 -12.18
CA GLU D 559 46.93 -0.55 -11.32
C GLU D 559 47.43 0.89 -11.37
N ASP D 560 47.49 1.48 -12.56
CA ASP D 560 48.01 2.84 -12.69
C ASP D 560 47.13 3.84 -11.97
N ALA D 561 45.81 3.70 -12.07
CA ALA D 561 44.91 4.61 -11.38
C ALA D 561 45.06 4.50 -9.87
N LEU D 562 45.17 3.27 -9.36
CA LEU D 562 45.33 3.09 -7.93
C LEU D 562 46.66 3.66 -7.44
N GLU D 563 47.73 3.46 -8.20
CA GLU D 563 49.04 3.94 -7.78
C GLU D 563 49.19 5.45 -7.99
N ALA D 564 48.35 6.07 -8.81
CA ALA D 564 48.50 7.49 -9.10
C ALA D 564 47.91 8.35 -8.00
N GLU D 565 46.62 8.21 -7.74
CA GLU D 565 45.94 9.05 -6.76
C GLU D 565 45.02 8.31 -5.81
N GLY D 566 44.72 7.03 -6.04
CA GLY D 566 43.85 6.28 -5.16
C GLY D 566 42.39 6.40 -5.53
N MET D 567 41.57 5.63 -4.82
CA MET D 567 40.15 5.62 -5.06
C MET D 567 39.50 6.91 -4.55
N PHE D 568 38.23 7.09 -4.90
CA PHE D 568 37.50 8.29 -4.51
C PHE D 568 36.37 8.02 -3.53
N TYR D 569 35.66 6.90 -3.68
CA TYR D 569 34.60 6.53 -2.76
C TYR D 569 35.12 5.53 -1.74
N HIS D 570 34.23 5.07 -0.86
CA HIS D 570 34.60 4.16 0.21
C HIS D 570 33.55 3.05 0.28
N GLY D 571 33.99 1.82 0.07
CA GLY D 571 33.10 0.68 0.14
C GLY D 571 32.58 0.26 -1.21
N SER D 572 32.22 -1.02 -1.33
CA SER D 572 31.72 -1.57 -2.57
C SER D 572 30.72 -2.68 -2.27
N ASN D 573 29.79 -2.89 -3.19
CA ASN D 573 28.77 -3.92 -3.04
C ASN D 573 29.00 -5.16 -3.89
N LEU D 574 29.86 -5.07 -4.90
CA LEU D 574 30.17 -6.19 -5.77
C LEU D 574 31.53 -5.93 -6.40
N VAL D 575 32.43 -6.91 -6.27
CA VAL D 575 33.80 -6.77 -6.78
C VAL D 575 34.08 -7.90 -7.75
N VAL D 576 34.58 -7.55 -8.94
CA VAL D 576 34.92 -8.53 -9.96
C VAL D 576 36.39 -8.36 -10.32
N LEU D 577 37.16 -9.46 -10.26
CA LEU D 577 38.58 -9.44 -10.59
C LEU D 577 38.88 -10.55 -11.57
N GLU D 578 39.55 -10.18 -12.67
CA GLU D 578 39.96 -11.13 -13.71
C GLU D 578 41.46 -11.03 -13.87
N ASP D 579 42.17 -12.10 -13.51
CA ASP D 579 43.63 -12.14 -13.57
C ASP D 579 44.27 -10.96 -12.85
N PRO D 580 44.05 -10.82 -11.54
CA PRO D 580 44.54 -9.65 -10.82
C PRO D 580 46.04 -9.72 -10.59
N SER D 581 46.61 -8.57 -10.24
CA SER D 581 48.00 -8.44 -9.89
C SER D 581 48.13 -8.28 -8.38
N GLU D 582 49.37 -8.08 -7.92
CA GLU D 582 49.60 -7.94 -6.48
C GLU D 582 48.97 -6.67 -5.94
N ILE D 583 49.06 -5.56 -6.69
CA ILE D 583 48.54 -4.29 -6.20
C ILE D 583 47.01 -4.31 -6.17
N GLU D 584 46.38 -4.88 -7.21
CA GLU D 584 44.94 -4.78 -7.34
C GLU D 584 44.18 -5.54 -6.27
N MET D 585 44.82 -6.49 -5.60
CA MET D 585 44.11 -7.32 -4.62
C MET D 585 43.54 -6.49 -3.48
N ILE D 586 44.13 -5.32 -3.20
CA ILE D 586 43.61 -4.46 -2.16
C ILE D 586 42.19 -4.01 -2.42
N LEU D 587 41.68 -4.23 -3.63
CA LEU D 587 40.28 -3.92 -3.91
C LEU D 587 39.33 -4.79 -3.10
N THR D 588 39.80 -5.89 -2.54
CA THR D 588 38.94 -6.78 -1.75
C THR D 588 38.94 -6.41 -0.26
N ARG D 589 39.73 -5.43 0.15
CA ARG D 589 39.83 -5.09 1.57
C ARG D 589 38.61 -4.31 2.06
N ASP D 590 38.08 -3.42 1.23
CA ASP D 590 36.99 -2.53 1.64
C ASP D 590 35.67 -3.09 1.11
N VAL D 591 35.05 -3.96 1.89
CA VAL D 591 33.75 -4.54 1.57
C VAL D 591 32.92 -4.60 2.84
N PHE D 592 31.62 -4.84 2.66
CA PHE D 592 30.70 -4.98 3.77
C PHE D 592 30.52 -6.45 4.12
N SER D 593 29.58 -6.72 5.02
CA SER D 593 29.36 -8.07 5.51
C SER D 593 28.53 -8.92 4.56
N ASP D 594 27.85 -8.32 3.58
CA ASP D 594 27.02 -9.07 2.65
C ASP D 594 27.41 -8.76 1.20
N SER D 595 28.68 -8.41 0.97
CA SER D 595 29.15 -8.14 -0.37
C SER D 595 29.48 -9.44 -1.10
N THR D 596 29.64 -9.34 -2.41
CA THR D 596 29.98 -10.47 -3.26
C THR D 596 31.31 -10.22 -3.95
N VAL D 597 32.19 -11.22 -3.91
CA VAL D 597 33.52 -11.11 -4.49
C VAL D 597 33.69 -12.25 -5.49
N ILE D 598 34.14 -11.91 -6.71
CA ILE D 598 34.39 -12.90 -7.75
C ILE D 598 35.83 -12.75 -8.22
N ILE D 599 36.58 -13.85 -8.25
CA ILE D 599 37.96 -13.86 -8.70
C ILE D 599 38.14 -14.94 -9.75
N LYS D 600 38.78 -14.60 -10.86
CA LYS D 600 39.08 -15.56 -11.92
C LYS D 600 40.59 -15.63 -12.13
N GLN D 601 41.13 -16.84 -12.12
CA GLN D 601 42.56 -17.04 -12.36
C GLN D 601 42.73 -18.22 -13.29
N GLY D 602 43.24 -17.97 -14.49
CA GLY D 602 43.33 -19.01 -15.49
C GLY D 602 41.97 -19.52 -15.90
N ARG D 603 41.65 -20.75 -15.51
CA ARG D 603 40.33 -21.32 -15.73
C ARG D 603 39.63 -21.65 -14.41
N GLU D 604 40.10 -21.08 -13.31
CA GLU D 604 39.54 -21.34 -11.99
C GLU D 604 38.74 -20.13 -11.51
N ILE D 605 37.57 -20.39 -10.95
CA ILE D 605 36.65 -19.37 -10.49
C ILE D 605 36.42 -19.54 -9.00
N THR D 606 36.63 -18.47 -8.24
CA THR D 606 36.39 -18.44 -6.80
C THR D 606 35.36 -17.37 -6.48
N ILE D 607 34.32 -17.75 -5.74
CA ILE D 607 33.22 -16.86 -5.42
C ILE D 607 33.04 -16.82 -3.90
N LYS D 608 32.92 -15.63 -3.35
CA LYS D 608 32.55 -15.44 -1.94
C LYS D 608 31.23 -14.70 -1.89
N ARG D 609 30.24 -15.33 -1.27
CA ARG D 609 28.87 -14.83 -1.21
C ARG D 609 28.37 -14.92 0.23
N LYS D 610 28.11 -13.78 0.85
CA LYS D 610 27.55 -13.72 2.20
C LYS D 610 28.40 -14.52 3.19
N GLY D 611 29.72 -14.45 3.02
CA GLY D 611 30.63 -15.14 3.90
C GLY D 611 30.86 -16.60 3.59
N LEU D 612 30.26 -17.13 2.53
CA LEU D 612 30.42 -18.54 2.15
C LEU D 612 31.26 -18.63 0.88
N LEU D 613 32.19 -19.58 0.86
CA LEU D 613 33.14 -19.73 -0.22
C LEU D 613 32.72 -20.83 -1.18
N GLU D 614 33.13 -20.69 -2.44
CA GLU D 614 32.86 -21.69 -3.46
C GLU D 614 33.93 -21.60 -4.53
N GLN D 615 34.30 -22.75 -5.09
CA GLN D 615 35.38 -22.81 -6.06
C GLN D 615 35.05 -23.84 -7.12
N TYR D 616 35.28 -23.50 -8.39
CA TYR D 616 35.11 -24.50 -9.45
C TYR D 616 35.94 -24.08 -10.67
N GLU D 617 35.72 -24.75 -11.79
CA GLU D 617 36.55 -24.60 -12.98
C GLU D 617 35.69 -24.42 -14.22
N LEU D 618 36.11 -23.51 -15.10
CA LEU D 618 35.42 -23.24 -16.34
C LEU D 618 35.85 -24.27 -17.40
N GLU D 619 35.15 -24.26 -18.53
CA GLU D 619 35.43 -25.19 -19.63
C GLU D 619 35.63 -24.48 -20.96
N ALA D 620 36.86 -24.46 -21.44
CA ALA D 620 37.31 -24.18 -22.81
C ALA D 620 36.65 -22.82 -23.09
N GLU D 621 35.80 -22.77 -24.10
CA GLU D 621 35.31 -21.50 -24.63
C GLU D 621 34.27 -21.08 -23.58
N GLU D 622 34.65 -20.07 -22.79
CA GLU D 622 33.78 -19.53 -21.76
C GLU D 622 34.35 -18.18 -21.41
N LEU D 623 33.44 -17.24 -21.12
CA LEU D 623 33.80 -15.89 -20.73
C LEU D 623 33.22 -15.60 -19.35
N ILE D 624 33.83 -14.64 -18.66
CA ILE D 624 33.38 -14.28 -17.32
C ILE D 624 32.02 -13.59 -17.35
N GLU D 625 31.58 -13.13 -18.52
CA GLU D 625 30.32 -12.40 -18.62
C GLU D 625 29.15 -13.22 -18.14
N GLN D 626 29.19 -14.54 -18.34
CA GLN D 626 28.09 -15.40 -17.91
C GLN D 626 28.19 -15.79 -16.45
N VAL D 627 29.23 -15.37 -15.74
CA VAL D 627 29.37 -15.67 -14.33
C VAL D 627 28.74 -14.58 -13.46
N TYR D 628 29.02 -13.31 -13.78
CA TYR D 628 28.49 -12.22 -12.98
C TYR D 628 27.13 -11.72 -13.46
N LEU D 629 26.63 -12.22 -14.60
CA LEU D 629 25.30 -11.82 -15.04
C LEU D 629 24.20 -12.51 -14.24
N LYS D 630 24.52 -13.56 -13.50
CA LYS D 630 23.56 -14.19 -12.61
C LYS D 630 23.63 -13.64 -11.19
N GLU D 631 24.68 -12.88 -10.86
CA GLU D 631 24.89 -12.39 -9.50
C GLU D 631 24.21 -11.07 -9.22
N ILE D 632 23.57 -10.45 -10.20
CA ILE D 632 22.91 -9.18 -9.93
C ILE D 632 21.47 -9.38 -9.46
N GLY D 633 21.35 -9.77 -8.20
CA GLY D 633 20.08 -9.81 -7.51
C GLY D 633 20.21 -9.13 -6.17
N THR D 634 21.45 -9.03 -5.69
CA THR D 634 21.73 -8.37 -4.42
C THR D 634 21.65 -6.86 -4.58
N ILE D 635 21.90 -6.38 -5.79
CA ILE D 635 21.87 -4.95 -6.08
C ILE D 635 20.47 -4.41 -5.83
N SER D 636 19.46 -5.15 -6.28
CA SER D 636 18.07 -4.75 -6.10
C SER D 636 17.71 -4.62 -4.62
N ALA E 6 26.74 0.43 60.80
CA ALA E 6 26.50 -1.00 61.01
C ALA E 6 27.69 -1.83 60.54
N VAL E 7 28.84 -1.17 60.40
CA VAL E 7 30.07 -1.84 59.98
C VAL E 7 30.81 -2.35 61.21
N GLU E 8 30.48 -3.57 61.65
CA GLU E 8 31.12 -4.16 62.83
C GLU E 8 32.64 -4.30 62.71
N PRO E 9 33.21 -4.76 61.59
CA PRO E 9 34.68 -4.81 61.51
C PRO E 9 35.35 -3.45 61.55
N VAL E 10 34.60 -2.36 61.35
CA VAL E 10 35.08 -0.98 61.29
C VAL E 10 36.39 -0.93 60.51
N ARG E 11 36.43 -1.64 59.38
CA ARG E 11 37.55 -1.67 58.45
C ARG E 11 38.80 -2.33 59.04
N ILE E 12 38.74 -2.74 60.31
CA ILE E 12 39.87 -3.32 61.02
C ILE E 12 40.76 -2.11 61.27
N ASN E 13 41.15 -1.41 60.20
CA ASN E 13 42.05 -0.26 60.31
C ASN E 13 41.26 1.03 60.56
N ALA E 14 40.84 1.25 61.80
CA ALA E 14 40.21 2.50 62.20
C ALA E 14 41.20 2.77 63.31
N ARG E 15 41.28 4.04 63.71
CA ARG E 15 42.07 4.44 64.86
C ARG E 15 41.33 5.76 65.11
N THR E 16 41.78 6.53 66.09
CA THR E 16 41.19 7.84 66.34
C THR E 16 41.77 8.84 65.35
N THR E 17 41.37 10.11 65.48
CA THR E 17 41.81 11.19 64.61
C THR E 17 41.48 10.88 63.14
N ASP E 18 40.19 10.77 62.88
CA ASP E 18 39.69 10.52 61.54
C ASP E 18 38.90 11.73 61.05
N VAL E 19 39.04 11.98 59.82
CA VAL E 19 38.52 13.23 59.26
C VAL E 19 37.29 12.97 58.39
N PHE E 20 37.09 11.83 57.94
CA PHE E 20 35.98 11.53 57.04
C PHE E 20 35.08 10.42 57.58
N ASP E 21 33.76 10.49 57.14
CA ASP E 21 32.88 9.38 57.51
C ASP E 21 32.04 8.97 56.31
N ILE E 22 31.82 7.71 56.14
CA ILE E 22 31.00 7.12 55.08
C ILE E 22 29.87 6.36 55.75
N PHE E 23 28.63 6.55 55.30
CA PHE E 23 27.57 5.73 55.86
C PHE E 23 26.40 5.56 54.90
N ASN E 24 25.51 4.63 55.26
CA ASN E 24 24.24 4.37 54.58
C ASN E 24 24.46 4.01 53.10
N VAL E 25 25.11 2.87 52.91
CA VAL E 25 25.36 2.34 51.57
C VAL E 25 24.12 1.59 51.09
N LYS E 26 23.68 1.90 49.87
CA LYS E 26 22.55 1.25 49.23
C LYS E 26 22.92 0.91 47.80
N GLN E 27 22.24 -0.10 47.26
CA GLN E 27 22.48 -0.59 45.91
C GLN E 27 21.21 -0.49 45.09
N TYR E 28 21.31 0.08 43.89
CA TYR E 28 20.18 0.22 42.98
C TYR E 28 20.46 -0.62 41.73
N VAL E 29 19.46 -1.42 41.34
CA VAL E 29 19.64 -2.35 40.22
C VAL E 29 19.31 -1.74 38.86
N GLY E 30 18.82 -0.51 38.82
CA GLY E 30 18.49 0.12 37.57
C GLY E 30 18.52 1.63 37.68
N ALA E 31 17.68 2.27 36.87
CA ALA E 31 17.59 3.73 36.89
C ALA E 31 17.11 4.21 38.24
N ASN E 32 17.77 5.24 38.77
CA ASN E 32 17.51 5.74 40.10
C ASN E 32 17.50 7.26 40.08
N PRO E 33 16.99 7.92 41.12
CA PRO E 33 16.97 9.39 41.12
C PRO E 33 18.35 10.04 41.12
N TYR E 34 19.41 9.24 41.07
CA TYR E 34 20.76 9.78 41.05
C TYR E 34 21.56 9.40 39.82
N LEU E 35 21.19 8.33 39.10
CA LEU E 35 21.92 7.92 37.91
C LEU E 35 20.98 7.11 37.02
N ASN E 36 21.39 6.94 35.77
CA ASN E 36 20.58 6.21 34.79
C ASN E 36 21.03 4.76 34.63
N GLN E 37 21.92 4.28 35.49
CA GLN E 37 22.37 2.89 35.47
C GLN E 37 22.33 2.32 36.88
N ALA E 38 22.50 1.02 36.98
CA ALA E 38 22.62 0.40 38.29
C ALA E 38 23.86 0.92 39.00
N ALA E 39 23.74 1.21 40.29
CA ALA E 39 24.79 1.95 40.97
C ALA E 39 24.79 1.64 42.46
N LEU E 40 25.78 2.20 43.14
CA LEU E 40 25.91 2.14 44.59
C LEU E 40 26.00 3.55 45.13
N VAL E 41 25.19 3.85 46.14
CA VAL E 41 25.06 5.20 46.67
C VAL E 41 25.38 5.19 48.16
N PHE E 42 26.12 6.21 48.61
CA PHE E 42 26.44 6.36 50.03
C PHE E 42 26.48 7.85 50.37
N ASP E 43 26.61 8.14 51.67
CA ASP E 43 26.68 9.52 52.14
C ASP E 43 28.07 9.79 52.71
N PHE E 44 28.70 10.84 52.20
CA PHE E 44 29.92 11.44 52.71
C PHE E 44 29.59 12.35 53.89
N ALA E 45 30.51 12.52 54.79
CA ALA E 45 30.29 13.46 55.93
C ALA E 45 31.59 13.85 56.62
N PHE E 46 31.64 15.05 57.14
CA PHE E 46 32.83 15.60 57.79
C PHE E 46 32.85 15.61 59.31
N THR E 47 33.86 15.03 59.95
CA THR E 47 33.97 15.10 61.40
C THR E 47 34.38 16.51 61.82
N GLU E 48 34.02 16.86 63.06
CA GLU E 48 34.24 18.19 63.60
C GLU E 48 35.24 18.18 64.74
N SER E 49 36.29 17.39 64.62
CA SER E 49 37.31 17.29 65.66
C SER E 49 38.72 17.60 65.18
N TYR E 50 39.06 17.25 63.94
CA TYR E 50 40.38 17.52 63.40
C TYR E 50 40.25 18.06 61.99
N GLN E 51 41.06 19.07 61.66
CA GLN E 51 41.00 19.69 60.34
C GLN E 51 41.88 18.92 59.36
N PRO E 52 41.46 18.75 58.10
CA PRO E 52 42.26 18.02 57.12
C PRO E 52 43.32 18.90 56.48
N LEU E 53 44.23 18.21 55.82
CA LEU E 53 45.27 18.92 55.11
C LEU E 53 44.71 19.47 53.80
N PRO E 54 45.25 20.60 53.31
CA PRO E 54 44.72 21.23 52.10
C PRO E 54 44.65 20.28 50.90
N ILE E 55 43.86 20.70 49.90
CA ILE E 55 43.59 19.84 48.75
C ILE E 55 44.82 19.69 47.86
N GLU E 56 45.75 20.63 47.92
CA GLU E 56 46.86 20.66 46.96
C GLU E 56 47.72 19.39 47.09
N ASN E 57 48.13 19.06 48.32
CA ASN E 57 48.97 17.89 48.50
C ASN E 57 48.19 16.61 48.24
N TYR E 58 46.91 16.60 48.55
CA TYR E 58 46.07 15.46 48.21
C TYR E 58 46.12 15.19 46.70
N LEU E 59 45.88 16.23 45.90
CA LEU E 59 45.90 16.08 44.46
C LEU E 59 47.29 15.68 43.97
N ALA E 60 48.34 16.28 44.54
CA ALA E 60 49.69 15.98 44.11
C ALA E 60 50.05 14.52 44.37
N VAL E 61 49.68 14.00 45.54
CA VAL E 61 50.08 12.64 45.90
C VAL E 61 49.18 11.62 45.22
N VAL E 62 47.97 12.03 44.83
CA VAL E 62 47.08 11.09 44.14
C VAL E 62 47.23 11.14 42.63
N GLY E 63 47.88 12.16 42.08
CA GLY E 63 47.94 12.31 40.64
C GLY E 63 49.01 11.48 39.96
N ASP E 64 50.10 11.16 40.67
CA ASP E 64 51.19 10.42 40.03
C ASP E 64 50.77 9.00 39.68
N ARG E 65 50.02 8.34 40.57
CA ARG E 65 49.60 6.97 40.28
C ARG E 65 48.66 6.91 39.09
N TYR E 66 47.72 7.86 38.99
CA TYR E 66 46.79 7.92 37.88
C TYR E 66 46.77 9.35 37.33
N PRO E 67 47.37 9.59 36.16
CA PRO E 67 47.45 10.96 35.65
C PRO E 67 46.12 11.53 35.19
N ARG E 68 45.05 10.72 35.13
CA ARG E 68 43.83 11.19 34.50
C ARG E 68 43.03 12.17 35.36
N LEU E 69 43.38 12.34 36.63
CA LEU E 69 42.58 13.20 37.49
C LEU E 69 43.13 14.61 37.64
N LYS E 70 44.27 14.94 37.04
CA LYS E 70 44.80 16.29 37.16
C LYS E 70 44.33 17.23 36.06
N GLU E 71 43.63 16.72 35.05
CA GLU E 71 43.19 17.57 33.95
C GLU E 71 42.06 18.49 34.37
N ILE E 72 41.08 17.97 35.09
CA ILE E 72 39.91 18.74 35.49
C ILE E 72 40.10 19.26 36.91
N GLU E 73 39.98 20.57 37.09
CA GLU E 73 40.13 21.17 38.41
C GLU E 73 38.85 21.02 39.21
N TYR E 74 39.01 20.80 40.52
CA TYR E 74 37.91 20.53 41.41
C TYR E 74 37.65 21.71 42.33
N GLN E 75 36.58 21.59 43.11
CA GLN E 75 36.19 22.63 44.05
C GLN E 75 35.85 22.08 45.43
N SER E 76 35.69 20.78 45.59
CA SER E 76 35.30 20.20 46.87
C SER E 76 35.99 18.85 47.04
N TYR E 77 36.02 18.39 48.29
CA TYR E 77 36.64 17.11 48.61
C TYR E 77 35.85 15.96 47.99
N ALA E 78 34.52 16.09 47.93
CA ALA E 78 33.69 15.00 47.42
C ALA E 78 34.00 14.70 45.96
N GLU E 79 34.28 15.73 45.16
CA GLU E 79 34.62 15.49 43.76
C GLU E 79 35.91 14.69 43.63
N LEU E 80 36.93 15.04 44.43
CA LEU E 80 38.17 14.27 44.41
C LEU E 80 37.93 12.84 44.85
N PHE E 81 37.15 12.64 45.90
CA PHE E 81 36.89 11.28 46.39
C PHE E 81 36.17 10.45 45.32
N ALA E 82 35.16 11.04 44.68
CA ALA E 82 34.42 10.32 43.67
C ALA E 82 35.29 10.00 42.45
N SER E 83 36.11 10.96 42.02
CA SER E 83 36.99 10.69 40.89
C SER E 83 37.98 9.58 41.20
N THR E 84 38.56 9.60 42.41
CA THR E 84 39.50 8.54 42.78
C THR E 84 38.81 7.19 42.83
N VAL E 85 37.60 7.13 43.41
CA VAL E 85 36.89 5.86 43.49
C VAL E 85 36.57 5.35 42.09
N ALA E 86 36.10 6.23 41.20
CA ALA E 86 35.77 5.81 39.84
C ALA E 86 37.00 5.30 39.10
N GLU E 87 38.14 5.99 39.25
CA GLU E 87 39.36 5.54 38.59
C GLU E 87 39.81 4.19 39.13
N VAL E 88 39.74 3.99 40.45
CA VAL E 88 40.20 2.74 41.02
C VAL E 88 39.25 1.60 40.66
N ASN E 89 37.97 1.89 40.45
CA ASN E 89 36.98 0.84 40.23
C ASN E 89 37.24 0.02 38.98
N LYS E 90 38.08 0.50 38.07
CA LYS E 90 38.36 -0.25 36.84
C LYS E 90 39.31 -1.42 37.07
N LEU E 91 39.92 -1.53 38.25
CA LEU E 91 40.75 -2.68 38.62
C LEU E 91 41.94 -2.86 37.67
N GLU E 92 42.38 -1.78 37.03
CA GLU E 92 43.52 -1.81 36.12
C GLU E 92 43.32 -2.83 35.00
N MET E 93 42.07 -2.95 34.53
CA MET E 93 41.75 -3.83 33.42
C MET E 93 40.95 -3.13 32.33
N ASP E 94 40.74 -1.83 32.44
CA ASP E 94 40.00 -1.03 31.45
C ASP E 94 38.59 -1.57 31.26
N LEU E 95 37.83 -1.61 32.35
CA LEU E 95 36.43 -1.98 32.26
C LEU E 95 35.62 -0.81 31.68
N HIS E 96 34.42 -1.13 31.20
CA HIS E 96 33.54 -0.13 30.61
C HIS E 96 32.71 0.62 31.65
N LEU E 97 33.13 0.61 32.91
CA LEU E 97 32.38 1.24 33.98
C LEU E 97 32.94 2.63 34.23
N LYS E 98 32.22 3.65 33.79
CA LYS E 98 32.63 5.04 34.00
C LYS E 98 31.39 5.89 34.22
N GLY E 99 31.43 6.76 35.22
CA GLY E 99 30.30 7.61 35.52
C GLY E 99 30.04 7.72 37.01
N TRP E 100 29.90 8.94 37.50
CA TRP E 100 29.70 9.18 38.93
C TRP E 100 28.85 10.44 39.10
N ASN E 101 28.23 10.55 40.26
CA ASN E 101 27.39 11.70 40.55
C ASN E 101 27.53 12.12 42.01
N VAL E 102 27.52 13.43 42.25
CA VAL E 102 27.62 14.01 43.59
C VAL E 102 26.47 14.98 43.78
N LYS E 103 25.76 14.86 44.90
CA LYS E 103 24.65 15.77 45.16
C LYS E 103 24.76 16.34 46.57
N PRO E 104 24.86 17.67 46.71
CA PRO E 104 24.97 18.31 48.03
C PRO E 104 23.62 18.58 48.72
N ILE E 105 23.11 17.56 49.40
CA ILE E 105 21.86 17.68 50.14
C ILE E 105 22.16 18.12 51.56
N GLU E 106 21.46 19.16 52.02
CA GLU E 106 21.62 19.73 53.36
C GLU E 106 23.09 20.09 53.53
N GLU E 107 23.83 19.43 54.42
CA GLU E 107 25.26 19.64 54.54
C GLU E 107 26.08 18.38 54.27
N ILE E 108 25.44 17.27 53.90
CA ILE E 108 26.13 16.01 53.67
C ILE E 108 25.90 15.57 52.23
N ASN E 109 26.97 15.27 51.52
CA ASN E 109 26.87 14.95 50.11
C ASN E 109 26.52 13.48 49.91
N ARG E 110 25.74 13.20 48.88
CA ARG E 110 25.45 11.83 48.46
C ARG E 110 26.23 11.52 47.20
N ILE E 111 26.94 10.40 47.22
CA ILE E 111 27.80 9.97 46.13
C ILE E 111 27.21 8.71 45.51
N ALA E 112 27.06 8.73 44.18
CA ALA E 112 26.58 7.57 43.43
C ALA E 112 27.66 7.15 42.43
N ILE E 113 27.99 5.87 42.45
CA ILE E 113 29.03 5.29 41.60
C ILE E 113 28.42 4.17 40.79
N GLU E 114 28.61 4.21 39.47
CA GLU E 114 28.12 3.14 38.62
C GLU E 114 28.88 1.85 38.88
N SER E 115 28.15 0.74 38.94
CA SER E 115 28.75 -0.54 39.31
C SER E 115 28.08 -1.67 38.54
N LEU E 116 28.82 -2.77 38.41
CA LEU E 116 28.30 -4.01 37.84
C LEU E 116 28.20 -5.10 38.90
N HIS E 117 29.28 -5.34 39.64
CA HIS E 117 29.25 -6.21 40.81
C HIS E 117 29.37 -5.33 42.05
N HIS E 118 28.38 -5.41 42.93
CA HIS E 118 28.26 -4.43 44.01
C HIS E 118 29.33 -4.66 45.08
N ARG E 119 29.62 -5.92 45.41
CA ARG E 119 30.58 -6.21 46.47
C ARG E 119 31.96 -5.66 46.13
N THR E 120 32.38 -5.81 44.87
CA THR E 120 33.68 -5.29 44.46
C THR E 120 33.74 -3.79 44.63
N THR E 121 32.67 -3.08 44.26
CA THR E 121 32.65 -1.63 44.43
C THR E 121 32.70 -1.24 45.89
N LYS E 122 31.99 -1.98 46.75
CA LYS E 122 32.03 -1.68 48.18
C LYS E 122 33.44 -1.84 48.74
N GLU E 123 34.11 -2.93 48.39
CA GLU E 123 35.48 -3.12 48.87
C GLU E 123 36.41 -2.07 48.30
N VAL E 124 36.18 -1.65 47.05
CA VAL E 124 37.01 -0.60 46.45
C VAL E 124 36.85 0.69 47.23
N VAL E 125 35.61 1.04 47.59
CA VAL E 125 35.38 2.29 48.31
C VAL E 125 36.01 2.22 49.71
N TYR E 126 35.95 1.05 50.34
CA TYR E 126 36.62 0.89 51.63
C TYR E 126 38.13 1.05 51.51
N CYS E 127 38.72 0.46 50.47
CA CYS E 127 40.15 0.59 50.27
C CYS E 127 40.55 2.04 50.01
N VAL E 128 39.74 2.76 49.23
CA VAL E 128 40.05 4.16 48.95
C VAL E 128 39.92 4.99 50.22
N TRP E 129 38.93 4.69 51.06
CA TRP E 129 38.81 5.37 52.35
C TRP E 129 40.07 5.14 53.19
N ASP E 130 40.55 3.89 53.23
CA ASP E 130 41.76 3.60 53.99
C ASP E 130 42.96 4.34 53.42
N TRP E 131 43.06 4.40 52.09
CA TRP E 131 44.19 5.10 51.46
C TRP E 131 44.16 6.59 51.81
N PHE E 132 42.97 7.20 51.77
CA PHE E 132 42.87 8.61 52.13
C PHE E 132 43.22 8.83 53.61
N GLU E 133 42.77 7.94 54.49
CA GLU E 133 43.11 8.10 55.90
C GLU E 133 44.60 7.90 56.12
N PHE E 134 45.26 7.10 55.27
CA PHE E 134 46.71 6.97 55.43
C PHE E 134 47.43 8.20 54.89
N ILE E 135 46.94 8.79 53.79
CA ILE E 135 47.64 9.92 53.21
C ILE E 135 47.47 11.17 54.07
N THR E 136 46.35 11.30 54.78
CA THR E 136 46.18 12.48 55.62
C THR E 136 47.23 12.53 56.72
N GLN E 137 47.80 11.39 57.06
CA GLN E 137 48.93 11.30 57.98
C GLN E 137 50.20 11.00 57.20
N GLY E 138 51.33 11.02 57.89
CA GLY E 138 52.60 10.80 57.24
C GLY E 138 53.06 9.35 57.23
N GLU E 139 52.39 8.50 56.46
CA GLU E 139 52.74 7.09 56.37
C GLU E 139 52.65 6.64 54.92
N GLU E 140 52.90 5.35 54.70
CA GLU E 140 52.81 4.72 53.40
C GLU E 140 51.79 3.60 53.43
N PHE E 141 51.04 3.45 52.34
CA PHE E 141 49.97 2.48 52.25
C PHE E 141 50.24 1.54 51.07
N ASP E 142 50.22 0.23 51.34
CA ASP E 142 50.41 -0.75 50.29
C ASP E 142 49.10 -0.95 49.54
N LEU E 143 49.15 -0.79 48.22
CA LEU E 143 47.95 -0.78 47.39
C LEU E 143 47.91 -1.91 46.37
N SER E 144 49.07 -2.40 45.93
CA SER E 144 49.12 -3.39 44.86
C SER E 144 48.45 -4.71 45.30
N LYS E 145 48.73 -5.16 46.52
CA LYS E 145 48.16 -6.41 46.98
C LYS E 145 46.65 -6.30 47.14
N GLN E 146 46.16 -5.14 47.59
CA GLN E 146 44.73 -4.92 47.65
C GLN E 146 44.10 -5.01 46.26
N ILE E 147 44.76 -4.42 45.26
CA ILE E 147 44.24 -4.49 43.90
C ILE E 147 44.21 -5.92 43.41
N ALA E 148 45.26 -6.70 43.71
CA ALA E 148 45.28 -8.10 43.29
C ALA E 148 44.15 -8.89 43.95
N ILE E 149 43.91 -8.65 45.25
CA ILE E 149 42.82 -9.33 45.94
C ILE E 149 41.47 -8.95 45.33
N LEU E 150 41.30 -7.67 45.00
CA LEU E 150 40.05 -7.24 44.38
C LEU E 150 39.84 -7.89 43.02
N GLN E 151 40.92 -7.99 42.23
CA GLN E 151 40.80 -8.65 40.92
C GLN E 151 40.43 -10.11 41.08
N GLN E 152 41.04 -10.79 42.04
CA GLN E 152 40.70 -12.19 42.29
C GLN E 152 39.25 -12.33 42.74
N LEU E 153 38.78 -11.40 43.57
CA LEU E 153 37.38 -11.43 44.01
C LEU E 153 36.43 -11.23 42.83
N PHE E 154 36.77 -10.30 41.93
CA PHE E 154 35.89 -10.03 40.79
C PHE E 154 35.86 -11.20 39.82
N ARG E 155 37.01 -11.84 39.60
CA ARG E 155 37.09 -12.87 38.57
C ARG E 155 36.36 -14.16 38.93
N ASN E 156 35.94 -14.33 40.18
CA ASN E 156 35.23 -15.53 40.61
C ASN E 156 33.74 -15.31 40.79
N SER E 157 33.19 -14.24 40.20
CA SER E 157 31.77 -13.97 40.27
C SER E 157 31.07 -14.53 39.04
N VAL E 158 29.78 -14.19 38.89
CA VAL E 158 29.03 -14.62 37.71
C VAL E 158 29.14 -13.62 36.57
N TYR E 159 29.85 -12.51 36.75
CA TYR E 159 30.09 -11.55 35.69
C TYR E 159 31.55 -11.50 35.26
N GLY E 160 32.43 -12.26 35.91
CA GLY E 160 33.86 -12.14 35.68
C GLY E 160 34.50 -13.18 34.79
N GLY E 161 33.72 -14.04 34.16
CA GLY E 161 34.26 -15.03 33.26
C GLY E 161 34.96 -14.39 32.07
N PRO E 162 36.01 -15.05 31.56
CA PRO E 162 36.74 -14.48 30.42
C PRO E 162 35.88 -14.28 29.19
N THR E 163 34.92 -15.16 28.94
CA THR E 163 34.03 -15.04 27.79
C THR E 163 32.76 -14.26 28.14
N VAL E 164 32.25 -14.43 29.35
CA VAL E 164 31.03 -13.75 29.76
C VAL E 164 31.24 -12.25 29.73
N TYR E 165 32.37 -11.78 30.25
CA TYR E 165 32.61 -10.34 30.26
C TYR E 165 32.80 -9.79 28.86
N ALA E 166 33.45 -10.54 27.97
CA ALA E 166 33.59 -10.06 26.60
C ALA E 166 32.24 -9.94 25.91
N LEU E 167 31.36 -10.93 26.12
CA LEU E 167 30.01 -10.84 25.57
C LEU E 167 29.26 -9.65 26.15
N LEU E 168 29.41 -9.41 27.46
CA LEU E 168 28.73 -8.28 28.08
C LEU E 168 29.23 -6.95 27.52
N ARG E 169 30.54 -6.83 27.32
CA ARG E 169 31.09 -5.60 26.76
C ARG E 169 30.59 -5.38 25.33
N THR E 170 30.55 -6.43 24.52
CA THR E 170 30.03 -6.28 23.16
C THR E 170 28.56 -5.87 23.18
N ALA E 171 27.77 -6.48 24.06
CA ALA E 171 26.36 -6.13 24.15
C ALA E 171 26.18 -4.69 24.58
N ASN E 172 26.99 -4.22 25.52
CA ASN E 172 26.94 -2.81 25.92
C ASN E 172 27.31 -1.90 24.76
N GLU E 173 28.30 -2.31 23.96
CA GLU E 173 28.69 -1.51 22.80
C GLU E 173 27.56 -1.40 21.80
N LYS E 174 26.81 -2.49 21.59
CA LYS E 174 25.76 -2.51 20.58
C LYS E 174 24.39 -2.10 21.11
N HIS E 175 24.29 -1.69 22.37
CA HIS E 175 23.03 -1.24 22.98
C HIS E 175 21.99 -2.35 22.96
N ILE E 176 22.32 -3.47 23.61
CA ILE E 176 21.45 -4.62 23.73
C ILE E 176 21.23 -4.90 25.20
N PRO E 177 19.98 -4.99 25.67
CA PRO E 177 19.75 -5.30 27.08
C PRO E 177 20.25 -6.68 27.44
N ALA E 178 20.71 -6.82 28.67
CA ALA E 178 21.23 -8.10 29.15
C ALA E 178 21.14 -8.14 30.67
N PHE E 179 20.62 -9.23 31.22
CA PHE E 179 20.56 -9.35 32.66
C PHE E 179 20.62 -10.82 33.08
N TYR E 180 21.01 -11.04 34.32
CA TYR E 180 21.23 -12.38 34.87
C TYR E 180 19.95 -12.91 35.50
N LEU E 181 19.69 -14.20 35.33
CA LEU E 181 18.50 -14.84 35.86
C LEU E 181 18.92 -15.77 37.00
N TRP E 182 18.61 -15.37 38.23
CA TRP E 182 18.79 -16.28 39.35
C TRP E 182 17.73 -17.37 39.30
N ASP E 183 17.93 -18.41 40.12
CA ASP E 183 17.09 -19.60 40.15
C ASP E 183 17.23 -20.42 38.87
N GLU E 184 18.01 -19.92 37.91
CA GLU E 184 18.24 -20.63 36.66
C GLU E 184 19.69 -20.65 36.22
N GLY E 185 20.53 -19.73 36.67
CA GLY E 185 21.94 -19.72 36.29
C GLY E 185 22.19 -19.42 34.83
N LEU E 186 21.49 -18.44 34.26
CA LEU E 186 21.65 -18.09 32.85
C LEU E 186 21.72 -16.57 32.71
N MET E 187 22.05 -16.12 31.51
CA MET E 187 22.02 -14.71 31.17
C MET E 187 21.12 -14.52 29.96
N GLN E 188 20.28 -13.50 30.00
CA GLN E 188 19.28 -13.26 28.97
C GLN E 188 19.55 -11.95 28.27
N TYR E 189 19.51 -11.97 26.93
CA TYR E 189 19.59 -10.79 26.09
C TYR E 189 18.26 -10.64 25.35
N GLY E 190 17.63 -9.49 25.48
CA GLY E 190 16.33 -9.26 24.87
C GLY E 190 15.22 -9.17 25.93
N TYR E 191 14.04 -8.79 25.47
CA TYR E 191 12.93 -8.49 26.37
C TYR E 191 11.76 -9.45 26.25
N GLY E 192 11.17 -9.59 25.07
CA GLY E 192 9.94 -10.36 24.99
C GLY E 192 10.05 -11.64 24.20
N LYS E 193 9.44 -11.67 23.02
CA LYS E 193 9.61 -12.79 22.11
C LYS E 193 10.94 -12.74 21.36
N GLN E 194 11.77 -11.74 21.64
CA GLN E 194 13.07 -11.58 21.01
C GLN E 194 14.21 -12.08 21.90
N GLN E 195 13.90 -12.77 22.98
CA GLN E 195 14.88 -13.14 23.99
C GLN E 195 15.79 -14.25 23.50
N VAL E 196 16.99 -14.27 24.09
CA VAL E 196 17.97 -15.34 23.89
C VAL E 196 18.65 -15.58 25.23
N ARG E 197 18.58 -16.82 25.73
CA ARG E 197 19.17 -17.18 27.00
C ARG E 197 20.40 -18.06 26.77
N GLY E 198 21.41 -17.88 27.61
CA GLY E 198 22.62 -18.65 27.41
C GLY E 198 23.55 -18.61 28.61
N ILE E 199 24.64 -19.37 28.47
CA ILE E 199 25.73 -19.38 29.43
C ILE E 199 27.02 -19.68 28.67
N ALA E 200 27.99 -18.79 28.77
CA ALA E 200 29.27 -18.89 28.04
C ALA E 200 28.95 -18.94 26.55
N THR E 201 29.30 -20.01 25.83
CA THR E 201 29.05 -20.12 24.40
C THR E 201 27.94 -21.09 24.06
N THR E 202 27.11 -21.46 25.04
CA THR E 202 25.98 -22.35 24.83
C THR E 202 24.70 -21.54 24.89
N PHE E 203 23.81 -21.74 23.91
CA PHE E 203 22.58 -20.99 23.80
C PHE E 203 21.39 -21.93 23.75
N ASP E 204 20.20 -21.38 23.90
CA ASP E 204 18.98 -22.16 23.98
C ASP E 204 18.54 -22.76 22.65
N VAL E 205 19.16 -22.38 21.53
CA VAL E 205 18.80 -22.93 20.24
C VAL E 205 19.63 -24.13 19.85
N ASP E 206 20.64 -24.49 20.64
CA ASP E 206 21.44 -25.67 20.35
C ASP E 206 20.64 -26.93 20.62
N SER E 207 20.94 -27.98 19.85
CA SER E 207 20.22 -29.23 19.94
C SER E 207 20.81 -30.12 21.04
N HIS E 208 20.00 -31.07 21.50
CA HIS E 208 20.40 -31.99 22.56
C HIS E 208 21.07 -33.24 22.02
N ILE E 209 20.46 -33.90 21.03
CA ILE E 209 21.02 -35.12 20.49
C ILE E 209 22.34 -34.85 19.78
N ASP E 210 22.46 -33.72 19.08
CA ASP E 210 23.72 -33.39 18.41
C ASP E 210 24.83 -33.15 19.42
N SER E 211 24.54 -32.43 20.50
CA SER E 211 25.54 -32.17 21.52
C SER E 211 25.93 -33.46 22.25
N ASP E 212 25.00 -34.40 22.41
CA ASP E 212 25.34 -35.69 22.98
C ASP E 212 26.15 -36.55 22.01
N PHE E 213 25.87 -36.45 20.71
CA PHE E 213 26.61 -37.22 19.73
C PHE E 213 28.03 -36.73 19.58
N THR E 214 28.24 -35.42 19.76
CA THR E 214 29.58 -34.86 19.60
C THR E 214 30.57 -35.46 20.59
N THR E 215 30.12 -35.84 21.77
CA THR E 215 31.01 -36.36 22.81
C THR E 215 31.18 -37.87 22.75
N GLN E 216 30.49 -38.55 21.84
CA GLN E 216 30.63 -40.00 21.69
C GLN E 216 31.74 -40.27 20.69
N LYS E 217 32.96 -40.39 21.20
CA LYS E 217 34.09 -40.65 20.33
C LYS E 217 34.04 -42.08 19.81
N ASP E 218 34.80 -42.33 18.74
CA ASP E 218 34.87 -43.57 17.97
C ASP E 218 33.59 -43.84 17.19
N ASP E 219 32.55 -43.01 17.36
CA ASP E 219 31.37 -43.06 16.51
C ASP E 219 31.28 -41.89 15.57
N CYS E 220 31.81 -40.72 15.98
CA CYS E 220 31.95 -39.61 15.04
C CYS E 220 32.97 -39.91 13.96
N LYS E 221 33.97 -40.74 14.28
CA LYS E 221 34.97 -41.10 13.28
C LYS E 221 34.33 -41.86 12.12
N LYS E 222 33.44 -42.80 12.41
CA LYS E 222 32.77 -43.54 11.34
C LYS E 222 31.88 -42.62 10.52
N PHE E 223 31.17 -41.71 11.18
CA PHE E 223 30.30 -40.78 10.46
C PHE E 223 31.09 -39.87 9.54
N LEU E 224 32.23 -39.37 10.02
CA LEU E 224 33.09 -38.53 9.20
C LEU E 224 33.90 -39.31 8.18
N GLN E 225 33.99 -40.63 8.32
CA GLN E 225 34.69 -41.46 7.34
C GLN E 225 33.77 -41.91 6.21
N GLU E 226 32.47 -42.07 6.48
CA GLU E 226 31.54 -42.43 5.42
C GLU E 226 31.55 -41.38 4.32
N LEU E 227 31.23 -40.13 4.66
CA LEU E 227 31.48 -39.02 3.75
C LEU E 227 32.98 -38.80 3.68
N GLY E 228 33.55 -38.89 2.49
CA GLY E 228 35.00 -38.94 2.37
C GLY E 228 35.72 -37.76 2.96
N PHE E 229 36.35 -37.98 4.11
CA PHE E 229 37.12 -36.98 4.83
C PHE E 229 38.38 -37.64 5.37
N PRO E 230 39.46 -36.89 5.53
CA PRO E 230 40.72 -37.47 6.04
C PRO E 230 40.67 -37.67 7.54
N VAL E 231 40.57 -38.92 7.97
CA VAL E 231 40.58 -39.27 9.39
C VAL E 231 41.65 -40.33 9.62
N PRO E 232 42.22 -40.42 10.83
CA PRO E 232 43.27 -41.42 11.10
C PRO E 232 42.65 -42.79 11.27
N GLN E 233 43.07 -43.74 10.43
CA GLN E 233 42.64 -45.13 10.54
C GLN E 233 43.83 -46.03 10.28
N GLY E 234 43.77 -47.25 10.82
CA GLY E 234 44.86 -48.19 10.70
C GLY E 234 44.35 -49.63 10.69
N ASP E 235 45.30 -50.56 10.64
CA ASP E 235 44.98 -51.98 10.62
C ASP E 235 46.01 -52.75 11.42
N VAL E 236 45.69 -54.01 11.72
CA VAL E 236 46.59 -54.90 12.42
C VAL E 236 46.76 -56.17 11.59
N VAL E 237 48.01 -56.59 11.42
CA VAL E 237 48.33 -57.77 10.63
C VAL E 237 49.33 -58.63 11.40
N PHE E 238 49.35 -59.92 11.07
CA PHE E 238 50.36 -60.85 11.53
C PHE E 238 51.12 -61.50 10.38
N SER E 239 50.78 -61.16 9.14
CA SER E 239 51.35 -61.80 7.96
C SER E 239 51.96 -60.77 7.02
N LEU E 240 52.27 -61.18 5.80
CA LEU E 240 53.05 -60.34 4.90
C LEU E 240 52.22 -59.79 3.74
N ALA E 241 51.59 -60.67 2.97
CA ALA E 241 50.90 -60.22 1.75
C ALA E 241 49.57 -59.55 2.09
N GLU E 242 48.89 -60.04 3.11
CA GLU E 242 47.60 -59.50 3.51
C GLU E 242 47.70 -58.05 3.92
N ALA E 243 48.76 -57.71 4.65
CA ALA E 243 49.03 -56.31 4.96
C ALA E 243 49.07 -55.46 3.70
N LYS E 244 49.99 -55.78 2.79
CA LYS E 244 50.15 -55.12 1.50
C LYS E 244 48.83 -54.97 0.77
N GLU E 245 47.96 -55.98 0.88
CA GLU E 245 46.65 -55.89 0.26
C GLU E 245 45.79 -54.82 0.93
N VAL E 246 45.71 -54.85 2.25
CA VAL E 246 44.82 -53.95 3.00
C VAL E 246 45.28 -52.50 2.88
N ALA E 247 46.60 -52.30 2.92
CA ALA E 247 47.19 -50.97 2.89
C ALA E 247 46.74 -50.18 1.68
N ALA E 248 46.53 -50.86 0.55
CA ALA E 248 46.06 -50.22 -0.67
C ALA E 248 44.67 -49.63 -0.47
N GLU E 249 43.78 -50.38 0.19
CA GLU E 249 42.42 -49.89 0.39
C GLU E 249 42.31 -48.95 1.59
N ILE E 250 43.33 -48.88 2.44
CA ILE E 250 43.31 -47.98 3.59
C ILE E 250 43.82 -46.62 3.13
N GLY E 251 44.17 -46.52 1.86
CA GLY E 251 44.84 -45.34 1.35
C GLY E 251 46.34 -45.57 1.24
N TYR E 252 46.91 -45.07 0.15
CA TYR E 252 48.26 -45.50 -0.18
C TYR E 252 49.37 -44.80 0.60
N PRO E 253 49.33 -43.48 0.83
CA PRO E 253 50.41 -42.86 1.61
C PRO E 253 50.37 -43.28 3.08
N VAL E 254 50.83 -44.49 3.36
CA VAL E 254 50.77 -45.06 4.71
C VAL E 254 52.17 -45.16 5.30
N ALA E 255 52.21 -45.45 6.59
CA ALA E 255 53.44 -45.74 7.32
C ALA E 255 53.28 -47.07 8.04
N VAL E 256 54.34 -47.88 8.02
CA VAL E 256 54.28 -49.24 8.53
C VAL E 256 54.48 -49.36 10.04
N LYS E 257 55.54 -48.73 10.56
CA LYS E 257 55.91 -48.70 11.97
C LYS E 257 56.09 -50.08 12.60
N PRO E 258 56.86 -50.15 13.64
CA PRO E 258 57.03 -51.44 14.33
C PRO E 258 56.20 -51.60 15.60
N VAL E 259 56.01 -52.83 16.06
CA VAL E 259 55.09 -53.07 17.17
C VAL E 259 55.42 -52.63 18.59
N ALA E 260 56.55 -53.34 19.13
CA ALA E 260 57.02 -52.96 20.48
C ALA E 260 58.55 -53.01 20.49
N GLY E 261 59.14 -53.69 19.49
CA GLY E 261 60.60 -53.76 19.40
C GLY E 261 61.04 -52.31 19.26
N HIS E 262 60.52 -51.61 18.25
CA HIS E 262 60.76 -50.13 18.01
C HIS E 262 62.20 -49.98 17.51
N LYS E 263 63.22 -50.43 18.25
CA LYS E 263 64.62 -50.19 17.86
C LYS E 263 64.36 -48.69 17.87
N GLY E 264 64.78 -47.99 16.81
CA GLY E 264 64.52 -46.57 16.77
C GLY E 264 63.57 -46.89 15.64
N ILE E 265 62.36 -46.34 15.69
CA ILE E 265 61.19 -46.78 14.92
C ILE E 265 61.48 -46.43 13.47
N GLY E 266 61.37 -47.42 12.59
CA GLY E 266 61.63 -47.19 11.18
C GLY E 266 60.62 -46.24 10.58
N VAL E 267 59.34 -46.43 10.88
CA VAL E 267 58.21 -45.63 10.41
C VAL E 267 58.01 -45.93 8.93
N THR E 268 59.08 -45.90 8.12
CA THR E 268 59.06 -46.32 6.72
C THR E 268 58.01 -45.54 5.94
N ALA E 269 58.23 -44.24 5.73
CA ALA E 269 57.26 -43.43 5.01
C ALA E 269 57.39 -44.21 3.70
N ASP E 270 56.28 -44.44 3.04
CA ASP E 270 56.24 -45.10 1.74
C ASP E 270 55.24 -44.39 0.82
N VAL E 271 55.73 -43.65 -0.17
CA VAL E 271 54.80 -42.98 -1.07
C VAL E 271 53.77 -43.50 -2.06
N GLN E 272 54.19 -44.25 -3.09
CA GLN E 272 53.24 -44.74 -4.11
C GLN E 272 53.48 -46.20 -4.48
N ASP E 273 54.63 -46.79 -4.11
CA ASP E 273 54.89 -48.16 -4.56
C ASP E 273 54.71 -49.39 -3.69
N GLU E 274 54.23 -50.47 -4.30
CA GLU E 274 54.27 -51.78 -3.65
C GLU E 274 55.70 -52.26 -3.39
N ILE E 275 56.62 -51.95 -4.31
CA ILE E 275 58.02 -52.31 -4.10
C ILE E 275 58.59 -51.56 -2.91
N GLU E 276 58.19 -50.29 -2.76
CA GLU E 276 58.55 -49.55 -1.55
C GLU E 276 57.97 -50.23 -0.31
N LEU E 277 56.76 -50.79 -0.43
CA LEU E 277 56.22 -51.60 0.67
C LEU E 277 57.09 -52.81 0.95
N GLU E 278 57.59 -53.47 -0.09
CA GLU E 278 58.46 -54.63 0.09
C GLU E 278 59.68 -54.24 0.90
N ALA E 279 60.35 -53.17 0.47
CA ALA E 279 61.54 -52.71 1.17
C ALA E 279 61.22 -52.31 2.61
N ALA E 280 60.11 -51.61 2.80
CA ALA E 280 59.69 -51.14 4.10
C ALA E 280 59.45 -52.29 5.06
N TYR E 281 58.65 -53.28 4.65
CA TYR E 281 58.37 -54.37 5.57
C TYR E 281 59.59 -55.28 5.76
N ASP E 282 60.48 -55.34 4.75
CA ASP E 282 61.71 -56.10 4.93
C ASP E 282 62.52 -55.48 6.05
N ARG E 283 62.73 -54.15 5.99
CA ARG E 283 63.50 -53.50 7.04
C ARG E 283 62.76 -53.57 8.38
N ALA E 284 61.43 -53.49 8.36
CA ALA E 284 60.65 -53.56 9.58
C ALA E 284 60.81 -54.89 10.29
N VAL E 285 60.71 -55.99 9.53
CA VAL E 285 60.84 -57.31 10.15
C VAL E 285 62.28 -57.63 10.50
N ALA E 286 63.25 -57.10 9.74
CA ALA E 286 64.65 -57.43 9.99
C ALA E 286 65.24 -56.60 11.12
N GLY E 287 65.30 -55.28 10.93
CA GLY E 287 65.94 -54.40 11.90
C GLY E 287 65.28 -54.42 13.26
N ILE E 288 63.96 -54.27 13.28
CA ILE E 288 63.24 -54.30 14.56
C ILE E 288 63.24 -55.73 15.09
N PRO E 289 63.49 -55.95 16.38
CA PRO E 289 63.44 -57.31 16.92
C PRO E 289 62.07 -57.94 16.72
N LEU E 290 62.08 -59.23 16.38
CA LEU E 290 60.86 -59.99 16.13
C LEU E 290 60.39 -60.79 17.34
N GLU E 291 61.03 -60.60 18.50
CA GLU E 291 60.61 -61.29 19.71
C GLU E 291 59.19 -60.90 20.10
N GLU E 292 58.84 -59.63 19.91
CA GLU E 292 57.52 -59.14 20.26
C GLU E 292 56.48 -59.69 19.27
N LYS E 293 55.24 -59.25 19.44
CA LYS E 293 54.18 -59.66 18.53
C LYS E 293 54.43 -59.12 17.13
N ILE E 294 53.72 -59.69 16.16
CA ILE E 294 53.94 -59.40 14.76
C ILE E 294 52.89 -58.39 14.31
N CYS E 295 52.35 -57.63 15.26
CA CYS E 295 51.27 -56.69 14.95
C CYS E 295 51.79 -55.51 14.15
N ILE E 296 52.15 -55.76 12.89
CA ILE E 296 52.61 -54.69 12.01
C ILE E 296 51.42 -53.80 11.69
N ILE E 297 51.35 -52.63 12.32
CA ILE E 297 50.20 -51.74 12.21
C ILE E 297 50.37 -50.71 11.11
N VAL E 298 50.02 -51.07 9.88
CA VAL E 298 50.08 -50.14 8.76
C VAL E 298 49.09 -49.01 9.02
N GLU E 299 49.60 -47.80 9.25
CA GLU E 299 48.75 -46.68 9.63
C GLU E 299 49.00 -45.49 8.70
N ASN E 300 48.33 -44.36 8.97
CA ASN E 300 48.45 -43.16 8.17
C ASN E 300 49.64 -42.34 8.65
N SER E 301 49.96 -41.29 7.91
CA SER E 301 51.11 -40.42 8.19
C SER E 301 50.62 -39.12 8.79
N ILE E 302 51.05 -38.84 10.02
CA ILE E 302 50.60 -37.68 10.79
C ILE E 302 51.81 -36.83 11.14
N ALA E 303 51.69 -35.52 10.91
CA ALA E 303 52.74 -34.54 11.21
C ALA E 303 52.48 -33.90 12.57
N GLY E 304 53.20 -32.81 12.85
CA GLY E 304 52.99 -32.00 14.03
C GLY E 304 52.13 -30.79 13.76
N HIS E 305 52.46 -29.69 14.45
CA HIS E 305 51.86 -28.38 14.19
C HIS E 305 50.33 -28.41 14.38
N ASP E 306 49.94 -28.56 15.64
CA ASP E 306 48.53 -28.59 16.00
C ASP E 306 47.85 -27.23 15.74
N TYR E 307 46.70 -27.27 15.07
CA TYR E 307 45.89 -26.09 14.79
C TYR E 307 44.48 -26.30 15.30
N ARG E 308 43.81 -25.17 15.58
CA ARG E 308 42.40 -25.19 16.04
C ARG E 308 41.60 -24.20 15.20
N LEU E 309 40.51 -24.64 14.58
CA LEU E 309 39.64 -23.83 13.75
C LEU E 309 38.30 -23.63 14.43
N LEU E 310 37.71 -22.45 14.26
CA LEU E 310 36.43 -22.10 14.87
C LEU E 310 35.44 -21.75 13.78
N CYS E 311 34.22 -22.27 13.90
CA CYS E 311 33.16 -22.00 12.94
C CYS E 311 31.94 -21.47 13.69
N VAL E 312 31.38 -20.36 13.21
CA VAL E 312 30.21 -19.74 13.81
C VAL E 312 29.15 -19.62 12.72
N ASN E 313 27.97 -20.19 12.98
CA ASN E 313 26.84 -20.17 12.04
C ASN E 313 27.20 -20.80 10.70
N GLY E 314 28.10 -21.78 10.72
CA GLY E 314 28.48 -22.46 9.50
C GLY E 314 29.49 -21.74 8.65
N ARG E 315 30.12 -20.67 9.14
CA ARG E 315 31.11 -19.91 8.40
C ARG E 315 32.44 -19.95 9.11
N PHE E 316 33.52 -19.92 8.33
CA PHE E 316 34.86 -19.99 8.90
C PHE E 316 35.25 -18.65 9.51
N VAL E 317 35.69 -18.68 10.76
CA VAL E 317 36.11 -17.48 11.48
C VAL E 317 37.29 -17.85 12.35
N ALA E 318 38.47 -17.28 12.05
CA ALA E 318 39.67 -17.38 12.87
C ALA E 318 40.27 -18.78 12.93
N ALA E 319 41.59 -18.84 13.12
CA ALA E 319 42.32 -20.08 13.29
C ALA E 319 43.55 -19.80 14.15
N THR E 320 44.05 -20.83 14.84
CA THR E 320 45.13 -20.60 15.79
C THR E 320 46.03 -21.82 15.89
N GLU E 321 47.34 -21.59 15.86
CA GLU E 321 48.32 -22.64 16.02
C GLU E 321 48.78 -22.71 17.48
N ARG E 322 48.91 -23.92 18.01
CA ARG E 322 49.29 -24.11 19.41
C ARG E 322 50.74 -24.57 19.48
N LYS E 323 51.52 -23.94 20.36
CA LYS E 323 52.93 -24.26 20.49
C LYS E 323 53.28 -24.46 21.97
N PRO E 324 53.96 -25.55 22.32
CA PRO E 324 54.33 -25.79 23.71
C PRO E 324 55.53 -24.94 24.14
N ALA E 325 55.79 -24.95 25.44
CA ALA E 325 56.90 -24.20 25.99
C ALA E 325 58.24 -24.86 25.64
N TYR E 326 59.28 -24.03 25.51
CA TYR E 326 60.60 -24.50 25.17
C TYR E 326 61.65 -23.69 25.92
N VAL E 327 62.84 -24.29 26.06
CA VAL E 327 63.97 -23.66 26.73
C VAL E 327 65.23 -23.86 25.89
N VAL E 328 66.22 -23.02 26.15
CA VAL E 328 67.51 -23.09 25.47
C VAL E 328 68.62 -23.09 26.52
N GLY E 329 69.76 -23.67 26.14
CA GLY E 329 70.90 -23.78 27.03
C GLY E 329 71.96 -22.74 26.73
N ASP E 330 72.86 -22.53 27.70
CA ASP E 330 73.93 -21.56 27.57
C ASP E 330 75.31 -22.21 27.48
N GLY E 331 75.60 -23.15 28.38
CA GLY E 331 76.89 -23.79 28.40
C GLY E 331 77.37 -24.10 29.81
N TYR E 332 76.71 -23.50 30.81
CA TYR E 332 77.12 -23.71 32.20
C TYR E 332 75.94 -23.81 33.16
N SER E 333 74.73 -24.13 32.69
CA SER E 333 73.55 -24.10 33.54
C SER E 333 72.70 -25.34 33.31
N THR E 334 72.03 -25.78 34.37
CA THR E 334 71.08 -26.88 34.29
C THR E 334 69.71 -26.36 33.88
N ILE E 335 68.80 -27.31 33.63
CA ILE E 335 67.47 -26.96 33.10
C ILE E 335 66.68 -26.13 34.09
N ALA E 336 66.79 -26.44 35.39
CA ALA E 336 65.98 -25.74 36.39
C ALA E 336 66.33 -24.26 36.45
N GLU E 337 67.62 -23.94 36.42
CA GLU E 337 68.01 -22.53 36.45
C GLU E 337 67.58 -21.81 35.18
N LEU E 338 67.59 -22.50 34.04
CA LEU E 338 67.05 -21.91 32.81
C LEU E 338 65.57 -21.63 32.95
N ILE E 339 64.83 -22.54 33.58
CA ILE E 339 63.40 -22.33 33.81
C ILE E 339 63.19 -21.10 34.70
N GLU E 340 63.99 -20.98 35.76
CA GLU E 340 63.88 -19.82 36.64
C GLU E 340 64.18 -18.53 35.90
N LYS E 341 65.22 -18.55 35.06
CA LYS E 341 65.59 -17.37 34.27
C LYS E 341 64.45 -16.97 33.33
N GLU E 342 63.83 -17.97 32.69
CA GLU E 342 62.69 -17.68 31.82
C GLU E 342 61.53 -17.11 32.61
N ASN E 343 61.27 -17.67 33.80
CA ASN E 343 60.18 -17.17 34.63
C ASN E 343 60.43 -15.74 35.09
N PHE E 344 61.71 -15.34 35.20
CA PHE E 344 62.02 -13.98 35.64
C PHE E 344 61.61 -12.95 34.59
N SER E 345 61.41 -13.37 33.34
CA SER E 345 61.13 -12.47 32.24
C SER E 345 59.85 -11.67 32.47
N PRO E 346 59.82 -10.38 32.09
CA PRO E 346 58.63 -9.55 32.35
C PRO E 346 57.38 -10.05 31.66
N ASN E 347 57.52 -10.64 30.47
CA ASN E 347 56.38 -11.07 29.68
C ASN E 347 55.57 -12.14 30.42
N ARG E 348 56.25 -13.09 31.05
CA ARG E 348 55.58 -14.14 31.81
C ARG E 348 55.32 -13.68 33.23
N SER E 349 54.53 -12.61 33.37
CA SER E 349 54.18 -12.10 34.72
C SER E 349 52.82 -12.75 35.02
N ASP E 350 52.24 -12.42 36.18
CA ASP E 350 50.90 -12.96 36.55
C ASP E 350 49.74 -11.95 36.59
N THR E 351 49.93 -10.76 36.03
CA THR E 351 48.85 -9.74 35.98
C THR E 351 47.76 -10.50 35.23
N PRO E 352 46.45 -10.21 35.44
CA PRO E 352 45.40 -10.88 34.68
C PRO E 352 45.72 -10.49 33.23
N THR E 353 46.16 -9.25 33.01
CA THR E 353 46.42 -8.78 31.63
C THR E 353 47.85 -9.05 31.16
N SER E 354 48.22 -10.33 31.04
CA SER E 354 49.57 -10.68 30.52
C SER E 354 49.44 -11.72 29.40
N PRO E 355 50.20 -11.62 28.31
CA PRO E 355 50.07 -12.56 27.18
C PRO E 355 50.35 -14.01 27.56
N MET E 356 51.39 -14.26 28.34
CA MET E 356 51.85 -15.62 28.62
C MET E 356 51.86 -15.87 30.12
N GLY E 357 51.68 -17.14 30.49
CA GLY E 357 51.63 -17.54 31.88
C GLY E 357 52.96 -18.07 32.39
N LYS E 358 52.88 -18.79 33.50
CA LYS E 358 54.05 -19.35 34.15
C LYS E 358 54.36 -20.75 33.61
N ILE E 359 55.47 -21.31 34.07
CA ILE E 359 55.87 -22.68 33.75
C ILE E 359 55.91 -23.48 35.04
N ARG E 360 55.28 -24.64 35.04
CA ARG E 360 55.11 -25.45 36.23
C ARG E 360 55.83 -26.79 36.08
N THR E 361 55.64 -27.66 37.07
CA THR E 361 56.25 -28.98 37.11
C THR E 361 55.21 -30.04 37.41
N ASP E 362 55.36 -31.21 36.81
CA ASP E 362 54.40 -32.31 36.94
C ASP E 362 55.08 -33.59 36.47
N GLU E 363 54.29 -34.66 36.35
CA GLU E 363 54.85 -35.91 35.86
C GLU E 363 54.96 -35.93 34.34
N ALA E 364 54.16 -35.13 33.64
CA ALA E 364 54.15 -35.18 32.18
C ALA E 364 55.54 -34.87 31.60
N MET E 365 56.19 -33.79 32.05
CA MET E 365 57.54 -33.56 31.57
C MET E 365 58.54 -34.55 32.13
N HIS E 366 58.22 -35.23 33.24
CA HIS E 366 59.07 -36.33 33.67
C HIS E 366 59.09 -37.45 32.63
N LEU E 367 57.91 -37.88 32.17
CA LEU E 367 57.87 -38.84 31.08
C LEU E 367 58.50 -38.29 29.81
N TYR E 368 58.30 -37.00 29.53
CA TYR E 368 58.90 -36.42 28.32
C TYR E 368 60.42 -36.49 28.37
N LEU E 369 61.02 -36.17 29.52
CA LEU E 369 62.46 -36.30 29.68
C LEU E 369 62.89 -37.76 29.60
N GLU E 370 62.08 -38.66 30.16
CA GLU E 370 62.39 -40.09 30.05
C GLU E 370 62.42 -40.55 28.60
N GLU E 371 61.56 -39.98 27.75
CA GLU E 371 61.54 -40.36 26.33
C GLU E 371 62.87 -40.05 25.67
N GLN E 372 63.41 -38.85 25.93
CA GLN E 372 64.68 -38.44 25.34
C GLN E 372 65.16 -37.19 26.07
N GLY E 373 66.45 -37.16 26.38
CA GLY E 373 67.05 -35.99 26.99
C GLY E 373 67.57 -36.23 28.40
N LEU E 374 68.47 -35.36 28.84
CA LEU E 374 69.03 -35.47 30.18
C LEU E 374 67.99 -35.07 31.22
N ASP E 375 67.83 -35.90 32.24
CA ASP E 375 66.79 -35.70 33.25
C ASP E 375 67.33 -34.83 34.37
N LEU E 376 67.10 -33.53 34.26
CA LEU E 376 67.44 -32.55 35.30
C LEU E 376 68.92 -32.63 35.67
N ASP E 377 69.78 -32.72 34.66
CA ASP E 377 71.22 -32.77 34.87
C ASP E 377 71.91 -32.35 33.59
N SER E 378 73.19 -32.01 33.73
CA SER E 378 74.07 -31.63 32.61
C SER E 378 73.57 -30.37 31.91
N VAL E 379 74.23 -30.00 30.81
CA VAL E 379 74.00 -28.72 30.15
C VAL E 379 73.78 -28.99 28.66
N ILE E 380 73.02 -28.08 28.02
CA ILE E 380 72.68 -28.20 26.61
C ILE E 380 73.76 -27.63 25.71
N ASP E 381 74.46 -26.58 26.17
CA ASP E 381 75.53 -25.93 25.42
C ASP E 381 75.05 -25.27 24.13
N ARG E 382 73.91 -24.57 24.21
CA ARG E 382 73.37 -23.72 23.15
C ARG E 382 73.46 -24.36 21.76
N ASP E 383 73.19 -25.66 21.69
CA ASP E 383 73.14 -26.34 20.40
C ASP E 383 71.76 -26.28 19.78
N ARG E 384 70.71 -26.40 20.59
CA ARG E 384 69.34 -26.40 20.10
C ARG E 384 68.43 -26.08 21.29
N THR E 385 67.13 -26.18 21.06
CA THR E 385 66.13 -25.94 22.09
C THR E 385 65.61 -27.25 22.64
N ILE E 386 65.05 -27.20 23.84
CA ILE E 386 64.51 -28.36 24.54
C ILE E 386 63.04 -28.15 24.79
N TYR E 387 62.23 -29.14 24.44
CA TYR E 387 60.78 -29.10 24.67
C TYR E 387 60.44 -29.79 25.98
N LEU E 388 59.26 -29.45 26.51
CA LEU E 388 58.83 -29.96 27.80
C LEU E 388 57.63 -30.89 27.73
N ARG E 389 56.68 -30.65 26.82
CA ARG E 389 55.48 -31.46 26.74
C ARG E 389 55.09 -31.65 25.29
N LYS E 390 54.33 -32.72 25.04
CA LYS E 390 53.78 -32.98 23.72
C LYS E 390 52.49 -32.21 23.46
N VAL E 391 51.86 -31.69 24.50
CA VAL E 391 50.64 -30.90 24.40
C VAL E 391 50.92 -29.51 24.94
N ALA E 392 50.39 -28.50 24.27
CA ALA E 392 50.73 -27.11 24.61
C ALA E 392 50.37 -26.79 26.06
N ASN E 393 49.16 -27.15 26.47
CA ASN E 393 48.67 -26.87 27.83
C ASN E 393 48.76 -25.37 28.13
N LEU E 394 47.92 -24.61 27.43
CA LEU E 394 47.97 -23.16 27.48
C LEU E 394 47.81 -22.61 28.88
N SER E 395 47.30 -23.41 29.83
CA SER E 395 47.21 -22.94 31.21
C SER E 395 48.57 -22.72 31.84
N SER E 396 49.63 -23.31 31.29
CA SER E 396 50.97 -23.14 31.86
C SER E 396 52.00 -23.43 30.78
N GLY E 397 52.77 -22.41 30.40
CA GLY E 397 53.88 -22.61 29.48
C GLY E 397 53.56 -22.38 28.01
N GLY E 398 52.60 -23.14 27.48
CA GLY E 398 52.30 -23.07 26.06
C GLY E 398 51.69 -21.74 25.66
N PHE E 399 51.70 -21.49 24.35
CA PHE E 399 51.15 -20.25 23.82
C PHE E 399 50.55 -20.52 22.44
N SER E 400 50.03 -19.46 21.83
CA SER E 400 49.26 -19.55 20.60
C SER E 400 49.76 -18.53 19.59
N ILE E 401 49.61 -18.86 18.32
CA ILE E 401 50.04 -18.02 17.20
C ILE E 401 48.86 -17.82 16.26
N ASP E 402 48.67 -16.60 15.80
CA ASP E 402 47.60 -16.31 14.86
C ASP E 402 47.96 -16.88 13.49
N ALA E 403 47.02 -17.58 12.85
CA ALA E 403 47.25 -18.15 11.54
C ALA E 403 46.02 -18.00 10.65
N THR E 404 45.27 -16.91 10.80
CA THR E 404 44.00 -16.78 10.09
C THR E 404 44.21 -16.48 8.60
N ASN E 405 45.25 -15.75 8.26
CA ASN E 405 45.43 -15.26 6.89
C ASN E 405 46.25 -16.21 6.02
N ARG E 406 46.63 -17.37 6.52
CA ARG E 406 47.48 -18.31 5.79
C ARG E 406 46.79 -19.66 5.62
N VAL E 407 45.51 -19.65 5.25
CA VAL E 407 44.72 -20.87 5.11
C VAL E 407 44.29 -21.03 3.66
N HIS E 408 44.53 -22.21 3.10
CA HIS E 408 44.11 -22.50 1.74
C HIS E 408 42.58 -22.56 1.65
N PRO E 409 42.02 -22.14 0.52
CA PRO E 409 40.55 -22.20 0.37
C PRO E 409 39.99 -23.61 0.47
N ASP E 410 40.76 -24.63 0.09
CA ASP E 410 40.28 -26.00 0.19
C ASP E 410 39.95 -26.38 1.62
N ASN E 411 40.83 -26.01 2.56
CA ASN E 411 40.58 -26.31 3.96
C ASN E 411 39.38 -25.54 4.48
N ILE E 412 39.17 -24.31 4.02
CA ILE E 412 37.99 -23.54 4.42
C ILE E 412 36.72 -24.24 3.96
N ILE E 413 36.72 -24.70 2.71
CA ILE E 413 35.55 -25.40 2.19
C ILE E 413 35.32 -26.70 2.96
N LEU E 414 36.40 -27.42 3.30
CA LEU E 414 36.27 -28.63 4.09
C LEU E 414 35.65 -28.35 5.45
N ALA E 415 36.11 -27.28 6.11
CA ALA E 415 35.56 -26.92 7.41
C ALA E 415 34.09 -26.56 7.31
N GLN E 416 33.70 -25.81 6.28
CA GLN E 416 32.29 -25.48 6.09
C GLN E 416 31.46 -26.74 5.89
N ASP E 417 31.96 -27.67 5.07
CA ASP E 417 31.23 -28.90 4.82
C ASP E 417 31.06 -29.71 6.09
N ILE E 418 32.11 -29.78 6.92
CA ILE E 418 32.00 -30.50 8.19
C ILE E 418 30.98 -29.83 9.10
N ALA E 419 31.04 -28.49 9.20
CA ALA E 419 30.22 -27.77 10.16
C ALA E 419 28.76 -27.67 9.77
N GLN E 420 28.43 -27.81 8.49
CA GLN E 420 27.04 -27.63 8.08
C GLN E 420 26.11 -28.75 8.54
N HIS E 421 26.65 -29.84 9.08
CA HIS E 421 25.85 -31.03 9.38
C HIS E 421 25.26 -31.04 10.79
N PHE E 422 25.59 -30.06 11.63
CA PHE E 422 25.14 -30.07 13.02
C PHE E 422 24.30 -28.82 13.32
N ARG E 423 23.41 -28.96 14.29
CA ARG E 423 22.57 -27.85 14.74
C ARG E 423 23.18 -27.22 15.99
N LEU E 424 24.33 -26.56 15.77
CA LEU E 424 25.03 -25.86 16.83
C LEU E 424 25.46 -24.49 16.32
N THR E 425 25.58 -23.55 17.24
CA THR E 425 25.96 -22.19 16.88
C THR E 425 27.46 -22.04 16.69
N CYS E 426 28.26 -22.61 17.59
CA CYS E 426 29.71 -22.52 17.51
C CYS E 426 30.30 -23.94 17.54
N LEU E 427 31.29 -24.16 16.69
CA LEU E 427 31.95 -25.46 16.61
C LEU E 427 33.45 -25.27 16.56
N GLY E 428 34.19 -26.18 17.18
CA GLY E 428 35.64 -26.15 17.15
C GLY E 428 36.19 -27.44 16.57
N ILE E 429 37.22 -27.32 15.75
CA ILE E 429 37.82 -28.47 15.07
C ILE E 429 39.32 -28.48 15.35
N ASP E 430 39.85 -29.64 15.74
CA ASP E 430 41.26 -29.80 16.00
C ASP E 430 41.91 -30.52 14.82
N ILE E 431 43.02 -29.98 14.33
CA ILE E 431 43.63 -30.46 13.09
C ILE E 431 45.14 -30.58 13.27
N ILE E 432 45.71 -31.61 12.67
CA ILE E 432 47.15 -31.82 12.63
C ILE E 432 47.59 -31.89 11.17
N THR E 433 48.60 -31.09 10.81
CA THR E 433 49.13 -31.07 9.46
C THR E 433 50.52 -30.43 9.49
N ASN E 434 51.29 -30.70 8.44
CA ASN E 434 52.63 -30.14 8.36
C ASN E 434 52.63 -28.73 7.76
N ASP E 435 51.74 -28.46 6.81
CA ASP E 435 51.63 -27.14 6.19
C ASP E 435 50.16 -26.78 6.04
N ILE E 436 49.78 -25.61 6.58
CA ILE E 436 48.41 -25.15 6.49
C ILE E 436 48.14 -24.38 5.20
N GLY E 437 49.17 -23.98 4.47
CA GLY E 437 49.01 -23.24 3.25
C GLY E 437 48.84 -24.05 1.99
N ARG E 438 48.76 -25.37 2.10
CA ARG E 438 48.61 -26.25 0.95
C ARG E 438 47.34 -27.08 1.08
N SER E 439 46.82 -27.52 -0.06
CA SER E 439 45.58 -28.28 -0.07
C SER E 439 45.75 -29.62 0.63
N TRP E 440 44.67 -30.05 1.28
CA TRP E 440 44.71 -31.31 2.04
C TRP E 440 44.79 -32.54 1.15
N LYS E 441 44.60 -32.39 -0.16
CA LYS E 441 44.66 -33.52 -1.07
C LYS E 441 46.08 -33.87 -1.50
N GLU E 442 47.08 -33.10 -1.05
CA GLU E 442 48.46 -33.34 -1.46
C GLU E 442 49.44 -33.35 -0.31
N THR E 443 48.96 -33.36 0.94
CA THR E 443 49.84 -33.42 2.09
C THR E 443 49.30 -34.38 3.14
N SER E 444 49.89 -34.35 4.34
CA SER E 444 49.45 -35.20 5.45
C SER E 444 48.46 -34.42 6.28
N PHE E 445 47.18 -34.75 6.15
CA PHE E 445 46.10 -34.06 6.83
C PHE E 445 45.31 -35.04 7.67
N GLY E 446 44.83 -34.58 8.83
CA GLY E 446 44.06 -35.44 9.70
C GLY E 446 43.16 -34.68 10.65
N ILE E 447 41.91 -35.15 10.78
CA ILE E 447 40.93 -34.57 11.69
C ILE E 447 40.90 -35.42 12.95
N ILE E 448 41.02 -34.78 14.11
CA ILE E 448 41.14 -35.48 15.39
C ILE E 448 39.85 -35.37 16.20
N GLU E 449 39.42 -34.15 16.51
CA GLU E 449 38.30 -33.98 17.43
C GLU E 449 37.47 -32.77 17.03
N ILE E 450 36.20 -32.81 17.41
CA ILE E 450 35.27 -31.69 17.26
C ILE E 450 34.62 -31.41 18.61
N ASN E 451 34.51 -30.13 18.94
CA ASN E 451 33.98 -29.69 20.22
C ASN E 451 32.79 -28.77 20.00
N ALA E 452 31.76 -28.94 20.84
CA ALA E 452 30.51 -28.21 20.68
C ALA E 452 30.46 -26.91 21.46
N ALA E 453 31.23 -26.79 22.54
CA ALA E 453 31.25 -25.59 23.37
C ALA E 453 32.70 -25.14 23.53
N PRO E 454 33.29 -24.56 22.50
CA PRO E 454 34.71 -24.20 22.57
C PRO E 454 34.92 -22.91 23.35
N GLY E 455 36.17 -22.73 23.79
CA GLY E 455 36.57 -21.48 24.40
C GLY E 455 37.16 -20.57 23.36
N VAL E 456 36.73 -19.31 23.37
CA VAL E 456 37.11 -18.36 22.34
C VAL E 456 38.06 -17.29 22.87
N TYR E 457 38.65 -17.51 24.04
CA TYR E 457 39.55 -16.50 24.59
C TYR E 457 40.89 -16.48 23.86
N MET E 458 41.39 -17.63 23.42
CA MET E 458 42.69 -17.68 22.74
C MET E 458 42.67 -16.94 21.41
N HIS E 459 41.49 -16.75 20.81
CA HIS E 459 41.41 -16.01 19.56
C HIS E 459 41.31 -14.51 19.79
N LEU E 460 41.06 -14.07 21.02
CA LEU E 460 40.94 -12.64 21.31
C LEU E 460 42.23 -12.04 21.85
N LYS E 461 43.03 -12.82 22.56
CA LYS E 461 44.28 -12.33 23.15
C LYS E 461 45.41 -13.28 22.78
N PRO E 462 45.89 -13.22 21.54
CA PRO E 462 47.00 -14.08 21.12
C PRO E 462 48.32 -13.59 21.68
N ALA E 463 49.27 -14.52 21.77
CA ALA E 463 50.60 -14.16 22.24
C ALA E 463 51.29 -13.22 21.25
N ILE E 464 51.32 -13.59 19.97
CA ILE E 464 51.83 -12.72 18.91
C ILE E 464 50.90 -12.85 17.71
N GLY E 465 50.49 -11.71 17.17
CA GLY E 465 49.57 -11.65 16.06
C GLY E 465 48.55 -10.55 16.29
N GLU E 466 47.46 -10.60 15.52
CA GLU E 466 46.40 -9.62 15.62
C GLU E 466 45.11 -10.24 16.13
N PRO E 467 44.38 -9.54 16.99
CA PRO E 467 43.14 -10.10 17.54
C PRO E 467 42.04 -10.15 16.50
N VAL E 468 41.07 -11.03 16.75
CA VAL E 468 39.89 -11.20 15.91
C VAL E 468 38.66 -11.07 16.80
N ASP E 469 37.69 -10.27 16.37
CA ASP E 469 36.47 -10.02 17.14
C ASP E 469 35.44 -11.08 16.76
N VAL E 470 35.38 -12.14 17.57
CA VAL E 470 34.42 -13.20 17.31
C VAL E 470 33.10 -12.97 18.04
N THR E 471 33.12 -12.25 19.17
CA THR E 471 31.90 -11.97 19.89
C THR E 471 30.96 -11.10 19.08
N ALA E 472 31.50 -10.21 18.23
CA ALA E 472 30.65 -9.44 17.34
C ALA E 472 29.88 -10.33 16.38
N ARG E 473 30.55 -11.34 15.81
CA ARG E 473 29.88 -12.28 14.94
C ARG E 473 28.83 -13.08 15.70
N ILE E 474 29.17 -13.53 16.91
CA ILE E 474 28.23 -14.31 17.70
C ILE E 474 26.97 -13.50 17.99
N LEU E 475 27.12 -12.24 18.35
CA LEU E 475 25.96 -11.41 18.66
C LEU E 475 25.18 -11.06 17.41
N GLU E 476 25.86 -10.74 16.31
CA GLU E 476 25.18 -10.40 15.07
C GLU E 476 24.48 -11.59 14.44
N THR E 477 24.81 -12.81 14.84
CA THR E 477 24.04 -13.96 14.39
C THR E 477 22.57 -13.84 14.74
N PHE E 478 22.25 -13.30 15.92
CA PHE E 478 20.89 -13.22 16.41
C PHE E 478 20.23 -11.88 16.16
N PHE E 479 20.85 -10.78 16.59
CA PHE E 479 20.27 -9.45 16.51
C PHE E 479 20.96 -8.66 15.40
N GLU E 480 20.17 -8.24 14.41
CA GLU E 480 20.72 -7.42 13.32
C GLU E 480 20.99 -5.99 13.77
N THR E 481 20.08 -5.41 14.55
CA THR E 481 20.22 -4.05 15.04
C THR E 481 19.62 -3.98 16.44
N GLU E 482 19.66 -2.79 17.04
CA GLU E 482 19.14 -2.60 18.39
C GLU E 482 17.62 -2.77 18.45
N LYS E 483 16.90 -2.29 17.44
CA LYS E 483 15.45 -2.38 17.46
C LYS E 483 14.94 -3.82 17.32
N ASN E 484 15.80 -4.76 16.96
CA ASN E 484 15.40 -6.16 16.86
C ASN E 484 15.43 -6.88 18.19
N ALA E 485 15.51 -6.15 19.31
CA ALA E 485 15.56 -6.80 20.61
C ALA E 485 14.73 -6.07 21.67
N ARG E 486 13.67 -5.36 21.27
CA ARG E 486 12.88 -4.58 22.20
C ARG E 486 11.41 -4.72 21.87
N ILE E 487 10.57 -4.43 22.87
CA ILE E 487 9.12 -4.47 22.71
C ILE E 487 8.53 -3.18 23.28
N PRO E 488 7.34 -2.80 22.83
CA PRO E 488 6.73 -1.58 23.35
C PRO E 488 6.44 -1.64 24.85
N ILE E 489 6.72 -0.53 25.53
CA ILE E 489 6.59 -0.39 26.97
C ILE E 489 5.84 0.89 27.28
N ILE E 490 4.88 0.81 28.19
CA ILE E 490 4.10 1.96 28.65
C ILE E 490 4.24 2.07 30.16
N THR E 491 4.48 3.29 30.64
CA THR E 491 4.76 3.55 32.04
C THR E 491 3.75 4.52 32.62
N PHE E 492 3.22 4.20 33.79
CA PHE E 492 2.33 5.06 34.56
C PHE E 492 2.99 5.40 35.89
N ASN E 493 2.31 6.23 36.67
CA ASN E 493 2.69 6.47 38.06
C ASN E 493 1.55 6.27 39.04
N ARG E 494 0.31 6.21 38.57
CA ARG E 494 -0.85 5.90 39.43
C ARG E 494 -1.98 5.46 38.53
N VAL E 495 -2.40 4.20 38.64
CA VAL E 495 -3.43 3.63 37.79
C VAL E 495 -4.18 2.58 38.58
N SER E 496 -5.33 2.14 38.05
CA SER E 496 -6.18 1.15 38.69
C SER E 496 -6.43 0.00 37.71
N ILE E 497 -7.01 -1.08 38.24
CA ILE E 497 -7.19 -2.29 37.45
C ILE E 497 -8.19 -2.07 36.32
N ARG E 498 -9.30 -1.38 36.60
CA ARG E 498 -10.35 -1.22 35.60
C ARG E 498 -9.84 -0.44 34.39
N GLN E 499 -9.05 0.61 34.63
CA GLN E 499 -8.46 1.35 33.52
C GLN E 499 -7.51 0.48 32.71
N LEU E 500 -6.75 -0.38 33.38
CA LEU E 500 -5.87 -1.30 32.66
C LEU E 500 -6.66 -2.26 31.78
N GLN E 501 -7.77 -2.79 32.30
CA GLN E 501 -8.61 -3.67 31.49
C GLN E 501 -9.18 -2.94 30.30
N LYS E 502 -9.66 -1.71 30.50
CA LYS E 502 -10.22 -0.95 29.38
C LYS E 502 -9.16 -0.67 28.33
N LEU E 503 -7.95 -0.32 28.76
CA LEU E 503 -6.86 -0.09 27.81
C LEU E 503 -6.52 -1.36 27.04
N SER E 504 -6.47 -2.50 27.73
CA SER E 504 -6.15 -3.75 27.06
C SER E 504 -7.19 -4.12 26.01
N ASP E 505 -8.47 -3.99 26.37
CA ASP E 505 -9.52 -4.28 25.40
C ASP E 505 -9.50 -3.31 24.23
N ARG E 506 -9.20 -2.03 24.49
CA ARG E 506 -9.10 -1.07 23.40
C ARG E 506 -7.96 -1.42 22.45
N ILE E 507 -6.82 -1.83 23.00
CA ILE E 507 -5.67 -2.15 22.17
C ILE E 507 -5.93 -3.43 21.38
N LEU E 508 -6.61 -4.41 21.99
CA LEU E 508 -6.80 -5.70 21.36
C LEU E 508 -7.69 -5.65 20.12
N MET E 509 -8.39 -4.54 19.87
CA MET E 509 -9.27 -4.47 18.71
C MET E 509 -8.49 -4.44 17.41
N SER E 510 -7.31 -3.82 17.39
CA SER E 510 -6.53 -3.72 16.18
C SER E 510 -5.57 -4.90 15.99
N HIS E 511 -5.14 -5.53 17.07
CA HIS E 511 -4.22 -6.67 17.02
C HIS E 511 -4.82 -7.80 17.85
N PRO E 512 -5.77 -8.54 17.29
CA PRO E 512 -6.48 -9.57 18.07
C PRO E 512 -5.61 -10.75 18.49
N ASP E 513 -4.42 -10.92 17.90
CA ASP E 513 -3.58 -12.07 18.19
C ASP E 513 -2.34 -11.71 19.00
N TRP E 514 -2.41 -10.60 19.75
CA TRP E 514 -1.29 -10.16 20.56
C TRP E 514 -1.41 -10.69 21.98
N THR E 515 -0.31 -10.56 22.73
CA THR E 515 -0.28 -10.88 24.15
C THR E 515 0.23 -9.66 24.89
N ILE E 516 -0.54 -9.18 25.85
CA ILE E 516 -0.26 -7.94 26.56
C ILE E 516 -0.15 -8.22 28.05
N GLY E 517 0.88 -7.66 28.68
CA GLY E 517 1.06 -7.87 30.11
C GLY E 517 1.02 -6.59 30.90
N ALA E 518 0.10 -6.49 31.86
CA ALA E 518 -0.07 -5.28 32.66
C ALA E 518 0.16 -5.60 34.13
N VAL E 519 0.86 -4.71 34.82
CA VAL E 519 1.16 -4.89 36.23
C VAL E 519 0.97 -3.57 36.96
N CYS E 520 0.42 -3.64 38.18
CA CYS E 520 0.24 -2.47 39.02
C CYS E 520 0.36 -2.92 40.48
N ARG E 521 -0.07 -2.06 41.39
CA ARG E 521 -0.02 -2.38 42.82
C ARG E 521 -1.22 -3.19 43.29
N GLU E 522 -2.18 -3.46 42.41
CA GLU E 522 -3.38 -4.21 42.78
C GLU E 522 -3.44 -5.61 42.21
N GLY E 523 -2.76 -5.87 41.10
CA GLY E 523 -2.77 -7.21 40.53
C GLY E 523 -2.12 -7.23 39.18
N ILE E 524 -1.89 -8.45 38.69
CA ILE E 524 -1.30 -8.68 37.38
C ILE E 524 -2.40 -9.06 36.41
N LEU E 525 -2.18 -8.79 35.14
CA LEU E 525 -3.17 -9.09 34.11
C LEU E 525 -2.46 -9.54 32.84
N ILE E 526 -2.87 -10.68 32.30
CA ILE E 526 -2.31 -11.24 31.08
C ILE E 526 -3.49 -11.56 30.15
N ASN E 527 -3.84 -10.61 29.28
CA ASN E 527 -4.85 -10.81 28.24
C ASN E 527 -6.19 -11.22 28.85
N ARG E 528 -6.76 -10.28 29.61
CA ARG E 528 -8.10 -10.42 30.19
C ARG E 528 -8.17 -11.59 31.19
N SER E 529 -7.16 -11.69 32.05
CA SER E 529 -7.14 -12.70 33.10
C SER E 529 -6.35 -12.16 34.27
N GLU E 530 -6.56 -12.76 35.44
CA GLU E 530 -5.89 -12.34 36.66
C GLU E 530 -5.08 -13.50 37.24
N LYS E 531 -3.88 -13.20 37.68
CA LYS E 531 -2.96 -14.17 38.26
C LYS E 531 -2.56 -13.74 39.65
N ILE E 532 -1.64 -14.49 40.25
CA ILE E 532 -1.20 -14.23 41.62
C ILE E 532 -0.12 -13.17 41.62
N LEU E 533 -0.23 -12.22 42.53
CA LEU E 533 0.72 -11.12 42.64
C LEU E 533 1.78 -11.47 43.68
N ASN E 534 3.05 -11.45 43.25
CA ASN E 534 4.14 -11.70 44.16
C ASN E 534 4.28 -10.57 45.16
N ARG E 535 4.82 -10.87 46.33
CA ARG E 535 4.92 -9.87 47.38
C ARG E 535 6.05 -8.89 47.09
N HIS E 536 7.09 -9.34 46.39
CA HIS E 536 8.25 -8.52 46.07
C HIS E 536 7.99 -7.80 44.77
N TYR E 537 7.83 -6.48 44.84
CA TYR E 537 7.78 -5.69 43.61
C TYR E 537 9.15 -5.71 42.95
N ASN E 538 9.17 -5.46 41.65
CA ASN E 538 10.30 -5.56 40.74
C ASN E 538 10.58 -7.01 40.38
N THR E 539 9.85 -7.97 40.93
CA THR E 539 9.93 -9.36 40.53
C THR E 539 8.84 -9.75 39.53
N ASN E 540 7.65 -9.16 39.66
CA ASN E 540 6.61 -9.38 38.66
C ASN E 540 7.03 -8.83 37.30
N VAL E 541 7.79 -7.73 37.29
CA VAL E 541 8.31 -7.21 36.03
C VAL E 541 9.27 -8.21 35.40
N LEU E 542 10.13 -8.82 36.21
CA LEU E 542 11.03 -9.86 35.69
C LEU E 542 10.24 -11.05 35.15
N ASN E 543 9.21 -11.49 35.87
CA ASN E 543 8.41 -12.60 35.41
C ASN E 543 7.70 -12.28 34.11
N LEU E 544 7.25 -11.04 33.94
CA LEU E 544 6.61 -10.65 32.69
C LEU E 544 7.61 -10.51 31.54
N LEU E 545 8.83 -10.08 31.83
CA LEU E 545 9.86 -9.98 30.81
C LEU E 545 10.52 -11.32 30.49
N ARG E 546 10.23 -12.36 31.27
CA ARG E 546 10.73 -13.70 30.96
C ARG E 546 9.79 -14.47 30.03
N ASN E 547 8.52 -14.09 29.97
CA ASN E 547 7.54 -14.78 29.13
C ASN E 547 7.95 -14.74 27.66
N PRO E 548 7.99 -15.87 26.97
CA PRO E 548 8.49 -15.87 25.59
C PRO E 548 7.44 -15.52 24.54
N LYS E 549 6.29 -14.99 24.96
CA LYS E 549 5.25 -14.63 24.03
C LYS E 549 4.76 -13.20 24.17
N LEU E 550 5.37 -12.40 25.03
CA LEU E 550 4.88 -11.05 25.28
C LEU E 550 5.05 -10.15 24.06
N ASP E 551 4.11 -9.24 23.87
CA ASP E 551 4.15 -8.28 22.78
C ASP E 551 4.09 -6.84 23.24
N LEU E 552 3.64 -6.57 24.47
CA LEU E 552 3.51 -5.22 24.98
C LEU E 552 3.50 -5.27 26.49
N LEU E 553 4.18 -4.32 27.12
CA LEU E 553 4.26 -4.26 28.57
C LEU E 553 3.66 -2.95 29.07
N ILE E 554 2.90 -3.04 30.17
CA ILE E 554 2.34 -1.87 30.85
C ILE E 554 2.69 -1.97 32.32
N ALA E 555 3.36 -0.96 32.85
CA ALA E 555 3.87 -1.01 34.21
C ALA E 555 3.62 0.31 34.92
N GLU E 556 3.66 0.26 36.25
CA GLU E 556 3.46 1.42 37.09
C GLU E 556 4.60 1.53 38.09
N TYR E 557 5.11 2.75 38.28
CA TYR E 557 6.23 3.00 39.18
C TYR E 557 5.93 4.27 39.97
N ASP E 558 5.60 4.11 41.24
CA ASP E 558 5.32 5.25 42.11
C ASP E 558 6.62 5.65 42.82
N GLU E 559 6.50 6.56 43.81
CA GLU E 559 7.69 7.08 44.47
C GLU E 559 8.35 6.03 45.36
N ASP E 560 7.55 5.22 46.06
CA ASP E 560 8.12 4.21 46.94
C ASP E 560 8.92 3.18 46.16
N ALA E 561 8.39 2.71 45.03
CA ALA E 561 9.11 1.74 44.21
C ALA E 561 10.40 2.33 43.67
N LEU E 562 10.37 3.59 43.24
CA LEU E 562 11.57 4.23 42.73
C LEU E 562 12.62 4.41 43.82
N GLU E 563 12.20 4.72 45.05
CA GLU E 563 13.15 4.92 46.13
C GLU E 563 13.60 3.61 46.77
N ALA E 564 12.92 2.50 46.49
CA ALA E 564 13.29 1.23 47.09
C ALA E 564 14.47 0.58 46.35
N GLU E 565 14.26 0.24 45.08
CA GLU E 565 15.31 -0.43 44.31
C GLU E 565 15.58 0.28 43.00
N GLY E 566 14.56 0.86 42.39
CA GLY E 566 14.69 1.53 41.12
C GLY E 566 14.00 0.74 40.00
N MET E 567 14.08 1.31 38.80
CA MET E 567 13.47 0.69 37.64
C MET E 567 14.26 -0.54 37.22
N PHE E 568 13.60 -1.39 36.42
CA PHE E 568 14.23 -2.62 35.93
C PHE E 568 14.63 -2.53 34.47
N TYR E 569 13.77 -2.02 33.61
CA TYR E 569 14.08 -1.90 32.20
C TYR E 569 14.73 -0.54 31.93
N HIS E 570 14.91 -0.20 30.66
CA HIS E 570 15.58 1.04 30.28
C HIS E 570 14.88 1.63 29.06
N GLY E 571 14.35 2.84 29.21
CA GLY E 571 13.66 3.49 28.11
C GLY E 571 12.19 3.20 28.09
N SER E 572 11.43 4.13 27.52
CA SER E 572 9.98 4.01 27.45
C SER E 572 9.48 4.65 26.16
N ASN E 573 8.32 4.19 25.71
CA ASN E 573 7.72 4.71 24.48
C ASN E 573 6.55 5.66 24.74
N LEU E 574 5.95 5.62 25.92
CA LEU E 574 4.85 6.50 26.27
C LEU E 574 4.81 6.65 27.78
N VAL E 575 4.87 7.88 28.26
CA VAL E 575 4.90 8.18 29.68
C VAL E 575 3.67 9.02 30.04
N VAL E 576 2.93 8.59 31.05
CA VAL E 576 1.75 9.29 31.52
C VAL E 576 1.95 9.64 32.99
N LEU E 577 1.85 10.92 33.32
CA LEU E 577 2.02 11.40 34.69
C LEU E 577 0.77 12.18 35.10
N GLU E 578 0.36 11.98 36.36
CA GLU E 578 -0.83 12.64 36.90
C GLU E 578 -0.48 13.19 38.27
N ASP E 579 -0.40 14.52 38.37
CA ASP E 579 -0.01 15.20 39.61
C ASP E 579 1.29 14.64 40.20
N PRO E 580 2.39 14.70 39.44
CA PRO E 580 3.63 14.09 39.92
C PRO E 580 4.29 14.92 41.01
N SER E 581 5.11 14.24 41.81
CA SER E 581 5.91 14.88 42.84
C SER E 581 7.29 15.20 42.26
N GLU E 582 8.20 15.64 43.13
CA GLU E 582 9.55 15.98 42.68
C GLU E 582 10.30 14.75 42.22
N ILE E 583 10.14 13.63 42.93
CA ILE E 583 10.90 12.43 42.61
C ILE E 583 10.43 11.82 41.30
N GLU E 584 9.10 11.75 41.10
CA GLU E 584 8.56 11.02 39.96
C GLU E 584 8.89 11.68 38.62
N MET E 585 9.20 12.98 38.62
CA MET E 585 9.53 13.65 37.36
C MET E 585 10.74 13.01 36.67
N ILE E 586 11.63 12.36 37.42
CA ILE E 586 12.75 11.67 36.82
C ILE E 586 12.33 10.59 35.82
N LEU E 587 11.06 10.23 35.81
CA LEU E 587 10.56 9.28 34.82
C LEU E 587 10.60 9.84 33.40
N THR E 588 10.75 11.16 33.23
CA THR E 588 10.79 11.76 31.91
C THR E 588 12.20 11.87 31.35
N ARG E 589 13.21 11.50 32.12
CA ARG E 589 14.59 11.66 31.65
C ARG E 589 14.97 10.58 30.64
N ASP E 590 14.54 9.34 30.84
CA ASP E 590 14.93 8.22 30.00
C ASP E 590 13.83 7.97 28.96
N VAL E 591 13.94 8.67 27.83
CA VAL E 591 13.02 8.51 26.71
C VAL E 591 13.80 8.60 25.41
N PHE E 592 13.21 8.05 24.35
CA PHE E 592 13.79 8.15 23.02
C PHE E 592 13.37 9.46 22.36
N SER E 593 13.76 9.63 21.11
CA SER E 593 13.46 10.86 20.40
C SER E 593 12.06 10.89 19.81
N ASP E 594 11.38 9.75 19.71
CA ASP E 594 10.04 9.67 19.14
C ASP E 594 8.99 9.36 20.19
N SER E 595 9.31 9.53 21.47
CA SER E 595 8.39 9.20 22.55
C SER E 595 7.37 10.32 22.74
N THR E 596 6.28 9.98 23.44
CA THR E 596 5.23 10.91 23.77
C THR E 596 5.12 11.04 25.28
N VAL E 597 5.01 12.28 25.76
CA VAL E 597 4.95 12.57 27.18
C VAL E 597 3.69 13.37 27.48
N ILE E 598 2.95 12.97 28.50
CA ILE E 598 1.71 13.62 28.91
C ILE E 598 1.81 13.97 30.39
N ILE E 599 1.54 15.22 30.73
CA ILE E 599 1.56 15.69 32.12
C ILE E 599 0.27 16.44 32.41
N LYS E 600 -0.33 16.14 33.56
CA LYS E 600 -1.54 16.81 34.01
C LYS E 600 -1.33 17.40 35.38
N GLN E 601 -1.60 18.69 35.53
CA GLN E 601 -1.49 19.37 36.82
C GLN E 601 -2.72 20.25 37.00
N GLY E 602 -3.49 19.96 38.03
CA GLY E 602 -4.76 20.66 38.19
C GLY E 602 -5.68 20.30 37.04
N ARG E 603 -6.07 21.30 36.26
CA ARG E 603 -6.82 21.10 35.03
C ARG E 603 -6.00 21.44 33.80
N GLU E 604 -4.69 21.56 33.93
CA GLU E 604 -3.81 21.92 32.83
C GLU E 604 -3.14 20.67 32.27
N ILE E 605 -3.12 20.56 30.95
CA ILE E 605 -2.57 19.40 30.25
C ILE E 605 -1.44 19.87 29.35
N THR E 606 -0.28 19.23 29.47
CA THR E 606 0.89 19.49 28.63
C THR E 606 1.28 18.21 27.91
N ILE E 607 1.45 18.30 26.60
CA ILE E 607 1.76 17.14 25.76
C ILE E 607 3.01 17.45 24.95
N LYS E 608 3.97 16.52 24.95
CA LYS E 608 5.13 16.58 24.09
C LYS E 608 5.10 15.41 23.14
N ARG E 609 5.16 15.69 21.84
CA ARG E 609 5.00 14.67 20.81
C ARG E 609 5.96 14.98 19.68
N LYS E 610 6.87 14.04 19.41
CA LYS E 610 7.86 14.17 18.33
C LYS E 610 8.67 15.46 18.44
N GLY E 611 8.95 15.89 19.66
CA GLY E 611 9.71 17.09 19.89
C GLY E 611 8.91 18.37 19.90
N LEU E 612 7.60 18.32 19.65
CA LEU E 612 6.75 19.50 19.62
C LEU E 612 5.90 19.56 20.87
N LEU E 613 5.74 20.76 21.41
CA LEU E 613 5.04 20.98 22.67
C LEU E 613 3.66 21.58 22.44
N GLU E 614 2.73 21.20 23.31
CA GLU E 614 1.36 21.70 23.26
C GLU E 614 0.83 21.80 24.68
N GLN E 615 -0.02 22.81 24.92
CA GLN E 615 -0.54 23.06 26.26
C GLN E 615 -1.98 23.55 26.15
N TYR E 616 -2.86 22.99 26.96
CA TYR E 616 -4.24 23.49 27.01
C TYR E 616 -4.85 23.16 28.36
N GLU E 617 -6.14 23.42 28.50
CA GLU E 617 -6.83 23.33 29.78
C GLU E 617 -8.09 22.51 29.66
N LEU E 618 -8.26 21.54 30.54
CA LEU E 618 -9.49 20.76 30.60
C LEU E 618 -10.53 21.47 31.45
N GLU E 619 -11.80 21.29 31.10
CA GLU E 619 -12.88 21.78 31.94
C GLU E 619 -13.24 20.67 32.94
N ALA E 620 -14.34 20.85 33.66
CA ALA E 620 -14.75 19.88 34.66
C ALA E 620 -15.24 18.59 33.98
N GLU E 621 -15.77 17.67 34.79
CA GLU E 621 -16.45 16.45 34.35
C GLU E 621 -15.66 15.66 33.30
N GLU E 622 -14.36 15.90 33.18
CA GLU E 622 -13.52 15.17 32.26
C GLU E 622 -12.46 14.38 33.02
N LEU E 623 -12.02 13.28 32.41
CA LEU E 623 -11.03 12.40 33.00
C LEU E 623 -9.85 12.26 32.05
N ILE E 624 -8.70 11.89 32.60
CA ILE E 624 -7.49 11.74 31.80
C ILE E 624 -7.60 10.61 30.80
N GLU E 625 -8.54 9.67 31.00
CA GLU E 625 -8.67 8.55 30.08
C GLU E 625 -9.03 9.01 28.67
N GLN E 626 -9.64 10.18 28.55
CA GLN E 626 -10.00 10.72 27.25
C GLN E 626 -8.81 11.34 26.51
N VAL E 627 -7.68 11.49 27.18
CA VAL E 627 -6.52 12.15 26.58
C VAL E 627 -5.59 11.14 25.92
N TYR E 628 -5.21 10.08 26.64
CA TYR E 628 -4.24 9.13 26.14
C TYR E 628 -4.85 8.02 25.30
N LEU E 629 -6.17 7.99 25.16
CA LEU E 629 -6.80 7.00 24.30
C LEU E 629 -6.68 7.35 22.82
N LYS E 630 -6.34 8.60 22.49
CA LYS E 630 -6.09 8.99 21.11
C LYS E 630 -4.64 8.85 20.73
N GLU E 631 -3.73 8.74 21.69
CA GLU E 631 -2.31 8.57 21.43
C GLU E 631 -1.90 7.10 21.34
N ILE E 632 -2.86 6.18 21.43
CA ILE E 632 -2.53 4.76 21.44
C ILE E 632 -2.13 4.28 20.06
N GLY E 633 -2.41 5.05 19.00
CA GLY E 633 -2.07 4.63 17.66
C GLY E 633 -0.60 4.74 17.31
N THR E 634 0.20 5.41 18.15
CA THR E 634 1.61 5.57 17.84
C THR E 634 2.40 4.28 18.06
N ILE E 635 2.09 3.55 19.14
CA ILE E 635 2.84 2.34 19.45
C ILE E 635 2.53 1.21 18.47
N SER E 636 1.43 1.31 17.73
CA SER E 636 1.06 0.29 16.76
C SER E 636 2.02 0.29 15.57
N ALA F 6 24.84 -70.02 9.40
CA ALA F 6 24.69 -71.32 8.76
C ALA F 6 23.63 -72.15 9.47
N VAL F 7 22.47 -72.30 8.84
CA VAL F 7 21.38 -73.07 9.42
C VAL F 7 21.49 -74.54 9.01
N GLU F 8 22.31 -75.30 9.74
CA GLU F 8 22.39 -76.74 9.52
C GLU F 8 21.10 -77.51 9.84
N PRO F 9 20.23 -77.11 10.79
CA PRO F 9 18.99 -77.85 11.03
C PRO F 9 18.13 -77.67 9.77
N VAL F 10 17.84 -76.42 9.38
CA VAL F 10 16.90 -76.20 8.23
C VAL F 10 15.68 -77.00 8.67
N ARG F 11 15.30 -78.01 7.89
CA ARG F 11 14.20 -78.92 8.32
C ARG F 11 14.93 -79.50 9.52
N ILE F 12 14.46 -79.19 10.74
CA ILE F 12 15.12 -79.66 11.98
C ILE F 12 14.92 -81.18 12.07
N ASN F 13 13.73 -81.69 11.74
CA ASN F 13 13.51 -83.13 11.71
C ASN F 13 13.96 -83.30 10.26
N ALA F 14 15.11 -83.94 10.06
CA ALA F 14 15.72 -84.02 8.73
C ALA F 14 15.14 -85.29 8.10
N ARG F 15 13.83 -85.23 7.84
CA ARG F 15 13.13 -86.33 7.19
C ARG F 15 13.45 -86.29 5.70
N THR F 16 13.93 -87.42 5.17
CA THR F 16 14.43 -87.44 3.80
C THR F 16 13.31 -87.26 2.78
N THR F 17 12.05 -87.44 3.21
CA THR F 17 10.94 -87.38 2.28
C THR F 17 10.49 -85.94 2.03
N ASP F 18 11.35 -84.97 2.31
CA ASP F 18 11.02 -83.57 2.06
C ASP F 18 10.71 -83.35 0.59
N VAL F 19 9.59 -82.70 0.31
CA VAL F 19 9.08 -82.61 -1.05
C VAL F 19 9.26 -81.24 -1.67
N PHE F 20 9.55 -80.21 -0.89
CA PHE F 20 9.68 -78.86 -1.41
C PHE F 20 11.06 -78.30 -1.07
N ASP F 21 11.54 -77.40 -1.93
CA ASP F 21 12.85 -76.79 -1.78
C ASP F 21 12.76 -75.30 -2.05
N ILE F 22 13.53 -74.52 -1.29
CA ILE F 22 13.65 -73.08 -1.51
C ILE F 22 15.11 -72.69 -1.38
N PHE F 23 15.50 -71.62 -2.08
CA PHE F 23 16.89 -71.20 -2.09
C PHE F 23 16.98 -69.79 -2.69
N ASN F 24 18.19 -69.22 -2.63
CA ASN F 24 18.48 -67.89 -3.14
C ASN F 24 17.60 -66.82 -2.50
N VAL F 25 17.76 -66.61 -1.19
CA VAL F 25 17.05 -65.55 -0.48
C VAL F 25 17.89 -64.28 -0.54
N LYS F 26 17.25 -63.16 -0.86
CA LYS F 26 17.94 -61.88 -0.94
C LYS F 26 17.02 -60.78 -0.43
N GLN F 27 17.62 -59.74 0.13
CA GLN F 27 16.88 -58.59 0.64
C GLN F 27 16.97 -57.42 -0.32
N TYR F 28 15.83 -56.82 -0.63
CA TYR F 28 15.75 -55.70 -1.57
C TYR F 28 15.15 -54.50 -0.83
N VAL F 29 16.01 -53.55 -0.47
CA VAL F 29 15.51 -52.33 0.14
C VAL F 29 14.89 -51.44 -0.94
N GLY F 30 13.94 -50.61 -0.53
CA GLY F 30 13.27 -49.71 -1.44
C GLY F 30 12.54 -50.42 -2.57
N ALA F 31 12.36 -49.73 -3.69
CA ALA F 31 11.69 -50.34 -4.83
C ALA F 31 12.58 -51.42 -5.44
N ASN F 32 11.97 -52.29 -6.21
CA ASN F 32 12.64 -53.43 -6.82
C ASN F 32 11.90 -53.81 -8.09
N PRO F 33 12.54 -54.58 -8.98
CA PRO F 33 11.86 -54.95 -10.23
C PRO F 33 10.57 -55.72 -10.03
N TYR F 34 10.43 -56.48 -8.94
CA TYR F 34 9.27 -57.32 -8.75
C TYR F 34 8.12 -56.60 -8.04
N LEU F 35 8.42 -55.82 -7.02
CA LEU F 35 7.41 -55.17 -6.18
C LEU F 35 7.62 -53.66 -6.19
N ASN F 36 6.89 -52.97 -5.32
CA ASN F 36 7.00 -51.52 -5.19
C ASN F 36 7.43 -51.05 -3.80
N GLN F 37 7.77 -51.97 -2.90
CA GLN F 37 8.38 -51.64 -1.62
C GLN F 37 9.50 -52.63 -1.33
N ALA F 38 10.20 -52.41 -0.22
CA ALA F 38 11.26 -53.33 0.20
C ALA F 38 10.68 -54.69 0.50
N ALA F 39 11.46 -55.73 0.17
CA ALA F 39 10.91 -57.08 0.22
C ALA F 39 12.05 -58.09 0.38
N LEU F 40 11.67 -59.35 0.53
CA LEU F 40 12.59 -60.48 0.54
C LEU F 40 12.19 -61.40 -0.60
N VAL F 41 13.18 -61.88 -1.35
CA VAL F 41 12.94 -62.63 -2.58
C VAL F 41 13.61 -63.99 -2.48
N PHE F 42 12.87 -65.03 -2.86
CA PHE F 42 13.44 -66.38 -2.88
C PHE F 42 12.82 -67.17 -4.03
N ASP F 43 13.25 -68.42 -4.17
CA ASP F 43 12.91 -69.27 -5.32
C ASP F 43 12.23 -70.54 -4.83
N PHE F 44 11.23 -71.00 -5.58
CA PHE F 44 10.55 -72.25 -5.29
C PHE F 44 11.24 -73.40 -6.01
N ALA F 45 10.76 -74.62 -5.74
CA ALA F 45 11.27 -75.82 -6.39
C ALA F 45 10.30 -76.98 -6.24
N PHE F 46 10.59 -78.10 -6.90
CA PHE F 46 9.70 -79.26 -6.91
C PHE F 46 10.46 -80.56 -6.68
N THR F 47 11.27 -80.63 -5.62
CA THR F 47 12.08 -81.80 -5.28
C THR F 47 11.33 -83.11 -5.54
N GLU F 48 11.98 -84.04 -6.24
CA GLU F 48 11.32 -85.17 -6.84
C GLU F 48 11.30 -86.38 -5.90
N SER F 49 10.64 -87.44 -6.35
CA SER F 49 10.53 -88.79 -5.78
C SER F 49 9.50 -88.90 -4.66
N TYR F 50 8.96 -87.81 -4.14
CA TYR F 50 7.98 -87.87 -3.06
C TYR F 50 6.85 -86.90 -3.39
N GLN F 51 6.14 -87.14 -4.50
CA GLN F 51 5.20 -86.25 -5.16
C GLN F 51 4.22 -85.73 -4.12
N PRO F 52 4.05 -84.38 -4.00
CA PRO F 52 3.17 -83.79 -3.00
C PRO F 52 1.70 -84.13 -3.29
N LEU F 53 0.96 -84.48 -2.25
CA LEU F 53 -0.47 -84.74 -2.38
C LEU F 53 -1.10 -83.47 -2.92
N PRO F 54 -2.32 -83.53 -3.44
CA PRO F 54 -2.88 -82.40 -4.20
C PRO F 54 -3.22 -81.24 -3.28
N ILE F 55 -3.67 -80.15 -3.91
CA ILE F 55 -3.91 -78.88 -3.23
C ILE F 55 -5.05 -78.97 -2.23
N GLU F 56 -6.00 -79.88 -2.45
CA GLU F 56 -7.26 -79.85 -1.70
C GLU F 56 -7.04 -79.99 -0.20
N ASN F 57 -6.25 -80.98 0.22
CA ASN F 57 -6.01 -81.15 1.65
C ASN F 57 -5.15 -80.05 2.23
N TYR F 58 -4.23 -79.49 1.43
CA TYR F 58 -3.44 -78.35 1.89
C TYR F 58 -4.35 -77.17 2.21
N LEU F 59 -5.34 -76.92 1.35
CA LEU F 59 -6.28 -75.82 1.59
C LEU F 59 -7.26 -76.17 2.70
N ALA F 60 -7.54 -77.47 2.89
CA ALA F 60 -8.55 -77.88 3.86
C ALA F 60 -8.17 -77.51 5.28
N VAL F 61 -6.90 -77.72 5.65
CA VAL F 61 -6.47 -77.43 7.01
C VAL F 61 -6.20 -75.94 7.12
N VAL F 62 -7.25 -75.18 7.46
CA VAL F 62 -7.17 -73.73 7.53
C VAL F 62 -7.79 -73.23 8.84
N GLY F 63 -7.87 -74.12 9.83
CA GLY F 63 -8.53 -73.77 11.09
C GLY F 63 -7.90 -72.61 11.83
N ASP F 64 -6.65 -72.27 11.52
CA ASP F 64 -5.98 -71.20 12.26
C ASP F 64 -6.38 -69.82 11.73
N ARG F 65 -6.09 -69.54 10.46
CA ARG F 65 -6.37 -68.24 9.88
C ARG F 65 -7.29 -68.44 8.68
N TYR F 66 -7.76 -67.34 8.09
CA TYR F 66 -8.79 -67.40 7.05
C TYR F 66 -8.22 -66.63 5.87
N PRO F 67 -7.47 -67.32 4.97
CA PRO F 67 -7.12 -66.71 3.69
C PRO F 67 -8.27 -67.25 2.85
N ARG F 68 -9.00 -66.38 2.16
CA ARG F 68 -10.28 -66.73 1.56
C ARG F 68 -10.69 -65.65 0.56
N LEU F 69 -11.93 -65.76 0.06
CA LEU F 69 -12.51 -64.90 -0.98
C LEU F 69 -12.13 -65.02 -2.45
N LYS F 70 -10.84 -64.93 -2.76
CA LYS F 70 -10.38 -65.06 -4.14
C LYS F 70 -9.46 -66.27 -4.05
N GLU F 71 -9.66 -67.13 -3.04
CA GLU F 71 -8.77 -68.27 -2.86
C GLU F 71 -8.98 -69.32 -3.95
N ILE F 72 -9.99 -69.13 -4.79
CA ILE F 72 -10.17 -70.00 -5.95
C ILE F 72 -9.12 -69.77 -7.03
N GLU F 73 -8.40 -68.64 -6.95
CA GLU F 73 -7.43 -68.30 -7.99
C GLU F 73 -6.16 -69.13 -7.91
N TYR F 74 -5.98 -69.92 -6.86
CA TYR F 74 -4.82 -70.81 -6.70
C TYR F 74 -4.62 -71.72 -7.90
N GLN F 75 -3.47 -71.54 -8.57
CA GLN F 75 -3.11 -72.31 -9.75
C GLN F 75 -2.01 -73.32 -9.48
N SER F 76 -1.21 -73.12 -8.44
CA SER F 76 -0.14 -74.04 -8.09
C SER F 76 0.16 -73.86 -6.60
N TYR F 77 1.15 -74.62 -6.12
CA TYR F 77 1.55 -74.52 -4.73
C TYR F 77 2.22 -73.18 -4.42
N ALA F 78 2.76 -72.49 -5.42
CA ALA F 78 3.44 -71.23 -5.18
C ALA F 78 2.49 -70.16 -4.65
N GLU F 79 1.30 -70.05 -5.23
CA GLU F 79 0.34 -69.05 -4.76
C GLU F 79 -0.12 -69.36 -3.35
N LEU F 80 -0.38 -70.64 -3.06
CA LEU F 80 -0.78 -71.02 -1.71
C LEU F 80 0.33 -70.59 -0.76
N PHE F 81 1.58 -70.93 -1.07
CA PHE F 81 2.69 -70.74 -0.15
C PHE F 81 2.84 -69.25 0.09
N ALA F 82 2.82 -68.44 -0.97
CA ALA F 82 2.97 -67.01 -0.82
C ALA F 82 1.84 -66.43 0.03
N SER F 83 0.61 -66.89 -0.19
CA SER F 83 -0.52 -66.39 0.59
C SER F 83 -0.38 -66.72 2.06
N THR F 84 0.04 -67.95 2.39
CA THR F 84 0.11 -68.31 3.81
C THR F 84 1.24 -67.59 4.50
N VAL F 85 2.40 -67.43 3.83
CA VAL F 85 3.47 -66.64 4.44
C VAL F 85 3.04 -65.19 4.61
N ALA F 86 2.30 -64.65 3.63
CA ALA F 86 1.82 -63.27 3.77
C ALA F 86 0.88 -63.13 4.97
N GLU F 87 0.00 -64.12 5.17
CA GLU F 87 -0.92 -64.04 6.30
C GLU F 87 -0.18 -64.18 7.63
N VAL F 88 0.77 -65.12 7.71
CA VAL F 88 1.53 -65.27 8.94
C VAL F 88 2.43 -64.07 9.22
N ASN F 89 2.78 -63.30 8.17
CA ASN F 89 3.63 -62.14 8.35
C ASN F 89 3.02 -61.10 9.27
N LYS F 90 1.69 -61.10 9.46
CA LYS F 90 1.06 -60.14 10.35
C LYS F 90 1.48 -60.34 11.80
N LEU F 91 1.97 -61.53 12.15
CA LEU F 91 2.48 -61.82 13.50
C LEU F 91 1.40 -61.64 14.57
N GLU F 92 0.14 -61.76 14.17
CA GLU F 92 -1.00 -61.60 15.10
C GLU F 92 -0.94 -60.25 15.82
N MET F 93 -0.61 -59.19 15.07
CA MET F 93 -0.49 -57.87 15.64
C MET F 93 -1.18 -56.80 14.82
N ASP F 94 -1.85 -57.16 13.72
CA ASP F 94 -2.47 -56.20 12.80
C ASP F 94 -1.43 -55.20 12.30
N LEU F 95 -0.35 -55.73 11.73
CA LEU F 95 0.68 -54.88 11.15
C LEU F 95 0.22 -54.35 9.80
N HIS F 96 0.80 -53.22 9.40
CA HIS F 96 0.48 -52.62 8.11
C HIS F 96 1.23 -53.27 6.95
N LEU F 97 1.83 -54.43 7.17
CA LEU F 97 2.61 -55.12 6.15
C LEU F 97 1.68 -55.99 5.31
N LYS F 98 1.35 -55.52 4.11
CA LYS F 98 0.58 -56.31 3.16
C LYS F 98 1.23 -56.20 1.78
N GLY F 99 1.21 -57.31 1.05
CA GLY F 99 1.85 -57.35 -0.26
C GLY F 99 2.56 -58.66 -0.52
N TRP F 100 2.49 -59.12 -1.77
CA TRP F 100 3.06 -60.40 -2.18
C TRP F 100 3.10 -60.45 -3.69
N ASN F 101 4.07 -61.19 -4.22
CA ASN F 101 4.15 -61.32 -5.67
C ASN F 101 4.80 -62.64 -6.05
N VAL F 102 4.33 -63.20 -7.16
CA VAL F 102 4.83 -64.46 -7.72
C VAL F 102 5.11 -64.24 -9.19
N LYS F 103 6.27 -64.72 -9.66
CA LYS F 103 6.63 -64.60 -11.07
C LYS F 103 7.21 -65.92 -11.55
N PRO F 104 6.52 -66.63 -12.45
CA PRO F 104 7.08 -67.87 -13.01
C PRO F 104 8.06 -67.58 -14.13
N ILE F 105 9.34 -67.86 -13.88
CA ILE F 105 10.40 -67.70 -14.87
C ILE F 105 11.09 -69.05 -15.04
N GLU F 106 11.45 -69.38 -16.29
CA GLU F 106 11.87 -70.72 -16.76
C GLU F 106 10.99 -71.75 -16.05
N GLU F 107 11.56 -72.72 -15.34
CA GLU F 107 10.78 -73.77 -14.68
C GLU F 107 10.60 -73.53 -13.19
N ILE F 108 10.86 -72.31 -12.71
CA ILE F 108 10.85 -71.99 -11.29
C ILE F 108 9.93 -70.79 -11.09
N ASN F 109 9.45 -70.62 -9.86
CA ASN F 109 8.68 -69.46 -9.48
C ASN F 109 9.43 -68.63 -8.45
N ARG F 110 9.56 -67.34 -8.71
CA ARG F 110 10.19 -66.40 -7.80
C ARG F 110 9.12 -65.75 -6.93
N ILE F 111 9.37 -65.72 -5.62
CA ILE F 111 8.43 -65.20 -4.64
C ILE F 111 9.03 -63.96 -4.00
N ALA F 112 8.26 -62.87 -3.95
CA ALA F 112 8.65 -61.65 -3.28
C ALA F 112 7.63 -61.32 -2.21
N ILE F 113 8.10 -61.16 -0.97
CA ILE F 113 7.26 -60.90 0.19
C ILE F 113 7.70 -59.60 0.84
N GLU F 114 6.76 -58.69 1.05
CA GLU F 114 7.09 -57.41 1.68
C GLU F 114 7.55 -57.63 3.12
N SER F 115 8.56 -56.86 3.54
CA SER F 115 9.13 -57.00 4.86
C SER F 115 9.59 -55.65 5.39
N LEU F 116 9.69 -55.56 6.71
CA LEU F 116 10.26 -54.40 7.40
C LEU F 116 11.54 -54.76 8.14
N HIS F 117 11.51 -55.83 8.93
CA HIS F 117 12.70 -56.41 9.52
C HIS F 117 12.94 -57.75 8.83
N HIS F 118 14.09 -57.88 8.18
CA HIS F 118 14.32 -59.02 7.30
C HIS F 118 14.49 -60.32 8.07
N ARG F 119 15.13 -60.28 9.23
CA ARG F 119 15.39 -61.50 9.99
C ARG F 119 14.10 -62.19 10.39
N THR F 120 13.13 -61.42 10.90
CA THR F 120 11.85 -62.00 11.29
C THR F 120 11.11 -62.57 10.09
N THR F 121 11.18 -61.91 8.94
CA THR F 121 10.52 -62.43 7.75
C THR F 121 11.15 -63.74 7.30
N LYS F 122 12.48 -63.83 7.37
CA LYS F 122 13.13 -65.10 7.05
C LYS F 122 12.73 -66.20 8.01
N GLU F 123 12.64 -65.88 9.31
CA GLU F 123 12.18 -66.87 10.28
C GLU F 123 10.74 -67.30 10.00
N VAL F 124 9.88 -66.36 9.60
CA VAL F 124 8.51 -66.69 9.24
C VAL F 124 8.49 -67.66 8.07
N VAL F 125 9.32 -67.38 7.06
CA VAL F 125 9.37 -68.25 5.88
C VAL F 125 9.80 -69.66 6.29
N TYR F 126 10.84 -69.75 7.12
CA TYR F 126 11.33 -71.05 7.56
C TYR F 126 10.25 -71.81 8.33
N CYS F 127 9.59 -71.13 9.27
CA CYS F 127 8.58 -71.79 10.10
C CYS F 127 7.41 -72.27 9.26
N VAL F 128 6.94 -71.43 8.32
CA VAL F 128 5.80 -71.83 7.50
C VAL F 128 6.19 -72.96 6.55
N TRP F 129 7.44 -72.96 6.06
CA TRP F 129 7.91 -74.10 5.28
C TRP F 129 7.88 -75.38 6.10
N ASP F 130 8.32 -75.31 7.37
CA ASP F 130 8.28 -76.49 8.23
C ASP F 130 6.84 -76.97 8.43
N TRP F 131 5.93 -76.03 8.70
CA TRP F 131 4.53 -76.39 8.89
C TRP F 131 3.95 -77.06 7.65
N PHE F 132 4.41 -76.57 6.54
CA PHE F 132 3.94 -77.16 5.28
C PHE F 132 4.49 -78.55 5.09
N GLU F 133 5.65 -78.73 5.40
CA GLU F 133 6.21 -80.07 5.28
C GLU F 133 5.52 -81.05 6.21
N PHE F 134 5.17 -80.61 7.42
CA PHE F 134 4.52 -81.49 8.39
C PHE F 134 3.04 -81.74 8.11
N ILE F 135 2.53 -81.39 6.94
CA ILE F 135 1.10 -81.50 6.68
C ILE F 135 0.78 -82.84 6.03
N THR F 136 1.76 -83.43 5.35
CA THR F 136 1.50 -84.64 4.58
C THR F 136 1.85 -85.89 5.37
N GLN F 137 3.00 -85.90 6.07
CA GLN F 137 3.51 -87.15 6.63
C GLN F 137 3.04 -87.37 8.07
N GLY F 138 3.40 -86.45 8.96
CA GLY F 138 3.10 -86.65 10.37
C GLY F 138 1.67 -86.31 10.74
N GLU F 139 1.09 -85.33 10.03
CA GLU F 139 -0.27 -84.83 10.22
C GLU F 139 -0.44 -83.99 11.49
N GLU F 140 0.64 -83.48 12.08
CA GLU F 140 0.48 -82.57 13.21
C GLU F 140 1.71 -81.66 13.30
N PHE F 141 1.49 -80.44 13.77
CA PHE F 141 2.57 -79.49 14.03
C PHE F 141 2.06 -78.41 14.96
N ASP F 142 2.91 -77.99 15.90
CA ASP F 142 2.56 -76.94 16.85
C ASP F 142 3.26 -75.65 16.44
N LEU F 143 2.49 -74.57 16.29
CA LEU F 143 3.01 -73.32 15.78
C LEU F 143 2.86 -72.14 16.70
N SER F 144 2.05 -72.25 17.76
CA SER F 144 1.83 -71.10 18.65
C SER F 144 3.11 -70.71 19.38
N LYS F 145 3.89 -71.72 19.81
CA LYS F 145 5.15 -71.43 20.50
C LYS F 145 6.11 -70.66 19.59
N GLN F 146 6.25 -71.11 18.34
CA GLN F 146 7.11 -70.42 17.39
C GLN F 146 6.57 -69.02 17.09
N ILE F 147 5.25 -68.87 17.04
CA ILE F 147 4.66 -67.55 16.81
C ILE F 147 5.01 -66.60 17.96
N ALA F 148 4.95 -67.09 19.19
CA ALA F 148 5.32 -66.25 20.33
C ALA F 148 6.80 -65.87 20.27
N ILE F 149 7.66 -66.83 19.92
CA ILE F 149 9.08 -66.52 19.80
C ILE F 149 9.31 -65.47 18.71
N LEU F 150 8.59 -65.60 17.59
CA LEU F 150 8.73 -64.64 16.51
C LEU F 150 8.26 -63.25 16.94
N GLN F 151 7.16 -63.19 17.69
CA GLN F 151 6.69 -61.90 18.20
C GLN F 151 7.73 -61.27 19.12
N GLN F 152 8.36 -62.06 19.99
CA GLN F 152 9.41 -61.52 20.84
C GLN F 152 10.59 -61.02 20.01
N LEU F 153 10.94 -61.74 18.95
CA LEU F 153 12.03 -61.34 18.07
C LEU F 153 11.78 -59.96 17.48
N PHE F 154 10.57 -59.72 16.98
CA PHE F 154 10.20 -58.40 16.48
C PHE F 154 10.20 -57.37 17.59
N ARG F 155 9.76 -57.76 18.79
CA ARG F 155 9.72 -56.84 19.92
C ARG F 155 11.11 -56.32 20.25
N ASN F 156 12.13 -57.18 20.13
CA ASN F 156 13.48 -56.81 20.51
C ASN F 156 14.30 -56.24 19.34
N SER F 157 13.66 -55.59 18.38
CA SER F 157 14.35 -55.00 17.24
C SER F 157 14.40 -53.48 17.37
N VAL F 158 15.21 -52.87 16.50
CA VAL F 158 15.28 -51.41 16.47
C VAL F 158 13.98 -50.83 15.97
N TYR F 159 13.33 -51.47 15.00
CA TYR F 159 11.99 -51.06 14.58
C TYR F 159 10.93 -51.50 15.56
N GLY F 160 11.26 -52.36 16.53
CA GLY F 160 10.29 -52.84 17.50
C GLY F 160 10.20 -51.91 18.69
N GLY F 161 8.98 -51.49 19.01
CA GLY F 161 8.75 -50.58 20.10
C GLY F 161 7.40 -49.92 19.96
N PRO F 162 6.73 -49.67 21.09
CA PRO F 162 5.37 -49.12 21.03
C PRO F 162 5.30 -47.75 20.38
N THR F 163 6.05 -46.79 20.92
CA THR F 163 6.05 -45.44 20.35
C THR F 163 6.63 -45.43 18.95
N VAL F 164 7.73 -46.17 18.74
CA VAL F 164 8.39 -46.18 17.44
C VAL F 164 7.45 -46.74 16.38
N TYR F 165 6.82 -47.87 16.66
CA TYR F 165 5.93 -48.47 15.68
C TYR F 165 4.68 -47.64 15.49
N ALA F 166 4.16 -47.01 16.54
CA ALA F 166 3.01 -46.13 16.37
C ALA F 166 3.34 -44.98 15.44
N LEU F 167 4.51 -44.37 15.62
CA LEU F 167 4.92 -43.28 14.74
C LEU F 167 5.11 -43.77 13.31
N LEU F 168 5.71 -44.96 13.15
CA LEU F 168 5.89 -45.50 11.80
C LEU F 168 4.56 -45.77 11.12
N ARG F 169 3.60 -46.32 11.87
CA ARG F 169 2.28 -46.59 11.30
C ARG F 169 1.58 -45.30 10.90
N THR F 170 1.66 -44.27 11.76
CA THR F 170 1.05 -42.99 11.41
C THR F 170 1.70 -42.39 10.17
N ALA F 171 3.03 -42.47 10.07
CA ALA F 171 3.71 -41.94 8.90
C ALA F 171 3.32 -42.69 7.63
N ASN F 172 3.20 -44.02 7.73
CA ASN F 172 2.76 -44.80 6.57
C ASN F 172 1.34 -44.43 6.18
N GLU F 173 0.46 -44.23 7.16
CA GLU F 173 -0.91 -43.81 6.87
C GLU F 173 -0.96 -42.44 6.21
N LYS F 174 -0.04 -41.54 6.55
CA LYS F 174 0.02 -40.23 5.93
C LYS F 174 0.97 -40.17 4.74
N HIS F 175 1.56 -41.31 4.34
CA HIS F 175 2.47 -41.38 3.20
C HIS F 175 3.64 -40.40 3.34
N ILE F 176 4.30 -40.44 4.49
CA ILE F 176 5.44 -39.60 4.80
C ILE F 176 6.69 -40.48 4.80
N PRO F 177 7.72 -40.15 4.03
CA PRO F 177 8.92 -40.99 4.01
C PRO F 177 9.43 -41.06 5.45
N ALA F 178 10.01 -42.14 5.82
CA ALA F 178 10.94 -42.30 6.94
C ALA F 178 11.91 -43.46 6.80
N PHE F 179 13.13 -43.29 7.30
CA PHE F 179 14.11 -44.37 7.21
C PHE F 179 15.08 -44.27 8.37
N TYR F 180 15.73 -45.39 8.67
CA TYR F 180 16.64 -45.49 9.80
C TYR F 180 18.05 -45.10 9.40
N LEU F 181 18.72 -44.35 10.25
CA LEU F 181 20.11 -43.93 10.05
C LEU F 181 20.99 -44.61 11.08
N TRP F 182 21.91 -45.45 10.60
CA TRP F 182 22.89 -46.09 11.46
C TRP F 182 23.98 -45.08 11.80
N ASP F 183 25.04 -45.53 12.46
CA ASP F 183 26.11 -44.66 12.95
C ASP F 183 25.55 -43.66 13.95
N GLU F 184 24.71 -42.74 13.48
CA GLU F 184 23.98 -41.87 14.40
C GLU F 184 22.99 -42.68 15.23
N GLY F 185 22.21 -43.54 14.57
CA GLY F 185 21.23 -44.35 15.26
C GLY F 185 19.94 -43.61 15.52
N LEU F 186 19.32 -43.07 14.47
CA LEU F 186 18.09 -42.30 14.62
C LEU F 186 17.13 -42.67 13.50
N MET F 187 16.03 -41.95 13.42
CA MET F 187 15.05 -42.09 12.35
C MET F 187 14.80 -40.75 11.71
N GLN F 188 14.73 -40.73 10.37
CA GLN F 188 14.55 -39.50 9.63
C GLN F 188 13.37 -39.41 8.67
N TYR F 189 12.53 -38.39 8.88
CA TYR F 189 11.14 -38.29 8.42
C TYR F 189 10.94 -37.54 7.12
N GLY F 190 12.01 -37.15 6.44
CA GLY F 190 11.87 -36.24 5.32
C GLY F 190 13.06 -36.30 4.39
N TYR F 191 13.03 -35.41 3.40
CA TYR F 191 14.06 -35.32 2.38
C TYR F 191 14.63 -33.91 2.34
N GLY F 192 15.95 -33.81 2.34
CA GLY F 192 16.59 -32.53 2.13
C GLY F 192 16.30 -31.54 3.25
N LYS F 193 15.95 -30.32 2.87
CA LYS F 193 15.74 -29.26 3.86
C LYS F 193 14.50 -29.51 4.71
N GLN F 194 13.53 -30.26 4.19
CA GLN F 194 12.33 -30.61 4.96
C GLN F 194 12.57 -31.95 5.66
N GLN F 195 13.41 -31.91 6.69
CA GLN F 195 13.81 -33.12 7.38
C GLN F 195 13.66 -32.93 8.89
N VAL F 196 13.36 -34.03 9.58
CA VAL F 196 13.26 -34.06 11.02
C VAL F 196 13.91 -35.35 11.51
N ARG F 197 14.75 -35.26 12.54
CA ARG F 197 15.40 -36.42 13.13
C ARG F 197 15.04 -36.51 14.60
N GLY F 198 14.99 -37.73 15.12
CA GLY F 198 14.72 -37.92 16.53
C GLY F 198 14.66 -39.39 16.86
N ILE F 199 14.69 -39.66 18.17
CA ILE F 199 14.59 -41.01 18.71
C ILE F 199 13.46 -41.02 19.73
N ALA F 200 12.49 -41.93 19.55
CA ALA F 200 11.32 -42.06 20.41
C ALA F 200 10.57 -40.73 20.38
N THR F 201 10.35 -40.07 21.51
CA THR F 201 9.65 -38.79 21.55
C THR F 201 10.57 -37.59 21.55
N THR F 202 11.89 -37.80 21.59
CA THR F 202 12.84 -36.70 21.55
C THR F 202 13.18 -36.36 20.10
N PHE F 203 13.30 -35.07 19.83
CA PHE F 203 13.58 -34.59 18.48
C PHE F 203 14.74 -33.62 18.51
N ASP F 204 15.21 -33.24 17.31
CA ASP F 204 16.38 -32.39 17.19
C ASP F 204 16.09 -30.92 17.45
N VAL F 205 14.83 -30.53 17.57
CA VAL F 205 14.47 -29.14 17.85
C VAL F 205 14.29 -28.90 19.35
N ASP F 206 14.74 -29.83 20.19
CA ASP F 206 14.62 -29.69 21.63
C ASP F 206 15.93 -29.16 22.20
N SER F 207 15.82 -28.15 23.07
CA SER F 207 16.98 -27.47 23.60
C SER F 207 17.78 -28.35 24.55
N HIS F 208 19.09 -28.15 24.55
CA HIS F 208 19.98 -28.87 25.46
C HIS F 208 19.93 -28.32 26.88
N ILE F 209 19.49 -27.08 27.05
CA ILE F 209 19.47 -26.44 28.37
C ILE F 209 18.22 -26.81 29.14
N ASP F 210 17.06 -26.76 28.49
CA ASP F 210 15.80 -27.06 29.17
C ASP F 210 15.75 -28.50 29.66
N SER F 211 16.23 -29.43 28.84
CA SER F 211 16.23 -30.84 29.25
C SER F 211 17.10 -31.06 30.46
N ASP F 212 18.27 -30.43 30.50
CA ASP F 212 19.14 -30.53 31.67
C ASP F 212 18.50 -29.89 32.89
N PHE F 213 17.83 -28.75 32.70
CA PHE F 213 17.21 -28.07 33.83
C PHE F 213 16.06 -28.87 34.41
N THR F 214 15.32 -29.60 33.56
CA THR F 214 14.15 -30.32 34.01
C THR F 214 14.49 -31.36 35.08
N THR F 215 15.70 -31.91 35.05
CA THR F 215 16.10 -32.95 35.98
C THR F 215 16.70 -32.41 37.27
N GLN F 216 16.68 -31.09 37.48
CA GLN F 216 17.25 -30.51 38.69
C GLN F 216 16.35 -30.66 39.91
N LYS F 217 15.05 -30.87 39.71
CA LYS F 217 14.10 -31.15 40.77
C LYS F 217 13.94 -29.99 41.75
N ASP F 218 14.97 -29.72 42.56
CA ASP F 218 14.85 -28.70 43.60
C ASP F 218 14.75 -27.31 43.01
N ASP F 219 15.72 -26.93 42.18
CA ASP F 219 15.68 -25.62 41.55
C ASP F 219 14.45 -25.47 40.66
N CYS F 220 14.02 -26.55 40.01
CA CYS F 220 12.79 -26.50 39.24
C CYS F 220 11.60 -26.20 40.15
N LYS F 221 11.55 -26.81 41.33
CA LYS F 221 10.47 -26.53 42.26
C LYS F 221 10.47 -25.08 42.71
N LYS F 222 11.65 -24.54 43.02
CA LYS F 222 11.73 -23.13 43.43
C LYS F 222 11.31 -22.21 42.29
N PHE F 223 11.75 -22.50 41.07
CA PHE F 223 11.37 -21.68 39.93
C PHE F 223 9.86 -21.73 39.70
N LEU F 224 9.25 -22.91 39.86
CA LEU F 224 7.81 -23.01 39.70
C LEU F 224 7.06 -22.28 40.81
N GLN F 225 7.58 -22.32 42.04
CA GLN F 225 6.88 -21.67 43.14
C GLN F 225 7.02 -20.15 43.08
N GLU F 226 8.09 -19.64 42.48
CA GLU F 226 8.25 -18.19 42.37
C GLU F 226 7.28 -17.55 41.39
N LEU F 227 6.57 -18.33 40.59
CA LEU F 227 5.57 -17.81 39.67
C LEU F 227 4.15 -17.96 40.20
N GLY F 228 4.01 -18.32 41.48
CA GLY F 228 2.70 -18.45 42.08
C GLY F 228 1.95 -19.73 41.78
N PHE F 229 2.63 -20.75 41.30
CA PHE F 229 1.95 -22.00 40.98
C PHE F 229 1.76 -22.86 42.24
N PRO F 230 0.70 -23.66 42.29
CA PRO F 230 0.48 -24.55 43.44
C PRO F 230 1.44 -25.74 43.40
N VAL F 231 2.42 -25.73 44.29
CA VAL F 231 3.45 -26.77 44.35
C VAL F 231 3.52 -27.22 45.80
N PRO F 232 4.07 -28.39 46.10
CA PRO F 232 4.18 -28.79 47.52
C PRO F 232 5.30 -28.03 48.21
N GLN F 233 4.89 -27.01 48.96
CA GLN F 233 5.78 -25.98 49.48
C GLN F 233 6.68 -26.47 50.60
N GLY F 234 6.12 -27.23 51.55
CA GLY F 234 6.93 -27.85 52.59
C GLY F 234 7.43 -26.94 53.70
N ASP F 235 8.23 -25.94 53.35
CA ASP F 235 8.99 -25.10 54.27
C ASP F 235 9.48 -25.93 55.45
N VAL F 236 10.23 -27.00 55.16
CA VAL F 236 10.83 -27.89 56.15
C VAL F 236 9.78 -28.48 57.11
N VAL F 237 10.15 -28.71 58.36
CA VAL F 237 9.26 -29.31 59.34
C VAL F 237 9.33 -28.38 60.54
N PHE F 238 10.35 -27.52 60.57
CA PHE F 238 10.65 -26.71 61.76
C PHE F 238 9.63 -25.88 62.52
N SER F 239 9.50 -26.14 63.82
CA SER F 239 8.56 -25.45 64.69
C SER F 239 9.20 -24.46 65.63
N LEU F 240 8.49 -23.39 65.97
CA LEU F 240 8.96 -22.33 66.86
C LEU F 240 7.81 -22.10 67.83
N ALA F 241 7.40 -23.17 68.52
CA ALA F 241 6.20 -23.16 69.38
C ALA F 241 5.04 -22.60 68.56
N GLU F 242 4.46 -21.46 68.94
CA GLU F 242 3.43 -20.82 68.11
C GLU F 242 4.21 -20.00 67.07
N ALA F 243 4.70 -20.72 66.05
CA ALA F 243 5.34 -20.04 64.94
C ALA F 243 4.12 -19.46 64.25
N LYS F 244 3.29 -20.33 63.66
CA LYS F 244 2.06 -20.03 62.92
C LYS F 244 2.23 -18.82 62.01
N GLU F 245 1.26 -17.89 62.05
CA GLU F 245 1.32 -16.58 61.39
C GLU F 245 1.85 -16.80 59.98
N VAL F 246 2.86 -16.04 59.53
CA VAL F 246 3.36 -16.16 58.17
C VAL F 246 3.82 -17.57 57.83
N ALA F 247 4.48 -18.23 58.78
CA ALA F 247 4.90 -19.62 58.56
C ALA F 247 3.69 -20.48 58.22
N ALA F 248 2.58 -20.29 58.94
CA ALA F 248 1.34 -20.93 58.54
C ALA F 248 0.66 -20.24 57.35
N GLU F 249 0.90 -18.94 57.16
CA GLU F 249 0.31 -18.21 56.05
C GLU F 249 1.13 -18.43 54.78
N ILE F 250 1.21 -19.70 54.39
CA ILE F 250 1.80 -20.08 53.10
C ILE F 250 0.71 -20.03 52.04
N GLY F 251 -0.49 -20.51 52.34
CA GLY F 251 -1.58 -20.46 51.38
C GLY F 251 -2.92 -20.70 52.03
N TYR F 252 -3.95 -20.53 51.31
CA TYR F 252 -5.36 -20.77 51.60
C TYR F 252 -5.72 -22.20 51.97
N PRO F 253 -6.49 -22.43 53.07
CA PRO F 253 -6.53 -23.74 53.71
C PRO F 253 -5.16 -24.35 54.02
N VAL F 254 -4.36 -23.60 54.78
CA VAL F 254 -2.99 -23.98 55.13
C VAL F 254 -2.88 -25.45 55.55
N ALA F 255 -3.83 -25.91 56.38
CA ALA F 255 -3.97 -27.32 56.71
C ALA F 255 -2.72 -28.10 57.03
N VAL F 256 -1.91 -27.59 57.97
CA VAL F 256 -0.72 -28.33 58.37
C VAL F 256 -1.08 -29.78 58.71
N LYS F 257 -0.42 -30.72 58.04
CA LYS F 257 -0.75 -32.13 58.18
C LYS F 257 0.20 -32.66 59.24
N PRO F 258 -0.34 -33.29 60.29
CA PRO F 258 0.54 -33.82 61.33
C PRO F 258 1.17 -35.19 61.45
N VAL F 259 2.26 -35.36 60.67
CA VAL F 259 3.15 -36.51 60.86
C VAL F 259 4.09 -36.72 62.04
N ALA F 260 4.95 -35.76 62.28
CA ALA F 260 5.85 -35.71 63.43
C ALA F 260 6.48 -37.08 63.60
N GLY F 261 6.37 -37.67 64.77
CA GLY F 261 6.75 -39.05 64.98
C GLY F 261 5.46 -39.61 64.41
N HIS F 262 5.59 -40.52 63.47
CA HIS F 262 4.48 -41.35 62.97
C HIS F 262 3.14 -40.89 62.38
N LYS F 263 2.04 -41.48 62.83
CA LYS F 263 0.69 -41.11 62.31
C LYS F 263 -0.20 -39.87 62.33
N GLY F 264 -0.23 -39.12 63.38
CA GLY F 264 -1.26 -38.04 63.35
C GLY F 264 -2.23 -36.86 63.34
N ILE F 265 -3.52 -37.02 62.87
CA ILE F 265 -4.54 -35.90 62.69
C ILE F 265 -4.56 -34.53 61.99
N GLY F 266 -4.87 -33.32 62.59
CA GLY F 266 -4.86 -32.03 61.95
C GLY F 266 -5.68 -32.13 60.68
N VAL F 267 -5.12 -31.61 59.58
CA VAL F 267 -5.73 -31.56 58.25
C VAL F 267 -7.07 -30.84 58.29
N THR F 268 -7.26 -30.00 59.32
CA THR F 268 -8.51 -29.27 59.47
C THR F 268 -8.27 -27.78 59.68
N ALA F 269 -7.18 -27.21 59.16
CA ALA F 269 -6.94 -25.78 59.24
C ALA F 269 -7.50 -25.13 57.99
N ASP F 270 -8.32 -25.86 57.23
CA ASP F 270 -9.04 -25.26 56.10
C ASP F 270 -9.78 -24.02 56.55
N VAL F 271 -10.35 -24.07 57.75
CA VAL F 271 -10.79 -22.85 58.43
C VAL F 271 -9.53 -22.11 58.89
N GLN F 272 -9.36 -20.89 58.40
CA GLN F 272 -8.11 -20.16 58.60
C GLN F 272 -8.04 -19.59 60.02
N ASP F 273 -9.07 -19.86 60.82
CA ASP F 273 -9.12 -19.42 62.21
C ASP F 273 -7.83 -19.77 62.95
N GLU F 274 -7.12 -18.73 63.41
CA GLU F 274 -5.87 -18.93 64.14
C GLU F 274 -6.12 -19.68 65.44
N ILE F 275 -7.27 -19.42 66.08
CA ILE F 275 -7.59 -20.09 67.33
C ILE F 275 -7.76 -21.59 67.09
N GLU F 276 -8.30 -21.97 65.93
CA GLU F 276 -8.38 -23.38 65.57
C GLU F 276 -7.00 -23.99 65.44
N LEU F 277 -6.06 -23.25 64.86
CA LEU F 277 -4.69 -23.74 64.73
C LEU F 277 -4.05 -23.92 66.10
N GLU F 278 -4.28 -22.96 67.01
CA GLU F 278 -3.76 -23.09 68.37
C GLU F 278 -4.37 -24.29 69.08
N ALA F 279 -5.68 -24.51 68.90
CA ALA F 279 -6.33 -25.65 69.52
C ALA F 279 -5.78 -26.97 68.99
N ALA F 280 -5.55 -27.05 67.67
CA ALA F 280 -4.96 -28.26 67.10
C ALA F 280 -3.52 -28.45 67.55
N TYR F 281 -2.80 -27.34 67.75
CA TYR F 281 -1.41 -27.43 68.21
C TYR F 281 -1.34 -27.90 69.66
N ASP F 282 -2.27 -27.43 70.50
CA ASP F 282 -2.21 -27.76 71.92
C ASP F 282 -2.83 -29.12 72.23
N ARG F 283 -4.04 -29.37 71.72
CA ARG F 283 -4.74 -30.61 72.03
C ARG F 283 -4.09 -31.82 71.37
N ALA F 284 -3.63 -31.67 70.13
CA ALA F 284 -3.14 -32.80 69.35
C ALA F 284 -1.62 -32.96 69.41
N VAL F 285 -0.92 -32.15 70.21
CA VAL F 285 0.50 -32.41 70.41
C VAL F 285 0.76 -33.47 71.47
N ALA F 286 -0.16 -33.85 72.28
CA ALA F 286 -0.31 -35.13 72.96
C ALA F 286 -0.19 -36.41 72.15
N GLY F 287 -0.68 -36.39 70.91
CA GLY F 287 -0.62 -37.55 70.05
C GLY F 287 0.78 -38.04 69.80
N ILE F 288 1.67 -37.12 69.43
CA ILE F 288 3.09 -37.41 69.29
C ILE F 288 3.69 -36.63 70.46
N PRO F 289 4.51 -37.26 71.30
CA PRO F 289 5.03 -36.58 72.49
C PRO F 289 6.18 -35.67 72.06
N LEU F 290 6.71 -34.90 73.01
CA LEU F 290 7.74 -33.92 72.72
C LEU F 290 9.07 -34.56 72.32
N GLU F 291 9.13 -35.88 72.18
CA GLU F 291 10.32 -36.57 71.71
C GLU F 291 10.71 -36.06 70.32
N GLU F 292 9.71 -35.69 69.52
CA GLU F 292 9.93 -35.04 68.25
C GLU F 292 9.69 -33.54 68.47
N LYS F 293 10.55 -32.72 67.87
CA LYS F 293 10.41 -31.27 68.02
C LYS F 293 9.47 -31.00 66.86
N ILE F 294 8.26 -31.42 66.90
CA ILE F 294 6.99 -30.98 66.32
C ILE F 294 7.51 -30.87 64.90
N CYS F 295 8.05 -31.89 64.34
CA CYS F 295 8.48 -31.93 62.94
C CYS F 295 7.23 -32.25 62.12
N ILE F 296 6.51 -31.31 61.66
CA ILE F 296 5.10 -31.26 61.30
C ILE F 296 5.30 -30.72 59.88
N ILE F 297 4.59 -31.41 58.92
CA ILE F 297 4.69 -31.04 57.51
C ILE F 297 3.42 -30.24 57.26
N VAL F 298 3.62 -29.18 56.48
CA VAL F 298 2.47 -28.32 56.12
C VAL F 298 1.16 -28.07 55.39
N GLU F 299 1.02 -28.65 54.21
CA GLU F 299 -0.25 -28.59 53.42
C GLU F 299 -0.26 -30.06 53.01
N ASN F 300 0.76 -30.49 52.29
CA ASN F 300 0.92 -31.86 51.84
C ASN F 300 -0.12 -32.32 50.81
N SER F 301 -1.14 -31.54 50.58
CA SER F 301 -2.08 -31.63 49.46
C SER F 301 -2.43 -33.10 49.28
N ILE F 302 -2.76 -33.78 50.37
CA ILE F 302 -2.95 -35.23 50.32
C ILE F 302 -4.37 -35.47 49.82
N ALA F 303 -4.48 -35.80 48.53
CA ALA F 303 -5.77 -36.10 47.92
C ALA F 303 -5.83 -37.55 47.49
N GLY F 304 -4.68 -38.21 47.35
CA GLY F 304 -4.65 -39.64 47.06
C GLY F 304 -5.07 -40.11 45.69
N HIS F 305 -5.00 -39.22 44.70
CA HIS F 305 -5.52 -39.53 43.37
C HIS F 305 -4.32 -38.91 42.66
N ASP F 306 -3.70 -39.66 41.76
CA ASP F 306 -2.56 -39.21 40.98
C ASP F 306 -2.94 -39.17 39.50
N TYR F 307 -2.67 -38.03 38.86
CA TYR F 307 -2.99 -37.86 37.45
C TYR F 307 -1.75 -37.42 36.69
N ARG F 308 -1.75 -37.71 35.39
CA ARG F 308 -0.68 -37.30 34.48
C ARG F 308 -1.31 -36.58 33.29
N LEU F 309 -0.76 -35.42 32.95
CA LEU F 309 -1.23 -34.61 31.83
C LEU F 309 -0.12 -34.43 30.82
N LEU F 310 -0.49 -34.41 29.54
CA LEU F 310 0.45 -34.32 28.43
C LEU F 310 0.18 -33.05 27.64
N CYS F 311 1.26 -32.33 27.34
CA CYS F 311 1.20 -31.11 26.56
C CYS F 311 2.09 -31.26 25.33
N VAL F 312 1.52 -30.94 24.17
CA VAL F 312 2.24 -31.01 22.89
C VAL F 312 2.14 -29.64 22.22
N ASN F 313 3.28 -29.08 21.88
CA ASN F 313 3.36 -27.80 21.15
C ASN F 313 2.64 -26.69 21.90
N GLY F 314 2.59 -26.78 23.23
CA GLY F 314 1.93 -25.79 24.05
C GLY F 314 0.47 -26.07 24.33
N ARG F 315 -0.16 -26.96 23.59
CA ARG F 315 -1.55 -27.32 23.83
C ARG F 315 -1.63 -28.53 24.75
N PHE F 316 -2.82 -28.74 25.32
CA PHE F 316 -3.06 -29.83 26.25
C PHE F 316 -3.82 -30.94 25.54
N VAL F 317 -3.29 -32.16 25.59
CA VAL F 317 -3.95 -33.31 24.99
C VAL F 317 -3.85 -34.48 25.95
N ALA F 318 -4.99 -35.13 26.21
CA ALA F 318 -5.08 -36.39 26.95
C ALA F 318 -4.75 -36.26 28.43
N ALA F 319 -5.43 -37.05 29.25
CA ALA F 319 -5.15 -37.16 30.67
C ALA F 319 -5.45 -38.58 31.12
N THR F 320 -4.80 -39.00 32.20
CA THR F 320 -4.88 -40.40 32.62
C THR F 320 -4.72 -40.49 34.13
N GLU F 321 -5.55 -41.32 34.76
CA GLU F 321 -5.47 -41.58 36.19
C GLU F 321 -4.91 -42.97 36.42
N ARG F 322 -3.92 -43.07 37.31
CA ARG F 322 -3.20 -44.32 37.55
C ARG F 322 -3.70 -44.94 38.85
N LYS F 323 -4.09 -46.22 38.80
CA LYS F 323 -4.58 -46.92 39.97
C LYS F 323 -3.76 -48.19 40.19
N PRO F 324 -3.27 -48.43 41.40
CA PRO F 324 -2.54 -49.67 41.68
C PRO F 324 -3.45 -50.89 41.72
N ALA F 325 -2.85 -52.08 41.80
CA ALA F 325 -3.61 -53.31 41.86
C ALA F 325 -4.23 -53.50 43.25
N TYR F 326 -5.43 -54.07 43.27
CA TYR F 326 -6.14 -54.33 44.51
C TYR F 326 -6.66 -55.76 44.51
N VAL F 327 -7.16 -56.19 45.66
CA VAL F 327 -7.72 -57.54 45.80
C VAL F 327 -9.07 -57.46 46.51
N VAL F 328 -9.88 -58.49 46.31
CA VAL F 328 -11.19 -58.57 46.96
C VAL F 328 -11.40 -60.02 47.39
N GLY F 329 -12.47 -60.27 48.16
CA GLY F 329 -12.78 -61.61 48.59
C GLY F 329 -12.67 -61.80 50.09
N ASP F 330 -12.96 -63.02 50.52
CA ASP F 330 -13.05 -63.38 51.93
C ASP F 330 -11.69 -63.75 52.52
N GLY F 331 -11.67 -64.16 53.78
CA GLY F 331 -10.47 -64.35 54.55
C GLY F 331 -9.94 -65.74 54.30
N TYR F 332 -9.51 -66.04 53.08
CA TYR F 332 -8.88 -67.33 52.79
C TYR F 332 -7.48 -67.16 53.38
N SER F 333 -6.72 -66.21 52.82
CA SER F 333 -5.36 -65.88 53.24
C SER F 333 -5.23 -64.75 52.24
N THR F 334 -4.19 -63.93 52.37
CA THR F 334 -3.94 -62.81 51.47
C THR F 334 -2.87 -62.97 50.40
N ILE F 335 -1.68 -63.46 50.77
CA ILE F 335 -0.63 -63.66 49.78
C ILE F 335 -0.77 -65.00 49.09
N ALA F 336 -0.43 -64.98 47.94
CA ALA F 336 -0.68 -66.11 47.04
C ALA F 336 -1.90 -66.78 46.39
N GLU F 337 -2.91 -67.23 47.05
CA GLU F 337 -4.17 -67.73 46.52
C GLU F 337 -5.05 -66.78 45.72
N LEU F 338 -5.21 -65.56 46.22
CA LEU F 338 -6.09 -64.58 45.59
C LEU F 338 -5.40 -63.98 44.37
N ILE F 339 -4.12 -63.63 44.50
CA ILE F 339 -3.40 -63.04 43.39
C ILE F 339 -3.25 -64.14 42.34
N GLU F 340 -3.03 -65.45 42.86
CA GLU F 340 -2.83 -66.47 41.85
C GLU F 340 -4.06 -66.73 40.99
N LYS F 341 -5.25 -66.78 41.59
CA LYS F 341 -6.45 -67.04 40.80
C LYS F 341 -6.87 -65.83 39.97
N GLU F 342 -6.65 -64.62 40.48
CA GLU F 342 -6.91 -63.43 39.69
C GLU F 342 -5.88 -63.25 38.58
N ASN F 343 -4.68 -63.83 38.75
CA ASN F 343 -3.74 -63.91 37.64
C ASN F 343 -4.33 -64.72 36.50
N PHE F 344 -5.05 -65.79 36.83
CA PHE F 344 -5.76 -66.61 35.85
C PHE F 344 -7.07 -65.90 35.49
N SER F 345 -6.94 -64.88 34.65
CA SER F 345 -8.07 -64.09 34.19
C SER F 345 -7.98 -63.91 32.69
N PRO F 346 -9.12 -63.82 32.00
CA PRO F 346 -9.08 -63.67 30.54
C PRO F 346 -8.41 -62.39 30.08
N ASN F 347 -8.57 -61.29 30.81
CA ASN F 347 -7.99 -60.01 30.42
C ASN F 347 -6.53 -59.87 30.79
N ARG F 348 -6.03 -60.66 31.73
CA ARG F 348 -4.64 -60.55 32.20
C ARG F 348 -3.75 -61.59 31.49
N SER F 349 -3.58 -61.38 30.19
CA SER F 349 -2.77 -62.25 29.36
C SER F 349 -1.44 -61.60 29.04
N ASP F 350 -0.53 -62.41 28.49
CA ASP F 350 0.78 -61.92 28.05
C ASP F 350 0.79 -61.48 26.60
N THR F 351 -0.28 -61.70 25.86
CA THR F 351 -0.35 -61.24 24.49
C THR F 351 -0.36 -59.72 24.45
N PRO F 352 0.29 -59.10 23.46
CA PRO F 352 0.25 -57.63 23.37
C PRO F 352 -1.16 -57.06 23.25
N THR F 353 -2.14 -57.86 22.83
CA THR F 353 -3.52 -57.41 22.79
C THR F 353 -4.15 -57.32 24.18
N SER F 354 -3.50 -57.86 25.21
CA SER F 354 -4.06 -57.81 26.55
C SER F 354 -3.94 -56.40 27.13
N PRO F 355 -4.96 -55.93 27.85
CA PRO F 355 -4.89 -54.57 28.42
C PRO F 355 -3.74 -54.38 29.40
N MET F 356 -3.40 -55.38 30.20
CA MET F 356 -2.39 -55.22 31.23
C MET F 356 -1.76 -56.57 31.56
N GLY F 357 -0.63 -56.51 32.26
CA GLY F 357 0.12 -57.70 32.62
C GLY F 357 -0.27 -58.25 33.99
N LYS F 358 0.70 -59.04 34.47
CA LYS F 358 0.44 -59.74 35.72
C LYS F 358 0.75 -58.85 36.92
N ILE F 359 0.29 -59.38 38.16
CA ILE F 359 0.49 -58.62 39.38
C ILE F 359 1.98 -58.45 39.66
N ARG F 360 2.74 -59.55 39.56
CA ARG F 360 4.20 -59.50 39.63
C ARG F 360 4.70 -58.86 40.92
N THR F 361 4.39 -59.50 42.04
CA THR F 361 4.81 -58.99 43.34
C THR F 361 6.34 -59.03 43.48
N ASP F 362 6.86 -58.09 44.25
CA ASP F 362 8.30 -57.92 44.47
C ASP F 362 8.54 -57.73 45.97
N GLU F 363 9.76 -57.28 46.29
CA GLU F 363 10.16 -57.08 47.68
C GLU F 363 9.77 -55.71 48.21
N ALA F 364 9.77 -54.66 47.37
CA ALA F 364 9.31 -53.35 47.84
C ALA F 364 7.83 -53.38 48.18
N MET F 365 7.07 -54.21 47.46
CA MET F 365 5.68 -54.45 47.83
C MET F 365 5.61 -54.98 49.25
N HIS F 366 6.37 -56.04 49.55
CA HIS F 366 6.39 -56.56 50.91
C HIS F 366 6.86 -55.55 51.93
N LEU F 367 7.78 -54.66 51.54
CA LEU F 367 8.22 -53.59 52.44
C LEU F 367 7.06 -52.66 52.77
N TYR F 368 6.25 -52.31 51.76
CA TYR F 368 5.06 -51.51 52.02
C TYR F 368 4.07 -52.26 52.90
N LEU F 369 3.87 -53.56 52.64
CA LEU F 369 2.96 -54.36 53.45
C LEU F 369 3.38 -54.38 54.91
N GLU F 370 4.67 -54.57 55.18
CA GLU F 370 5.14 -54.56 56.56
C GLU F 370 5.19 -53.15 57.14
N GLU F 371 5.22 -52.12 56.29
CA GLU F 371 5.20 -50.75 56.79
C GLU F 371 3.89 -50.43 57.49
N GLN F 372 2.77 -50.88 56.93
CA GLN F 372 1.46 -50.67 57.53
C GLN F 372 1.07 -51.81 58.46
N GLY F 373 1.63 -53.00 58.27
CA GLY F 373 1.22 -54.14 59.06
C GLY F 373 0.04 -54.88 58.51
N LEU F 374 -0.09 -54.98 57.18
CA LEU F 374 -1.21 -55.68 56.57
C LEU F 374 -1.06 -57.19 56.60
N ASP F 375 0.04 -57.71 57.16
CA ASP F 375 0.27 -59.14 57.33
C ASP F 375 0.46 -59.82 55.98
N LEU F 376 0.73 -61.13 55.98
CA LEU F 376 0.92 -61.91 54.77
C LEU F 376 -0.24 -62.84 54.51
N ASP F 377 -0.59 -63.69 55.48
CA ASP F 377 -1.75 -64.57 55.38
C ASP F 377 -2.77 -64.13 56.43
N SER F 378 -3.61 -63.17 56.02
CA SER F 378 -4.55 -62.53 56.93
C SER F 378 -5.94 -63.14 56.82
N VAL F 379 -6.87 -62.64 57.65
CA VAL F 379 -8.26 -63.08 57.62
C VAL F 379 -9.15 -61.85 57.45
N ILE F 380 -9.65 -61.65 56.23
CA ILE F 380 -10.36 -60.43 55.85
C ILE F 380 -11.76 -60.82 55.36
N ASP F 381 -12.39 -61.78 56.05
CA ASP F 381 -13.57 -62.43 55.50
C ASP F 381 -14.72 -61.43 55.41
N ARG F 382 -14.81 -60.78 54.25
CA ARG F 382 -15.79 -59.76 53.91
C ARG F 382 -15.59 -59.42 52.44
N ASP F 383 -16.33 -58.45 51.92
CA ASP F 383 -16.06 -57.91 50.60
C ASP F 383 -15.05 -56.77 50.65
N ARG F 384 -14.32 -56.66 51.76
CA ARG F 384 -13.32 -55.60 51.96
C ARG F 384 -12.23 -55.64 50.91
N THR F 385 -12.01 -54.51 50.23
CA THR F 385 -10.93 -54.40 49.25
C THR F 385 -9.67 -53.86 49.90
N ILE F 386 -8.52 -54.38 49.46
CA ILE F 386 -7.23 -53.99 50.01
C ILE F 386 -6.31 -53.60 48.86
N TYR F 387 -5.66 -52.46 49.00
CA TYR F 387 -4.69 -51.99 48.01
C TYR F 387 -3.29 -52.41 48.44
N LEU F 388 -2.57 -53.06 47.53
CA LEU F 388 -1.31 -53.69 47.87
C LEU F 388 -0.09 -52.81 47.58
N ARG F 389 -0.26 -51.66 46.94
CA ARG F 389 0.88 -50.84 46.58
C ARG F 389 0.43 -49.38 46.49
N LYS F 390 1.34 -48.47 46.85
CA LYS F 390 1.03 -47.04 46.84
C LYS F 390 1.32 -46.41 45.47
N VAL F 391 2.54 -46.58 44.97
CA VAL F 391 2.91 -46.04 43.67
C VAL F 391 2.51 -47.03 42.58
N ALA F 392 1.68 -46.58 41.64
CA ALA F 392 1.11 -47.45 40.62
C ALA F 392 2.17 -47.71 39.55
N ASN F 393 2.90 -48.82 39.72
CA ASN F 393 3.87 -49.25 38.73
C ASN F 393 3.15 -49.99 37.60
N LEU F 394 3.19 -49.43 36.40
CA LEU F 394 2.45 -49.98 35.27
C LEU F 394 2.97 -51.35 34.84
N SER F 395 4.18 -51.73 35.22
CA SER F 395 4.76 -53.01 34.86
C SER F 395 4.50 -54.09 35.90
N SER F 396 3.80 -53.77 37.00
CA SER F 396 3.54 -54.72 38.07
C SER F 396 2.05 -54.69 38.43
N GLY F 397 1.20 -54.72 37.41
CA GLY F 397 -0.22 -54.82 37.62
C GLY F 397 -0.97 -53.50 37.74
N GLY F 398 -0.27 -52.39 37.96
CA GLY F 398 -0.94 -51.10 38.03
C GLY F 398 -1.54 -50.76 36.69
N PHE F 399 -2.77 -50.23 36.71
CA PHE F 399 -3.50 -49.93 35.49
C PHE F 399 -3.85 -48.45 35.41
N SER F 400 -4.43 -48.06 34.28
CA SER F 400 -4.72 -46.68 33.97
C SER F 400 -6.15 -46.54 33.45
N ILE F 401 -6.73 -45.37 33.70
CA ILE F 401 -8.10 -45.06 33.30
C ILE F 401 -8.11 -43.70 32.62
N ASP F 402 -8.86 -43.58 31.53
CA ASP F 402 -8.98 -42.32 30.82
C ASP F 402 -9.71 -41.29 31.68
N ALA F 403 -9.22 -40.05 31.65
CA ALA F 403 -9.85 -38.95 32.36
C ALA F 403 -9.82 -37.67 31.53
N THR F 404 -9.87 -37.79 30.21
CA THR F 404 -9.67 -36.63 29.35
C THR F 404 -10.90 -35.73 29.29
N ASN F 405 -12.11 -36.30 29.38
CA ASN F 405 -13.33 -35.56 29.12
C ASN F 405 -14.00 -35.04 30.39
N ARG F 406 -13.26 -34.89 31.48
CA ARG F 406 -13.86 -34.43 32.74
C ARG F 406 -12.97 -33.40 33.44
N VAL F 407 -12.16 -32.67 32.68
CA VAL F 407 -11.19 -31.73 33.25
C VAL F 407 -11.80 -30.33 33.25
N HIS F 408 -11.66 -29.65 34.38
CA HIS F 408 -12.12 -28.26 34.47
C HIS F 408 -11.22 -27.36 33.64
N PRO F 409 -11.80 -26.33 33.01
CA PRO F 409 -10.97 -25.44 32.15
C PRO F 409 -9.85 -24.74 32.89
N ASP F 410 -10.00 -24.46 34.18
CA ASP F 410 -8.95 -23.76 34.92
C ASP F 410 -7.67 -24.59 34.98
N ASN F 411 -7.80 -25.90 35.20
CA ASN F 411 -6.63 -26.77 35.21
C ASN F 411 -5.98 -26.82 33.83
N ILE F 412 -6.78 -26.80 32.77
CA ILE F 412 -6.22 -26.77 31.42
C ILE F 412 -5.43 -25.49 31.20
N ILE F 413 -5.97 -24.36 31.64
CA ILE F 413 -5.26 -23.09 31.51
C ILE F 413 -3.95 -23.12 32.30
N LEU F 414 -3.99 -23.66 33.51
CA LEU F 414 -2.77 -23.76 34.31
C LEU F 414 -1.72 -24.63 33.63
N ALA F 415 -2.15 -25.76 33.08
CA ALA F 415 -1.21 -26.65 32.40
C ALA F 415 -0.60 -25.98 31.18
N GLN F 416 -1.41 -25.27 30.40
CA GLN F 416 -0.88 -24.59 29.22
C GLN F 416 0.09 -23.49 29.62
N ASP F 417 -0.22 -22.75 30.69
CA ASP F 417 0.67 -21.71 31.15
C ASP F 417 2.01 -22.28 31.62
N ILE F 418 1.98 -23.41 32.33
CA ILE F 418 3.22 -24.05 32.73
C ILE F 418 4.00 -24.53 31.50
N ALA F 419 3.29 -25.09 30.52
CA ALA F 419 3.96 -25.65 29.35
C ALA F 419 4.64 -24.57 28.53
N GLN F 420 4.01 -23.40 28.40
CA GLN F 420 4.57 -22.36 27.54
C GLN F 420 5.69 -21.61 28.23
N HIS F 421 6.68 -22.34 28.76
CA HIS F 421 7.86 -21.73 29.35
C HIS F 421 9.15 -22.46 28.98
N PHE F 422 9.08 -23.55 28.23
CA PHE F 422 10.25 -24.33 27.84
C PHE F 422 10.22 -24.53 26.34
N ARG F 423 11.39 -24.83 25.77
CA ARG F 423 11.53 -25.02 24.34
C ARG F 423 11.49 -26.49 23.94
N LEU F 424 10.73 -27.30 24.68
CA LEU F 424 10.53 -28.71 24.36
C LEU F 424 9.24 -28.89 23.58
N THR F 425 9.08 -30.08 23.00
CA THR F 425 7.91 -30.38 22.19
C THR F 425 6.84 -31.15 22.96
N CYS F 426 7.23 -32.10 23.82
CA CYS F 426 6.29 -32.88 24.60
C CYS F 426 6.65 -32.74 26.07
N LEU F 427 5.67 -32.42 26.90
CA LEU F 427 5.87 -32.23 28.32
C LEU F 427 4.85 -33.03 29.11
N GLY F 428 5.30 -33.65 30.21
CA GLY F 428 4.40 -34.42 31.04
C GLY F 428 4.40 -33.97 32.48
N ILE F 429 3.24 -33.61 33.02
CA ILE F 429 3.13 -33.06 34.36
C ILE F 429 2.29 -34.00 35.21
N ASP F 430 2.77 -34.34 36.41
CA ASP F 430 1.99 -35.16 37.32
C ASP F 430 1.43 -34.32 38.46
N ILE F 431 0.17 -34.58 38.80
CA ILE F 431 -0.54 -33.81 39.81
C ILE F 431 -1.26 -34.75 40.77
N ILE F 432 -1.62 -34.20 41.93
CA ILE F 432 -2.42 -34.89 42.93
C ILE F 432 -3.61 -33.99 43.26
N THR F 433 -4.82 -34.46 42.97
CA THR F 433 -6.02 -33.67 43.14
C THR F 433 -7.14 -34.51 43.74
N ASN F 434 -8.07 -33.83 44.41
CA ASN F 434 -9.22 -34.52 44.99
C ASN F 434 -10.31 -34.75 43.95
N ASP F 435 -10.62 -33.74 43.16
CA ASP F 435 -11.63 -33.85 42.12
C ASP F 435 -11.20 -32.99 40.95
N ILE F 436 -10.87 -33.64 39.83
CA ILE F 436 -10.45 -32.90 38.63
C ILE F 436 -11.56 -32.09 38.01
N GLY F 437 -12.80 -32.29 38.45
CA GLY F 437 -13.91 -31.51 37.90
C GLY F 437 -14.09 -30.14 38.50
N ARG F 438 -13.34 -29.81 39.55
CA ARG F 438 -13.45 -28.52 40.22
C ARG F 438 -12.19 -27.70 40.01
N SER F 439 -12.30 -26.40 40.23
CA SER F 439 -11.16 -25.51 40.09
C SER F 439 -10.11 -25.82 41.15
N TRP F 440 -8.85 -25.53 40.83
CA TRP F 440 -7.76 -25.74 41.76
C TRP F 440 -7.71 -24.70 42.86
N LYS F 441 -8.46 -23.61 42.73
CA LYS F 441 -8.43 -22.57 43.75
C LYS F 441 -9.18 -23.00 45.01
N GLU F 442 -10.31 -23.66 44.85
CA GLU F 442 -11.13 -24.09 45.97
C GLU F 442 -10.91 -25.56 46.35
N THR F 443 -9.95 -26.22 45.71
CA THR F 443 -9.68 -27.63 45.95
C THR F 443 -8.20 -27.82 46.23
N SER F 444 -7.87 -28.70 47.16
CA SER F 444 -6.48 -29.01 47.43
C SER F 444 -5.79 -29.53 46.18
N PHE F 445 -4.62 -28.98 45.88
CA PHE F 445 -3.94 -29.24 44.63
C PHE F 445 -2.43 -29.29 44.87
N GLY F 446 -1.73 -29.93 43.95
CA GLY F 446 -0.29 -30.02 44.04
C GLY F 446 0.33 -30.40 42.72
N ILE F 447 1.57 -29.98 42.53
CA ILE F 447 2.35 -30.32 41.33
C ILE F 447 3.66 -30.93 41.80
N ILE F 448 3.91 -32.18 41.41
CA ILE F 448 5.08 -32.90 41.90
C ILE F 448 6.23 -32.81 40.91
N GLU F 449 6.02 -33.33 39.70
CA GLU F 449 7.10 -33.45 38.74
C GLU F 449 6.65 -33.07 37.33
N ILE F 450 7.61 -32.58 36.55
CA ILE F 450 7.47 -32.37 35.13
C ILE F 450 8.61 -33.10 34.43
N ASN F 451 8.30 -33.71 33.28
CA ASN F 451 9.25 -34.54 32.55
C ASN F 451 9.27 -34.13 31.09
N ALA F 452 10.46 -34.14 30.50
CA ALA F 452 10.66 -33.71 29.13
C ALA F 452 10.59 -34.83 28.11
N ALA F 453 10.65 -36.08 28.56
CA ALA F 453 10.59 -37.25 27.67
C ALA F 453 9.48 -38.16 28.17
N PRO F 454 8.22 -37.81 27.92
CA PRO F 454 7.11 -38.60 28.45
C PRO F 454 6.79 -39.80 27.57
N GLY F 455 6.46 -40.92 28.22
CA GLY F 455 5.99 -42.09 27.51
C GLY F 455 4.53 -41.98 27.21
N VAL F 456 4.17 -41.93 25.93
CA VAL F 456 2.80 -41.72 25.51
C VAL F 456 2.09 -43.04 25.22
N TYR F 457 2.64 -44.16 25.68
CA TYR F 457 2.00 -45.45 25.44
C TYR F 457 0.69 -45.57 26.22
N MET F 458 0.67 -45.10 27.46
CA MET F 458 -0.51 -45.27 28.30
C MET F 458 -1.71 -44.48 27.79
N HIS F 459 -1.48 -43.47 26.94
CA HIS F 459 -2.59 -42.71 26.38
C HIS F 459 -3.16 -43.33 25.11
N LEU F 460 -2.49 -44.35 24.56
CA LEU F 460 -2.93 -44.94 23.30
C LEU F 460 -3.93 -46.07 23.52
N LYS F 461 -3.65 -46.99 24.42
CA LYS F 461 -4.53 -48.12 24.73
C LYS F 461 -4.74 -48.19 26.23
N PRO F 462 -5.68 -47.42 26.76
CA PRO F 462 -5.96 -47.48 28.19
C PRO F 462 -6.71 -48.74 28.56
N ALA F 463 -6.55 -49.14 29.84
CA ALA F 463 -7.25 -50.33 30.31
C ALA F 463 -8.76 -50.13 30.29
N ILE F 464 -9.23 -48.97 30.77
CA ILE F 464 -10.65 -48.63 30.77
C ILE F 464 -10.79 -47.27 30.11
N GLY F 465 -11.66 -47.17 29.11
CA GLY F 465 -11.91 -45.91 28.43
C GLY F 465 -11.86 -46.00 26.93
N GLU F 466 -11.41 -44.93 26.28
CA GLU F 466 -11.34 -44.87 24.83
C GLU F 466 -9.97 -44.39 24.39
N PRO F 467 -9.49 -44.82 23.23
CA PRO F 467 -8.18 -44.36 22.75
C PRO F 467 -8.24 -42.92 22.24
N VAL F 468 -7.06 -42.29 22.24
CA VAL F 468 -6.88 -40.95 21.70
C VAL F 468 -5.61 -40.93 20.88
N ASP F 469 -5.65 -40.22 19.74
CA ASP F 469 -4.53 -40.19 18.80
C ASP F 469 -3.61 -39.03 19.16
N VAL F 470 -2.45 -39.35 19.72
CA VAL F 470 -1.47 -38.33 20.10
C VAL F 470 -0.36 -38.28 19.06
N THR F 471 -0.05 -39.44 18.48
CA THR F 471 0.97 -39.48 17.44
C THR F 471 0.56 -38.67 16.23
N ALA F 472 -0.73 -38.62 15.93
CA ALA F 472 -1.19 -37.76 14.85
C ALA F 472 -0.86 -36.30 15.16
N ARG F 473 -1.09 -35.86 16.40
CA ARG F 473 -0.75 -34.49 16.77
C ARG F 473 0.74 -34.24 16.66
N ILE F 474 1.56 -35.19 17.11
CA ILE F 474 3.00 -35.03 17.02
C ILE F 474 3.44 -34.90 15.58
N LEU F 475 2.88 -35.69 14.67
CA LEU F 475 3.37 -35.52 13.27
C LEU F 475 2.76 -34.25 12.66
N GLU F 476 1.52 -33.90 13.04
CA GLU F 476 0.99 -32.66 12.52
C GLU F 476 1.85 -31.48 12.92
N THR F 477 2.50 -31.55 14.09
CA THR F 477 3.29 -30.45 14.60
C THR F 477 4.32 -29.98 13.57
N PHE F 478 4.93 -30.91 12.83
CA PHE F 478 5.94 -30.54 11.85
C PHE F 478 5.37 -30.42 10.44
N PHE F 479 4.78 -31.50 9.93
CA PHE F 479 4.25 -31.52 8.57
C PHE F 479 2.73 -31.39 8.60
N GLU F 480 2.18 -30.71 7.60
CA GLU F 480 0.75 -30.48 7.53
C GLU F 480 0.07 -31.08 6.31
N THR F 481 0.83 -31.44 5.27
CA THR F 481 0.25 -32.05 4.08
C THR F 481 1.28 -32.98 3.47
N GLU F 482 0.99 -33.44 2.25
CA GLU F 482 1.92 -34.30 1.52
C GLU F 482 3.08 -33.53 0.93
N LYS F 483 2.83 -32.31 0.46
CA LYS F 483 3.85 -31.57 -0.27
C LYS F 483 4.96 -31.04 0.62
N ASN F 484 4.71 -30.86 1.92
CA ASN F 484 5.75 -30.36 2.81
C ASN F 484 6.54 -31.50 3.44
N ALA F 485 6.96 -32.45 2.61
CA ALA F 485 7.84 -33.52 3.06
C ALA F 485 8.89 -33.92 2.05
N ARG F 486 8.79 -33.50 0.78
CA ARG F 486 9.60 -34.02 -0.29
C ARG F 486 10.22 -32.89 -1.11
N ILE F 487 11.16 -33.26 -1.97
CA ILE F 487 11.84 -32.32 -2.85
C ILE F 487 11.81 -32.87 -4.27
N PRO F 488 11.94 -32.00 -5.27
CA PRO F 488 11.94 -32.47 -6.66
C PRO F 488 13.08 -33.46 -6.93
N ILE F 489 12.74 -34.51 -7.68
CA ILE F 489 13.65 -35.58 -8.03
C ILE F 489 13.57 -35.84 -9.53
N ILE F 490 14.72 -36.06 -10.16
CA ILE F 490 14.81 -36.34 -11.58
C ILE F 490 15.54 -37.66 -11.76
N THR F 491 15.02 -38.53 -12.64
CA THR F 491 15.57 -39.86 -12.83
C THR F 491 16.07 -40.01 -14.26
N PHE F 492 17.30 -40.53 -14.38
CA PHE F 492 17.93 -40.79 -15.67
C PHE F 492 18.28 -42.26 -15.77
N ASN F 493 18.42 -42.73 -17.02
CA ASN F 493 18.86 -44.09 -17.30
C ASN F 493 20.35 -44.17 -17.63
N ARG F 494 20.86 -43.20 -18.36
CA ARG F 494 22.28 -43.15 -18.72
C ARG F 494 22.66 -41.71 -18.98
N VAL F 495 23.73 -41.24 -18.33
CA VAL F 495 24.15 -39.85 -18.44
C VAL F 495 25.61 -39.77 -18.02
N SER F 496 26.29 -38.72 -18.47
CA SER F 496 27.68 -38.46 -18.14
C SER F 496 27.78 -37.19 -17.30
N ILE F 497 29.02 -36.85 -16.91
CA ILE F 497 29.24 -35.70 -16.03
C ILE F 497 28.89 -34.40 -16.74
N ARG F 498 29.32 -34.25 -18.00
CA ARG F 498 29.16 -32.97 -18.69
C ARG F 498 27.69 -32.61 -18.87
N GLN F 499 26.86 -33.59 -19.20
CA GLN F 499 25.42 -33.33 -19.33
C GLN F 499 24.84 -32.91 -17.99
N LEU F 500 25.30 -33.53 -16.89
CA LEU F 500 24.84 -33.14 -15.56
C LEU F 500 25.22 -31.69 -15.26
N GLN F 501 26.45 -31.30 -15.58
CA GLN F 501 26.87 -29.92 -15.35
C GLN F 501 26.04 -28.94 -16.16
N LYS F 502 25.75 -29.36 -17.51
CA LYS F 502 24.98 -28.38 -18.27
C LYS F 502 23.56 -28.24 -17.74
N LEU F 503 22.96 -29.36 -17.33
CA LEU F 503 21.61 -29.32 -16.77
C LEU F 503 21.57 -28.50 -15.48
N SER F 504 22.57 -28.69 -14.62
CA SER F 504 22.62 -27.94 -13.37
C SER F 504 22.76 -26.44 -13.63
N ASP F 505 23.61 -26.07 -14.59
CA ASP F 505 23.76 -24.66 -14.94
C ASP F 505 22.46 -24.09 -15.47
N ARG F 506 21.78 -24.83 -16.36
CA ARG F 506 20.53 -24.33 -16.91
C ARG F 506 19.47 -24.17 -15.83
N ILE F 507 19.39 -25.10 -14.89
CA ILE F 507 18.44 -24.97 -13.79
C ILE F 507 18.80 -23.77 -12.91
N LEU F 508 20.09 -23.60 -12.61
CA LEU F 508 20.52 -22.50 -11.76
C LEU F 508 20.31 -21.14 -12.43
N MET F 509 20.19 -21.10 -13.75
CA MET F 509 19.92 -19.83 -14.41
C MET F 509 18.60 -19.22 -13.95
N SER F 510 17.64 -20.04 -13.53
CA SER F 510 16.36 -19.51 -13.07
C SER F 510 16.41 -19.15 -11.60
N HIS F 511 16.70 -20.12 -10.74
CA HIS F 511 16.86 -19.87 -9.30
C HIS F 511 18.33 -19.85 -8.96
N PRO F 512 18.90 -18.71 -8.58
CA PRO F 512 20.34 -18.62 -8.36
C PRO F 512 20.79 -18.89 -6.93
N ASP F 513 19.88 -19.25 -6.03
CA ASP F 513 20.24 -19.52 -4.64
C ASP F 513 19.92 -20.94 -4.22
N TRP F 514 19.65 -21.83 -5.15
CA TRP F 514 19.31 -23.21 -4.82
C TRP F 514 20.57 -24.05 -4.67
N THR F 515 20.39 -25.21 -4.04
CA THR F 515 21.43 -26.23 -3.94
C THR F 515 20.94 -27.50 -4.61
N ILE F 516 21.69 -27.97 -5.60
CA ILE F 516 21.28 -29.09 -6.44
C ILE F 516 22.30 -30.20 -6.30
N GLY F 517 21.83 -31.42 -6.07
CA GLY F 517 22.69 -32.59 -5.96
C GLY F 517 22.48 -33.50 -7.15
N ALA F 518 23.58 -34.06 -7.67
CA ALA F 518 23.53 -34.94 -8.81
C ALA F 518 24.41 -36.15 -8.56
N VAL F 519 23.89 -37.34 -8.85
CA VAL F 519 24.64 -38.58 -8.64
C VAL F 519 24.53 -39.47 -9.88
N CYS F 520 25.66 -40.02 -10.28
CA CYS F 520 25.76 -40.87 -11.45
C CYS F 520 26.83 -41.92 -11.18
N ARG F 521 27.29 -42.60 -12.24
CA ARG F 521 28.16 -43.76 -12.06
C ARG F 521 29.63 -43.41 -11.91
N GLU F 522 30.04 -42.20 -12.30
CA GLU F 522 31.45 -41.85 -12.22
C GLU F 522 31.73 -40.56 -11.46
N GLY F 523 30.73 -39.94 -10.86
CA GLY F 523 30.97 -38.72 -10.09
C GLY F 523 29.73 -38.30 -9.33
N ILE F 524 29.97 -37.48 -8.32
CA ILE F 524 28.91 -36.89 -7.50
C ILE F 524 29.12 -35.39 -7.47
N LEU F 525 28.08 -34.62 -7.75
CA LEU F 525 28.21 -33.18 -7.93
C LEU F 525 27.27 -32.44 -7.00
N ILE F 526 27.80 -31.40 -6.36
CA ILE F 526 27.00 -30.40 -5.64
C ILE F 526 27.12 -29.09 -6.40
N ASN F 527 26.00 -28.62 -6.95
CA ASN F 527 25.98 -27.46 -7.83
C ASN F 527 26.93 -27.67 -9.01
N ARG F 528 28.16 -27.17 -8.91
CA ARG F 528 29.14 -27.34 -9.98
C ARG F 528 30.47 -27.88 -9.49
N SER F 529 30.63 -28.15 -8.20
CA SER F 529 31.87 -28.66 -7.66
C SER F 529 31.86 -30.18 -7.62
N GLU F 530 33.03 -30.76 -7.39
CA GLU F 530 33.21 -32.20 -7.38
C GLU F 530 33.57 -32.68 -5.98
N LYS F 531 33.02 -33.83 -5.60
CA LYS F 531 33.24 -34.43 -4.29
C LYS F 531 33.80 -35.85 -4.48
N ILE F 532 33.89 -36.58 -3.37
CA ILE F 532 34.44 -37.93 -3.36
C ILE F 532 33.30 -38.93 -3.51
N LEU F 533 33.54 -39.99 -4.27
CA LEU F 533 32.55 -41.02 -4.51
C LEU F 533 32.83 -42.25 -3.66
N ASN F 534 31.76 -42.91 -3.21
CA ASN F 534 31.85 -44.09 -2.37
C ASN F 534 31.69 -45.35 -3.21
N ARG F 535 32.33 -46.44 -2.76
CA ARG F 535 32.25 -47.70 -3.49
C ARG F 535 30.83 -48.25 -3.48
N HIS F 536 30.14 -48.17 -2.34
CA HIS F 536 28.75 -48.60 -2.26
C HIS F 536 27.86 -47.53 -2.89
N TYR F 537 27.07 -47.92 -3.89
CA TYR F 537 26.36 -46.93 -4.69
C TYR F 537 25.23 -46.26 -3.92
N ASN F 538 24.53 -47.01 -3.07
CA ASN F 538 23.38 -46.45 -2.36
C ASN F 538 23.76 -45.51 -1.22
N THR F 539 24.96 -45.66 -0.66
CA THR F 539 25.39 -44.75 0.40
C THR F 539 25.53 -43.33 -0.12
N ASN F 540 25.88 -43.16 -1.40
CA ASN F 540 25.94 -41.82 -1.97
C ASN F 540 24.57 -41.17 -1.99
N VAL F 541 23.54 -41.91 -2.38
CA VAL F 541 22.18 -41.38 -2.37
C VAL F 541 21.74 -41.07 -0.94
N LEU F 542 22.08 -41.95 0.00
CA LEU F 542 21.74 -41.69 1.39
C LEU F 542 22.40 -40.41 1.91
N ASN F 543 23.68 -40.22 1.59
CA ASN F 543 24.39 -39.02 2.01
C ASN F 543 23.79 -37.77 1.38
N LEU F 544 23.41 -37.85 0.10
CA LEU F 544 22.79 -36.71 -0.54
C LEU F 544 21.44 -36.38 0.07
N LEU F 545 20.66 -37.39 0.46
CA LEU F 545 19.38 -37.15 1.10
C LEU F 545 19.52 -36.67 2.54
N ARG F 546 20.65 -36.95 3.19
CA ARG F 546 20.85 -36.49 4.56
C ARG F 546 21.23 -35.01 4.62
N ASN F 547 21.67 -34.42 3.51
CA ASN F 547 22.12 -33.03 3.51
C ASN F 547 20.99 -32.10 3.93
N PRO F 548 21.22 -31.20 4.89
CA PRO F 548 20.14 -30.35 5.38
C PRO F 548 19.91 -29.10 4.56
N LYS F 549 20.50 -29.04 3.37
CA LYS F 549 20.37 -27.86 2.52
C LYS F 549 19.98 -28.19 1.09
N LEU F 550 19.68 -29.44 0.76
CA LEU F 550 19.39 -29.81 -0.61
C LEU F 550 18.04 -29.26 -1.05
N ASP F 551 17.96 -28.87 -2.33
CA ASP F 551 16.73 -28.36 -2.91
C ASP F 551 16.23 -29.19 -4.09
N LEU F 552 17.09 -29.94 -4.76
CA LEU F 552 16.69 -30.74 -5.91
C LEU F 552 17.68 -31.88 -6.07
N LEU F 553 17.17 -33.05 -6.45
CA LEU F 553 18.00 -34.24 -6.60
C LEU F 553 17.91 -34.78 -8.02
N ILE F 554 19.06 -35.18 -8.56
CA ILE F 554 19.14 -35.82 -9.87
C ILE F 554 19.91 -37.12 -9.69
N ALA F 555 19.33 -38.23 -10.15
CA ALA F 555 19.91 -39.53 -9.92
C ALA F 555 19.93 -40.36 -11.20
N GLU F 556 21.02 -41.07 -11.41
CA GLU F 556 21.13 -42.04 -12.50
C GLU F 556 21.04 -43.44 -11.91
N TYR F 557 20.08 -44.22 -12.39
CA TYR F 557 19.87 -45.60 -11.95
C TYR F 557 19.84 -46.51 -13.16
N ASP F 558 20.81 -47.40 -13.27
CA ASP F 558 20.91 -48.32 -14.38
C ASP F 558 20.43 -49.71 -13.96
N GLU F 559 20.60 -50.69 -14.84
CA GLU F 559 20.05 -52.02 -14.59
C GLU F 559 20.81 -52.74 -13.48
N ASP F 560 22.13 -52.55 -13.40
CA ASP F 560 22.93 -53.26 -12.41
C ASP F 560 22.52 -52.87 -11.00
N ALA F 561 22.43 -51.57 -10.72
CA ALA F 561 22.01 -51.12 -9.41
C ALA F 561 20.56 -51.50 -9.14
N LEU F 562 19.71 -51.43 -10.17
CA LEU F 562 18.30 -51.78 -10.00
C LEU F 562 18.15 -53.24 -9.57
N GLU F 563 18.90 -54.14 -10.19
CA GLU F 563 18.81 -55.55 -9.83
C GLU F 563 19.53 -55.86 -8.54
N ALA F 564 20.59 -55.11 -8.20
CA ALA F 564 21.40 -55.45 -7.04
C ALA F 564 20.66 -55.19 -5.74
N GLU F 565 20.27 -53.95 -5.49
CA GLU F 565 19.58 -53.60 -4.25
C GLU F 565 18.33 -52.76 -4.44
N GLY F 566 18.08 -52.20 -5.62
CA GLY F 566 16.89 -51.41 -5.83
C GLY F 566 17.07 -49.96 -5.46
N MET F 567 16.00 -49.19 -5.67
CA MET F 567 16.03 -47.75 -5.45
C MET F 567 15.98 -47.43 -3.96
N PHE F 568 16.17 -46.15 -3.66
CA PHE F 568 16.10 -45.65 -2.29
C PHE F 568 14.92 -44.71 -2.07
N TYR F 569 14.65 -43.83 -3.03
CA TYR F 569 13.50 -42.94 -2.99
C TYR F 569 12.30 -43.60 -3.65
N HIS F 570 11.24 -42.81 -3.86
CA HIS F 570 9.97 -43.36 -4.33
C HIS F 570 9.30 -42.53 -5.42
N GLY F 571 9.62 -41.25 -5.56
CA GLY F 571 8.79 -40.37 -6.35
C GLY F 571 9.04 -40.28 -7.84
N SER F 572 10.23 -39.87 -8.23
CA SER F 572 10.63 -39.76 -9.64
C SER F 572 9.64 -38.86 -10.42
N ASN F 573 9.65 -37.59 -10.04
CA ASN F 573 8.76 -36.60 -10.67
C ASN F 573 8.95 -36.55 -12.19
N LEU F 574 10.19 -36.54 -12.65
CA LEU F 574 10.51 -36.52 -14.07
C LEU F 574 11.38 -37.72 -14.40
N VAL F 575 11.05 -38.43 -15.47
CA VAL F 575 11.77 -39.62 -15.88
C VAL F 575 12.23 -39.45 -17.32
N VAL F 576 13.51 -39.72 -17.57
CA VAL F 576 14.07 -39.70 -18.91
C VAL F 576 14.65 -41.07 -19.20
N LEU F 577 14.25 -41.66 -20.33
CA LEU F 577 14.68 -43.01 -20.70
C LEU F 577 15.09 -43.04 -22.16
N GLU F 578 16.20 -43.70 -22.46
CA GLU F 578 16.64 -43.91 -23.82
C GLU F 578 17.10 -45.36 -23.89
N ASP F 579 16.75 -46.06 -24.96
CA ASP F 579 17.09 -47.46 -25.16
C ASP F 579 16.93 -48.26 -23.85
N PRO F 580 15.70 -48.48 -23.39
CA PRO F 580 15.50 -49.15 -22.11
C PRO F 580 15.32 -50.66 -22.26
N SER F 581 15.93 -51.39 -21.33
CA SER F 581 15.74 -52.83 -21.25
C SER F 581 14.39 -53.12 -20.61
N GLU F 582 14.00 -54.41 -20.62
CA GLU F 582 12.74 -54.79 -20.02
C GLU F 582 12.70 -54.51 -18.52
N ILE F 583 13.84 -54.66 -17.84
CA ILE F 583 13.90 -54.31 -16.42
C ILE F 583 13.79 -52.80 -16.24
N GLU F 584 14.50 -52.04 -17.08
CA GLU F 584 14.58 -50.59 -16.92
C GLU F 584 13.25 -49.89 -17.16
N MET F 585 12.24 -50.58 -17.71
CA MET F 585 10.91 -50.02 -17.82
C MET F 585 10.19 -49.94 -16.48
N ILE F 586 10.67 -50.66 -15.46
CA ILE F 586 10.01 -50.66 -14.17
C ILE F 586 10.02 -49.28 -13.53
N LEU F 587 10.87 -48.37 -14.01
CA LEU F 587 10.89 -47.00 -13.51
C LEU F 587 9.66 -46.21 -13.93
N THR F 588 8.87 -46.72 -14.88
CA THR F 588 7.74 -45.97 -15.42
C THR F 588 6.48 -46.05 -14.55
N ARG F 589 6.43 -46.95 -13.58
CA ARG F 589 5.22 -47.14 -12.79
C ARG F 589 5.23 -46.37 -11.48
N ASP F 590 6.40 -45.88 -11.04
CA ASP F 590 6.48 -45.10 -9.80
C ASP F 590 6.48 -43.62 -10.17
N VAL F 591 5.29 -43.11 -10.51
CA VAL F 591 5.10 -41.71 -10.86
C VAL F 591 3.89 -41.17 -10.12
N PHE F 592 3.80 -39.85 -10.07
CA PHE F 592 2.63 -39.19 -9.51
C PHE F 592 1.68 -38.79 -10.63
N SER F 593 0.60 -38.09 -10.26
CA SER F 593 -0.38 -37.66 -11.25
C SER F 593 0.23 -36.64 -12.22
N ASP F 594 0.94 -35.65 -11.70
CA ASP F 594 1.57 -34.62 -12.51
C ASP F 594 3.04 -34.95 -12.73
N SER F 595 3.28 -36.03 -13.46
CA SER F 595 4.63 -36.47 -13.77
C SER F 595 4.94 -36.18 -15.24
N THR F 596 6.12 -36.59 -15.69
CA THR F 596 6.52 -36.40 -17.08
C THR F 596 7.55 -37.45 -17.43
N VAL F 597 7.22 -38.30 -18.41
CA VAL F 597 8.08 -39.38 -18.85
C VAL F 597 8.45 -39.13 -20.32
N ILE F 598 9.73 -39.18 -20.62
CA ILE F 598 10.23 -39.03 -21.99
C ILE F 598 10.94 -40.32 -22.37
N ILE F 599 10.60 -40.87 -23.53
CA ILE F 599 11.13 -42.14 -23.99
C ILE F 599 11.75 -41.97 -25.37
N LYS F 600 12.95 -42.51 -25.55
CA LYS F 600 13.60 -42.54 -26.85
C LYS F 600 13.82 -44.01 -27.24
N GLN F 601 13.33 -44.39 -28.41
CA GLN F 601 13.52 -45.74 -28.95
C GLN F 601 14.05 -45.61 -30.36
N GLY F 602 15.37 -45.78 -30.52
CA GLY F 602 15.97 -45.64 -31.83
C GLY F 602 15.83 -44.21 -32.33
N ARG F 603 15.09 -44.04 -33.41
CA ARG F 603 14.81 -42.72 -33.97
C ARG F 603 13.43 -42.20 -33.59
N GLU F 604 12.74 -42.87 -32.68
CA GLU F 604 11.40 -42.46 -32.27
C GLU F 604 11.44 -41.79 -30.91
N ILE F 605 10.68 -40.70 -30.77
CA ILE F 605 10.61 -39.92 -29.55
C ILE F 605 9.16 -39.92 -29.08
N THR F 606 8.96 -40.26 -27.81
CA THR F 606 7.63 -40.35 -27.21
C THR F 606 7.57 -39.49 -25.96
N ILE F 607 6.56 -38.63 -25.89
CA ILE F 607 6.32 -37.78 -24.74
C ILE F 607 5.04 -38.25 -24.06
N LYS F 608 5.12 -38.53 -22.77
CA LYS F 608 4.01 -39.06 -21.99
C LYS F 608 3.60 -38.03 -20.93
N ARG F 609 3.48 -36.77 -21.35
CA ARG F 609 2.98 -35.73 -20.46
C ARG F 609 1.57 -36.07 -19.99
N LYS F 610 1.23 -35.60 -18.80
CA LYS F 610 -0.06 -35.95 -18.20
C LYS F 610 -1.23 -35.47 -19.03
N GLY F 611 -1.03 -34.51 -19.93
CA GLY F 611 -2.09 -34.01 -20.76
C GLY F 611 -2.42 -34.91 -21.94
N LEU F 612 -1.43 -35.20 -22.78
CA LEU F 612 -1.65 -35.97 -24.00
C LEU F 612 -0.39 -36.77 -24.31
N LEU F 613 -0.56 -37.83 -25.10
CA LEU F 613 0.53 -38.70 -25.53
C LEU F 613 0.98 -38.25 -26.91
N GLU F 614 2.27 -37.94 -27.05
CA GLU F 614 2.80 -37.45 -28.31
C GLU F 614 3.90 -38.36 -28.84
N GLN F 615 3.97 -38.47 -30.16
CA GLN F 615 4.96 -39.29 -30.83
C GLN F 615 5.55 -38.50 -31.99
N TYR F 616 6.83 -38.68 -32.25
CA TYR F 616 7.52 -37.94 -33.30
C TYR F 616 8.77 -38.70 -33.72
N GLU F 617 9.26 -38.42 -34.92
CA GLU F 617 10.39 -39.11 -35.51
C GLU F 617 11.64 -38.22 -35.53
N LEU F 618 12.70 -38.70 -34.89
CA LEU F 618 13.88 -37.88 -34.64
C LEU F 618 14.70 -37.66 -35.91
N GLU F 619 15.67 -36.76 -35.87
CA GLU F 619 16.45 -36.37 -37.04
C GLU F 619 17.88 -36.90 -36.94
N ALA F 620 18.73 -36.56 -37.90
CA ALA F 620 20.12 -36.98 -37.91
C ALA F 620 20.97 -36.00 -37.12
N GLU F 621 21.90 -36.53 -36.33
CA GLU F 621 22.80 -35.79 -35.46
C GLU F 621 22.07 -34.98 -34.39
N GLU F 622 20.82 -35.29 -34.12
CA GLU F 622 20.06 -34.68 -33.05
C GLU F 622 20.30 -35.44 -31.75
N LEU F 623 20.09 -34.78 -30.62
CA LEU F 623 20.44 -35.36 -29.34
C LEU F 623 19.27 -35.17 -28.38
N ILE F 624 19.17 -36.05 -27.39
CA ILE F 624 18.11 -35.93 -26.39
C ILE F 624 18.33 -34.74 -25.46
N GLU F 625 19.55 -34.20 -25.42
CA GLU F 625 19.77 -32.93 -24.73
C GLU F 625 18.72 -31.92 -25.12
N GLN F 626 18.70 -31.52 -26.40
CA GLN F 626 17.62 -30.67 -26.90
C GLN F 626 16.23 -31.19 -26.59
N VAL F 627 16.05 -32.49 -26.38
CA VAL F 627 14.73 -32.97 -26.04
C VAL F 627 14.31 -32.51 -24.65
N TYR F 628 15.19 -32.64 -23.66
CA TYR F 628 14.74 -32.26 -22.31
C TYR F 628 15.03 -30.81 -21.95
N LEU F 629 16.11 -30.21 -22.48
CA LEU F 629 16.49 -28.85 -22.15
C LEU F 629 15.35 -27.85 -22.30
N LYS F 630 14.28 -28.19 -23.01
CA LYS F 630 13.09 -27.34 -23.06
C LYS F 630 12.02 -27.73 -22.06
N GLU F 631 11.90 -29.02 -21.73
CA GLU F 631 10.88 -29.45 -20.77
C GLU F 631 11.33 -29.21 -19.33
N ILE F 632 12.61 -28.95 -19.12
CA ILE F 632 13.12 -28.65 -17.77
C ILE F 632 12.51 -27.35 -17.25
N GLY F 633 11.85 -26.60 -18.13
CA GLY F 633 11.28 -25.31 -17.77
C GLY F 633 10.13 -25.37 -16.78
N THR F 634 9.57 -26.55 -16.53
CA THR F 634 8.46 -26.70 -15.60
C THR F 634 8.80 -27.79 -14.59
N ILE F 635 9.48 -27.43 -13.52
CA ILE F 635 9.79 -28.37 -12.45
C ILE F 635 9.15 -27.89 -11.15
N SER F 636 9.14 -26.59 -10.92
CA SER F 636 8.55 -26.02 -9.71
C SER F 636 8.25 -24.54 -9.90
#